data_4WXY
#
_entry.id   4WXY
#
_cell.length_a   141.023
_cell.length_b   249.138
_cell.length_c   179.656
_cell.angle_alpha   90.000
_cell.angle_beta   90.000
_cell.angle_gamma   90.000
#
_symmetry.space_group_name_H-M   'C 2 2 21'
#
loop_
_entity.id
_entity.type
_entity.pdbx_description
1 polymer 'Pyridoxal biosynthesis lyase PdxS'
2 polymer 'Glutamine amidotransferase subunit PdxT'
3 water water
#
loop_
_entity_poly.entity_id
_entity_poly.type
_entity_poly.pdbx_seq_one_letter_code
_entity_poly.pdbx_strand_id
1 'polypeptide(L)'
;ENLTPQHMASMALTGTDRVKRGMAEMQKGGVIMDVVNAEQAKIAEAAGAVAVMALERVPADIRAAGGVARMADPTVIEEV
MNAVSIPVMA(L5P)VRIGHYVEARVLEALGVDYIDESEVLTPADEEFHIDKRQFTVPFVCGCRDLGEAARRIAEGASML
RTKGEPGTGNIVEAVRHMRKVNAQIRKVVNMSEDELVAEAKQLGAPVEVLREIKRLGRLPVVNFAAGGVTTPADAALMMH
LGADGVFVGSGIFKSENPEKYARAIVEATTHYEDYELIAHLSKGLGGAMRGIDIATLLPEHRMQERGW
;
A,C,E,G,I,K
2 'polypeptide(L)'
;MGSSHHHHHHSSGLVPRGSGTENLYFQGHMASMKIGVLGLQGAVREHVRAIEACGAEAVIVKKSEQLEGLDGLVLPGGES
TTMRRLIDRYGLMEPLKQFAAAGKPMFGT(CYG)AGLILLAKRIVGYDEPHLGLMDITVERNSFGRQRESFEAELSIKGV
GDGFVGVFIRAPHIVEAGDGVDVLATYNDRIVAARQGQFLGCSFNPELTDDHRLMQYFLNMVKEAKMASSLK
;
B,D,F,H,J,L
#
# COMPACT_ATOMS: atom_id res chain seq x y z
N LEU A 13 -52.97 20.39 -7.78
CA LEU A 13 -52.24 19.09 -7.78
C LEU A 13 -51.50 18.85 -6.48
N THR A 14 -51.92 17.81 -5.76
CA THR A 14 -51.27 17.39 -4.54
C THR A 14 -50.44 16.12 -4.77
N GLY A 15 -49.57 15.79 -3.81
CA GLY A 15 -48.77 14.55 -3.87
C GLY A 15 -47.75 14.42 -5.00
N THR A 16 -47.39 15.51 -5.64
CA THR A 16 -46.38 15.45 -6.69
C THR A 16 -45.00 15.24 -6.04
N ASP A 17 -44.13 14.60 -6.78
CA ASP A 17 -42.76 14.38 -6.33
C ASP A 17 -42.12 15.69 -5.92
N ARG A 18 -42.39 16.71 -6.72
CA ARG A 18 -41.89 18.03 -6.43
C ARG A 18 -42.36 18.55 -5.06
N VAL A 19 -43.63 18.28 -4.73
CA VAL A 19 -44.18 18.71 -3.43
C VAL A 19 -43.62 17.87 -2.28
N LYS A 20 -43.59 16.56 -2.49
CA LYS A 20 -43.05 15.63 -1.50
C LYS A 20 -41.57 15.93 -1.17
N ARG A 21 -40.79 16.07 -2.21
CA ARG A 21 -39.39 16.35 -2.05
C ARG A 21 -39.15 17.74 -1.56
N GLY A 22 -39.94 18.69 -2.08
CA GLY A 22 -39.83 20.10 -1.65
C GLY A 22 -39.95 20.22 -0.12
N MET A 23 -40.97 19.56 0.41
CA MET A 23 -41.14 19.57 1.84
C MET A 23 -39.81 19.23 2.53
N ALA A 24 -39.08 18.28 1.97
CA ALA A 24 -37.85 17.88 2.62
C ALA A 24 -36.79 18.94 2.41
N GLU A 25 -36.77 19.53 1.21
CA GLU A 25 -35.82 20.61 0.93
C GLU A 25 -36.03 21.75 1.93
N MET A 26 -37.27 21.95 2.38
CA MET A 26 -37.55 22.96 3.38
C MET A 26 -37.11 22.60 4.81
N GLN A 27 -36.58 21.40 5.00
CA GLN A 27 -36.10 21.03 6.32
C GLN A 27 -34.62 21.17 6.46
N LYS A 28 -33.92 21.46 5.37
CA LYS A 28 -32.45 21.47 5.39
C LYS A 28 -31.84 22.39 6.43
N GLY A 29 -30.66 22.05 6.90
CA GLY A 29 -29.92 22.89 7.80
C GLY A 29 -30.41 22.84 9.23
N GLY A 30 -31.36 21.97 9.48
CA GLY A 30 -31.97 21.94 10.81
C GLY A 30 -31.96 20.59 11.47
N VAL A 31 -32.57 20.54 12.64
CA VAL A 31 -32.59 19.37 13.49
C VAL A 31 -34.01 18.89 13.70
N ILE A 32 -34.18 17.58 13.52
CA ILE A 32 -35.47 16.96 13.77
C ILE A 32 -35.31 16.14 15.00
N MET A 33 -36.24 16.30 15.95
CA MET A 33 -36.09 15.67 17.27
C MET A 33 -37.14 14.63 17.60
N ASP A 34 -36.70 13.50 18.14
CA ASP A 34 -37.66 12.48 18.55
C ASP A 34 -38.34 12.94 19.84
N VAL A 35 -39.67 12.84 19.87
CA VAL A 35 -40.45 13.19 21.05
C VAL A 35 -41.49 12.11 21.36
N VAL A 36 -41.66 11.83 22.63
CA VAL A 36 -42.62 10.86 23.11
C VAL A 36 -43.93 11.51 23.64
N ASN A 37 -43.88 12.82 23.90
CA ASN A 37 -45.04 13.59 24.37
C ASN A 37 -45.02 15.09 23.98
N ALA A 38 -46.07 15.82 24.34
CA ALA A 38 -46.23 17.23 23.95
C ALA A 38 -45.26 18.14 24.65
N GLU A 39 -44.90 17.76 25.87
CA GLU A 39 -43.92 18.54 26.59
C GLU A 39 -42.64 18.64 25.78
N GLN A 40 -42.07 17.47 25.55
CA GLN A 40 -40.88 17.36 24.75
C GLN A 40 -41.06 18.16 23.44
N ALA A 41 -42.17 17.94 22.74
CA ALA A 41 -42.43 18.64 21.48
C ALA A 41 -42.36 20.15 21.61
N LYS A 42 -42.90 20.67 22.72
CA LYS A 42 -42.79 22.11 22.94
C LYS A 42 -41.33 22.51 23.18
N ILE A 43 -40.59 21.68 23.92
CA ILE A 43 -39.18 22.00 24.17
C ILE A 43 -38.44 22.06 22.85
N ALA A 44 -38.70 21.09 21.99
CA ALA A 44 -38.06 21.01 20.69
C ALA A 44 -38.35 22.22 19.86
N GLU A 45 -39.65 22.59 19.80
CA GLU A 45 -40.04 23.77 19.00
C GLU A 45 -39.37 25.01 19.56
N ALA A 46 -39.37 25.14 20.88
CA ALA A 46 -38.73 26.25 21.57
C ALA A 46 -37.23 26.29 21.27
N ALA A 47 -36.58 25.13 21.25
CA ALA A 47 -35.14 25.04 21.03
C ALA A 47 -34.76 25.34 19.58
N GLY A 48 -35.72 25.30 18.68
CA GLY A 48 -35.48 25.60 17.26
C GLY A 48 -35.56 24.40 16.32
N ALA A 49 -36.07 23.26 16.81
CA ALA A 49 -36.19 22.10 15.94
C ALA A 49 -36.96 22.46 14.68
N VAL A 50 -36.63 21.84 13.55
CA VAL A 50 -37.40 22.08 12.30
C VAL A 50 -38.60 21.12 12.18
N ALA A 51 -38.60 20.09 13.01
CA ALA A 51 -39.70 19.18 13.03
C ALA A 51 -39.51 18.25 14.19
N VAL A 52 -40.56 17.49 14.50
CA VAL A 52 -40.48 16.51 15.57
C VAL A 52 -40.97 15.15 15.09
N MET A 53 -40.27 14.10 15.54
CA MET A 53 -40.60 12.72 15.16
C MET A 53 -41.28 12.07 16.35
N ALA A 54 -42.53 11.70 16.19
CA ALA A 54 -43.33 11.19 17.31
C ALA A 54 -43.25 9.66 17.42
N LEU A 55 -42.97 9.17 18.63
CA LEU A 55 -42.89 7.73 18.86
C LEU A 55 -43.27 7.33 20.30
N GLU A 56 -43.44 6.03 20.53
CA GLU A 56 -43.83 5.50 21.85
C GLU A 56 -42.66 5.45 22.81
N ARG A 57 -41.51 5.02 22.32
CA ARG A 57 -40.29 4.97 23.13
C ARG A 57 -39.15 5.51 22.31
N VAL A 58 -38.23 6.21 22.96
CA VAL A 58 -37.02 6.75 22.32
C VAL A 58 -36.11 5.52 21.97
N PRO A 59 -35.34 5.58 20.84
CA PRO A 59 -34.59 4.41 20.34
C PRO A 59 -33.72 3.68 21.36
N ALA A 60 -33.02 4.44 22.20
CA ALA A 60 -32.24 3.87 23.31
C ALA A 60 -33.13 2.98 24.24
N ASP A 61 -34.33 3.47 24.54
CA ASP A 61 -35.33 2.72 25.30
C ASP A 61 -35.90 1.56 24.49
N ILE A 62 -36.11 1.76 23.19
CA ILE A 62 -36.52 0.65 22.33
C ILE A 62 -35.52 -0.51 22.46
N ARG A 63 -34.25 -0.17 22.29
CA ARG A 63 -33.16 -1.12 22.52
C ARG A 63 -33.28 -1.80 23.86
N ALA A 64 -33.26 -0.99 24.92
CA ALA A 64 -33.18 -1.50 26.30
C ALA A 64 -34.38 -2.38 26.67
N ALA A 65 -35.56 -2.01 26.19
CA ALA A 65 -36.79 -2.74 26.48
C ALA A 65 -36.94 -3.99 25.58
N GLY A 66 -36.49 -3.90 24.33
CA GLY A 66 -36.67 -5.01 23.40
C GLY A 66 -38.13 -5.14 23.06
N GLY A 67 -38.59 -6.38 22.82
CA GLY A 67 -39.98 -6.62 22.42
C GLY A 67 -40.25 -6.15 20.99
N VAL A 68 -41.52 -6.03 20.62
CA VAL A 68 -41.90 -5.61 19.26
C VAL A 68 -42.25 -4.14 19.27
N ALA A 69 -41.56 -3.33 18.48
CA ALA A 69 -41.83 -1.91 18.40
C ALA A 69 -42.66 -1.58 17.17
N ARG A 70 -43.82 -0.96 17.44
CA ARG A 70 -44.84 -0.65 16.42
C ARG A 70 -45.05 0.84 16.29
N MET A 71 -45.95 1.20 15.36
CA MET A 71 -46.44 2.56 15.21
C MET A 71 -46.92 3.07 16.57
N ALA A 72 -46.76 4.36 16.77
CA ALA A 72 -47.26 4.98 17.98
C ALA A 72 -48.80 5.05 18.01
N ASP A 73 -49.34 5.03 19.21
CA ASP A 73 -50.74 5.33 19.49
C ASP A 73 -51.13 6.68 18.90
N PRO A 74 -52.14 6.71 18.01
CA PRO A 74 -52.61 7.94 17.34
C PRO A 74 -52.92 9.10 18.30
N THR A 75 -53.41 8.75 19.49
CA THR A 75 -53.63 9.70 20.56
C THR A 75 -52.36 10.52 20.78
N VAL A 76 -51.23 9.83 20.96
CA VAL A 76 -49.95 10.53 21.21
C VAL A 76 -49.59 11.45 20.02
N ILE A 77 -49.85 10.96 18.83
CA ILE A 77 -49.50 11.72 17.65
C ILE A 77 -50.33 13.00 17.62
N GLU A 78 -51.64 12.87 17.79
CA GLU A 78 -52.56 14.01 17.85
C GLU A 78 -52.14 15.00 18.93
N GLU A 79 -51.88 14.43 20.10
CA GLU A 79 -51.35 15.18 21.21
C GLU A 79 -50.18 16.04 20.72
N VAL A 80 -49.19 15.40 20.09
CA VAL A 80 -48.01 16.14 19.65
C VAL A 80 -48.39 17.21 18.63
N MET A 81 -49.20 16.82 17.66
CA MET A 81 -49.61 17.76 16.61
C MET A 81 -50.24 19.00 17.22
N ASN A 82 -51.08 18.80 18.23
CA ASN A 82 -51.75 19.95 18.83
C ASN A 82 -50.76 20.83 19.56
N ALA A 83 -49.65 20.25 20.04
CA ALA A 83 -48.72 21.02 20.84
C ALA A 83 -47.77 21.96 20.08
N VAL A 84 -47.67 21.84 18.75
CA VAL A 84 -46.61 22.57 18.02
C VAL A 84 -47.03 23.06 16.67
N SER A 85 -46.33 24.06 16.14
CA SER A 85 -46.61 24.61 14.80
C SER A 85 -45.61 24.13 13.71
N ILE A 86 -44.59 23.39 14.13
CA ILE A 86 -43.66 22.79 13.18
C ILE A 86 -44.18 21.43 12.75
N PRO A 87 -43.67 20.90 11.63
CA PRO A 87 -44.12 19.63 11.11
C PRO A 87 -43.93 18.50 12.06
N VAL A 88 -44.82 17.53 11.91
CA VAL A 88 -44.81 16.35 12.76
C VAL A 88 -44.61 15.12 11.90
N MET A 89 -43.57 14.39 12.17
CA MET A 89 -43.27 13.16 11.50
C MET A 89 -43.58 12.02 12.45
N ALA A 90 -43.77 10.83 11.91
CA ALA A 90 -43.91 9.63 12.74
C ALA A 90 -43.38 8.36 12.04
N L5P A 91 -43.08 7.35 12.85
CA L5P A 91 -42.48 6.14 12.31
CB L5P A 91 -41.47 5.58 13.29
CG L5P A 91 -40.35 6.55 13.36
CD L5P A 91 -39.32 6.16 14.40
CE L5P A 91 -38.03 6.53 13.71
NZ L5P A 91 -36.93 6.97 14.56
C1 L5P A 91 -43.48 5.04 12.02
O L5P A 91 -44.43 4.86 12.78
O4 L5P A 91 -35.38 9.34 14.15
C3 L5P A 91 -34.88 8.22 14.11
C2 L5P A 91 -35.71 7.04 13.75
C5 L5P A 91 -33.43 7.99 14.39
O13 L5P A 91 -33.15 6.60 14.33
C6 L5P A 91 -33.12 8.46 15.78
O14 L5P A 91 -33.13 9.88 15.76
C7 L5P A 91 -31.74 8.00 16.17
O8 L5P A 91 -31.48 8.72 17.35
P9 L5P A 91 -30.41 8.24 18.37
O12 L5P A 91 -29.15 8.74 17.78
O11 L5P A 91 -30.88 8.92 19.61
O10 L5P A 91 -30.47 6.77 18.49
N VAL A 92 -43.24 4.30 10.95
CA VAL A 92 -43.92 3.01 10.74
C VAL A 92 -42.94 1.92 10.48
N ARG A 93 -43.43 0.70 10.75
CA ARG A 93 -42.66 -0.52 10.56
C ARG A 93 -42.51 -0.74 9.09
N ILE A 94 -41.33 -1.23 8.71
CA ILE A 94 -41.03 -1.57 7.33
C ILE A 94 -42.06 -2.52 6.74
N GLY A 95 -42.59 -2.06 5.61
CA GLY A 95 -43.62 -2.75 4.90
C GLY A 95 -45.02 -2.48 5.41
N HIS A 96 -45.19 -1.81 6.54
CA HIS A 96 -46.54 -1.74 7.10
C HIS A 96 -47.42 -0.66 6.43
N TYR A 97 -48.05 -1.07 5.33
CA TYR A 97 -48.80 -0.17 4.45
C TYR A 97 -49.93 0.54 5.18
N VAL A 98 -50.62 -0.24 6.01
CA VAL A 98 -51.80 0.27 6.72
C VAL A 98 -51.40 1.25 7.81
N GLU A 99 -50.39 0.93 8.63
CA GLU A 99 -49.82 1.91 9.57
C GLU A 99 -49.53 3.28 8.89
N ALA A 100 -48.94 3.19 7.71
CA ALA A 100 -48.60 4.37 6.98
C ALA A 100 -49.90 5.07 6.58
N ARG A 101 -50.84 4.32 6.00
CA ARG A 101 -52.15 4.93 5.64
C ARG A 101 -52.81 5.63 6.81
N VAL A 102 -52.68 5.02 7.97
CA VAL A 102 -53.21 5.57 9.21
C VAL A 102 -52.49 6.88 9.50
N LEU A 103 -51.15 6.84 9.57
CA LEU A 103 -50.45 8.09 9.88
C LEU A 103 -50.82 9.16 8.85
N GLU A 104 -51.01 8.76 7.61
CA GLU A 104 -51.43 9.71 6.57
C GLU A 104 -52.81 10.31 6.89
N ALA A 105 -53.76 9.43 7.20
CA ALA A 105 -55.11 9.86 7.60
C ALA A 105 -55.05 10.80 8.80
N LEU A 106 -54.14 10.55 9.74
CA LEU A 106 -53.95 11.50 10.86
C LEU A 106 -53.39 12.88 10.47
N GLY A 107 -52.90 13.05 9.25
CA GLY A 107 -52.28 14.34 8.88
C GLY A 107 -50.77 14.51 9.12
N VAL A 108 -50.12 13.45 9.61
CA VAL A 108 -48.65 13.43 9.78
C VAL A 108 -47.99 14.00 8.53
N ASP A 109 -46.99 14.83 8.73
CA ASP A 109 -46.39 15.59 7.63
C ASP A 109 -45.38 14.84 6.82
N TYR A 110 -44.72 13.86 7.44
CA TYR A 110 -43.70 13.02 6.80
C TYR A 110 -43.63 11.67 7.50
N ILE A 111 -43.70 10.57 6.75
CA ILE A 111 -43.62 9.26 7.42
C ILE A 111 -42.22 8.67 7.36
N ASP A 112 -41.74 8.20 8.50
CA ASP A 112 -40.51 7.48 8.50
C ASP A 112 -40.74 5.97 8.52
N GLU A 113 -40.53 5.33 7.37
CA GLU A 113 -40.53 3.87 7.29
C GLU A 113 -39.21 3.37 7.92
N SER A 114 -39.25 2.95 9.17
CA SER A 114 -38.02 2.94 9.99
C SER A 114 -37.57 1.59 10.46
N GLU A 115 -36.28 1.36 10.31
CA GLU A 115 -35.65 0.14 10.79
C GLU A 115 -35.50 0.09 12.30
N VAL A 116 -35.79 1.17 13.02
CA VAL A 116 -35.75 1.06 14.51
C VAL A 116 -36.98 0.39 15.06
N LEU A 117 -38.08 0.46 14.30
CA LEU A 117 -39.26 -0.34 14.61
C LEU A 117 -39.10 -1.74 14.08
N THR A 118 -39.85 -2.68 14.66
CA THR A 118 -39.73 -4.09 14.24
C THR A 118 -40.32 -4.26 12.83
N PRO A 119 -39.53 -4.73 11.86
CA PRO A 119 -40.07 -4.78 10.50
C PRO A 119 -41.28 -5.68 10.37
N ALA A 120 -42.26 -5.25 9.55
CA ALA A 120 -43.47 -6.03 9.29
C ALA A 120 -43.34 -6.89 8.03
N ASP A 121 -42.58 -6.39 7.05
CA ASP A 121 -42.29 -7.12 5.82
C ASP A 121 -40.77 -7.15 5.64
N GLU A 122 -40.18 -8.33 5.79
CA GLU A 122 -38.73 -8.50 5.62
C GLU A 122 -38.23 -8.58 4.16
N GLU A 123 -39.12 -8.55 3.18
CA GLU A 123 -38.76 -8.64 1.76
C GLU A 123 -39.17 -7.43 0.93
N PHE A 124 -40.30 -6.84 1.26
CA PHE A 124 -40.85 -5.73 0.49
C PHE A 124 -41.18 -4.53 1.36
N HIS A 125 -40.65 -3.37 0.97
CA HIS A 125 -41.00 -2.10 1.59
C HIS A 125 -42.32 -1.57 1.05
N ILE A 126 -42.80 -0.53 1.69
CA ILE A 126 -44.03 0.09 1.29
C ILE A 126 -43.85 0.71 -0.09
N ASP A 127 -44.88 0.58 -0.93
CA ASP A 127 -44.91 1.27 -2.22
C ASP A 127 -45.29 2.73 -2.00
N LYS A 128 -44.27 3.52 -1.67
CA LYS A 128 -44.47 4.87 -1.19
C LYS A 128 -45.08 5.76 -2.29
N ARG A 129 -44.88 5.38 -3.54
CA ARG A 129 -45.43 6.12 -4.66
C ARG A 129 -46.94 6.31 -4.58
N GLN A 130 -47.64 5.32 -4.02
CA GLN A 130 -49.10 5.35 -3.91
C GLN A 130 -49.63 6.33 -2.85
N PHE A 131 -48.77 6.99 -2.10
CA PHE A 131 -49.24 7.90 -1.06
C PHE A 131 -49.15 9.34 -1.52
N THR A 132 -49.86 10.19 -0.79
CA THR A 132 -49.81 11.63 -0.96
C THR A 132 -48.74 12.20 -0.04
N VAL A 133 -48.71 11.70 1.19
CA VAL A 133 -47.79 12.17 2.20
C VAL A 133 -46.46 11.54 1.87
N PRO A 134 -45.37 12.32 2.02
CA PRO A 134 -44.03 11.83 1.72
C PRO A 134 -43.40 10.95 2.79
N PHE A 135 -42.44 10.17 2.36
CA PHE A 135 -41.73 9.27 3.25
C PHE A 135 -40.25 9.56 3.26
N VAL A 136 -39.66 9.34 4.42
CA VAL A 136 -38.22 9.34 4.58
C VAL A 136 -37.80 7.93 4.84
N CYS A 137 -36.71 7.51 4.22
CA CYS A 137 -36.11 6.17 4.49
C CYS A 137 -34.62 6.23 4.81
N GLY A 138 -34.19 5.21 5.53
CA GLY A 138 -32.77 5.07 5.89
C GLY A 138 -31.98 4.37 4.80
N CYS A 139 -30.68 4.67 4.74
CA CYS A 139 -29.79 3.96 3.79
C CYS A 139 -28.32 3.92 4.24
N ARG A 140 -27.61 2.87 3.82
CA ARG A 140 -26.17 2.68 4.16
C ARG A 140 -25.26 2.88 2.97
N ASP A 141 -25.85 2.89 1.78
CA ASP A 141 -25.11 3.00 0.54
C ASP A 141 -26.08 3.38 -0.57
N LEU A 142 -25.48 3.79 -1.67
CA LEU A 142 -26.23 4.34 -2.79
C LEU A 142 -27.20 3.37 -3.43
N GLY A 143 -26.90 2.08 -3.39
CA GLY A 143 -27.80 1.10 -3.94
C GLY A 143 -29.09 1.10 -3.14
N GLU A 144 -28.90 0.94 -1.84
CA GLU A 144 -30.00 1.01 -0.88
C GLU A 144 -30.77 2.33 -1.04
N ALA A 145 -30.03 3.43 -1.18
CA ALA A 145 -30.68 4.70 -1.41
C ALA A 145 -31.58 4.68 -2.65
N ALA A 146 -30.98 4.25 -3.75
CA ALA A 146 -31.65 4.24 -5.02
C ALA A 146 -32.88 3.31 -5.00
N ARG A 147 -32.78 2.18 -4.31
CA ARG A 147 -33.97 1.33 -4.21
C ARG A 147 -35.15 2.03 -3.49
N ARG A 148 -34.83 2.68 -2.37
CA ARG A 148 -35.84 3.44 -1.63
C ARG A 148 -36.42 4.54 -2.50
N ILE A 149 -35.53 5.21 -3.21
CA ILE A 149 -36.06 6.24 -4.13
C ILE A 149 -36.97 5.60 -5.16
N ALA A 150 -36.59 4.47 -5.73
CA ALA A 150 -37.44 3.85 -6.74
C ALA A 150 -38.77 3.43 -6.16
N GLU A 151 -38.78 3.06 -4.87
CA GLU A 151 -40.06 2.76 -4.18
C GLU A 151 -40.97 4.00 -3.90
N GLY A 152 -40.39 5.18 -4.11
CA GLY A 152 -41.10 6.42 -3.87
C GLY A 152 -40.62 7.22 -2.66
N ALA A 153 -39.52 6.84 -2.02
CA ALA A 153 -39.07 7.65 -0.85
C ALA A 153 -38.75 9.05 -1.32
N SER A 154 -39.07 10.07 -0.53
CA SER A 154 -38.85 11.47 -0.97
C SER A 154 -37.74 12.16 -0.20
N MET A 155 -37.21 11.47 0.79
CA MET A 155 -36.14 11.96 1.64
C MET A 155 -35.35 10.76 2.15
N LEU A 156 -34.10 10.97 2.52
CA LEU A 156 -33.30 9.89 3.07
C LEU A 156 -32.52 10.28 4.30
N ARG A 157 -32.12 9.27 5.04
CA ARG A 157 -31.24 9.50 6.18
C ARG A 157 -30.29 8.35 6.30
N THR A 158 -29.13 8.60 6.90
CA THR A 158 -28.27 7.48 7.26
C THR A 158 -29.04 6.57 8.20
N LYS A 159 -28.65 5.32 8.27
CA LYS A 159 -29.24 4.43 9.29
C LYS A 159 -28.59 4.55 10.67
N GLY A 160 -27.29 4.75 10.68
CA GLY A 160 -26.52 4.73 11.91
C GLY A 160 -26.74 3.48 12.72
N GLU A 161 -26.43 3.58 14.01
CA GLU A 161 -26.86 2.61 15.01
C GLU A 161 -27.59 3.39 16.12
N PRO A 162 -28.92 3.58 15.98
CA PRO A 162 -29.75 4.37 16.88
C PRO A 162 -29.72 3.90 18.31
N GLY A 163 -29.78 4.83 19.25
CA GLY A 163 -29.78 4.49 20.67
C GLY A 163 -28.43 4.09 21.26
N THR A 164 -27.37 4.08 20.45
CA THR A 164 -26.03 3.71 20.93
C THR A 164 -25.21 4.91 21.41
N GLY A 165 -25.65 6.11 21.06
CA GLY A 165 -24.82 7.28 21.29
C GLY A 165 -23.52 7.31 20.50
N ASN A 166 -23.46 6.51 19.44
CA ASN A 166 -22.22 6.35 18.69
C ASN A 166 -22.41 6.75 17.24
N ILE A 167 -21.76 7.82 16.80
CA ILE A 167 -21.89 8.26 15.40
C ILE A 167 -21.20 7.38 14.31
N VAL A 168 -20.32 6.48 14.73
CA VAL A 168 -19.45 5.76 13.79
C VAL A 168 -20.18 5.21 12.54
N GLU A 169 -21.31 4.57 12.77
CA GLU A 169 -22.13 4.04 11.68
C GLU A 169 -22.74 5.11 10.79
N ALA A 170 -23.26 6.17 11.39
CA ALA A 170 -23.81 7.27 10.60
C ALA A 170 -22.71 7.87 9.74
N VAL A 171 -21.53 8.05 10.33
CA VAL A 171 -20.37 8.54 9.58
C VAL A 171 -20.02 7.59 8.40
N ARG A 172 -19.95 6.29 8.72
CA ARG A 172 -19.71 5.31 7.68
C ARG A 172 -20.70 5.50 6.54
N HIS A 173 -21.97 5.57 6.90
CA HIS A 173 -23.03 5.65 5.87
C HIS A 173 -23.01 6.94 5.04
N MET A 174 -22.86 8.07 5.74
CA MET A 174 -22.78 9.37 5.06
C MET A 174 -21.54 9.42 4.13
N ARG A 175 -20.41 8.92 4.65
CA ARG A 175 -19.20 8.82 3.82
C ARG A 175 -19.39 7.95 2.58
N LYS A 176 -19.93 6.76 2.81
CA LYS A 176 -20.18 5.84 1.70
C LYS A 176 -21.06 6.49 0.66
N VAL A 177 -22.24 6.94 1.10
CA VAL A 177 -23.19 7.47 0.14
C VAL A 177 -22.57 8.65 -0.60
N ASN A 178 -21.96 9.55 0.15
CA ASN A 178 -21.41 10.71 -0.54
C ASN A 178 -20.32 10.28 -1.54
N ALA A 179 -19.47 9.35 -1.15
CA ALA A 179 -18.41 8.93 -2.04
C ALA A 179 -19.00 8.30 -3.29
N GLN A 180 -20.01 7.46 -3.11
CA GLN A 180 -20.64 6.83 -4.28
C GLN A 180 -21.34 7.86 -5.16
N ILE A 181 -21.91 8.89 -4.56
CA ILE A 181 -22.49 9.95 -5.40
C ILE A 181 -21.41 10.57 -6.30
N ARG A 182 -20.30 10.95 -5.68
CA ARG A 182 -19.21 11.60 -6.41
C ARG A 182 -18.73 10.76 -7.57
N LYS A 183 -18.60 9.45 -7.36
CA LYS A 183 -18.18 8.54 -8.39
C LYS A 183 -19.17 8.59 -9.55
N VAL A 184 -20.44 8.45 -9.22
CA VAL A 184 -21.46 8.45 -10.27
C VAL A 184 -21.53 9.77 -11.04
N VAL A 185 -21.40 10.87 -10.32
CA VAL A 185 -21.54 12.16 -10.97
C VAL A 185 -20.47 12.31 -12.05
N ASN A 186 -19.26 11.82 -11.80
CA ASN A 186 -18.13 12.04 -12.75
C ASN A 186 -17.79 10.82 -13.57
N MET A 187 -18.52 9.75 -13.34
CA MET A 187 -18.33 8.47 -14.03
C MET A 187 -18.58 8.56 -15.53
N SER A 188 -17.90 7.75 -16.31
CA SER A 188 -18.18 7.67 -17.74
C SER A 188 -19.60 7.15 -18.01
N GLU A 189 -20.33 7.89 -18.81
CA GLU A 189 -21.75 7.60 -19.04
C GLU A 189 -22.03 6.16 -19.43
N ASP A 190 -21.17 5.57 -20.26
CA ASP A 190 -21.35 4.18 -20.70
C ASP A 190 -21.13 3.11 -19.61
N GLU A 191 -20.68 3.50 -18.42
CA GLU A 191 -20.43 2.52 -17.36
C GLU A 191 -21.57 2.40 -16.31
N LEU A 192 -22.59 3.23 -16.48
CA LEU A 192 -23.67 3.29 -15.47
C LEU A 192 -24.46 2.03 -15.34
N VAL A 193 -24.88 1.45 -16.45
CA VAL A 193 -25.66 0.23 -16.38
C VAL A 193 -24.92 -0.82 -15.56
N ALA A 194 -23.64 -1.03 -15.89
CA ALA A 194 -22.82 -1.97 -15.12
C ALA A 194 -22.62 -1.53 -13.68
N GLU A 195 -22.49 -0.22 -13.45
CA GLU A 195 -22.43 0.25 -12.05
C GLU A 195 -23.69 -0.09 -11.24
N ALA A 196 -24.83 0.27 -11.78
CA ALA A 196 -26.13 0.00 -11.20
C ALA A 196 -26.25 -1.44 -10.76
N LYS A 197 -25.90 -2.32 -11.69
CA LYS A 197 -25.86 -3.75 -11.37
C LYS A 197 -24.92 -4.09 -10.21
N GLN A 198 -23.73 -3.50 -10.18
CA GLN A 198 -22.85 -3.79 -9.07
C GLN A 198 -23.43 -3.28 -7.77
N LEU A 199 -24.05 -2.10 -7.79
CA LEU A 199 -24.64 -1.50 -6.59
C LEU A 199 -25.95 -2.13 -6.16
N GLY A 200 -26.61 -2.87 -7.04
CA GLY A 200 -27.99 -3.26 -6.75
C GLY A 200 -28.91 -2.04 -6.88
N ALA A 201 -28.49 -1.03 -7.66
CA ALA A 201 -29.30 0.16 -7.89
C ALA A 201 -30.15 0.10 -9.15
N PRO A 202 -31.26 0.83 -9.16
CA PRO A 202 -32.00 1.12 -10.40
C PRO A 202 -31.27 2.15 -11.23
N VAL A 203 -30.96 1.80 -12.46
CA VAL A 203 -30.06 2.62 -13.25
C VAL A 203 -30.64 4.01 -13.46
N GLU A 204 -31.95 4.08 -13.65
CA GLU A 204 -32.62 5.36 -13.92
C GLU A 204 -32.34 6.40 -12.84
N VAL A 205 -32.26 5.95 -11.60
CA VAL A 205 -31.91 6.84 -10.49
C VAL A 205 -30.48 7.31 -10.59
N LEU A 206 -29.57 6.41 -10.99
CA LEU A 206 -28.17 6.81 -11.14
C LEU A 206 -28.07 7.82 -12.26
N ARG A 207 -28.86 7.59 -13.30
CA ARG A 207 -28.89 8.50 -14.44
C ARG A 207 -29.42 9.84 -14.01
N GLU A 208 -30.46 9.83 -13.20
CA GLU A 208 -30.95 11.10 -12.67
C GLU A 208 -29.87 11.81 -11.84
N ILE A 209 -29.21 11.05 -10.97
CA ILE A 209 -28.13 11.61 -10.18
C ILE A 209 -27.12 12.26 -11.09
N LYS A 210 -26.68 11.53 -12.09
CA LYS A 210 -25.64 12.03 -12.97
C LYS A 210 -26.12 13.28 -13.69
N ARG A 211 -27.32 13.22 -14.23
CA ARG A 211 -27.87 14.35 -14.97
C ARG A 211 -27.95 15.59 -14.09
N LEU A 212 -28.37 15.39 -12.86
CA LEU A 212 -28.58 16.50 -11.95
C LEU A 212 -27.26 17.00 -11.36
N GLY A 213 -26.26 16.14 -11.25
CA GLY A 213 -25.01 16.49 -10.59
C GLY A 213 -25.05 16.28 -9.07
N ARG A 214 -26.14 15.75 -8.57
CA ARG A 214 -26.26 15.52 -7.13
C ARG A 214 -27.42 14.56 -6.87
N LEU A 215 -27.53 14.12 -5.62
CA LEU A 215 -28.62 13.27 -5.22
C LEU A 215 -29.87 14.13 -5.36
N PRO A 216 -30.96 13.56 -5.92
CA PRO A 216 -32.20 14.30 -6.20
C PRO A 216 -33.15 14.41 -5.00
N VAL A 217 -32.76 13.85 -3.85
CA VAL A 217 -33.51 14.02 -2.62
C VAL A 217 -32.55 14.42 -1.54
N VAL A 218 -33.12 15.02 -0.49
CA VAL A 218 -32.42 15.40 0.74
C VAL A 218 -31.93 14.19 1.52
N ASN A 219 -30.71 14.30 2.04
CA ASN A 219 -30.15 13.23 2.85
C ASN A 219 -29.62 13.73 4.20
N PHE A 220 -30.18 13.17 5.25
CA PHE A 220 -29.91 13.62 6.61
C PHE A 220 -29.06 12.62 7.35
N ALA A 221 -28.38 13.12 8.37
CA ALA A 221 -27.65 12.21 9.27
C ALA A 221 -28.58 11.81 10.37
N ALA A 222 -28.44 10.55 10.78
CA ALA A 222 -29.25 10.01 11.85
C ALA A 222 -28.55 8.81 12.49
N GLY A 223 -28.58 8.72 13.80
CA GLY A 223 -28.01 7.58 14.49
C GLY A 223 -26.76 7.88 15.29
N GLY A 224 -26.95 8.10 16.58
CA GLY A 224 -25.86 8.28 17.55
C GLY A 224 -25.41 9.70 17.78
N VAL A 225 -26.07 10.65 17.12
CA VAL A 225 -25.69 12.06 17.25
C VAL A 225 -25.95 12.47 18.67
N THR A 226 -24.87 12.77 19.38
CA THR A 226 -24.93 12.93 20.81
C THR A 226 -24.45 14.28 21.33
N THR A 227 -23.57 14.95 20.58
CA THR A 227 -22.96 16.20 21.01
C THR A 227 -22.97 17.23 19.87
N PRO A 228 -22.87 18.52 20.23
CA PRO A 228 -22.81 19.57 19.21
C PRO A 228 -21.70 19.27 18.19
N ALA A 229 -20.58 18.73 18.68
CA ALA A 229 -19.50 18.31 17.78
C ALA A 229 -19.97 17.20 16.80
N ASP A 230 -20.69 16.21 17.33
CA ASP A 230 -21.30 15.21 16.47
C ASP A 230 -22.21 15.85 15.43
N ALA A 231 -23.10 16.73 15.87
CA ALA A 231 -23.98 17.42 14.91
C ALA A 231 -23.22 18.22 13.83
N ALA A 232 -22.25 19.03 14.25
CA ALA A 232 -21.48 19.77 13.26
C ALA A 232 -20.66 18.85 12.31
N LEU A 233 -20.16 17.75 12.86
CA LEU A 233 -19.39 16.82 12.05
C LEU A 233 -20.21 16.31 10.88
N MET A 234 -21.43 15.87 11.12
CA MET A 234 -22.25 15.34 10.04
C MET A 234 -22.51 16.39 8.99
N MET A 235 -22.68 17.65 9.41
CA MET A 235 -22.83 18.71 8.42
C MET A 235 -21.53 18.87 7.64
N HIS A 236 -20.41 18.79 8.34
CA HIS A 236 -19.11 18.86 7.73
C HIS A 236 -18.90 17.78 6.67
N LEU A 237 -19.33 16.56 7.00
CA LEU A 237 -19.35 15.46 6.07
C LEU A 237 -20.46 15.54 5.03
N GLY A 238 -21.22 16.63 4.95
CA GLY A 238 -22.16 16.80 3.84
C GLY A 238 -23.58 16.40 4.10
N ALA A 239 -23.94 16.11 5.35
CA ALA A 239 -25.36 15.92 5.69
C ALA A 239 -26.17 17.16 5.37
N ASP A 240 -27.42 16.97 4.95
CA ASP A 240 -28.36 18.10 4.74
C ASP A 240 -29.04 18.54 6.03
N GLY A 241 -28.82 17.81 7.12
CA GLY A 241 -29.46 18.06 8.40
C GLY A 241 -29.34 16.86 9.32
N VAL A 242 -29.84 16.98 10.54
CA VAL A 242 -29.71 15.87 11.46
C VAL A 242 -31.01 15.52 12.19
N PHE A 243 -31.14 14.21 12.42
CA PHE A 243 -32.15 13.64 13.25
C PHE A 243 -31.50 13.35 14.57
N VAL A 244 -32.16 13.70 15.67
CA VAL A 244 -31.65 13.36 17.01
C VAL A 244 -32.82 12.83 17.82
N GLY A 245 -32.57 11.75 18.53
CA GLY A 245 -33.60 11.21 19.41
C GLY A 245 -33.10 11.08 20.82
N SER A 246 -32.31 10.02 21.03
CA SER A 246 -31.80 9.63 22.34
C SER A 246 -30.89 10.68 22.96
N GLY A 247 -29.93 11.19 22.18
CA GLY A 247 -28.90 12.10 22.70
C GLY A 247 -29.34 13.39 23.41
N ILE A 248 -30.58 13.81 23.17
CA ILE A 248 -31.19 14.98 23.80
C ILE A 248 -32.02 14.62 25.03
N PHE A 249 -32.87 13.63 24.92
CA PHE A 249 -33.78 13.37 26.02
C PHE A 249 -33.25 12.33 27.01
N LYS A 250 -32.18 11.63 26.63
CA LYS A 250 -31.42 10.79 27.57
C LYS A 250 -30.27 11.54 28.20
N SER A 251 -30.10 12.80 27.81
CA SER A 251 -29.07 13.65 28.41
C SER A 251 -29.53 14.21 29.77
N GLU A 252 -28.56 14.78 30.50
CA GLU A 252 -28.82 15.44 31.79
C GLU A 252 -29.87 16.56 31.66
N ASN A 253 -29.59 17.58 30.84
CA ASN A 253 -30.58 18.63 30.56
C ASN A 253 -31.01 18.75 29.10
N PRO A 254 -32.03 17.98 28.71
CA PRO A 254 -32.52 17.97 27.33
C PRO A 254 -32.59 19.37 26.75
N GLU A 255 -33.30 20.25 27.42
CA GLU A 255 -33.52 21.61 26.92
C GLU A 255 -32.22 22.35 26.54
N LYS A 256 -31.17 22.10 27.31
CA LYS A 256 -29.89 22.71 27.03
C LYS A 256 -29.21 22.03 25.82
N TYR A 257 -29.32 20.69 25.76
CA TYR A 257 -28.73 19.94 24.67
C TYR A 257 -29.33 20.42 23.37
N ALA A 258 -30.65 20.41 23.36
CA ALA A 258 -31.45 20.77 22.20
C ALA A 258 -31.04 22.07 21.57
N ARG A 259 -30.84 23.10 22.39
CA ARG A 259 -30.41 24.39 21.85
C ARG A 259 -29.01 24.24 21.23
N ALA A 260 -28.11 23.55 21.95
CA ALA A 260 -26.74 23.39 21.49
C ALA A 260 -26.64 22.62 20.13
N ILE A 261 -27.36 21.52 20.02
CA ILE A 261 -27.37 20.78 18.78
C ILE A 261 -27.90 21.67 17.63
N VAL A 262 -29.02 22.33 17.89
CA VAL A 262 -29.62 23.19 16.88
C VAL A 262 -28.61 24.24 16.44
N GLU A 263 -28.00 24.89 17.41
CA GLU A 263 -27.08 26.00 17.10
C GLU A 263 -25.76 25.52 16.42
N ALA A 264 -25.25 24.36 16.83
CA ALA A 264 -24.06 23.78 16.19
C ALA A 264 -24.33 23.29 14.75
N THR A 265 -25.48 22.66 14.59
CA THR A 265 -25.93 22.26 13.25
C THR A 265 -25.95 23.44 12.26
N THR A 266 -26.56 24.56 12.71
CA THR A 266 -26.57 25.80 11.93
C THR A 266 -25.18 26.36 11.78
N HIS A 267 -24.42 26.52 12.86
CA HIS A 267 -23.08 27.14 12.77
C HIS A 267 -21.97 26.12 12.83
N TYR A 268 -22.11 25.13 11.98
CA TYR A 268 -21.21 23.99 12.02
C TYR A 268 -19.74 24.28 11.71
N GLU A 269 -19.42 25.42 11.10
CA GLU A 269 -18.02 25.81 10.84
C GLU A 269 -17.44 26.80 11.89
N ASP A 270 -18.26 27.23 12.84
CA ASP A 270 -17.80 28.16 13.88
C ASP A 270 -17.37 27.39 15.13
N TYR A 271 -16.09 27.06 15.15
CA TYR A 271 -15.55 26.15 16.15
C TYR A 271 -15.50 26.79 17.53
N GLU A 272 -15.33 28.11 17.56
CA GLU A 272 -15.27 28.86 18.82
C GLU A 272 -16.64 28.73 19.50
N LEU A 273 -17.66 29.00 18.70
CA LEU A 273 -19.02 28.90 19.14
C LEU A 273 -19.34 27.49 19.53
N ILE A 274 -18.98 26.51 18.68
CA ILE A 274 -19.27 25.10 19.05
C ILE A 274 -18.62 24.71 20.38
N ALA A 275 -17.38 25.16 20.55
CA ALA A 275 -16.62 24.96 21.77
C ALA A 275 -17.38 25.56 22.93
N HIS A 276 -17.86 26.79 22.73
CA HIS A 276 -18.67 27.43 23.79
C HIS A 276 -19.92 26.60 24.11
N LEU A 277 -20.67 26.25 23.08
CA LEU A 277 -21.91 25.51 23.23
C LEU A 277 -21.71 24.16 23.84
N SER A 278 -20.52 23.60 23.68
CA SER A 278 -20.22 22.28 24.27
C SER A 278 -19.91 22.42 25.74
N LYS A 279 -19.62 23.64 26.19
CA LYS A 279 -18.95 23.87 27.48
C LYS A 279 -19.72 23.27 28.66
N GLY A 280 -20.86 23.84 29.00
CA GLY A 280 -21.49 23.52 30.26
C GLY A 280 -22.34 22.26 30.25
N LEU A 281 -22.35 21.56 29.12
CA LEU A 281 -23.38 20.55 28.86
C LEU A 281 -23.64 19.59 30.01
N GLY A 282 -22.58 19.12 30.63
CA GLY A 282 -22.72 18.07 31.63
C GLY A 282 -22.98 16.73 30.96
N GLY A 283 -23.50 15.79 31.74
CA GLY A 283 -23.64 14.39 31.35
C GLY A 283 -24.43 14.05 30.08
N ALA A 284 -23.75 13.36 29.18
CA ALA A 284 -24.33 12.80 27.96
C ALA A 284 -24.67 11.33 28.21
N MET A 285 -25.59 10.79 27.42
CA MET A 285 -25.95 9.34 27.50
C MET A 285 -24.70 8.45 27.35
N ARG A 286 -24.63 7.38 28.13
CA ARG A 286 -23.40 6.55 28.18
C ARG A 286 -23.09 5.90 26.83
N GLY A 287 -24.11 5.40 26.17
CA GLY A 287 -23.96 4.74 24.89
C GLY A 287 -23.44 3.33 24.99
N ILE A 288 -23.32 2.70 23.81
CA ILE A 288 -22.89 1.29 23.72
C ILE A 288 -21.78 1.18 22.67
N ASP A 289 -20.70 0.44 22.98
CA ASP A 289 -19.59 0.28 22.05
C ASP A 289 -20.10 -0.36 20.75
N ILE A 290 -20.38 -1.66 20.82
CA ILE A 290 -20.77 -2.53 19.69
C ILE A 290 -20.90 -3.93 20.33
N ALA A 291 -20.46 -4.97 19.62
CA ALA A 291 -20.50 -6.33 20.11
C ALA A 291 -21.97 -6.73 20.25
N THR A 292 -22.78 -6.15 19.36
CA THR A 292 -24.20 -6.48 19.26
C THR A 292 -24.32 -7.50 18.12
N LEU A 293 -25.12 -8.52 18.35
CA LEU A 293 -25.21 -9.70 17.47
C LEU A 293 -26.07 -9.47 16.20
N LEU A 294 -27.24 -8.89 16.40
CA LEU A 294 -28.24 -8.66 15.34
C LEU A 294 -28.85 -7.22 15.17
N PRO A 295 -28.89 -6.38 16.23
CA PRO A 295 -29.59 -5.08 16.14
C PRO A 295 -29.39 -4.21 14.88
N GLU A 296 -30.53 -3.70 14.37
CA GLU A 296 -30.60 -2.67 13.32
C GLU A 296 -29.94 -3.06 11.98
N HIS A 297 -30.06 -2.17 10.98
CA HIS A 297 -29.71 -2.47 9.58
C HIS A 297 -30.63 -3.58 9.04
N ARG A 298 -31.94 -3.38 9.25
CA ARG A 298 -32.97 -4.39 8.96
C ARG A 298 -33.59 -4.22 7.58
N MET A 299 -33.37 -3.06 6.95
CA MET A 299 -33.89 -2.80 5.60
C MET A 299 -33.26 -3.67 4.51
N GLN A 300 -33.89 -3.59 3.33
CA GLN A 300 -33.68 -4.48 2.21
C GLN A 300 -33.15 -3.65 1.00
N MET B 11 -38.94 19.67 -39.19
CA MET B 11 -39.11 18.92 -37.89
C MET B 11 -39.31 17.41 -38.13
N ALA B 12 -38.38 16.78 -38.86
CA ALA B 12 -38.32 15.30 -39.02
C ALA B 12 -37.29 14.69 -38.07
N LEU B 13 -37.69 13.61 -37.41
CA LEU B 13 -36.95 13.05 -36.30
C LEU B 13 -36.49 11.64 -36.64
N THR B 14 -35.17 11.43 -36.59
CA THR B 14 -34.59 10.11 -36.78
C THR B 14 -34.06 9.56 -35.46
N GLY B 15 -33.78 8.27 -35.43
CA GLY B 15 -33.24 7.61 -34.24
C GLY B 15 -34.12 7.56 -33.00
N THR B 16 -35.42 7.71 -33.14
CA THR B 16 -36.30 7.61 -32.00
C THR B 16 -36.47 6.14 -31.64
N ASP B 17 -36.71 5.91 -30.36
CA ASP B 17 -36.95 4.56 -29.89
C ASP B 17 -38.06 3.88 -30.67
N ARG B 18 -39.10 4.65 -30.95
CA ARG B 18 -40.21 4.16 -31.74
C ARG B 18 -39.75 3.71 -33.14
N VAL B 19 -38.83 4.45 -33.75
CA VAL B 19 -38.37 4.11 -35.09
C VAL B 19 -37.46 2.87 -35.02
N LYS B 20 -36.58 2.87 -34.01
CA LYS B 20 -35.63 1.76 -33.80
C LYS B 20 -36.37 0.43 -33.55
N ARG B 21 -37.26 0.49 -32.59
CA ARG B 21 -38.06 -0.66 -32.26
C ARG B 21 -39.05 -1.03 -33.38
N GLY B 22 -39.65 -0.03 -34.02
CA GLY B 22 -40.59 -0.26 -35.12
C GLY B 22 -39.99 -1.09 -36.24
N MET B 23 -38.76 -0.74 -36.58
CA MET B 23 -38.04 -1.53 -37.56
C MET B 23 -38.04 -3.00 -37.17
N ALA B 24 -37.86 -3.29 -35.87
CA ALA B 24 -37.87 -4.67 -35.44
C ALA B 24 -39.28 -5.23 -35.50
N GLU B 25 -40.27 -4.44 -35.10
CA GLU B 25 -41.65 -4.90 -35.17
C GLU B 25 -42.02 -5.28 -36.60
N MET B 26 -41.40 -4.60 -37.58
CA MET B 26 -41.58 -4.97 -39.00
C MET B 26 -40.89 -6.25 -39.47
N GLN B 27 -40.10 -6.89 -38.60
CA GLN B 27 -39.42 -8.14 -38.93
C GLN B 27 -40.16 -9.38 -38.42
N LYS B 28 -41.15 -9.18 -37.56
CA LYS B 28 -41.83 -10.31 -36.91
C LYS B 28 -42.37 -11.34 -37.89
N GLY B 29 -42.44 -12.59 -37.43
CA GLY B 29 -43.02 -13.70 -38.20
C GLY B 29 -42.13 -14.21 -39.32
N GLY B 30 -40.89 -13.72 -39.36
CA GLY B 30 -39.97 -14.05 -40.42
C GLY B 30 -38.63 -14.57 -39.95
N VAL B 31 -37.78 -14.86 -40.94
CA VAL B 31 -36.52 -15.53 -40.75
C VAL B 31 -35.41 -14.62 -41.22
N ILE B 32 -34.39 -14.52 -40.37
CA ILE B 32 -33.23 -13.74 -40.71
C ILE B 32 -32.11 -14.70 -40.89
N MET B 33 -31.40 -14.59 -42.01
CA MET B 33 -30.41 -15.60 -42.38
C MET B 33 -28.97 -15.08 -42.43
N ASP B 34 -28.05 -15.85 -41.86
CA ASP B 34 -26.66 -15.45 -41.89
C ASP B 34 -26.18 -15.72 -43.27
N VAL B 35 -25.47 -14.75 -43.86
CA VAL B 35 -24.85 -14.88 -45.18
C VAL B 35 -23.43 -14.34 -45.17
N VAL B 36 -22.56 -15.07 -45.86
CA VAL B 36 -21.13 -14.72 -45.97
C VAL B 36 -20.81 -14.04 -47.33
N ASN B 37 -21.74 -14.14 -48.29
CA ASN B 37 -21.59 -13.49 -49.61
C ASN B 37 -22.93 -13.18 -50.35
N ALA B 38 -22.83 -12.54 -51.50
CA ALA B 38 -24.02 -12.06 -52.23
C ALA B 38 -24.88 -13.18 -52.81
N GLU B 39 -24.22 -14.25 -53.20
CA GLU B 39 -24.95 -15.36 -53.72
C GLU B 39 -25.93 -15.83 -52.64
N GLN B 40 -25.38 -16.16 -51.48
CA GLN B 40 -26.19 -16.58 -50.35
C GLN B 40 -27.33 -15.56 -50.13
N ALA B 41 -26.97 -14.28 -50.05
CA ALA B 41 -27.96 -13.22 -49.80
C ALA B 41 -29.12 -13.31 -50.78
N LYS B 42 -28.77 -13.52 -52.05
CA LYS B 42 -29.82 -13.63 -53.07
C LYS B 42 -30.68 -14.87 -52.81
N ILE B 43 -30.04 -15.96 -52.42
CA ILE B 43 -30.82 -17.17 -52.12
C ILE B 43 -31.78 -16.88 -50.97
N ALA B 44 -31.29 -16.22 -49.93
CA ALA B 44 -32.07 -15.88 -48.78
C ALA B 44 -33.27 -14.99 -49.15
N GLU B 45 -32.98 -13.91 -49.92
CA GLU B 45 -34.08 -13.03 -50.40
C GLU B 45 -35.10 -13.79 -51.23
N ALA B 46 -34.60 -14.63 -52.15
CA ALA B 46 -35.45 -15.48 -52.96
C ALA B 46 -36.32 -16.40 -52.10
N ALA B 47 -35.73 -16.98 -51.05
CA ALA B 47 -36.43 -17.96 -50.22
C ALA B 47 -37.53 -17.30 -49.40
N GLY B 48 -37.39 -15.99 -49.18
CA GLY B 48 -38.35 -15.26 -48.34
C GLY B 48 -37.79 -14.68 -47.03
N ALA B 49 -36.47 -14.69 -46.87
CA ALA B 49 -35.91 -14.14 -45.65
C ALA B 49 -36.42 -12.71 -45.46
N VAL B 50 -36.60 -12.30 -44.21
CA VAL B 50 -36.98 -10.91 -43.94
C VAL B 50 -35.78 -10.00 -43.80
N ALA B 51 -34.60 -10.60 -43.67
CA ALA B 51 -33.37 -9.84 -43.63
C ALA B 51 -32.22 -10.79 -43.74
N VAL B 52 -31.02 -10.26 -43.87
CA VAL B 52 -29.83 -11.09 -43.86
C VAL B 52 -28.79 -10.51 -42.93
N MET B 53 -28.11 -11.40 -42.21
CA MET B 53 -27.06 -11.00 -41.27
C MET B 53 -25.74 -11.30 -41.95
N ALA B 54 -24.92 -10.27 -42.16
CA ALA B 54 -23.65 -10.42 -42.88
C ALA B 54 -22.48 -10.67 -41.94
N LEU B 55 -21.70 -11.71 -42.25
CA LEU B 55 -20.50 -12.03 -41.45
C LEU B 55 -19.40 -12.72 -42.28
N GLU B 56 -18.19 -12.81 -41.70
CA GLU B 56 -17.01 -13.39 -42.38
C GLU B 56 -17.07 -14.90 -42.44
N ARG B 57 -17.47 -15.51 -41.32
CA ARG B 57 -17.63 -16.97 -41.21
C ARG B 57 -18.96 -17.26 -40.50
N VAL B 58 -19.61 -18.33 -40.94
CA VAL B 58 -20.86 -18.79 -40.31
C VAL B 58 -20.48 -19.35 -38.90
N PRO B 59 -21.39 -19.20 -37.88
CA PRO B 59 -21.05 -19.55 -36.47
C PRO B 59 -20.42 -20.94 -36.26
N ALA B 60 -20.95 -21.96 -36.94
CA ALA B 60 -20.36 -23.31 -36.93
C ALA B 60 -18.85 -23.29 -37.33
N ASP B 61 -18.56 -22.53 -38.41
CA ASP B 61 -17.19 -22.30 -38.85
C ASP B 61 -16.38 -21.44 -37.88
N ILE B 62 -17.01 -20.42 -37.30
CA ILE B 62 -16.35 -19.63 -36.25
C ILE B 62 -15.87 -20.57 -35.13
N ARG B 63 -16.81 -21.41 -34.65
CA ARG B 63 -16.47 -22.47 -33.69
C ARG B 63 -15.28 -23.29 -34.16
N ALA B 64 -15.45 -23.92 -35.34
CA ALA B 64 -14.47 -24.91 -35.82
C ALA B 64 -13.08 -24.31 -36.06
N ALA B 65 -13.05 -23.07 -36.51
CA ALA B 65 -11.79 -22.36 -36.78
C ALA B 65 -11.17 -21.77 -35.50
N GLY B 66 -12.01 -21.32 -34.56
CA GLY B 66 -11.49 -20.68 -33.36
C GLY B 66 -10.89 -19.33 -33.72
N GLY B 67 -9.82 -18.94 -33.02
CA GLY B 67 -9.17 -17.63 -33.24
C GLY B 67 -10.02 -16.46 -32.74
N VAL B 68 -9.70 -15.24 -33.16
CA VAL B 68 -10.46 -14.06 -32.77
C VAL B 68 -11.44 -13.64 -33.85
N ALA B 69 -12.73 -13.59 -33.53
CA ALA B 69 -13.74 -13.22 -34.51
C ALA B 69 -14.14 -11.75 -34.32
N ARG B 70 -13.96 -10.98 -35.41
CA ARG B 70 -14.23 -9.56 -35.48
C ARG B 70 -15.36 -9.21 -36.44
N MET B 71 -15.65 -7.92 -36.49
CA MET B 71 -16.53 -7.34 -37.49
C MET B 71 -16.07 -7.81 -38.86
N ALA B 72 -17.03 -8.00 -39.76
CA ALA B 72 -16.75 -8.34 -41.16
C ALA B 72 -16.10 -7.18 -41.92
N ASP B 73 -15.29 -7.53 -42.92
CA ASP B 73 -14.79 -6.59 -43.92
C ASP B 73 -15.95 -5.81 -44.56
N PRO B 74 -15.87 -4.48 -44.49
CA PRO B 74 -16.93 -3.62 -45.08
C PRO B 74 -17.26 -3.98 -46.52
N THR B 75 -16.23 -4.33 -47.29
CA THR B 75 -16.38 -4.79 -48.66
C THR B 75 -17.48 -5.83 -48.74
N VAL B 76 -17.40 -6.83 -47.85
CA VAL B 76 -18.39 -7.92 -47.87
C VAL B 76 -19.78 -7.38 -47.58
N ILE B 77 -19.83 -6.44 -46.64
CA ILE B 77 -21.11 -5.90 -46.22
C ILE B 77 -21.76 -5.16 -47.39
N GLU B 78 -20.98 -4.29 -48.03
CA GLU B 78 -21.40 -3.53 -49.22
C GLU B 78 -21.85 -4.46 -50.33
N GLU B 79 -21.01 -5.44 -50.60
CA GLU B 79 -21.36 -6.52 -51.51
C GLU B 79 -22.75 -7.09 -51.22
N VAL B 80 -22.98 -7.44 -49.96
CA VAL B 80 -24.30 -8.00 -49.62
C VAL B 80 -25.43 -6.97 -49.77
N MET B 81 -25.18 -5.73 -49.33
CA MET B 81 -26.18 -4.67 -49.47
C MET B 81 -26.56 -4.53 -50.92
N ASN B 82 -25.58 -4.53 -51.80
CA ASN B 82 -25.88 -4.31 -53.22
C ASN B 82 -26.71 -5.41 -53.82
N ALA B 83 -26.57 -6.61 -53.30
CA ALA B 83 -27.24 -7.80 -53.84
C ALA B 83 -28.73 -7.96 -53.48
N VAL B 84 -29.24 -7.23 -52.49
CA VAL B 84 -30.61 -7.49 -52.00
C VAL B 84 -31.39 -6.26 -51.65
N SER B 85 -32.72 -6.38 -51.68
CA SER B 85 -33.61 -5.26 -51.34
C SER B 85 -34.20 -5.34 -49.92
N ILE B 86 -33.93 -6.46 -49.24
CA ILE B 86 -34.29 -6.63 -47.82
C ILE B 86 -33.19 -6.05 -46.91
N PRO B 87 -33.52 -5.76 -45.65
CA PRO B 87 -32.58 -5.18 -44.71
C PRO B 87 -31.36 -6.00 -44.49
N VAL B 88 -30.26 -5.34 -44.19
CA VAL B 88 -28.99 -5.98 -43.98
C VAL B 88 -28.52 -5.65 -42.60
N MET B 89 -28.34 -6.71 -41.82
CA MET B 89 -27.79 -6.64 -40.47
C MET B 89 -26.34 -7.09 -40.48
N ALA B 90 -25.59 -6.69 -39.47
CA ALA B 90 -24.23 -7.21 -39.31
C ALA B 90 -23.79 -7.17 -37.85
N L5P B 91 -22.67 -7.85 -37.56
CA L5P B 91 -22.23 -8.04 -36.20
CB L5P B 91 -21.80 -9.46 -36.00
CG L5P B 91 -23.05 -10.28 -36.12
CD L5P B 91 -22.77 -11.76 -36.08
CE L5P B 91 -23.92 -12.27 -35.26
NZ L5P B 91 -24.32 -13.65 -35.45
C1 L5P B 91 -21.08 -7.22 -35.75
O L5P B 91 -20.14 -6.94 -36.51
O4 L5P B 91 -27.15 -14.28 -36.01
C3 L5P B 91 -26.51 -14.74 -35.07
C2 L5P B 91 -25.35 -14.01 -34.47
C5 L5P B 91 -26.85 -16.06 -34.44
O13 L5P B 91 -25.89 -16.36 -33.42
C6 L5P B 91 -26.80 -17.13 -35.49
O14 L5P B 91 -27.91 -16.93 -36.36
C7 L5P B 91 -26.89 -18.48 -34.83
O8 L5P B 91 -27.07 -19.33 -35.92
P9 L5P B 91 -26.74 -20.85 -35.82
O12 L5P B 91 -26.49 -21.16 -37.23
O11 L5P B 91 -28.00 -21.35 -35.16
O10 L5P B 91 -25.49 -20.99 -35.00
N VAL B 92 -21.17 -6.84 -34.49
CA VAL B 92 -19.99 -6.31 -33.82
C VAL B 92 -19.67 -7.02 -32.55
N ARG B 93 -18.43 -6.84 -32.16
CA ARG B 93 -17.94 -7.39 -30.93
C ARG B 93 -18.56 -6.60 -29.78
N ILE B 94 -18.91 -7.32 -28.71
CA ILE B 94 -19.41 -6.72 -27.50
C ILE B 94 -18.49 -5.66 -26.96
N GLY B 95 -19.09 -4.49 -26.75
CA GLY B 95 -18.37 -3.29 -26.35
C GLY B 95 -17.69 -2.51 -27.48
N HIS B 96 -17.65 -3.03 -28.71
CA HIS B 96 -16.84 -2.34 -29.73
C HIS B 96 -17.59 -1.17 -30.42
N TYR B 97 -17.50 -0.02 -29.77
CA TYR B 97 -18.22 1.17 -30.12
C TYR B 97 -17.91 1.62 -31.51
N VAL B 98 -16.63 1.59 -31.84
CA VAL B 98 -16.19 2.06 -33.15
C VAL B 98 -16.66 1.10 -34.24
N GLU B 99 -16.51 -0.19 -34.06
CA GLU B 99 -17.02 -1.11 -35.07
C GLU B 99 -18.48 -0.74 -35.40
N ALA B 100 -19.23 -0.46 -34.34
CA ALA B 100 -20.66 -0.19 -34.48
C ALA B 100 -20.81 1.11 -35.24
N ARG B 101 -20.03 2.11 -34.85
CA ARG B 101 -20.07 3.36 -35.62
C ARG B 101 -19.79 3.14 -37.09
N VAL B 102 -18.86 2.24 -37.37
CA VAL B 102 -18.50 1.92 -38.73
C VAL B 102 -19.70 1.28 -39.45
N LEU B 103 -20.25 0.25 -38.85
CA LEU B 103 -21.39 -0.38 -39.48
C LEU B 103 -22.49 0.63 -39.70
N GLU B 104 -22.66 1.54 -38.75
CA GLU B 104 -23.68 2.58 -38.90
C GLU B 104 -23.35 3.45 -40.12
N ALA B 105 -22.11 3.94 -40.18
CA ALA B 105 -21.66 4.77 -41.31
C ALA B 105 -21.87 4.07 -42.65
N LEU B 106 -21.68 2.75 -42.67
CA LEU B 106 -21.98 1.98 -43.88
C LEU B 106 -23.47 1.84 -44.28
N GLY B 107 -24.39 2.27 -43.43
CA GLY B 107 -25.83 2.12 -43.73
C GLY B 107 -26.48 0.80 -43.32
N VAL B 108 -25.74 -0.04 -42.57
CA VAL B 108 -26.32 -1.26 -42.00
C VAL B 108 -27.64 -0.95 -41.28
N ASP B 109 -28.63 -1.81 -41.47
CA ASP B 109 -29.98 -1.48 -40.99
C ASP B 109 -30.20 -1.80 -39.49
N TYR B 110 -29.52 -2.84 -39.00
CA TYR B 110 -29.63 -3.26 -37.62
C TYR B 110 -28.28 -3.81 -37.19
N ILE B 111 -27.74 -3.35 -36.05
CA ILE B 111 -26.47 -3.93 -35.59
C ILE B 111 -26.65 -5.02 -34.54
N ASP B 112 -26.00 -6.14 -34.73
CA ASP B 112 -26.01 -7.17 -33.70
C ASP B 112 -24.73 -7.14 -32.85
N GLU B 113 -24.88 -6.65 -31.63
CA GLU B 113 -23.78 -6.67 -30.67
C GLU B 113 -23.70 -8.08 -30.17
N SER B 114 -22.78 -8.87 -30.73
CA SER B 114 -22.92 -10.33 -30.63
C SER B 114 -21.87 -11.08 -29.81
N GLU B 115 -22.38 -12.00 -29.01
CA GLU B 115 -21.54 -12.91 -28.28
C GLU B 115 -20.88 -13.99 -29.16
N VAL B 116 -21.26 -14.16 -30.41
CA VAL B 116 -20.55 -15.17 -31.23
C VAL B 116 -19.19 -14.61 -31.64
N LEU B 117 -19.10 -13.30 -31.76
CA LEU B 117 -17.82 -12.66 -32.01
C LEU B 117 -17.04 -12.61 -30.72
N THR B 118 -15.73 -12.33 -30.83
CA THR B 118 -14.89 -12.28 -29.61
C THR B 118 -15.09 -10.95 -28.87
N PRO B 119 -15.57 -10.99 -27.62
CA PRO B 119 -15.89 -9.72 -26.96
C PRO B 119 -14.71 -8.80 -26.83
N ALA B 120 -14.98 -7.50 -27.00
CA ALA B 120 -13.94 -6.46 -26.94
C ALA B 120 -13.93 -5.81 -25.59
N ASP B 121 -15.10 -5.73 -24.96
CA ASP B 121 -15.21 -5.22 -23.59
C ASP B 121 -15.95 -6.26 -22.74
N GLU B 122 -15.22 -6.91 -21.84
CA GLU B 122 -15.80 -7.95 -20.96
C GLU B 122 -16.62 -7.41 -19.75
N GLU B 123 -16.64 -6.09 -19.58
CA GLU B 123 -17.39 -5.44 -18.48
C GLU B 123 -18.54 -4.50 -18.92
N PHE B 124 -18.37 -3.81 -20.04
CA PHE B 124 -19.32 -2.81 -20.49
C PHE B 124 -19.72 -3.01 -21.94
N HIS B 125 -21.02 -3.07 -22.17
CA HIS B 125 -21.56 -3.11 -23.51
C HIS B 125 -21.58 -1.71 -24.13
N ILE B 126 -21.90 -1.68 -25.42
CA ILE B 126 -21.98 -0.42 -26.12
C ILE B 126 -23.15 0.38 -25.56
N ASP B 127 -22.96 1.68 -25.44
CA ASP B 127 -24.06 2.54 -25.09
C ASP B 127 -24.93 2.81 -26.30
N LYS B 128 -25.84 1.88 -26.54
CA LYS B 128 -26.59 1.85 -27.79
C LYS B 128 -27.53 3.06 -27.96
N ARG B 129 -27.84 3.71 -26.85
CA ARG B 129 -28.67 4.90 -26.86
C ARG B 129 -28.07 5.99 -27.71
N GLN B 130 -26.74 6.04 -27.81
CA GLN B 130 -26.06 7.14 -28.52
C GLN B 130 -26.10 7.01 -30.04
N PHE B 131 -26.62 5.91 -30.56
CA PHE B 131 -26.66 5.69 -32.00
C PHE B 131 -28.04 6.01 -32.57
N THR B 132 -28.08 6.16 -33.88
CA THR B 132 -29.29 6.31 -34.65
C THR B 132 -29.74 4.95 -35.15
N VAL B 133 -28.80 4.14 -35.59
CA VAL B 133 -29.14 2.82 -36.07
C VAL B 133 -29.45 1.93 -34.83
N PRO B 134 -30.44 1.06 -34.96
CA PRO B 134 -30.80 0.21 -33.84
C PRO B 134 -29.88 -0.99 -33.66
N PHE B 135 -29.93 -1.53 -32.46
CA PHE B 135 -29.18 -2.74 -32.13
C PHE B 135 -30.08 -3.86 -31.66
N VAL B 136 -29.65 -5.07 -31.97
CA VAL B 136 -30.23 -6.28 -31.41
C VAL B 136 -29.22 -6.90 -30.45
N CYS B 137 -29.71 -7.38 -29.32
CA CYS B 137 -28.83 -8.10 -28.40
C CYS B 137 -29.41 -9.40 -27.96
N GLY B 138 -28.51 -10.29 -27.52
CA GLY B 138 -28.85 -11.63 -27.06
C GLY B 138 -29.15 -11.60 -25.58
N CYS B 139 -29.95 -12.56 -25.09
CA CYS B 139 -30.20 -12.67 -23.64
C CYS B 139 -30.61 -14.09 -23.26
N ARG B 140 -30.38 -14.45 -22.00
CA ARG B 140 -30.75 -15.76 -21.44
C ARG B 140 -31.85 -15.70 -20.42
N ASP B 141 -32.13 -14.50 -19.94
CA ASP B 141 -33.13 -14.26 -18.92
C ASP B 141 -33.50 -12.77 -18.90
N LEU B 142 -34.57 -12.49 -18.17
CA LEU B 142 -35.15 -11.19 -18.18
C LEU B 142 -34.26 -10.12 -17.60
N GLY B 143 -33.38 -10.48 -16.68
CA GLY B 143 -32.45 -9.51 -16.14
C GLY B 143 -31.52 -9.01 -17.20
N GLU B 144 -30.91 -9.98 -17.86
CA GLU B 144 -30.02 -9.75 -19.02
C GLU B 144 -30.79 -8.93 -20.04
N ALA B 145 -31.98 -9.39 -20.40
CA ALA B 145 -32.79 -8.61 -21.33
C ALA B 145 -32.92 -7.14 -20.93
N ALA B 146 -33.35 -6.94 -19.69
CA ALA B 146 -33.59 -5.59 -19.17
C ALA B 146 -32.31 -4.74 -19.14
N ARG B 147 -31.18 -5.34 -18.78
CA ARG B 147 -29.94 -4.57 -18.84
C ARG B 147 -29.66 -4.06 -20.29
N ARG B 148 -29.76 -4.97 -21.26
CA ARG B 148 -29.55 -4.61 -22.67
C ARG B 148 -30.55 -3.53 -23.08
N ILE B 149 -31.80 -3.70 -22.67
CA ILE B 149 -32.75 -2.64 -23.01
C ILE B 149 -32.31 -1.31 -22.37
N ALA B 150 -31.90 -1.33 -21.11
CA ALA B 150 -31.49 -0.09 -20.47
C ALA B 150 -30.27 0.52 -21.17
N GLU B 151 -29.43 -0.33 -21.78
CA GLU B 151 -28.29 0.20 -22.59
C GLU B 151 -28.68 0.78 -23.94
N GLY B 152 -29.95 0.61 -24.29
CA GLY B 152 -30.49 1.08 -25.56
C GLY B 152 -30.78 0.01 -26.61
N ALA B 153 -30.70 -1.28 -26.27
CA ALA B 153 -30.99 -2.30 -27.31
C ALA B 153 -32.45 -2.13 -27.79
N SER B 154 -32.73 -2.33 -29.07
CA SER B 154 -34.12 -2.10 -29.57
C SER B 154 -34.79 -3.39 -29.97
N MET B 155 -34.04 -4.47 -29.92
CA MET B 155 -34.49 -5.80 -30.30
C MET B 155 -33.65 -6.83 -29.53
N LEU B 156 -34.27 -7.99 -29.26
CA LEU B 156 -33.59 -9.05 -28.55
C LEU B 156 -33.70 -10.37 -29.26
N ARG B 157 -32.74 -11.23 -28.94
CA ARG B 157 -32.79 -12.62 -29.33
C ARG B 157 -32.29 -13.54 -28.24
N THR B 158 -32.73 -14.80 -28.27
CA THR B 158 -32.11 -15.78 -27.39
C THR B 158 -30.66 -15.85 -27.76
N LYS B 159 -29.81 -16.28 -26.85
CA LYS B 159 -28.42 -16.52 -27.18
C LYS B 159 -28.19 -17.88 -27.80
N GLY B 160 -28.94 -18.88 -27.34
CA GLY B 160 -28.70 -20.29 -27.70
C GLY B 160 -27.25 -20.74 -27.55
N GLU B 161 -26.91 -21.81 -28.27
CA GLU B 161 -25.52 -22.17 -28.53
C GLU B 161 -25.33 -22.24 -30.05
N PRO B 162 -24.88 -21.13 -30.67
CA PRO B 162 -24.70 -21.01 -32.12
C PRO B 162 -23.70 -21.96 -32.71
N GLY B 163 -23.96 -22.42 -33.92
CA GLY B 163 -23.11 -23.37 -34.60
C GLY B 163 -23.21 -24.82 -34.13
N THR B 164 -24.02 -25.12 -33.11
CA THR B 164 -24.11 -26.50 -32.58
C THR B 164 -25.21 -27.32 -33.27
N GLY B 165 -26.08 -26.68 -34.02
CA GLY B 165 -27.25 -27.37 -34.53
C GLY B 165 -28.19 -27.88 -33.47
N ASN B 166 -28.10 -27.34 -32.25
CA ASN B 166 -28.90 -27.82 -31.10
C ASN B 166 -29.76 -26.71 -30.49
N ILE B 167 -31.07 -26.81 -30.61
CA ILE B 167 -31.96 -25.77 -30.09
C ILE B 167 -32.10 -25.67 -28.57
N VAL B 168 -31.59 -26.67 -27.85
CA VAL B 168 -31.86 -26.82 -26.42
C VAL B 168 -31.69 -25.51 -25.65
N GLU B 169 -30.57 -24.85 -25.88
CA GLU B 169 -30.28 -23.59 -25.20
C GLU B 169 -31.26 -22.46 -25.58
N ALA B 170 -31.55 -22.34 -26.87
CA ALA B 170 -32.52 -21.33 -27.32
C ALA B 170 -33.90 -21.59 -26.68
N VAL B 171 -34.27 -22.87 -26.62
CA VAL B 171 -35.48 -23.24 -25.89
C VAL B 171 -35.40 -22.81 -24.43
N ARG B 172 -34.30 -23.19 -23.77
CA ARG B 172 -34.13 -22.79 -22.38
C ARG B 172 -34.35 -21.28 -22.20
N HIS B 173 -33.69 -20.51 -23.06
CA HIS B 173 -33.73 -19.07 -22.93
C HIS B 173 -35.09 -18.46 -23.23
N MET B 174 -35.69 -18.89 -24.33
CA MET B 174 -37.02 -18.40 -24.67
C MET B 174 -38.01 -18.74 -23.55
N ARG B 175 -37.93 -19.98 -23.06
CA ARG B 175 -38.79 -20.40 -21.96
C ARG B 175 -38.61 -19.57 -20.71
N LYS B 176 -37.33 -19.38 -20.36
CA LYS B 176 -37.00 -18.58 -19.18
C LYS B 176 -37.55 -17.17 -19.32
N VAL B 177 -37.14 -16.50 -20.39
CA VAL B 177 -37.58 -15.12 -20.57
C VAL B 177 -39.11 -15.02 -20.60
N ASN B 178 -39.76 -15.88 -21.38
CA ASN B 178 -41.20 -15.78 -21.43
C ASN B 178 -41.80 -16.04 -20.08
N ALA B 179 -41.27 -16.99 -19.32
CA ALA B 179 -41.84 -17.27 -17.98
C ALA B 179 -41.65 -16.09 -17.04
N GLN B 180 -40.47 -15.48 -17.10
CA GLN B 180 -40.24 -14.34 -16.25
C GLN B 180 -41.13 -13.19 -16.66
N ILE B 181 -41.38 -13.04 -17.95
CA ILE B 181 -42.33 -11.96 -18.34
C ILE B 181 -43.69 -12.18 -17.70
N ARG B 182 -44.19 -13.41 -17.83
CA ARG B 182 -45.51 -13.72 -17.30
C ARG B 182 -45.61 -13.45 -15.81
N LYS B 183 -44.56 -13.79 -15.08
CA LYS B 183 -44.53 -13.52 -13.67
C LYS B 183 -44.69 -12.00 -13.42
N VAL B 184 -43.87 -11.22 -14.12
CA VAL B 184 -43.83 -9.78 -13.90
C VAL B 184 -45.14 -9.12 -14.26
N VAL B 185 -45.73 -9.57 -15.37
CA VAL B 185 -46.96 -8.98 -15.82
C VAL B 185 -48.06 -9.08 -14.76
N ASN B 186 -48.12 -10.21 -14.06
CA ASN B 186 -49.21 -10.45 -13.10
C ASN B 186 -48.80 -10.30 -11.65
N MET B 187 -47.54 -9.98 -11.44
CA MET B 187 -46.95 -9.78 -10.12
C MET B 187 -47.61 -8.61 -9.36
N SER B 188 -47.68 -8.72 -8.04
CA SER B 188 -48.11 -7.60 -7.21
C SER B 188 -47.16 -6.40 -7.32
N GLU B 189 -47.73 -5.26 -7.67
CA GLU B 189 -46.96 -4.05 -7.99
C GLU B 189 -45.87 -3.70 -6.94
N ASP B 190 -46.18 -3.86 -5.65
CA ASP B 190 -45.24 -3.53 -4.59
C ASP B 190 -44.04 -4.45 -4.51
N GLU B 191 -44.01 -5.52 -5.30
CA GLU B 191 -42.91 -6.51 -5.24
C GLU B 191 -41.86 -6.33 -6.36
N LEU B 192 -42.12 -5.41 -7.26
CA LEU B 192 -41.21 -5.21 -8.41
C LEU B 192 -39.81 -4.75 -8.04
N VAL B 193 -39.67 -3.78 -7.14
CA VAL B 193 -38.35 -3.31 -6.81
C VAL B 193 -37.53 -4.51 -6.33
N ALA B 194 -38.08 -5.27 -5.40
CA ALA B 194 -37.37 -6.45 -4.90
C ALA B 194 -37.14 -7.50 -5.96
N GLU B 195 -38.11 -7.68 -6.86
CA GLU B 195 -37.86 -8.59 -8.01
C GLU B 195 -36.66 -8.14 -8.88
N ALA B 196 -36.69 -6.88 -9.30
CA ALA B 196 -35.62 -6.28 -10.10
C ALA B 196 -34.27 -6.58 -9.50
N LYS B 197 -34.17 -6.36 -8.20
CA LYS B 197 -32.95 -6.67 -7.49
C LYS B 197 -32.56 -8.13 -7.57
N GLN B 198 -33.53 -9.03 -7.45
CA GLN B 198 -33.21 -10.44 -7.54
C GLN B 198 -32.72 -10.76 -8.95
N LEU B 199 -33.38 -10.20 -9.96
CA LEU B 199 -33.06 -10.48 -11.35
C LEU B 199 -31.82 -9.76 -11.83
N GLY B 200 -31.34 -8.76 -11.11
CA GLY B 200 -30.27 -7.92 -11.67
C GLY B 200 -30.81 -6.96 -12.73
N ALA B 201 -32.13 -6.75 -12.71
CA ALA B 201 -32.81 -5.91 -13.69
C ALA B 201 -32.94 -4.45 -13.26
N PRO B 202 -33.00 -3.54 -14.22
CA PRO B 202 -33.45 -2.19 -13.97
C PRO B 202 -34.94 -2.18 -13.79
N VAL B 203 -35.38 -1.63 -12.66
CA VAL B 203 -36.78 -1.72 -12.26
C VAL B 203 -37.71 -1.00 -13.27
N GLU B 204 -37.25 0.13 -13.79
CA GLU B 204 -38.06 0.90 -14.75
C GLU B 204 -38.51 0.08 -15.97
N VAL B 205 -37.64 -0.81 -16.43
CA VAL B 205 -37.96 -1.72 -17.52
C VAL B 205 -39.03 -2.72 -17.06
N LEU B 206 -38.91 -3.25 -15.85
CA LEU B 206 -39.90 -4.22 -15.41
C LEU B 206 -41.21 -3.50 -15.31
N ARG B 207 -41.16 -2.25 -14.86
CA ARG B 207 -42.36 -1.45 -14.71
C ARG B 207 -42.97 -1.25 -16.07
N GLU B 208 -42.14 -0.96 -17.06
CA GLU B 208 -42.67 -0.78 -18.41
C GLU B 208 -43.32 -2.08 -18.88
N ILE B 209 -42.64 -3.18 -18.65
CA ILE B 209 -43.20 -4.46 -19.02
C ILE B 209 -44.56 -4.63 -18.37
N LYS B 210 -44.63 -4.39 -17.06
CA LYS B 210 -45.89 -4.60 -16.38
C LYS B 210 -46.97 -3.66 -16.91
N ARG B 211 -46.63 -2.39 -17.11
CA ARG B 211 -47.58 -1.40 -17.60
C ARG B 211 -48.12 -1.84 -18.94
N LEU B 212 -47.21 -2.29 -19.80
CA LEU B 212 -47.55 -2.62 -21.18
C LEU B 212 -48.25 -3.97 -21.31
N GLY B 213 -47.99 -4.87 -20.37
CA GLY B 213 -48.55 -6.23 -20.41
C GLY B 213 -47.71 -7.19 -21.24
N ARG B 214 -46.57 -6.70 -21.72
CA ARG B 214 -45.68 -7.54 -22.52
C ARG B 214 -44.31 -6.90 -22.60
N LEU B 215 -43.36 -7.63 -23.15
CA LEU B 215 -42.03 -7.09 -23.36
C LEU B 215 -42.18 -5.96 -24.37
N PRO B 216 -41.52 -4.82 -24.14
CA PRO B 216 -41.61 -3.65 -25.04
C PRO B 216 -40.71 -3.69 -26.28
N VAL B 217 -40.00 -4.79 -26.47
CA VAL B 217 -39.23 -4.98 -27.70
C VAL B 217 -39.46 -6.37 -28.21
N VAL B 218 -39.19 -6.53 -29.50
CA VAL B 218 -39.27 -7.81 -30.18
C VAL B 218 -38.19 -8.76 -29.66
N ASN B 219 -38.56 -10.04 -29.54
CA ASN B 219 -37.65 -11.07 -29.12
C ASN B 219 -37.71 -12.28 -30.04
N PHE B 220 -36.57 -12.56 -30.64
CA PHE B 220 -36.41 -13.61 -31.64
C PHE B 220 -35.66 -14.81 -31.06
N ALA B 221 -35.91 -15.96 -31.67
CA ALA B 221 -35.15 -17.15 -31.35
C ALA B 221 -33.93 -17.22 -32.22
N ALA B 222 -32.84 -17.65 -31.62
CA ALA B 222 -31.57 -17.74 -32.32
C ALA B 222 -30.69 -18.72 -31.62
N GLY B 223 -30.00 -19.55 -32.42
CA GLY B 223 -29.06 -20.55 -31.91
C GLY B 223 -29.56 -21.99 -32.10
N GLY B 224 -29.00 -22.68 -33.07
CA GLY B 224 -29.22 -24.11 -33.25
C GLY B 224 -30.44 -24.49 -34.08
N VAL B 225 -31.16 -23.49 -34.58
CA VAL B 225 -32.37 -23.77 -35.39
C VAL B 225 -31.93 -24.46 -36.66
N THR B 226 -32.35 -25.69 -36.79
CA THR B 226 -31.78 -26.56 -37.81
C THR B 226 -32.83 -27.16 -38.75
N THR B 227 -34.06 -27.28 -38.29
CA THR B 227 -35.11 -27.89 -39.08
C THR B 227 -36.44 -27.09 -39.04
N PRO B 228 -37.32 -27.34 -40.01
CA PRO B 228 -38.58 -26.64 -40.02
C PRO B 228 -39.33 -26.82 -38.74
N ALA B 229 -39.20 -28.02 -38.18
CA ALA B 229 -39.77 -28.32 -36.86
C ALA B 229 -39.15 -27.44 -35.75
N ASP B 230 -37.82 -27.29 -35.78
CA ASP B 230 -37.14 -26.37 -34.87
C ASP B 230 -37.73 -24.99 -35.01
N ALA B 231 -37.73 -24.49 -36.24
CA ALA B 231 -38.28 -23.16 -36.49
C ALA B 231 -39.68 -23.02 -35.97
N ALA B 232 -40.58 -23.96 -36.29
CA ALA B 232 -41.96 -23.81 -35.82
C ALA B 232 -42.06 -23.91 -34.29
N LEU B 233 -41.18 -24.71 -33.70
CA LEU B 233 -41.18 -24.87 -32.24
C LEU B 233 -40.94 -23.56 -31.55
N MET B 234 -39.95 -22.80 -32.00
CA MET B 234 -39.67 -21.51 -31.36
C MET B 234 -40.86 -20.55 -31.45
N MET B 235 -41.53 -20.56 -32.59
CA MET B 235 -42.74 -19.74 -32.71
C MET B 235 -43.76 -20.27 -31.73
N HIS B 236 -43.90 -21.59 -31.64
CA HIS B 236 -44.85 -22.19 -30.71
C HIS B 236 -44.56 -21.72 -29.28
N LEU B 237 -43.28 -21.70 -28.93
CA LEU B 237 -42.83 -21.21 -27.61
C LEU B 237 -42.90 -19.69 -27.46
N GLY B 238 -43.45 -18.97 -28.43
CA GLY B 238 -43.60 -17.52 -28.30
C GLY B 238 -42.48 -16.65 -28.84
N ALA B 239 -41.57 -17.18 -29.64
CA ALA B 239 -40.64 -16.30 -30.36
C ALA B 239 -41.42 -15.38 -31.32
N ASP B 240 -40.86 -14.17 -31.56
CA ASP B 240 -41.39 -13.24 -32.57
C ASP B 240 -40.80 -13.50 -33.96
N GLY B 241 -39.86 -14.44 -34.06
CA GLY B 241 -39.23 -14.75 -35.33
C GLY B 241 -37.93 -15.48 -35.10
N VAL B 242 -37.25 -15.87 -36.16
CA VAL B 242 -36.05 -16.66 -35.97
C VAL B 242 -34.86 -16.20 -36.77
N PHE B 243 -33.70 -16.38 -36.15
CA PHE B 243 -32.44 -16.16 -36.79
C PHE B 243 -31.92 -17.53 -37.14
N VAL B 244 -31.37 -17.67 -38.34
CA VAL B 244 -30.75 -18.92 -38.74
C VAL B 244 -29.48 -18.60 -39.45
N GLY B 245 -28.42 -19.30 -39.10
CA GLY B 245 -27.13 -19.13 -39.74
C GLY B 245 -26.61 -20.41 -40.31
N SER B 246 -26.05 -21.22 -39.43
CA SER B 246 -25.41 -22.48 -39.79
C SER B 246 -26.37 -23.48 -40.45
N GLY B 247 -27.54 -23.68 -39.84
CA GLY B 247 -28.47 -24.74 -40.26
C GLY B 247 -28.94 -24.76 -41.72
N ILE B 248 -28.83 -23.61 -42.40
CA ILE B 248 -29.18 -23.48 -43.81
C ILE B 248 -27.96 -23.64 -44.73
N PHE B 249 -26.85 -23.01 -44.42
CA PHE B 249 -25.73 -23.04 -45.35
C PHE B 249 -24.71 -24.14 -45.07
N LYS B 250 -24.84 -24.79 -43.91
CA LYS B 250 -24.13 -26.04 -43.63
C LYS B 250 -24.97 -27.28 -43.97
N SER B 251 -26.19 -27.05 -44.45
CA SER B 251 -27.03 -28.15 -44.88
C SER B 251 -26.64 -28.62 -46.28
N GLU B 252 -27.20 -29.76 -46.68
CA GLU B 252 -27.02 -30.32 -48.02
C GLU B 252 -27.47 -29.35 -49.12
N ASN B 253 -28.75 -28.98 -49.12
CA ASN B 253 -29.23 -27.95 -50.06
C ASN B 253 -29.78 -26.69 -49.38
N PRO B 254 -28.88 -25.72 -49.14
CA PRO B 254 -29.27 -24.48 -48.51
C PRO B 254 -30.59 -23.96 -49.08
N GLU B 255 -30.63 -23.78 -50.38
CA GLU B 255 -31.80 -23.20 -51.02
C GLU B 255 -33.11 -23.88 -50.64
N LYS B 256 -33.04 -25.18 -50.46
CA LYS B 256 -34.24 -25.92 -50.12
C LYS B 256 -34.57 -25.76 -48.64
N TYR B 257 -33.54 -25.73 -47.80
CA TYR B 257 -33.72 -25.54 -46.36
C TYR B 257 -34.40 -24.19 -46.13
N ALA B 258 -33.77 -23.18 -46.74
CA ALA B 258 -34.20 -21.81 -46.62
C ALA B 258 -35.69 -21.62 -46.86
N ARG B 259 -36.22 -22.23 -47.91
CA ARG B 259 -37.66 -22.11 -48.18
C ARG B 259 -38.50 -22.78 -47.10
N ALA B 260 -38.02 -23.94 -46.65
CA ALA B 260 -38.73 -24.72 -45.65
C ALA B 260 -38.79 -23.99 -44.28
N ILE B 261 -37.64 -23.50 -43.84
CA ILE B 261 -37.62 -22.76 -42.59
C ILE B 261 -38.59 -21.59 -42.66
N VAL B 262 -38.47 -20.82 -43.74
CA VAL B 262 -39.31 -19.64 -43.95
C VAL B 262 -40.78 -20.03 -43.90
N GLU B 263 -41.12 -21.10 -44.63
CA GLU B 263 -42.53 -21.47 -44.72
C GLU B 263 -43.11 -22.05 -43.43
N ALA B 264 -42.26 -22.80 -42.69
CA ALA B 264 -42.62 -23.37 -41.38
C ALA B 264 -42.77 -22.30 -40.30
N THR B 265 -41.82 -21.37 -40.31
CA THR B 265 -41.89 -20.23 -39.43
C THR B 265 -43.21 -19.49 -39.57
N THR B 266 -43.61 -19.22 -40.82
CA THR B 266 -44.92 -18.59 -41.11
C THR B 266 -46.10 -19.53 -40.73
N HIS B 267 -46.10 -20.78 -41.21
CA HIS B 267 -47.23 -21.68 -40.90
C HIS B 267 -46.95 -22.65 -39.75
N TYR B 268 -46.43 -22.10 -38.67
CA TYR B 268 -45.96 -22.89 -37.56
C TYR B 268 -47.02 -23.75 -36.86
N GLU B 269 -48.30 -23.51 -37.09
CA GLU B 269 -49.34 -24.40 -36.56
C GLU B 269 -49.90 -25.40 -37.59
N ASP B 270 -49.39 -25.39 -38.81
CA ASP B 270 -49.88 -26.32 -39.82
C ASP B 270 -48.95 -27.50 -39.89
N TYR B 271 -49.31 -28.53 -39.12
CA TYR B 271 -48.40 -29.66 -38.95
C TYR B 271 -48.31 -30.55 -40.19
N GLU B 272 -49.40 -30.59 -40.96
CA GLU B 272 -49.44 -31.36 -42.23
C GLU B 272 -48.45 -30.74 -43.18
N LEU B 273 -48.59 -29.43 -43.32
CA LEU B 273 -47.70 -28.64 -44.14
C LEU B 273 -46.28 -28.78 -43.67
N ILE B 274 -46.03 -28.58 -42.37
CA ILE B 274 -44.65 -28.68 -41.83
C ILE B 274 -44.08 -30.08 -42.16
N ALA B 275 -44.90 -31.09 -41.95
CA ALA B 275 -44.52 -32.45 -42.29
C ALA B 275 -44.12 -32.54 -43.74
N HIS B 276 -44.96 -32.00 -44.62
CA HIS B 276 -44.60 -31.97 -46.04
C HIS B 276 -43.26 -31.25 -46.29
N LEU B 277 -43.13 -30.05 -45.74
CA LEU B 277 -41.93 -29.22 -45.92
C LEU B 277 -40.68 -29.87 -45.41
N SER B 278 -40.85 -30.72 -44.40
CA SER B 278 -39.73 -31.44 -43.80
C SER B 278 -39.31 -32.59 -44.68
N LYS B 279 -40.17 -32.99 -45.62
CA LYS B 279 -40.04 -34.29 -46.29
C LYS B 279 -38.72 -34.47 -47.03
N GLY B 280 -38.52 -33.76 -48.11
CA GLY B 280 -37.41 -34.10 -48.99
C GLY B 280 -36.07 -33.56 -48.54
N LEU B 281 -36.03 -32.87 -47.40
CA LEU B 281 -34.91 -31.98 -47.08
C LEU B 281 -33.52 -32.56 -47.34
N GLY B 282 -33.33 -33.81 -46.96
CA GLY B 282 -32.00 -34.41 -47.00
C GLY B 282 -31.16 -33.91 -45.85
N GLY B 283 -29.85 -34.07 -45.99
CA GLY B 283 -28.89 -33.82 -44.91
C GLY B 283 -28.84 -32.44 -44.26
N ALA B 284 -29.00 -32.46 -42.93
CA ALA B 284 -28.86 -31.29 -42.08
C ALA B 284 -27.46 -31.29 -41.49
N MET B 285 -26.99 -30.12 -41.05
CA MET B 285 -25.69 -30.01 -40.36
C MET B 285 -25.62 -30.96 -39.15
N ARG B 286 -24.45 -31.57 -38.93
CA ARG B 286 -24.33 -32.62 -37.89
C ARG B 286 -24.58 -32.06 -36.48
N GLY B 287 -24.01 -30.90 -36.21
CA GLY B 287 -24.15 -30.30 -34.89
C GLY B 287 -23.22 -30.90 -33.84
N ILE B 288 -23.30 -30.34 -32.64
CA ILE B 288 -22.47 -30.70 -31.52
C ILE B 288 -23.39 -30.91 -30.32
N ASP B 289 -23.12 -31.97 -29.54
CA ASP B 289 -23.92 -32.25 -28.33
C ASP B 289 -23.79 -31.11 -27.32
N ILE B 290 -22.62 -31.03 -26.70
CA ILE B 290 -22.28 -30.08 -25.61
C ILE B 290 -20.86 -30.50 -25.19
N ALA B 291 -20.56 -30.48 -23.89
CA ALA B 291 -19.26 -30.86 -23.37
C ALA B 291 -18.25 -29.84 -23.86
N THR B 292 -18.73 -28.60 -24.02
CA THR B 292 -17.90 -27.47 -24.38
C THR B 292 -17.56 -26.76 -23.07
N LEU B 293 -16.30 -26.34 -22.95
CA LEU B 293 -15.75 -25.81 -21.69
C LEU B 293 -16.09 -24.33 -21.40
N LEU B 294 -15.96 -23.50 -22.43
CA LEU B 294 -16.20 -22.04 -22.34
C LEU B 294 -17.12 -21.35 -23.39
N PRO B 295 -17.29 -21.93 -24.62
CA PRO B 295 -18.04 -21.22 -25.68
C PRO B 295 -19.37 -20.51 -25.35
N GLU B 296 -19.49 -19.28 -25.85
CA GLU B 296 -20.74 -18.50 -25.86
C GLU B 296 -21.33 -18.21 -24.48
N HIS B 297 -22.41 -17.43 -24.44
CA HIS B 297 -22.96 -16.84 -23.19
C HIS B 297 -21.93 -15.85 -22.56
N ARG B 298 -21.40 -14.97 -23.40
CA ARG B 298 -20.30 -14.06 -23.05
C ARG B 298 -20.80 -12.71 -22.52
N MET B 299 -22.07 -12.39 -22.78
CA MET B 299 -22.65 -11.11 -22.33
C MET B 299 -22.72 -10.98 -20.80
N GLN B 300 -23.06 -9.76 -20.37
CA GLN B 300 -22.96 -9.31 -19.00
C GLN B 300 -24.38 -8.91 -18.54
N ALA C 12 5.31 36.44 11.31
CA ALA C 12 4.67 35.28 12.02
C ALA C 12 4.14 34.20 11.07
N LEU C 13 4.92 33.15 10.81
CA LEU C 13 4.38 31.91 10.22
C LEU C 13 4.05 30.93 11.36
N THR C 14 2.77 30.58 11.46
CA THR C 14 2.32 29.57 12.41
C THR C 14 1.95 28.26 11.69
N GLY C 15 1.81 27.19 12.46
CA GLY C 15 1.37 25.92 11.94
C GLY C 15 2.30 25.26 10.95
N THR C 16 3.59 25.63 10.94
CA THR C 16 4.54 24.96 10.07
C THR C 16 4.89 23.62 10.69
N ASP C 17 5.20 22.67 9.81
CA ASP C 17 5.63 21.34 10.22
C ASP C 17 6.78 21.40 11.20
N ARG C 18 7.69 22.32 10.96
CA ARG C 18 8.81 22.53 11.85
C ARG C 18 8.34 22.95 13.26
N VAL C 19 7.30 23.77 13.32
CA VAL C 19 6.80 24.25 14.60
C VAL C 19 6.04 23.11 15.28
N LYS C 20 5.20 22.43 14.51
CA LYS C 20 4.39 21.32 15.03
C LYS C 20 5.25 20.20 15.58
N ARG C 21 6.23 19.82 14.78
CA ARG C 21 7.17 18.80 15.16
C ARG C 21 8.09 19.27 16.26
N GLY C 22 8.53 20.51 16.17
CA GLY C 22 9.46 21.10 17.17
C GLY C 22 8.91 21.02 18.59
N MET C 23 7.63 21.37 18.70
CA MET C 23 6.93 21.24 19.97
C MET C 23 7.11 19.82 20.54
N ALA C 24 7.08 18.79 19.68
CA ALA C 24 7.24 17.44 20.18
C ALA C 24 8.74 17.18 20.52
N GLU C 25 9.64 17.76 19.74
CA GLU C 25 11.04 17.58 20.02
C GLU C 25 11.32 18.13 21.40
N MET C 26 10.59 19.19 21.78
CA MET C 26 10.73 19.77 23.11
C MET C 26 10.10 18.94 24.25
N GLN C 27 9.46 17.83 23.91
CA GLN C 27 8.91 16.97 24.97
C GLN C 27 9.81 15.77 25.31
N LYS C 28 10.85 15.54 24.50
CA LYS C 28 11.67 14.37 24.66
C LYS C 28 12.24 14.21 26.05
N GLY C 29 12.48 12.97 26.43
CA GLY C 29 13.12 12.63 27.68
C GLY C 29 12.21 12.65 28.88
N GLY C 30 10.94 12.98 28.64
CA GLY C 30 10.01 13.22 29.72
C GLY C 30 8.76 12.36 29.71
N VAL C 31 7.91 12.63 30.70
CA VAL C 31 6.71 11.88 30.95
C VAL C 31 5.51 12.75 30.80
N ILE C 32 4.54 12.23 30.05
CA ILE C 32 3.25 12.90 29.90
C ILE C 32 2.20 12.09 30.63
N MET C 33 1.42 12.75 31.48
CA MET C 33 0.54 12.05 32.38
C MET C 33 -0.93 12.32 32.10
N ASP C 34 -1.72 11.26 32.13
CA ASP C 34 -3.17 11.45 31.99
C ASP C 34 -3.73 12.04 33.28
N VAL C 35 -4.57 13.05 33.13
CA VAL C 35 -5.21 13.67 34.27
C VAL C 35 -6.68 13.91 33.99
N VAL C 36 -7.50 13.65 35.00
CA VAL C 36 -8.95 13.84 34.91
C VAL C 36 -9.40 15.17 35.57
N ASN C 37 -8.51 15.76 36.38
CA ASN C 37 -8.77 17.05 37.05
C ASN C 37 -7.49 17.88 37.41
N ALA C 38 -7.75 19.08 37.92
CA ALA C 38 -6.68 20.05 38.23
C ALA C 38 -5.78 19.59 39.36
N GLU C 39 -6.36 18.90 40.32
CA GLU C 39 -5.56 18.42 41.40
C GLU C 39 -4.47 17.53 40.80
N GLN C 40 -4.91 16.48 40.10
CA GLN C 40 -4.00 15.58 39.40
C GLN C 40 -2.98 16.36 38.57
N ALA C 41 -3.50 17.26 37.72
CA ALA C 41 -2.59 18.07 36.91
C ALA C 41 -1.48 18.76 37.72
N LYS C 42 -1.86 19.32 38.87
CA LYS C 42 -0.85 19.96 39.75
C LYS C 42 0.15 18.90 40.26
N ILE C 43 -0.34 17.73 40.62
CA ILE C 43 0.56 16.71 41.10
C ILE C 43 1.55 16.37 40.02
N ALA C 44 1.05 16.24 38.81
CA ALA C 44 1.86 15.91 37.67
C ALA C 44 2.91 16.97 37.42
N GLU C 45 2.48 18.24 37.40
CA GLU C 45 3.48 19.32 37.23
C GLU C 45 4.55 19.21 38.35
N ALA C 46 4.08 19.08 39.57
CA ALA C 46 4.97 19.01 40.75
C ALA C 46 5.97 17.87 40.65
N ALA C 47 5.49 16.76 40.11
CA ALA C 47 6.31 15.57 39.96
C ALA C 47 7.32 15.71 38.82
N GLY C 48 7.09 16.68 37.93
CA GLY C 48 8.03 16.87 36.81
C GLY C 48 7.55 16.47 35.42
N ALA C 49 6.26 16.17 35.32
CA ALA C 49 5.69 15.82 34.02
C ALA C 49 6.02 16.91 33.03
N VAL C 50 6.24 16.53 31.76
CA VAL C 50 6.51 17.50 30.70
C VAL C 50 5.23 18.00 30.07
N ALA C 51 4.14 17.29 30.34
CA ALA C 51 2.83 17.71 29.88
C ALA C 51 1.76 16.86 30.51
N VAL C 52 0.50 17.24 30.32
CA VAL C 52 -0.58 16.44 30.86
C VAL C 52 -1.59 16.20 29.75
N MET C 53 -2.17 15.03 29.74
CA MET C 53 -3.21 14.66 28.80
C MET C 53 -4.53 14.68 29.55
N ALA C 54 -5.44 15.53 29.14
CA ALA C 54 -6.74 15.70 29.82
C ALA C 54 -7.83 14.80 29.23
N LEU C 55 -8.52 14.08 30.11
CA LEU C 55 -9.62 13.18 29.69
C LEU C 55 -10.67 13.00 30.79
N GLU C 56 -11.82 12.42 30.42
CA GLU C 56 -12.97 12.24 31.33
C GLU C 56 -12.72 11.08 32.26
N ARG C 57 -12.21 9.98 31.72
CA ARG C 57 -11.90 8.78 32.51
C ARG C 57 -10.53 8.27 32.11
N VAL C 58 -9.80 7.75 33.10
CA VAL C 58 -8.48 7.17 32.86
C VAL C 58 -8.71 5.84 32.09
N PRO C 59 -7.79 5.45 31.16
CA PRO C 59 -8.01 4.30 30.25
C PRO C 59 -8.47 3.01 30.94
N ALA C 60 -7.86 2.69 32.08
CA ALA C 60 -8.28 1.53 32.89
C ALA C 60 -9.76 1.58 33.28
N ASP C 61 -10.21 2.78 33.65
CA ASP C 61 -11.65 3.05 33.87
C ASP C 61 -12.45 3.04 32.57
N ILE C 62 -11.92 3.61 31.50
CA ILE C 62 -12.61 3.54 30.21
C ILE C 62 -12.94 2.08 29.90
N ARG C 63 -11.92 1.23 30.02
CA ARG C 63 -12.08 -0.22 29.89
C ARG C 63 -13.22 -0.72 30.77
N ALA C 64 -13.08 -0.48 32.07
CA ALA C 64 -13.95 -1.08 33.10
C ALA C 64 -15.41 -0.63 32.98
N ALA C 65 -15.60 0.60 32.56
CA ALA C 65 -16.93 1.17 32.37
C ALA C 65 -17.52 0.81 31.01
N GLY C 66 -16.68 0.72 29.98
CA GLY C 66 -17.20 0.44 28.64
C GLY C 66 -17.96 1.66 28.16
N GLY C 67 -19.02 1.44 27.38
CA GLY C 67 -19.80 2.55 26.80
C GLY C 67 -19.00 3.31 25.76
N VAL C 68 -19.52 4.46 25.32
CA VAL C 68 -18.89 5.24 24.27
C VAL C 68 -18.02 6.28 24.90
N ALA C 69 -16.73 6.28 24.58
CA ALA C 69 -15.79 7.28 25.11
C ALA C 69 -15.50 8.37 24.09
N ARG C 70 -15.80 9.60 24.50
CA ARG C 70 -15.70 10.79 23.66
C ARG C 70 -14.67 11.80 24.18
N MET C 71 -14.54 12.90 23.43
CA MET C 71 -13.79 14.05 23.85
C MET C 71 -14.27 14.48 25.22
N ALA C 72 -13.36 14.99 26.02
CA ALA C 72 -13.69 15.53 27.34
C ALA C 72 -14.48 16.82 27.26
N ASP C 73 -15.30 17.03 28.26
CA ASP C 73 -15.96 18.32 28.51
C ASP C 73 -14.93 19.48 28.52
N PRO C 74 -15.11 20.45 27.64
CA PRO C 74 -14.23 21.60 27.59
C PRO C 74 -13.95 22.24 28.94
N THR C 75 -14.99 22.31 29.79
CA THR C 75 -14.84 22.78 31.18
C THR C 75 -13.64 22.12 31.85
N VAL C 76 -13.58 20.79 31.78
CA VAL C 76 -12.50 20.06 32.41
C VAL C 76 -11.17 20.44 31.81
N ILE C 77 -11.16 20.67 30.50
CA ILE C 77 -9.91 20.98 29.83
C ILE C 77 -9.42 22.33 30.33
N GLU C 78 -10.30 23.35 30.26
CA GLU C 78 -10.01 24.72 30.77
C GLU C 78 -9.54 24.71 32.23
N GLU C 79 -10.29 23.99 33.04
CA GLU C 79 -9.88 23.72 34.41
C GLU C 79 -8.40 23.29 34.43
N VAL C 80 -8.06 22.28 33.63
CA VAL C 80 -6.72 21.73 33.69
C VAL C 80 -5.69 22.76 33.20
N MET C 81 -6.05 23.45 32.15
CA MET C 81 -5.17 24.48 31.60
C MET C 81 -4.87 25.55 32.64
N ASN C 82 -5.91 25.95 33.39
CA ASN C 82 -5.71 27.03 34.38
C ASN C 82 -4.84 26.59 35.55
N ALA C 83 -4.82 25.29 35.83
CA ALA C 83 -4.06 24.74 36.93
C ALA C 83 -2.57 24.54 36.70
N VAL C 84 -2.07 24.64 35.45
CA VAL C 84 -0.64 24.28 35.18
C VAL C 84 0.05 25.15 34.15
N SER C 85 1.37 25.20 34.20
CA SER C 85 2.16 25.99 33.26
C SER C 85 2.80 25.15 32.15
N ILE C 86 2.71 23.83 32.31
CA ILE C 86 3.19 22.88 31.28
C ILE C 86 2.07 22.67 30.25
N PRO C 87 2.43 22.17 29.04
CA PRO C 87 1.47 21.97 27.97
C PRO C 87 0.34 21.00 28.32
N VAL C 88 -0.79 21.28 27.71
CA VAL C 88 -1.96 20.51 27.94
C VAL C 88 -2.38 19.86 26.63
N MET C 89 -2.40 18.55 26.63
CA MET C 89 -2.86 17.75 25.52
C MET C 89 -4.23 17.19 25.84
N ALA C 90 -4.99 16.81 24.82
CA ALA C 90 -6.29 16.14 25.04
C ALA C 90 -6.62 15.12 23.93
N L5P C 91 -7.35 14.05 24.28
CA L5P C 91 -7.54 13.01 23.29
CB L5P C 91 -7.67 11.64 23.95
CG L5P C 91 -6.39 11.24 24.71
CD L5P C 91 -6.50 9.87 25.35
CE L5P C 91 -5.15 9.27 25.10
NZ L5P C 91 -4.65 8.38 26.14
C1 L5P C 91 -8.80 13.35 22.45
O L5P C 91 -9.71 13.91 23.01
O4 L5P C 91 -2.08 8.48 27.37
C3 L5P C 91 -2.41 7.53 26.70
C2 L5P C 91 -3.44 7.70 25.65
C5 L5P C 91 -1.84 6.18 26.88
O13 L5P C 91 -2.49 5.25 26.02
C6 L5P C 91 -2.09 5.76 28.30
O14 L5P C 91 -1.24 6.51 29.16
C7 L5P C 91 -1.76 4.32 28.49
O8 L5P C 91 -1.85 4.21 29.88
P9 L5P C 91 -1.91 2.80 30.47
O12 L5P C 91 -0.49 2.31 30.42
O11 L5P C 91 -2.51 3.16 31.78
O10 L5P C 91 -2.84 2.03 29.61
N VAL C 92 -8.93 13.07 21.12
CA VAL C 92 -10.20 13.03 20.36
C VAL C 92 -10.43 11.66 19.74
N ARG C 93 -11.68 11.41 19.33
CA ARG C 93 -12.06 10.17 18.69
C ARG C 93 -11.52 10.21 17.27
N ILE C 94 -11.08 9.03 16.82
CA ILE C 94 -10.56 8.85 15.49
C ILE C 94 -11.58 9.29 14.47
N GLY C 95 -11.12 10.20 13.63
CA GLY C 95 -11.91 10.75 12.56
C GLY C 95 -12.72 11.93 12.99
N HIS C 96 -12.78 12.24 14.28
CA HIS C 96 -13.68 13.32 14.70
C HIS C 96 -13.06 14.72 14.49
N TYR C 97 -13.23 15.21 13.28
CA TYR C 97 -12.67 16.51 12.85
C TYR C 97 -13.09 17.67 13.75
N VAL C 98 -14.40 17.71 14.05
CA VAL C 98 -14.96 18.82 14.81
C VAL C 98 -14.46 18.80 16.25
N GLU C 99 -14.47 17.65 16.88
CA GLU C 99 -13.86 17.55 18.23
C GLU C 99 -12.46 18.18 18.21
N ALA C 100 -11.71 17.84 17.18
CA ALA C 100 -10.34 18.33 17.09
C ALA C 100 -10.35 19.85 16.93
N ARG C 101 -11.21 20.35 16.04
CA ARG C 101 -11.34 21.80 15.88
C ARG C 101 -11.70 22.49 17.20
N VAL C 102 -12.55 21.85 17.98
CA VAL C 102 -12.95 22.36 19.28
C VAL C 102 -11.75 22.41 20.21
N LEU C 103 -11.05 21.28 20.34
CA LEU C 103 -9.86 21.28 21.21
C LEU C 103 -8.90 22.33 20.76
N GLU C 104 -8.76 22.48 19.44
CA GLU C 104 -7.88 23.55 18.90
C GLU C 104 -8.35 24.95 19.34
N ALA C 105 -9.64 25.23 19.13
CA ALA C 105 -10.27 26.48 19.57
C ALA C 105 -10.07 26.74 21.05
N LEU C 106 -10.09 25.69 21.85
CA LEU C 106 -9.77 25.88 23.28
C LEU C 106 -8.33 26.23 23.59
N GLY C 107 -7.42 26.13 22.64
CA GLY C 107 -5.99 26.33 22.95
C GLY C 107 -5.17 25.12 23.37
N VAL C 108 -5.75 23.93 23.29
CA VAL C 108 -5.01 22.69 23.56
C VAL C 108 -3.68 22.67 22.80
N ASP C 109 -2.62 22.22 23.45
CA ASP C 109 -1.28 22.27 22.86
C ASP C 109 -0.95 21.17 21.85
N TYR C 110 -1.55 20.01 22.07
CA TYR C 110 -1.29 18.84 21.22
C TYR C 110 -2.54 17.97 21.25
N ILE C 111 -3.07 17.60 20.10
CA ILE C 111 -4.24 16.73 20.10
C ILE C 111 -3.86 15.29 19.91
N ASP C 112 -4.41 14.41 20.74
CA ASP C 112 -4.20 12.98 20.54
C ASP C 112 -5.42 12.35 19.90
N GLU C 113 -5.35 12.07 18.59
CA GLU C 113 -6.36 11.32 17.88
C GLU C 113 -6.23 9.89 18.32
N SER C 114 -7.08 9.46 19.25
CA SER C 114 -6.79 8.27 20.08
C SER C 114 -7.69 7.06 19.92
N GLU C 115 -7.06 5.90 19.84
CA GLU C 115 -7.78 4.65 19.81
C GLU C 115 -8.37 4.23 21.17
N VAL C 116 -8.03 4.90 22.27
CA VAL C 116 -8.66 4.53 23.53
C VAL C 116 -10.08 5.09 23.60
N LEU C 117 -10.33 6.18 22.88
CA LEU C 117 -11.71 6.66 22.70
C LEU C 117 -12.43 5.84 21.65
N THR C 118 -13.74 6.00 21.58
CA THR C 118 -14.51 5.20 20.62
C THR C 118 -14.44 5.81 19.25
N PRO C 119 -13.86 5.11 18.27
CA PRO C 119 -13.66 5.75 16.98
C PRO C 119 -14.94 6.28 16.34
N ALA C 120 -14.84 7.44 15.68
CA ALA C 120 -15.97 8.09 15.04
C ALA C 120 -16.01 7.81 13.57
N ASP C 121 -14.83 7.62 12.99
CA ASP C 121 -14.68 7.20 11.57
C ASP C 121 -13.77 5.95 11.54
N GLU C 122 -14.35 4.81 11.19
CA GLU C 122 -13.61 3.54 11.09
C GLU C 122 -12.82 3.35 9.76
N GLU C 123 -12.92 4.29 8.84
CA GLU C 123 -12.19 4.19 7.58
C GLU C 123 -11.18 5.33 7.33
N PHE C 124 -11.49 6.53 7.77
CA PHE C 124 -10.67 7.70 7.54
C PHE C 124 -10.34 8.43 8.84
N HIS C 125 -9.07 8.75 9.02
CA HIS C 125 -8.61 9.56 10.12
C HIS C 125 -8.82 11.01 9.80
N ILE C 126 -8.57 11.87 10.76
CA ILE C 126 -8.61 13.30 10.55
C ILE C 126 -7.49 13.73 9.59
N ASP C 127 -7.79 14.67 8.72
CA ASP C 127 -6.78 15.27 7.88
C ASP C 127 -6.03 16.33 8.68
N LYS C 128 -5.02 15.84 9.42
CA LYS C 128 -4.34 16.66 10.41
C LYS C 128 -3.56 17.82 9.79
N ARG C 129 -3.21 17.69 8.52
CA ARG C 129 -2.56 18.74 7.78
C ARG C 129 -3.33 20.06 7.84
N GLN C 130 -4.66 20.00 7.87
CA GLN C 130 -5.48 21.23 7.81
C GLN C 130 -5.50 22.06 9.09
N PHE C 131 -4.88 21.58 10.17
CA PHE C 131 -4.92 22.26 11.44
C PHE C 131 -3.61 22.99 11.66
N THR C 132 -3.65 23.89 12.64
CA THR C 132 -2.50 24.64 13.13
C THR C 132 -1.89 23.93 14.32
N VAL C 133 -2.76 23.43 15.20
CA VAL C 133 -2.32 22.68 16.35
C VAL C 133 -1.85 21.28 15.89
N PRO C 134 -0.76 20.79 16.49
CA PRO C 134 -0.25 19.48 16.12
C PRO C 134 -1.04 18.31 16.73
N PHE C 135 -0.88 17.16 16.08
CA PHE C 135 -1.47 15.93 16.55
C PHE C 135 -0.40 14.88 16.85
N VAL C 136 -0.73 14.05 17.82
CA VAL C 136 0.01 12.81 18.08
C VAL C 136 -0.89 11.62 17.69
N CYS C 137 -0.32 10.59 17.06
CA CYS C 137 -1.08 9.40 16.77
C CYS C 137 -0.35 8.15 17.21
N GLY C 138 -1.13 7.11 17.43
CA GLY C 138 -0.61 5.82 17.82
C GLY C 138 -0.26 4.95 16.61
N CYS C 139 0.72 4.05 16.77
CA CYS C 139 1.06 3.12 15.69
C CYS C 139 1.65 1.83 16.21
N ARG C 140 1.49 0.75 15.44
CA ARG C 140 2.00 -0.56 15.78
C ARG C 140 3.15 -1.00 14.91
N ASP C 141 3.30 -0.31 13.78
CA ASP C 141 4.33 -0.64 12.81
C ASP C 141 4.54 0.54 11.89
N LEU C 142 5.60 0.45 11.13
CA LEU C 142 6.06 1.58 10.33
C LEU C 142 5.08 1.98 9.24
N GLY C 143 4.27 1.05 8.78
CA GLY C 143 3.28 1.35 7.77
C GLY C 143 2.22 2.27 8.34
N GLU C 144 1.68 1.82 9.45
CA GLU C 144 0.75 2.60 10.25
C GLU C 144 1.38 3.94 10.57
N ALA C 145 2.61 3.94 11.05
CA ALA C 145 3.27 5.22 11.33
C ALA C 145 3.24 6.15 10.14
N ALA C 146 3.75 5.63 9.03
CA ALA C 146 3.90 6.43 7.83
C ALA C 146 2.55 6.92 7.29
N ARG C 147 1.49 6.12 7.42
CA ARG C 147 0.14 6.62 7.03
C ARG C 147 -0.30 7.86 7.90
N ARG C 148 -0.16 7.72 9.22
CA ARG C 148 -0.47 8.83 10.13
C ARG C 148 0.39 10.05 9.75
N ILE C 149 1.68 9.83 9.51
CA ILE C 149 2.51 10.98 9.12
C ILE C 149 1.95 11.56 7.80
N ALA C 150 1.60 10.73 6.85
CA ALA C 150 1.09 11.30 5.60
C ALA C 150 -0.20 12.07 5.79
N GLU C 151 -1.00 11.67 6.79
CA GLU C 151 -2.21 12.44 7.16
C GLU C 151 -1.93 13.77 7.87
N GLY C 152 -0.66 13.99 8.23
CA GLY C 152 -0.24 15.17 8.94
C GLY C 152 0.03 14.98 10.42
N ALA C 153 0.17 13.75 10.90
CA ALA C 153 0.52 13.60 12.34
C ALA C 153 1.91 14.21 12.61
N SER C 154 2.13 14.85 13.78
CA SER C 154 3.45 15.48 14.04
C SER C 154 4.29 14.81 15.11
N MET C 155 3.71 13.79 15.73
CA MET C 155 4.30 13.04 16.80
C MET C 155 3.66 11.67 16.76
N LEU C 156 4.33 10.66 17.28
CA LEU C 156 3.78 9.33 17.37
C LEU C 156 3.96 8.68 18.72
N ARG C 157 3.14 7.67 18.97
CA ARG C 157 3.32 6.82 20.17
C ARG C 157 2.98 5.39 19.84
N THR C 158 3.55 4.46 20.61
CA THR C 158 3.08 3.09 20.53
C THR C 158 1.62 3.08 20.92
N LYS C 159 0.88 2.08 20.47
CA LYS C 159 -0.49 1.92 20.91
C LYS C 159 -0.59 1.21 22.23
N GLY C 160 0.28 0.22 22.44
CA GLY C 160 0.17 -0.68 23.57
C GLY C 160 -1.21 -1.33 23.74
N GLU C 161 -1.50 -1.78 24.96
CA GLU C 161 -2.84 -2.09 25.40
C GLU C 161 -3.11 -1.24 26.65
N PRO C 162 -3.71 -0.04 26.47
CA PRO C 162 -3.98 0.90 27.56
C PRO C 162 -4.92 0.36 28.64
N GLY C 163 -4.65 0.73 29.90
CA GLY C 163 -5.42 0.31 31.04
C GLY C 163 -5.20 -1.12 31.49
N THR C 164 -4.25 -1.84 30.87
CA THR C 164 -3.98 -3.23 31.26
C THR C 164 -2.87 -3.37 32.28
N GLY C 165 -2.13 -2.29 32.49
CA GLY C 165 -0.90 -2.36 33.28
C GLY C 165 0.13 -3.31 32.71
N ASN C 166 0.02 -3.63 31.42
CA ASN C 166 0.91 -4.61 30.80
C ASN C 166 1.66 -3.98 29.64
N ILE C 167 3.00 -3.84 29.75
CA ILE C 167 3.84 -3.22 28.67
C ILE C 167 4.06 -4.06 27.39
N VAL C 168 3.71 -5.34 27.43
CA VAL C 168 4.07 -6.26 26.36
C VAL C 168 3.77 -5.73 24.95
N GLU C 169 2.57 -5.18 24.79
CA GLU C 169 2.18 -4.61 23.51
C GLU C 169 3.02 -3.37 23.13
N ALA C 170 3.24 -2.48 24.09
CA ALA C 170 4.07 -1.32 23.80
C ALA C 170 5.48 -1.78 23.39
N VAL C 171 5.99 -2.78 24.09
CA VAL C 171 7.29 -3.32 23.72
C VAL C 171 7.27 -3.91 22.29
N ARG C 172 6.25 -4.71 22.03
CA ARG C 172 6.09 -5.23 20.69
C ARG C 172 6.13 -4.13 19.67
N HIS C 173 5.38 -3.07 19.91
CA HIS C 173 5.27 -2.01 18.93
C HIS C 173 6.54 -1.18 18.74
N MET C 174 7.15 -0.82 19.87
CA MET C 174 8.39 -0.05 19.83
C MET C 174 9.45 -0.88 19.10
N ARG C 175 9.50 -2.16 19.45
CA ARG C 175 10.46 -3.03 18.79
C ARG C 175 10.26 -3.14 17.29
N LYS C 176 9.02 -3.38 16.91
CA LYS C 176 8.64 -3.46 15.51
C LYS C 176 9.03 -2.17 14.76
N VAL C 177 8.53 -1.06 15.25
CA VAL C 177 8.78 0.19 14.55
C VAL C 177 10.28 0.43 14.47
N ASN C 178 10.98 0.25 15.59
CA ASN C 178 12.43 0.52 15.54
C ASN C 178 13.15 -0.40 14.60
N ALA C 179 12.77 -1.67 14.60
CA ALA C 179 13.39 -2.60 13.65
C ALA C 179 13.11 -2.24 12.19
N GLN C 180 11.88 -1.82 11.92
CA GLN C 180 11.57 -1.44 10.55
C GLN C 180 12.27 -0.15 10.16
N ILE C 181 12.45 0.77 11.09
CA ILE C 181 13.27 1.94 10.73
C ILE C 181 14.72 1.56 10.38
N ARG C 182 15.33 0.70 11.18
CA ARG C 182 16.71 0.28 10.89
C ARG C 182 16.82 -0.38 9.52
N LYS C 183 15.86 -1.21 9.19
CA LYS C 183 15.87 -1.83 7.87
C LYS C 183 15.85 -0.75 6.80
N VAL C 184 14.87 0.16 6.90
CA VAL C 184 14.70 1.19 5.89
C VAL C 184 15.87 2.12 5.78
N VAL C 185 16.49 2.46 6.89
CA VAL C 185 17.68 3.33 6.86
C VAL C 185 18.85 2.71 6.05
N ASN C 186 19.05 1.40 6.16
CA ASN C 186 20.18 0.75 5.52
C ASN C 186 19.86 -0.05 4.27
N MET C 187 18.58 -0.04 3.93
CA MET C 187 18.04 -0.73 2.76
C MET C 187 18.57 -0.17 1.43
N SER C 188 18.73 -1.04 0.45
CA SER C 188 19.08 -0.60 -0.88
C SER C 188 18.01 0.32 -1.46
N GLU C 189 18.42 1.48 -1.90
CA GLU C 189 17.51 2.54 -2.36
C GLU C 189 16.49 2.05 -3.36
N ASP C 190 16.90 1.20 -4.30
CA ASP C 190 15.97 0.69 -5.34
C ASP C 190 14.89 -0.24 -4.82
N GLU C 191 14.93 -0.61 -3.54
CA GLU C 191 13.92 -1.55 -2.99
C GLU C 191 12.77 -0.87 -2.21
N LEU C 192 12.86 0.45 -2.05
CA LEU C 192 11.91 1.17 -1.24
C LEU C 192 10.49 1.14 -1.78
N VAL C 193 10.30 1.37 -3.05
CA VAL C 193 8.93 1.42 -3.56
C VAL C 193 8.25 0.11 -3.21
N ALA C 194 8.95 -1.00 -3.47
CA ALA C 194 8.40 -2.33 -3.17
C ALA C 194 8.23 -2.52 -1.68
N GLU C 195 9.18 -2.03 -0.88
CA GLU C 195 8.99 -2.08 0.59
C GLU C 195 7.71 -1.34 1.08
N ALA C 196 7.58 -0.11 0.65
CA ALA C 196 6.40 0.72 0.92
C ALA C 196 5.13 -0.05 0.68
N LYS C 197 5.07 -0.66 -0.49
CA LYS C 197 3.91 -1.47 -0.83
C LYS C 197 3.70 -2.59 0.17
N GLN C 198 4.78 -3.27 0.55
CA GLN C 198 4.62 -4.39 1.47
C GLN C 198 4.12 -3.88 2.81
N LEU C 199 4.64 -2.75 3.25
CA LEU C 199 4.25 -2.19 4.56
C LEU C 199 2.93 -1.47 4.53
N GLY C 200 2.38 -1.17 3.36
CA GLY C 200 1.21 -0.29 3.30
C GLY C 200 1.59 1.16 3.57
N ALA C 201 2.86 1.50 3.36
CA ALA C 201 3.38 2.83 3.64
C ALA C 201 3.41 3.74 2.42
N PRO C 202 3.34 5.06 2.65
CA PRO C 202 3.63 6.03 1.61
C PRO C 202 5.11 6.11 1.38
N VAL C 203 5.53 5.96 0.14
CA VAL C 203 6.94 5.77 -0.13
C VAL C 203 7.72 7.03 0.24
N GLU C 204 7.11 8.17 -0.01
CA GLU C 204 7.78 9.45 0.25
C GLU C 204 8.26 9.58 1.70
N VAL C 205 7.47 9.06 2.62
CA VAL C 205 7.86 9.02 4.03
C VAL C 205 9.05 8.09 4.27
N LEU C 206 9.04 6.92 3.63
CA LEU C 206 10.16 6.00 3.78
C LEU C 206 11.43 6.64 3.23
N ARG C 207 11.25 7.39 2.14
CA ARG C 207 12.35 8.08 1.53
C ARG C 207 12.83 9.12 2.48
N GLU C 208 11.92 9.87 3.10
CA GLU C 208 12.36 10.88 4.07
C GLU C 208 13.14 10.22 5.22
N ILE C 209 12.62 9.11 5.71
CA ILE C 209 13.29 8.36 6.75
C ILE C 209 14.72 7.99 6.32
N LYS C 210 14.82 7.43 5.12
CA LYS C 210 16.11 7.00 4.65
C LYS C 210 17.04 8.20 4.51
N ARG C 211 16.56 9.26 3.91
CA ARG C 211 17.38 10.47 3.68
C ARG C 211 17.87 11.01 5.01
N LEU C 212 16.98 11.03 6.00
CA LEU C 212 17.30 11.63 7.29
C LEU C 212 18.15 10.71 8.18
N GLY C 213 18.02 9.40 7.97
CA GLY C 213 18.72 8.43 8.81
C GLY C 213 17.95 8.10 10.08
N ARG C 214 16.73 8.60 10.20
CA ARG C 214 15.89 8.32 11.35
C ARG C 214 14.45 8.71 11.05
N LEU C 215 13.57 8.35 11.96
CA LEU C 215 12.19 8.77 11.83
C LEU C 215 12.19 10.31 11.96
N PRO C 216 11.37 11.01 11.16
CA PRO C 216 11.32 12.45 11.14
C PRO C 216 10.38 13.08 12.15
N VAL C 217 9.73 12.26 12.96
CA VAL C 217 8.95 12.73 14.10
C VAL C 217 9.38 11.96 15.35
N VAL C 218 9.04 12.54 16.48
CA VAL C 218 9.21 11.93 17.81
C VAL C 218 8.27 10.74 18.01
N ASN C 219 8.79 9.71 18.66
CA ASN C 219 8.01 8.53 18.95
C ASN C 219 8.11 8.10 20.41
N PHE C 220 6.96 8.12 21.07
CA PHE C 220 6.89 7.85 22.50
C PHE C 220 6.32 6.47 22.78
N ALA C 221 6.66 5.97 23.97
CA ALA C 221 6.05 4.73 24.46
C ALA C 221 4.77 5.06 25.18
N ALA C 222 3.78 4.20 24.99
CA ALA C 222 2.47 4.39 25.58
C ALA C 222 1.71 3.08 25.64
N GLY C 223 1.09 2.82 26.79
CA GLY C 223 0.32 1.60 27.00
C GLY C 223 0.99 0.67 27.97
N GLY C 224 0.47 0.64 29.19
CA GLY C 224 0.82 -0.36 30.20
C GLY C 224 2.03 0.00 31.03
N VAL C 225 2.57 1.21 30.87
CA VAL C 225 3.73 1.62 31.66
C VAL C 225 3.29 1.79 33.10
N THR C 226 3.84 0.93 33.96
CA THR C 226 3.33 0.77 35.30
C THR C 226 4.38 0.98 36.38
N THR C 227 5.65 0.73 36.09
CA THR C 227 6.72 0.84 37.08
C THR C 227 7.92 1.60 36.51
N PRO C 228 8.76 2.14 37.42
CA PRO C 228 9.98 2.82 36.97
C PRO C 228 10.78 1.94 36.00
N ALA C 229 10.83 0.65 36.30
CA ALA C 229 11.50 -0.30 35.40
C ALA C 229 10.82 -0.34 34.03
N ASP C 230 9.49 -0.38 34.00
CA ASP C 230 8.77 -0.26 32.72
C ASP C 230 9.17 1.00 32.01
N ALA C 231 9.13 2.13 32.71
CA ALA C 231 9.53 3.41 32.08
C ALA C 231 10.95 3.39 31.51
N ALA C 232 11.91 2.98 32.32
CA ALA C 232 13.28 2.94 31.85
C ALA C 232 13.44 1.96 30.69
N LEU C 233 12.70 0.84 30.74
CA LEU C 233 12.80 -0.16 29.67
C LEU C 233 12.47 0.45 28.31
N MET C 234 11.39 1.23 28.23
CA MET C 234 10.99 1.82 26.96
C MET C 234 12.04 2.74 26.45
N MET C 235 12.68 3.49 27.37
CA MET C 235 13.78 4.36 26.94
C MET C 235 14.92 3.47 26.43
N HIS C 236 15.19 2.38 27.14
CA HIS C 236 16.23 1.48 26.74
C HIS C 236 15.98 0.91 25.34
N LEU C 237 14.72 0.62 25.03
CA LEU C 237 14.31 0.18 23.72
C LEU C 237 14.17 1.32 22.72
N GLY C 238 14.63 2.53 23.04
CA GLY C 238 14.65 3.61 22.05
C GLY C 238 13.46 4.54 22.02
N ALA C 239 12.54 4.46 22.98
CA ALA C 239 11.48 5.49 23.03
C ALA C 239 12.06 6.87 23.21
N ASP C 240 11.36 7.89 22.71
CA ASP C 240 11.77 9.31 22.95
C ASP C 240 11.18 9.89 24.27
N GLY C 241 10.30 9.12 24.90
CA GLY C 241 9.60 9.58 26.08
C GLY C 241 8.43 8.68 26.34
N VAL C 242 7.76 8.88 27.48
CA VAL C 242 6.64 8.00 27.83
C VAL C 242 5.34 8.72 28.19
N PHE C 243 4.25 8.08 27.79
CA PHE C 243 2.94 8.48 28.21
C PHE C 243 2.52 7.53 29.32
N VAL C 244 1.95 8.08 30.40
CA VAL C 244 1.47 7.25 31.51
C VAL C 244 0.10 7.78 31.92
N GLY C 245 -0.85 6.88 32.06
CA GLY C 245 -2.18 7.26 32.53
C GLY C 245 -2.59 6.50 33.77
N SER C 246 -2.98 5.25 33.54
CA SER C 246 -3.51 4.41 34.59
C SER C 246 -2.49 4.13 35.70
N GLY C 247 -1.27 3.75 35.32
CA GLY C 247 -0.27 3.26 36.28
C GLY C 247 0.14 4.18 37.44
N ILE C 248 -0.14 5.48 37.30
CA ILE C 248 0.11 6.48 38.35
C ILE C 248 -1.12 6.75 39.19
N PHE C 249 -2.27 6.95 38.59
CA PHE C 249 -3.43 7.36 39.37
C PHE C 249 -4.32 6.19 39.82
N LYS C 250 -4.03 4.99 39.30
CA LYS C 250 -4.58 3.74 39.83
C LYS C 250 -3.63 3.05 40.79
N SER C 251 -2.47 3.64 41.03
CA SER C 251 -1.55 3.13 42.03
C SER C 251 -1.96 3.53 43.46
N GLU C 252 -1.28 2.93 44.44
CA GLU C 252 -1.47 3.30 45.86
C GLU C 252 -1.18 4.78 46.16
N ASN C 253 0.05 5.23 45.87
CA ASN C 253 0.36 6.65 45.96
C ASN C 253 0.78 7.28 44.64
N PRO C 254 -0.20 7.75 43.89
CA PRO C 254 0.09 8.48 42.66
C PRO C 254 1.30 9.40 42.78
N GLU C 255 1.26 10.34 43.71
CA GLU C 255 2.32 11.33 43.85
C GLU C 255 3.70 10.70 43.92
N LYS C 256 3.80 9.53 44.54
CA LYS C 256 5.10 8.90 44.69
C LYS C 256 5.50 8.18 43.41
N TYR C 257 4.51 7.59 42.74
CA TYR C 257 4.73 6.90 41.47
C TYR C 257 5.23 7.90 40.45
N ALA C 258 4.48 8.98 40.34
CA ALA C 258 4.80 10.07 39.44
C ALA C 258 6.26 10.47 39.49
N ARG C 259 6.78 10.70 40.69
CA ARG C 259 8.15 11.16 40.82
C ARG C 259 9.06 10.07 40.28
N ALA C 260 8.74 8.85 40.66
CA ALA C 260 9.60 7.72 40.35
C ALA C 260 9.69 7.47 38.82
N ILE C 261 8.53 7.45 38.17
CA ILE C 261 8.50 7.28 36.72
C ILE C 261 9.29 8.40 36.02
N VAL C 262 9.04 9.64 36.44
CA VAL C 262 9.78 10.78 35.91
C VAL C 262 11.28 10.59 36.08
N GLU C 263 11.68 10.25 37.29
CA GLU C 263 13.11 10.18 37.55
C GLU C 263 13.80 9.00 36.84
N ALA C 264 13.07 7.89 36.72
CA ALA C 264 13.56 6.68 36.01
C ALA C 264 13.64 6.92 34.49
N THR C 265 12.60 7.54 33.96
CA THR C 265 12.61 7.93 32.58
C THR C 265 13.87 8.76 32.24
N THR C 266 14.15 9.76 33.06
CA THR C 266 15.37 10.57 32.91
C THR C 266 16.65 9.76 33.14
N HIS C 267 16.76 9.07 34.26
CA HIS C 267 17.98 8.31 34.50
C HIS C 267 17.79 6.81 34.19
N TYR C 268 17.34 6.56 32.97
CA TYR C 268 17.04 5.21 32.58
C TYR C 268 18.21 4.24 32.52
N GLU C 269 19.45 4.69 32.60
CA GLU C 269 20.58 3.75 32.64
C GLU C 269 21.20 3.59 34.00
N ASP C 270 20.67 4.30 34.99
CA ASP C 270 21.22 4.22 36.36
C ASP C 270 20.42 3.20 37.17
N TYR C 271 20.88 1.94 37.09
CA TYR C 271 20.13 0.82 37.66
C TYR C 271 20.09 0.87 39.22
N GLU C 272 21.12 1.41 39.83
CA GLU C 272 21.19 1.56 41.29
C GLU C 272 20.08 2.49 41.70
N LEU C 273 20.06 3.60 41.02
CA LEU C 273 19.04 4.61 41.24
C LEU C 273 17.65 4.06 40.98
N ILE C 274 17.45 3.37 39.84
CA ILE C 274 16.12 2.81 39.50
C ILE C 274 15.67 1.84 40.57
N ALA C 275 16.62 1.02 41.01
CA ALA C 275 16.40 0.08 42.11
C ALA C 275 15.95 0.83 43.33
N HIS C 276 16.68 1.90 43.67
CA HIS C 276 16.26 2.69 44.83
C HIS C 276 14.82 3.25 44.63
N LEU C 277 14.57 3.87 43.50
CA LEU C 277 13.27 4.49 43.20
C LEU C 277 12.15 3.49 43.19
N SER C 278 12.46 2.25 42.86
CA SER C 278 11.44 1.19 42.88
C SER C 278 11.14 0.72 44.29
N LYS C 279 11.99 1.08 45.26
CA LYS C 279 12.00 0.40 46.58
C LYS C 279 10.67 0.51 47.34
N GLY C 280 10.32 1.70 47.76
CA GLY C 280 9.20 1.83 48.69
C GLY C 280 7.84 1.87 48.04
N LEU C 281 7.78 1.70 46.74
CA LEU C 281 6.57 2.08 45.96
C LEU C 281 5.26 1.59 46.55
N GLY C 282 5.25 0.34 47.01
CA GLY C 282 4.02 -0.29 47.41
C GLY C 282 3.17 -0.68 46.21
N GLY C 283 1.88 -0.85 46.46
CA GLY C 283 0.94 -1.41 45.49
C GLY C 283 0.77 -0.72 44.14
N ALA C 284 1.02 -1.51 43.09
CA ALA C 284 0.78 -1.10 41.70
C ALA C 284 -0.58 -1.64 41.26
N MET C 285 -1.17 -1.01 40.24
CA MET C 285 -2.45 -1.48 39.67
C MET C 285 -2.33 -2.97 39.27
N ARG C 286 -3.40 -3.74 39.49
CA ARG C 286 -3.36 -5.20 39.28
C ARG C 286 -3.10 -5.57 37.81
N GLY C 287 -3.78 -4.87 36.91
CA GLY C 287 -3.66 -5.13 35.49
C GLY C 287 -4.43 -6.34 35.00
N ILE C 288 -4.33 -6.57 33.70
CA ILE C 288 -5.08 -7.65 33.05
C ILE C 288 -4.11 -8.46 32.17
N ASP C 289 -4.19 -9.79 32.20
CA ASP C 289 -3.31 -10.63 31.39
C ASP C 289 -3.53 -10.32 29.89
N ILE C 290 -4.67 -10.77 29.38
CA ILE C 290 -5.06 -10.72 27.96
C ILE C 290 -6.42 -11.46 27.91
N ALA C 291 -6.63 -12.26 26.87
CA ALA C 291 -7.86 -13.03 26.72
C ALA C 291 -9.00 -12.04 26.57
N THR C 292 -8.68 -10.92 25.93
CA THR C 292 -9.65 -9.92 25.56
C THR C 292 -10.01 -10.18 24.09
N LEU C 293 -11.30 -10.09 23.79
CA LEU C 293 -11.84 -10.47 22.46
C LEU C 293 -11.63 -9.41 21.35
N LEU C 294 -11.93 -8.16 21.68
CA LEU C 294 -11.87 -7.02 20.73
C LEU C 294 -11.10 -5.73 21.14
N PRO C 295 -10.95 -5.42 22.46
CA PRO C 295 -10.33 -4.15 22.88
C PRO C 295 -9.07 -3.63 22.14
N GLU C 296 -9.13 -2.33 21.82
CA GLU C 296 -7.98 -1.54 21.32
C GLU C 296 -7.38 -2.06 20.02
N HIS C 297 -6.39 -1.32 19.50
CA HIS C 297 -5.85 -1.54 18.14
C HIS C 297 -6.94 -1.26 17.07
N ARG C 298 -7.60 -0.11 17.23
CA ARG C 298 -8.78 0.27 16.43
C ARG C 298 -8.43 1.10 15.19
N MET C 299 -7.23 1.67 15.17
CA MET C 299 -6.78 2.49 14.03
C MET C 299 -6.65 1.70 12.73
N GLN C 300 -6.41 2.46 11.66
CA GLN C 300 -6.49 2.00 10.29
C GLN C 300 -5.11 2.20 9.61
N MET D 11 24.32 27.46 -17.72
CA MET D 11 23.58 26.39 -16.96
C MET D 11 22.51 25.71 -17.88
N ALA D 12 22.88 24.59 -18.51
CA ALA D 12 21.92 23.74 -19.25
C ALA D 12 21.61 22.44 -18.48
N LEU D 13 20.34 22.08 -18.42
CA LEU D 13 19.88 21.00 -17.55
C LEU D 13 19.30 19.92 -18.42
N THR D 14 19.84 18.71 -18.27
CA THR D 14 19.27 17.51 -18.91
C THR D 14 18.61 16.60 -17.86
N GLY D 15 17.83 15.63 -18.35
CA GLY D 15 17.19 14.63 -17.48
C GLY D 15 16.15 15.14 -16.48
N THR D 16 15.61 16.33 -16.71
CA THR D 16 14.58 16.83 -15.84
C THR D 16 13.28 16.13 -16.17
N ASP D 17 12.45 16.00 -15.13
CA ASP D 17 11.13 15.35 -15.27
C ASP D 17 10.33 16.00 -16.39
N ARG D 18 10.45 17.31 -16.46
CA ARG D 18 9.79 18.06 -17.48
C ARG D 18 10.27 17.62 -18.89
N VAL D 19 11.57 17.36 -19.02
CA VAL D 19 12.13 16.98 -20.32
C VAL D 19 11.71 15.54 -20.63
N LYS D 20 11.85 14.67 -19.62
CA LYS D 20 11.48 13.28 -19.77
C LYS D 20 10.01 13.12 -20.19
N ARG D 21 9.15 13.75 -19.43
CA ARG D 21 7.71 13.69 -19.68
C ARG D 21 7.34 14.45 -20.93
N GLY D 22 8.00 15.57 -21.17
CA GLY D 22 7.73 16.38 -22.39
C GLY D 22 7.91 15.52 -23.62
N MET D 23 9.00 14.80 -23.66
CA MET D 23 9.26 13.93 -24.78
C MET D 23 8.08 13.05 -25.04
N ALA D 24 7.41 12.61 -23.96
CA ALA D 24 6.22 11.76 -24.17
C ALA D 24 5.01 12.60 -24.66
N GLU D 25 4.88 13.82 -24.12
CA GLU D 25 3.81 14.69 -24.52
C GLU D 25 3.93 14.95 -26.03
N MET D 26 5.17 14.98 -26.53
CA MET D 26 5.35 15.14 -27.98
C MET D 26 4.97 13.91 -28.83
N GLN D 27 4.64 12.79 -28.20
CA GLN D 27 4.26 11.60 -28.95
C GLN D 27 2.77 11.43 -29.08
N LYS D 28 1.99 12.24 -28.35
CA LYS D 28 0.53 12.08 -28.31
C LYS D 28 -0.12 12.05 -29.67
N GLY D 29 -1.23 11.33 -29.77
CA GLY D 29 -2.04 11.33 -31.01
C GLY D 29 -1.51 10.44 -32.11
N GLY D 30 -0.42 9.72 -31.80
CA GLY D 30 0.28 8.94 -32.79
C GLY D 30 0.43 7.46 -32.47
N VAL D 31 1.09 6.77 -33.37
CA VAL D 31 1.31 5.34 -33.30
C VAL D 31 2.77 5.01 -33.22
N ILE D 32 3.10 4.14 -32.29
CA ILE D 32 4.46 3.67 -32.14
C ILE D 32 4.42 2.24 -32.52
N MET D 33 5.37 1.85 -33.36
CA MET D 33 5.36 0.53 -34.00
C MET D 33 6.54 -0.34 -33.63
N ASP D 34 6.27 -1.60 -33.30
CA ASP D 34 7.37 -2.53 -33.01
C ASP D 34 8.04 -2.94 -34.31
N VAL D 35 9.37 -2.86 -34.33
CA VAL D 35 10.14 -3.23 -35.50
C VAL D 35 11.27 -4.11 -35.08
N VAL D 36 11.54 -5.10 -35.93
CA VAL D 36 12.65 -6.03 -35.72
C VAL D 36 13.90 -5.68 -36.58
N ASN D 37 13.71 -4.85 -37.62
CA ASN D 37 14.78 -4.44 -38.55
C ASN D 37 14.53 -3.09 -39.24
N ALA D 38 15.51 -2.62 -40.01
CA ALA D 38 15.48 -1.28 -40.60
C ALA D 38 14.43 -1.14 -41.65
N GLU D 39 14.19 -2.21 -42.37
CA GLU D 39 13.18 -2.14 -43.42
C GLU D 39 11.87 -1.75 -42.77
N GLN D 40 11.45 -2.58 -41.82
CA GLN D 40 10.24 -2.31 -41.04
C GLN D 40 10.24 -0.84 -40.51
N ALA D 41 11.33 -0.44 -39.86
CA ALA D 41 11.44 0.92 -39.36
C ALA D 41 11.13 1.96 -40.43
N LYS D 42 11.70 1.74 -41.63
CA LYS D 42 11.45 2.69 -42.73
C LYS D 42 9.97 2.69 -43.11
N ILE D 43 9.36 1.48 -43.12
CA ILE D 43 7.93 1.38 -43.46
C ILE D 43 7.10 2.15 -42.45
N ALA D 44 7.44 1.96 -41.18
CA ALA D 44 6.81 2.68 -40.09
C ALA D 44 6.95 4.21 -40.23
N GLU D 45 8.19 4.67 -40.42
CA GLU D 45 8.37 6.12 -40.63
C GLU D 45 7.53 6.60 -41.83
N ALA D 46 7.59 5.86 -42.93
CA ALA D 46 6.86 6.21 -44.13
C ALA D 46 5.37 6.28 -43.88
N ALA D 47 4.87 5.33 -43.10
CA ALA D 47 3.44 5.23 -42.80
C ALA D 47 2.97 6.32 -41.88
N GLY D 48 3.92 6.97 -41.18
CA GLY D 48 3.57 8.06 -40.28
C GLY D 48 3.76 7.76 -38.80
N ALA D 49 4.40 6.63 -38.48
CA ALA D 49 4.62 6.31 -37.06
C ALA D 49 5.31 7.47 -36.37
N VAL D 50 5.00 7.70 -35.09
CA VAL D 50 5.66 8.75 -34.32
C VAL D 50 6.95 8.26 -33.67
N ALA D 51 7.13 6.95 -33.65
CA ALA D 51 8.36 6.39 -33.14
C ALA D 51 8.36 4.93 -33.46
N VAL D 52 9.49 4.27 -33.21
CA VAL D 52 9.51 2.82 -33.40
C VAL D 52 10.10 2.17 -32.16
N MET D 53 9.58 1.00 -31.80
CA MET D 53 10.09 0.21 -30.68
C MET D 53 10.87 -0.98 -31.22
N ALA D 54 12.18 -0.98 -30.94
CA ALA D 54 13.07 -1.99 -31.49
C ALA D 54 13.16 -3.21 -30.61
N LEU D 55 12.99 -4.39 -31.20
CA LEU D 55 13.13 -5.68 -30.46
C LEU D 55 13.60 -6.85 -31.36
N GLU D 56 13.94 -7.97 -30.72
CA GLU D 56 14.43 -9.19 -31.42
C GLU D 56 13.32 -9.95 -32.09
N ARG D 57 12.22 -10.12 -31.38
CA ARG D 57 11.06 -10.82 -31.91
C ARG D 57 9.80 -10.07 -31.56
N VAL D 58 8.85 -10.04 -32.49
CA VAL D 58 7.56 -9.36 -32.30
C VAL D 58 6.80 -10.17 -31.21
N PRO D 59 5.98 -9.50 -30.35
CA PRO D 59 5.35 -10.17 -29.19
C PRO D 59 4.61 -11.49 -29.48
N ALA D 60 3.88 -11.51 -30.60
CA ALA D 60 3.22 -12.76 -31.07
C ALA D 60 4.22 -13.92 -31.28
N ASP D 61 5.38 -13.60 -31.84
CA ASP D 61 6.48 -14.54 -31.98
C ASP D 61 7.12 -14.85 -30.62
N ILE D 62 7.29 -13.83 -29.78
CA ILE D 62 7.85 -14.09 -28.44
C ILE D 62 7.01 -15.15 -27.74
N ARG D 63 5.68 -14.95 -27.80
CA ARG D 63 4.70 -15.95 -27.31
C ARG D 63 4.92 -17.33 -27.88
N ALA D 64 4.90 -17.40 -29.22
CA ALA D 64 4.93 -18.66 -29.97
C ALA D 64 6.23 -19.44 -29.76
N ALA D 65 7.34 -18.71 -29.68
CA ALA D 65 8.66 -19.28 -29.50
C ALA D 65 8.92 -19.64 -28.03
N GLY D 66 8.41 -18.82 -27.10
CA GLY D 66 8.68 -19.06 -25.69
C GLY D 66 10.16 -18.75 -25.44
N GLY D 67 10.77 -19.48 -24.51
CA GLY D 67 12.16 -19.24 -24.14
C GLY D 67 12.32 -17.91 -23.38
N VAL D 68 13.55 -17.47 -23.17
CA VAL D 68 13.79 -16.28 -22.37
C VAL D 68 13.97 -15.13 -23.32
N ALA D 69 13.16 -14.08 -23.18
CA ALA D 69 13.24 -12.88 -24.02
C ALA D 69 13.99 -11.76 -23.32
N ARG D 70 15.06 -11.33 -23.96
CA ARG D 70 15.99 -10.32 -23.44
C ARG D 70 15.99 -9.06 -24.29
N MET D 71 16.79 -8.10 -23.83
CA MET D 71 17.10 -6.90 -24.59
C MET D 71 17.59 -7.31 -25.95
N ALA D 72 17.26 -6.52 -26.94
CA ALA D 72 17.75 -6.77 -28.28
C ALA D 72 19.23 -6.52 -28.41
N ASP D 73 19.85 -7.22 -29.36
CA ASP D 73 21.22 -6.96 -29.82
C ASP D 73 21.42 -5.45 -30.21
N PRO D 74 22.37 -4.79 -29.57
CA PRO D 74 22.66 -3.38 -29.88
C PRO D 74 22.84 -3.09 -31.35
N THR D 75 23.47 -4.02 -32.08
CA THR D 75 23.61 -3.94 -33.53
C THR D 75 22.28 -3.64 -34.16
N VAL D 76 21.25 -4.39 -33.78
CA VAL D 76 19.92 -4.19 -34.38
C VAL D 76 19.41 -2.80 -34.06
N ILE D 77 19.63 -2.38 -32.83
CA ILE D 77 19.14 -1.09 -32.40
C ILE D 77 19.80 0.00 -33.21
N GLU D 78 21.13 -0.01 -33.28
CA GLU D 78 21.92 0.93 -34.13
C GLU D 78 21.45 0.93 -35.57
N GLU D 79 21.34 -0.27 -36.12
CA GLU D 79 20.74 -0.45 -37.42
C GLU D 79 19.47 0.36 -37.54
N VAL D 80 18.54 0.15 -36.61
CA VAL D 80 17.25 0.84 -36.67
C VAL D 80 17.43 2.36 -36.53
N MET D 81 18.29 2.78 -35.62
CA MET D 81 18.52 4.19 -35.41
C MET D 81 18.99 4.85 -36.67
N ASN D 82 19.89 4.16 -37.38
CA ASN D 82 20.44 4.72 -38.61
C ASN D 82 19.40 4.85 -39.72
N ALA D 83 18.41 3.97 -39.72
CA ALA D 83 17.40 3.93 -40.75
C ALA D 83 16.31 5.01 -40.68
N VAL D 84 16.14 5.70 -39.55
CA VAL D 84 14.97 6.60 -39.39
C VAL D 84 15.29 7.87 -38.62
N SER D 85 14.46 8.89 -38.84
CA SER D 85 14.61 10.22 -38.22
C SER D 85 13.63 10.43 -37.06
N ILE D 86 12.71 9.51 -36.87
CA ILE D 86 11.82 9.51 -35.72
C ILE D 86 12.50 8.79 -34.55
N PRO D 87 12.04 9.05 -33.32
CA PRO D 87 12.62 8.47 -32.12
C PRO D 87 12.61 6.98 -32.12
N VAL D 88 13.60 6.42 -31.45
CA VAL D 88 13.75 5.00 -31.35
C VAL D 88 13.67 4.57 -29.89
N MET D 89 12.69 3.73 -29.58
CA MET D 89 12.52 3.17 -28.29
C MET D 89 13.03 1.74 -28.31
N ALA D 90 13.34 1.21 -27.13
CA ALA D 90 13.63 -0.23 -27.02
C ALA D 90 13.22 -0.80 -25.65
N L5P D 91 13.12 -2.11 -25.56
CA L5P D 91 12.75 -2.89 -24.39
CB L5P D 91 11.94 -4.09 -24.86
CG L5P D 91 10.63 -3.51 -25.28
CD L5P D 91 9.73 -4.51 -25.94
CE L5P D 91 8.39 -4.16 -25.41
NZ L5P D 91 7.26 -4.35 -26.30
C1 L5P D 91 13.86 -3.44 -23.59
O L5P D 91 14.91 -3.83 -24.11
O4 L5P D 91 5.26 -2.50 -26.97
C3 L5P D 91 4.99 -3.52 -26.37
C2 L5P D 91 6.03 -4.20 -25.53
C5 L5P D 91 3.62 -4.13 -26.41
O13 L5P D 91 3.63 -5.39 -25.75
C6 L5P D 91 3.25 -4.41 -27.82
O14 L5P D 91 2.93 -3.14 -28.39
C7 L5P D 91 2.04 -5.30 -27.88
O8 L5P D 91 1.72 -5.28 -29.25
P9 L5P D 91 0.81 -6.39 -29.90
O12 L5P D 91 1.13 -6.21 -31.32
O11 L5P D 91 -0.56 -6.00 -29.49
O10 L5P D 91 1.26 -7.67 -29.34
N VAL D 92 13.60 -3.38 -22.28
CA VAL D 92 14.38 -4.13 -21.35
C VAL D 92 13.52 -4.96 -20.44
N ARG D 93 14.20 -5.94 -19.87
CA ARG D 93 13.59 -6.85 -18.93
C ARG D 93 13.36 -6.10 -17.63
N ILE D 94 12.23 -6.41 -17.00
CA ILE D 94 11.90 -5.85 -15.71
C ILE D 94 13.00 -6.10 -14.68
N GLY D 95 13.43 -5.00 -14.14
CA GLY D 95 14.52 -4.99 -13.20
C GLY D 95 15.90 -4.99 -13.79
N HIS D 96 16.03 -5.09 -15.11
CA HIS D 96 17.37 -5.19 -15.63
C HIS D 96 18.00 -3.80 -15.83
N TYR D 97 18.69 -3.36 -14.78
CA TYR D 97 19.31 -2.03 -14.69
C TYR D 97 20.35 -1.83 -15.79
N VAL D 98 21.19 -2.84 -15.92
CA VAL D 98 22.34 -2.72 -16.85
C VAL D 98 21.86 -2.69 -18.31
N GLU D 99 20.94 -3.57 -18.69
CA GLU D 99 20.30 -3.50 -20.02
C GLU D 99 19.85 -2.05 -20.34
N ALA D 100 19.24 -1.41 -19.33
CA ALA D 100 18.70 -0.07 -19.49
C ALA D 100 19.84 0.92 -19.64
N ARG D 101 20.87 0.74 -18.81
CA ARG D 101 22.08 1.58 -18.96
C ARG D 101 22.70 1.46 -20.35
N VAL D 102 22.68 0.25 -20.88
CA VAL D 102 23.21 -0.03 -22.18
C VAL D 102 22.36 0.70 -23.21
N LEU D 103 21.05 0.47 -23.17
CA LEU D 103 20.19 1.16 -24.15
C LEU D 103 20.39 2.68 -24.06
N GLU D 104 20.54 3.18 -22.84
CA GLU D 104 20.78 4.60 -22.64
C GLU D 104 22.11 5.00 -23.33
N ALA D 105 23.18 4.26 -23.06
CA ALA D 105 24.47 4.52 -23.69
C ALA D 105 24.35 4.49 -25.21
N LEU D 106 23.55 3.60 -25.74
CA LEU D 106 23.34 3.61 -27.20
C LEU D 106 22.63 4.85 -27.74
N GLY D 107 22.03 5.69 -26.89
CA GLY D 107 21.22 6.81 -27.38
C GLY D 107 19.74 6.56 -27.60
N VAL D 108 19.24 5.40 -27.22
CA VAL D 108 17.79 5.10 -27.27
C VAL D 108 16.98 6.28 -26.68
N ASP D 109 15.89 6.63 -27.33
CA ASP D 109 15.12 7.82 -26.93
C ASP D 109 14.16 7.57 -25.76
N TYR D 110 13.67 6.35 -25.63
CA TYR D 110 12.75 6.02 -24.57
C TYR D 110 12.92 4.56 -24.30
N ILE D 111 13.09 4.19 -23.01
CA ILE D 111 13.17 2.75 -22.65
C ILE D 111 11.84 2.15 -22.13
N ASP D 112 11.45 1.02 -22.71
CA ASP D 112 10.33 0.27 -22.24
C ASP D 112 10.76 -0.90 -21.33
N GLU D 113 10.55 -0.71 -20.04
CA GLU D 113 10.76 -1.74 -19.06
C GLU D 113 9.55 -2.63 -19.21
N SER D 114 9.71 -3.75 -19.90
CA SER D 114 8.55 -4.44 -20.46
C SER D 114 8.28 -5.83 -19.93
N GLU D 115 7.01 -6.08 -19.64
CA GLU D 115 6.52 -7.38 -19.26
C GLU D 115 6.45 -8.36 -20.40
N VAL D 116 6.62 -7.93 -21.66
CA VAL D 116 6.68 -8.95 -22.74
C VAL D 116 8.02 -9.65 -22.76
N LEU D 117 9.06 -9.01 -22.26
CA LEU D 117 10.32 -9.70 -22.07
C LEU D 117 10.30 -10.47 -20.79
N THR D 118 11.25 -11.38 -20.65
CA THR D 118 11.29 -12.24 -19.45
C THR D 118 11.82 -11.46 -18.27
N PRO D 119 11.04 -11.31 -17.21
CA PRO D 119 11.52 -10.42 -16.13
C PRO D 119 12.82 -10.87 -15.53
N ALA D 120 13.67 -9.92 -15.18
CA ALA D 120 14.96 -10.23 -14.55
C ALA D 120 14.91 -10.11 -13.05
N ASP D 121 14.04 -9.23 -12.55
CA ASP D 121 13.77 -9.06 -11.12
C ASP D 121 12.26 -9.16 -10.90
N GLU D 122 11.84 -10.22 -10.22
CA GLU D 122 10.41 -10.43 -9.94
C GLU D 122 9.86 -9.66 -8.75
N GLU D 123 10.71 -8.89 -8.06
CA GLU D 123 10.30 -8.12 -6.87
C GLU D 123 10.50 -6.61 -7.02
N PHE D 124 11.56 -6.20 -7.70
CA PHE D 124 11.95 -4.79 -7.81
C PHE D 124 12.18 -4.36 -9.24
N HIS D 125 11.49 -3.32 -9.65
CA HIS D 125 11.68 -2.72 -10.93
C HIS D 125 12.90 -1.83 -10.85
N ILE D 126 13.27 -1.28 -12.01
CA ILE D 126 14.41 -0.42 -12.16
C ILE D 126 14.11 0.87 -11.46
N ASP D 127 15.10 1.42 -10.77
CA ASP D 127 15.00 2.75 -10.24
C ASP D 127 15.27 3.73 -11.38
N LYS D 128 14.20 3.97 -12.13
CA LYS D 128 14.20 4.83 -13.30
C LYS D 128 14.57 6.28 -13.05
N ARG D 129 14.39 6.73 -11.81
CA ARG D 129 14.80 8.09 -11.39
C ARG D 129 16.26 8.37 -11.66
N GLN D 130 17.13 7.35 -11.52
CA GLN D 130 18.58 7.51 -11.66
C GLN D 130 19.05 7.72 -13.11
N PHE D 131 18.15 7.59 -14.08
CA PHE D 131 18.56 7.71 -15.48
C PHE D 131 18.23 9.10 -16.04
N THR D 132 18.89 9.40 -17.15
CA THR D 132 18.64 10.62 -17.90
C THR D 132 17.59 10.32 -19.00
N VAL D 133 17.68 9.15 -19.62
CA VAL D 133 16.73 8.77 -20.60
C VAL D 133 15.43 8.37 -19.89
N PRO D 134 14.28 8.71 -20.48
CA PRO D 134 13.01 8.34 -19.90
C PRO D 134 12.54 6.91 -20.16
N PHE D 135 11.64 6.47 -19.28
CA PHE D 135 11.09 5.13 -19.36
C PHE D 135 9.59 5.17 -19.49
N VAL D 136 9.09 4.18 -20.21
CA VAL D 136 7.67 3.93 -20.29
C VAL D 136 7.40 2.62 -19.60
N CYS D 137 6.35 2.54 -18.81
CA CYS D 137 5.96 1.30 -18.17
C CYS D 137 4.49 0.98 -18.39
N GLY D 138 4.19 -0.31 -18.27
CA GLY D 138 2.85 -0.81 -18.40
C GLY D 138 2.12 -0.75 -17.08
N CYS D 139 0.79 -0.71 -17.14
CA CYS D 139 -0.03 -0.81 -15.92
C CYS D 139 -1.42 -1.32 -16.20
N ARG D 140 -2.07 -1.91 -15.18
CA ARG D 140 -3.45 -2.44 -15.27
C ARG D 140 -4.43 -1.64 -14.42
N ASP D 141 -3.91 -0.83 -13.54
CA ASP D 141 -4.72 -0.05 -12.65
C ASP D 141 -3.87 1.08 -12.07
N LEU D 142 -4.57 2.00 -11.45
CA LEU D 142 -3.94 3.22 -10.95
C LEU D 142 -2.89 2.99 -9.86
N GLY D 143 -3.01 1.91 -9.10
CA GLY D 143 -2.01 1.58 -8.08
C GLY D 143 -0.68 1.25 -8.73
N GLU D 144 -0.79 0.34 -9.69
CA GLU D 144 0.34 -0.07 -10.51
C GLU D 144 0.90 1.18 -11.21
N ALA D 145 0.03 1.96 -11.81
CA ALA D 145 0.52 3.16 -12.46
C ALA D 145 1.36 4.04 -11.50
N ALA D 146 0.74 4.32 -10.35
CA ALA D 146 1.37 5.20 -9.36
C ALA D 146 2.69 4.63 -8.82
N ARG D 147 2.74 3.32 -8.61
CA ARG D 147 4.02 2.73 -8.20
C ARG D 147 5.12 2.98 -9.24
N ARG D 148 4.79 2.73 -10.53
CA ARG D 148 5.75 2.95 -11.63
C ARG D 148 6.17 4.40 -11.62
N ILE D 149 5.19 5.28 -11.57
CA ILE D 149 5.56 6.71 -11.52
C ILE D 149 6.49 6.98 -10.32
N ALA D 150 6.22 6.39 -9.16
CA ALA D 150 7.06 6.64 -8.00
C ALA D 150 8.45 6.15 -8.26
N GLU D 151 8.57 5.10 -9.09
CA GLU D 151 9.90 4.54 -9.41
C GLU D 151 10.63 5.42 -10.41
N GLY D 152 9.90 6.39 -10.99
CA GLY D 152 10.49 7.29 -12.01
C GLY D 152 10.02 7.10 -13.45
N ALA D 153 9.02 6.27 -13.68
CA ALA D 153 8.51 6.12 -15.06
C ALA D 153 8.00 7.47 -15.55
N SER D 154 8.19 7.78 -16.84
CA SER D 154 7.77 9.13 -17.37
C SER D 154 6.60 9.08 -18.34
N MET D 155 6.20 7.85 -18.66
CA MET D 155 5.12 7.55 -19.58
C MET D 155 4.53 6.21 -19.19
N LEU D 156 3.28 5.98 -19.53
CA LEU D 156 2.64 4.70 -19.24
C LEU D 156 1.90 4.14 -20.42
N ARG D 157 1.66 2.83 -20.36
CA ARG D 157 0.82 2.18 -21.34
C ARG D 157 0.01 1.10 -20.66
N THR D 158 -1.15 0.78 -21.24
CA THR D 158 -1.85 -0.42 -20.80
C THR D 158 -0.93 -1.62 -21.02
N LYS D 159 -1.16 -2.69 -20.28
CA LYS D 159 -0.43 -3.94 -20.53
C LYS D 159 -1.02 -4.78 -21.63
N GLY D 160 -2.34 -4.79 -21.70
CA GLY D 160 -3.07 -5.68 -22.58
C GLY D 160 -2.65 -7.13 -22.47
N GLU D 161 -2.92 -7.89 -23.52
CA GLU D 161 -2.31 -9.21 -23.73
C GLU D 161 -1.65 -9.19 -25.10
N PRO D 162 -0.34 -8.82 -25.15
CA PRO D 162 0.43 -8.68 -26.38
C PRO D 162 0.52 -9.96 -27.20
N GLY D 163 0.52 -9.82 -28.51
CA GLY D 163 0.61 -10.94 -29.43
C GLY D 163 -0.66 -11.75 -29.61
N THR D 164 -1.73 -11.39 -28.90
CA THR D 164 -3.00 -12.15 -28.99
C THR D 164 -3.91 -11.64 -30.09
N GLY D 165 -3.63 -10.46 -30.62
CA GLY D 165 -4.61 -9.82 -31.51
C GLY D 165 -5.95 -9.47 -30.85
N ASN D 166 -5.98 -9.40 -29.52
CA ASN D 166 -7.22 -9.19 -28.76
C ASN D 166 -7.12 -7.95 -27.85
N ILE D 167 -7.93 -6.94 -28.16
CA ILE D 167 -7.90 -5.69 -27.36
C ILE D 167 -8.53 -5.76 -25.95
N VAL D 168 -9.27 -6.84 -25.68
CA VAL D 168 -10.08 -6.92 -24.47
C VAL D 168 -9.35 -6.46 -23.19
N GLU D 169 -8.14 -6.97 -23.00
CA GLU D 169 -7.32 -6.61 -21.85
C GLU D 169 -6.93 -5.13 -21.86
N ALA D 170 -6.47 -4.65 -23.01
CA ALA D 170 -6.14 -3.23 -23.09
C ALA D 170 -7.34 -2.35 -22.74
N VAL D 171 -8.50 -2.75 -23.25
CA VAL D 171 -9.73 -2.05 -22.92
C VAL D 171 -9.97 -2.08 -21.43
N ARG D 172 -9.88 -3.29 -20.86
CA ARG D 172 -10.07 -3.44 -19.39
C ARG D 172 -9.16 -2.47 -18.62
N HIS D 173 -7.89 -2.44 -19.01
CA HIS D 173 -6.91 -1.63 -18.31
C HIS D 173 -7.12 -0.13 -18.48
N MET D 174 -7.39 0.28 -19.73
CA MET D 174 -7.63 1.70 -20.00
C MET D 174 -8.88 2.18 -19.24
N ARG D 175 -9.92 1.34 -19.30
CA ARG D 175 -11.14 1.64 -18.56
C ARG D 175 -10.88 1.75 -17.05
N LYS D 176 -10.20 0.74 -16.50
CA LYS D 176 -9.92 0.76 -15.09
C LYS D 176 -9.15 2.01 -14.69
N VAL D 177 -8.00 2.22 -15.33
CA VAL D 177 -7.18 3.36 -14.96
C VAL D 177 -7.96 4.65 -15.12
N ASN D 178 -8.64 4.82 -16.25
CA ASN D 178 -9.39 6.09 -16.44
C ASN D 178 -10.50 6.28 -15.39
N ALA D 179 -11.20 5.19 -15.06
CA ALA D 179 -12.21 5.28 -14.01
C ALA D 179 -11.61 5.62 -12.65
N GLN D 180 -10.48 5.01 -12.33
CA GLN D 180 -9.85 5.33 -11.05
C GLN D 180 -9.33 6.73 -11.04
N ILE D 181 -8.82 7.24 -12.17
CA ILE D 181 -8.42 8.67 -12.16
C ILE D 181 -9.64 9.56 -11.82
N ARG D 182 -10.76 9.33 -12.52
CA ARG D 182 -11.94 10.16 -12.32
C ARG D 182 -12.35 10.16 -10.85
N LYS D 183 -12.32 8.99 -10.24
CA LYS D 183 -12.68 8.90 -8.85
C LYS D 183 -11.75 9.81 -8.04
N VAL D 184 -10.45 9.69 -8.28
CA VAL D 184 -9.48 10.43 -7.45
C VAL D 184 -9.56 11.95 -7.66
N VAL D 185 -9.81 12.35 -8.90
CA VAL D 185 -9.92 13.75 -9.21
C VAL D 185 -11.05 14.43 -8.45
N ASN D 186 -12.17 13.75 -8.27
CA ASN D 186 -13.34 14.35 -7.64
C ASN D 186 -13.55 13.88 -6.20
N MET D 187 -12.69 12.99 -5.75
CA MET D 187 -12.74 12.42 -4.40
C MET D 187 -12.57 13.47 -3.29
N SER D 188 -13.20 13.24 -2.15
CA SER D 188 -13.00 14.09 -0.98
C SER D 188 -11.56 14.02 -0.49
N GLU D 189 -10.94 15.18 -0.36
CA GLU D 189 -9.51 15.27 -0.07
C GLU D 189 -9.07 14.43 1.11
N ASP D 190 -9.90 14.38 2.14
CA ASP D 190 -9.54 13.64 3.36
C ASP D 190 -9.53 12.14 3.19
N GLU D 191 -9.99 11.62 2.04
CA GLU D 191 -10.10 10.16 1.86
C GLU D 191 -8.91 9.56 1.07
N LEU D 192 -8.02 10.42 0.58
CA LEU D 192 -6.93 9.97 -0.28
C LEU D 192 -5.96 9.03 0.39
N VAL D 193 -5.52 9.33 1.60
CA VAL D 193 -4.56 8.44 2.25
C VAL D 193 -5.14 7.03 2.32
N ALA D 194 -6.38 6.92 2.74
CA ALA D 194 -7.05 5.61 2.78
C ALA D 194 -7.25 5.00 1.40
N GLU D 195 -7.59 5.82 0.41
CA GLU D 195 -7.62 5.32 -0.97
C GLU D 195 -6.27 4.73 -1.43
N ALA D 196 -5.24 5.51 -1.32
CA ALA D 196 -3.89 5.08 -1.64
C ALA D 196 -3.59 3.70 -1.09
N LYS D 197 -3.88 3.54 0.17
CA LYS D 197 -3.68 2.24 0.82
C LYS D 197 -4.49 1.13 0.16
N GLN D 198 -5.74 1.41 -0.18
CA GLN D 198 -6.58 0.40 -0.83
C GLN D 198 -6.04 0.05 -2.21
N LEU D 199 -5.57 1.07 -2.92
CA LEU D 199 -4.97 0.85 -4.25
C LEU D 199 -3.55 0.31 -4.26
N GLY D 200 -2.85 0.34 -3.13
CA GLY D 200 -1.44 0.00 -3.16
C GLY D 200 -0.65 1.13 -3.77
N ALA D 201 -1.22 2.34 -3.81
CA ALA D 201 -0.58 3.49 -4.43
C ALA D 201 0.24 4.31 -3.44
N PRO D 202 1.24 5.04 -3.95
CA PRO D 202 1.84 6.16 -3.22
C PRO D 202 0.92 7.36 -3.21
N VAL D 203 0.64 7.87 -2.01
CA VAL D 203 -0.38 8.89 -1.85
C VAL D 203 0.02 10.17 -2.55
N GLU D 204 1.30 10.51 -2.49
CA GLU D 204 1.78 11.75 -3.12
C GLU D 204 1.41 11.84 -4.61
N VAL D 205 1.46 10.69 -5.29
CA VAL D 205 1.07 10.64 -6.70
C VAL D 205 -0.43 10.90 -6.86
N LEU D 206 -1.23 10.30 -5.96
CA LEU D 206 -2.67 10.54 -6.03
C LEU D 206 -2.97 12.01 -5.76
N ARG D 207 -2.19 12.60 -4.85
CA ARG D 207 -2.32 14.00 -4.55
C ARG D 207 -1.95 14.84 -5.74
N GLU D 208 -0.86 14.49 -6.39
CA GLU D 208 -0.52 15.19 -7.63
C GLU D 208 -1.63 15.09 -8.68
N ILE D 209 -2.18 13.87 -8.82
CA ILE D 209 -3.29 13.65 -9.76
C ILE D 209 -4.43 14.55 -9.43
N LYS D 210 -4.81 14.56 -8.16
CA LYS D 210 -5.95 15.38 -7.75
C LYS D 210 -5.66 16.88 -7.95
N ARG D 211 -4.47 17.31 -7.58
CA ARG D 211 -4.07 18.72 -7.76
C ARG D 211 -4.12 19.13 -9.21
N LEU D 212 -3.58 18.28 -10.06
CA LEU D 212 -3.50 18.57 -11.50
C LEU D 212 -4.84 18.41 -12.25
N GLY D 213 -5.70 17.53 -11.74
CA GLY D 213 -6.98 17.24 -12.38
C GLY D 213 -6.88 16.18 -13.42
N ARG D 214 -5.72 15.56 -13.53
CA ARG D 214 -5.47 14.51 -14.51
C ARG D 214 -4.19 13.71 -14.13
N LEU D 215 -3.96 12.61 -14.84
CA LEU D 215 -2.74 11.86 -14.67
C LEU D 215 -1.60 12.74 -15.16
N PRO D 216 -0.49 12.80 -14.43
CA PRO D 216 0.64 13.70 -14.75
C PRO D 216 1.60 13.17 -15.81
N VAL D 217 1.31 11.99 -16.34
CA VAL D 217 2.12 11.43 -17.43
C VAL D 217 1.17 10.93 -18.50
N VAL D 218 1.70 10.82 -19.71
CA VAL D 218 0.98 10.29 -20.86
C VAL D 218 0.70 8.81 -20.66
N ASN D 219 -0.46 8.37 -21.11
CA ASN D 219 -0.87 6.98 -21.04
C ASN D 219 -1.40 6.47 -22.38
N PHE D 220 -0.71 5.46 -22.89
CA PHE D 220 -1.02 4.93 -24.21
C PHE D 220 -1.74 3.60 -24.11
N ALA D 221 -2.46 3.26 -25.19
CA ALA D 221 -2.99 1.91 -25.31
C ALA D 221 -1.97 0.98 -25.95
N ALA D 222 -1.93 -0.25 -25.47
CA ALA D 222 -0.99 -1.23 -25.97
C ALA D 222 -1.48 -2.62 -25.68
N GLY D 223 -1.40 -3.51 -26.65
CA GLY D 223 -1.80 -4.92 -26.45
C GLY D 223 -3.04 -5.31 -27.22
N GLY D 224 -2.82 -5.96 -28.35
CA GLY D 224 -3.91 -6.54 -29.16
C GLY D 224 -4.55 -5.62 -30.19
N VAL D 225 -4.02 -4.41 -30.35
CA VAL D 225 -4.53 -3.46 -31.34
C VAL D 225 -4.24 -4.02 -32.72
N THR D 226 -5.31 -4.36 -33.41
CA THR D 226 -5.22 -5.12 -34.63
C THR D 226 -5.85 -4.46 -35.84
N THR D 227 -6.84 -3.58 -35.62
CA THR D 227 -7.55 -2.96 -36.71
C THR D 227 -7.73 -1.45 -36.48
N PRO D 228 -7.96 -0.70 -37.57
CA PRO D 228 -8.24 0.72 -37.43
C PRO D 228 -9.32 1.02 -36.41
N ALA D 229 -10.37 0.19 -36.42
CA ALA D 229 -11.44 0.29 -35.39
C ALA D 229 -10.87 0.09 -33.99
N ASP D 230 -10.01 -0.92 -33.81
CA ASP D 230 -9.33 -1.09 -32.54
C ASP D 230 -8.62 0.18 -32.17
N ALA D 231 -7.77 0.67 -33.07
CA ALA D 231 -7.00 1.89 -32.78
C ALA D 231 -7.90 3.07 -32.41
N ALA D 232 -8.96 3.31 -33.19
CA ALA D 232 -9.85 4.44 -32.88
C ALA D 232 -10.63 4.25 -31.58
N LEU D 233 -10.95 3.01 -31.27
CA LEU D 233 -11.62 2.67 -30.00
C LEU D 233 -10.79 3.10 -28.81
N MET D 234 -9.51 2.78 -28.78
CA MET D 234 -8.68 3.15 -27.63
C MET D 234 -8.64 4.67 -27.47
N MET D 235 -8.57 5.36 -28.59
CA MET D 235 -8.62 6.82 -28.52
C MET D 235 -9.97 7.26 -27.95
N HIS D 236 -11.02 6.61 -28.44
CA HIS D 236 -12.33 6.92 -27.92
C HIS D 236 -12.40 6.71 -26.41
N LEU D 237 -11.80 5.63 -25.92
CA LEU D 237 -11.72 5.36 -24.49
C LEU D 237 -10.68 6.22 -23.78
N GLY D 238 -10.12 7.23 -24.42
CA GLY D 238 -9.22 8.14 -23.72
C GLY D 238 -7.74 7.83 -23.73
N ALA D 239 -7.29 6.89 -24.56
CA ALA D 239 -5.84 6.70 -24.72
C ALA D 239 -5.20 7.97 -25.29
N ASP D 240 -3.94 8.24 -24.94
CA ASP D 240 -3.20 9.35 -25.50
C ASP D 240 -2.48 8.97 -26.83
N GLY D 241 -2.58 7.70 -27.19
CA GLY D 241 -1.90 7.17 -28.35
C GLY D 241 -1.90 5.68 -28.30
N VAL D 242 -1.35 5.05 -29.34
CA VAL D 242 -1.30 3.57 -29.36
C VAL D 242 0.04 3.01 -29.74
N PHE D 243 0.35 1.88 -29.12
CA PHE D 243 1.47 1.05 -29.47
C PHE D 243 0.89 -0.08 -30.32
N VAL D 244 1.59 -0.42 -31.41
CA VAL D 244 1.22 -1.58 -32.19
C VAL D 244 2.48 -2.35 -32.51
N GLY D 245 2.40 -3.65 -32.38
CA GLY D 245 3.51 -4.52 -32.80
C GLY D 245 3.07 -5.59 -33.78
N SER D 246 2.48 -6.64 -33.23
CA SER D 246 2.06 -7.79 -33.99
C SER D 246 1.06 -7.45 -35.12
N GLY D 247 0.01 -6.72 -34.80
CA GLY D 247 -1.09 -6.48 -35.74
C GLY D 247 -0.76 -5.91 -37.11
N ILE D 248 0.40 -5.25 -37.23
CA ILE D 248 0.86 -4.66 -38.48
C ILE D 248 1.78 -5.61 -39.23
N PHE D 249 2.73 -6.20 -38.53
CA PHE D 249 3.73 -6.99 -39.24
C PHE D 249 3.41 -8.49 -39.31
N LYS D 250 2.38 -8.90 -38.59
CA LYS D 250 1.76 -10.21 -38.79
C LYS D 250 0.55 -10.16 -39.71
N SER D 251 0.21 -8.97 -40.20
CA SER D 251 -0.89 -8.83 -41.15
C SER D 251 -0.48 -9.24 -42.57
N GLU D 252 -1.47 -9.34 -43.44
CA GLU D 252 -1.21 -9.58 -44.88
C GLU D 252 -0.32 -8.49 -45.52
N ASN D 253 -0.76 -7.24 -45.51
CA ASN D 253 0.09 -6.13 -45.99
C ASN D 253 0.43 -5.11 -44.89
N PRO D 254 1.52 -5.34 -44.16
CA PRO D 254 1.95 -4.42 -43.14
C PRO D 254 1.82 -2.98 -43.58
N GLU D 255 2.46 -2.63 -44.69
CA GLU D 255 2.48 -1.25 -45.15
C GLU D 255 1.10 -0.63 -45.22
N LYS D 256 0.12 -1.44 -45.59
CA LYS D 256 -1.24 -0.94 -45.73
C LYS D 256 -1.91 -0.79 -44.37
N TYR D 257 -1.63 -1.74 -43.48
CA TYR D 257 -2.16 -1.69 -42.13
C TYR D 257 -1.65 -0.43 -41.43
N ALA D 258 -0.34 -0.28 -41.49
CA ALA D 258 0.36 0.83 -40.88
C ALA D 258 -0.27 2.17 -41.19
N ARG D 259 -0.60 2.41 -42.46
CA ARG D 259 -1.19 3.70 -42.84
C ARG D 259 -2.59 3.83 -42.21
N ALA D 260 -3.32 2.72 -42.23
CA ALA D 260 -4.70 2.72 -41.76
C ALA D 260 -4.79 2.97 -40.25
N ILE D 261 -3.94 2.27 -39.48
CA ILE D 261 -3.88 2.47 -38.04
C ILE D 261 -3.51 3.92 -37.71
N VAL D 262 -2.45 4.41 -38.34
CA VAL D 262 -2.02 5.78 -38.15
C VAL D 262 -3.15 6.73 -38.45
N GLU D 263 -3.83 6.54 -39.58
CA GLU D 263 -4.87 7.49 -39.99
C GLU D 263 -6.14 7.42 -39.10
N ALA D 264 -6.50 6.21 -38.68
CA ALA D 264 -7.62 6.00 -37.76
C ALA D 264 -7.35 6.53 -36.35
N THR D 265 -6.12 6.32 -35.87
CA THR D 265 -5.71 6.91 -34.62
C THR D 265 -5.94 8.44 -34.65
N THR D 266 -5.43 9.09 -35.69
CA THR D 266 -5.59 10.51 -35.83
C THR D 266 -7.05 10.91 -36.01
N HIS D 267 -7.78 10.28 -36.93
CA HIS D 267 -9.18 10.67 -37.16
C HIS D 267 -10.17 9.71 -36.51
N TYR D 268 -9.98 9.52 -35.22
CA TYR D 268 -10.70 8.49 -34.52
C TYR D 268 -12.17 8.75 -34.38
N GLU D 269 -12.64 9.96 -34.64
CA GLU D 269 -14.10 10.21 -34.63
C GLU D 269 -14.75 10.22 -36.04
N ASP D 270 -13.95 10.02 -37.09
CA ASP D 270 -14.48 10.04 -38.44
C ASP D 270 -14.78 8.64 -38.92
N TYR D 271 -16.01 8.23 -38.71
CA TYR D 271 -16.38 6.85 -38.92
C TYR D 271 -16.44 6.49 -40.40
N GLU D 272 -16.78 7.45 -41.23
CA GLU D 272 -16.87 7.23 -42.69
C GLU D 272 -15.50 6.91 -43.19
N LEU D 273 -14.55 7.74 -42.77
CA LEU D 273 -13.16 7.53 -43.08
C LEU D 273 -12.68 6.19 -42.52
N ILE D 274 -12.92 5.94 -41.24
CA ILE D 274 -12.43 4.68 -40.66
C ILE D 274 -12.96 3.47 -41.44
N ALA D 275 -14.23 3.56 -41.81
CA ALA D 275 -14.87 2.54 -42.61
C ALA D 275 -14.11 2.38 -43.90
N HIS D 276 -13.81 3.49 -44.55
CA HIS D 276 -13.06 3.42 -45.83
C HIS D 276 -11.68 2.75 -45.61
N LEU D 277 -10.95 3.23 -44.62
CA LEU D 277 -9.63 2.74 -44.30
C LEU D 277 -9.65 1.27 -43.94
N SER D 278 -10.76 0.80 -43.39
CA SER D 278 -10.86 -0.61 -43.03
C SER D 278 -11.13 -1.49 -44.26
N LYS D 279 -11.51 -0.85 -45.36
CA LYS D 279 -12.12 -1.56 -46.48
C LYS D 279 -11.22 -2.64 -47.06
N GLY D 280 -10.14 -2.24 -47.71
CA GLY D 280 -9.40 -3.20 -48.52
C GLY D 280 -8.42 -4.06 -47.76
N LEU D 281 -8.38 -3.90 -46.44
CA LEU D 281 -7.22 -4.38 -45.64
C LEU D 281 -6.77 -5.80 -45.95
N GLY D 282 -7.75 -6.71 -46.07
CA GLY D 282 -7.44 -8.12 -46.18
C GLY D 282 -7.07 -8.70 -44.83
N GLY D 283 -6.39 -9.84 -44.88
CA GLY D 283 -6.08 -10.67 -43.71
C GLY D 283 -5.31 -10.05 -42.56
N ALA D 284 -5.95 -10.11 -41.38
CA ALA D 284 -5.37 -9.69 -40.11
C ALA D 284 -4.84 -10.92 -39.41
N MET D 285 -3.91 -10.73 -38.47
CA MET D 285 -3.39 -11.84 -37.65
C MET D 285 -4.53 -12.60 -36.95
N ARG D 286 -4.42 -13.92 -36.88
CA ARG D 286 -5.52 -14.75 -36.35
C ARG D 286 -5.84 -14.45 -34.89
N GLY D 287 -4.79 -14.31 -34.09
CA GLY D 287 -4.94 -14.04 -32.67
C GLY D 287 -5.31 -15.26 -31.85
N ILE D 288 -5.41 -15.05 -30.54
CA ILE D 288 -5.66 -16.11 -29.57
C ILE D 288 -6.83 -15.67 -28.68
N ASP D 289 -7.75 -16.59 -28.39
CA ASP D 289 -8.87 -16.27 -27.51
C ASP D 289 -8.34 -15.88 -26.12
N ILE D 290 -7.90 -16.90 -25.39
CA ILE D 290 -7.47 -16.82 -23.97
C ILE D 290 -7.14 -18.28 -23.61
N ALA D 291 -7.48 -18.70 -22.39
CA ALA D 291 -7.25 -20.06 -21.92
C ALA D 291 -5.74 -20.24 -21.84
N THR D 292 -5.06 -19.15 -21.51
CA THR D 292 -3.64 -19.15 -21.27
C THR D 292 -3.45 -19.22 -19.75
N LEU D 293 -2.50 -20.04 -19.31
CA LEU D 293 -2.32 -20.38 -17.88
C LEU D 293 -1.56 -19.31 -17.07
N LEU D 294 -0.46 -18.83 -17.63
CA LEU D 294 0.44 -17.85 -16.98
C LEU D 294 0.86 -16.55 -17.76
N PRO D 295 0.85 -16.54 -19.12
CA PRO D 295 1.36 -15.39 -19.89
C PRO D 295 1.00 -13.95 -19.47
N GLU D 296 2.03 -13.10 -19.42
CA GLU D 296 1.91 -11.65 -19.25
C GLU D 296 1.24 -11.21 -17.94
N HIS D 297 1.18 -9.89 -17.72
CA HIS D 297 0.79 -9.29 -16.42
C HIS D 297 1.83 -9.68 -15.34
N ARG D 298 3.12 -9.50 -15.68
CA ARG D 298 4.24 -9.96 -14.84
C ARG D 298 4.75 -8.90 -13.88
N MET D 299 4.38 -7.63 -14.13
CA MET D 299 4.80 -6.52 -13.26
C MET D 299 4.24 -6.61 -11.83
N GLN D 300 4.76 -5.72 -10.99
CA GLN D 300 4.58 -5.73 -9.56
C GLN D 300 3.87 -4.41 -9.15
N LEU E 13 38.67 -11.05 37.59
CA LEU E 13 37.65 -11.21 36.52
C LEU E 13 36.32 -11.68 37.10
N THR E 14 35.29 -10.85 36.97
CA THR E 14 33.94 -11.20 37.37
C THR E 14 33.05 -11.47 36.15
N GLY E 15 31.91 -12.08 36.39
CA GLY E 15 30.93 -12.35 35.33
C GLY E 15 31.37 -13.33 34.24
N THR E 16 32.40 -14.11 34.48
CA THR E 16 32.76 -15.10 33.49
C THR E 16 31.72 -16.24 33.47
N ASP E 17 31.59 -16.86 32.31
CA ASP E 17 30.71 -18.01 32.17
C ASP E 17 31.00 -19.06 33.22
N ARG E 18 32.29 -19.27 33.48
CA ARG E 18 32.71 -20.24 34.46
C ARG E 18 32.20 -19.86 35.85
N VAL E 19 32.19 -18.58 36.16
CA VAL E 19 31.75 -18.15 37.47
C VAL E 19 30.23 -18.28 37.57
N LYS E 20 29.55 -17.79 36.53
CA LYS E 20 28.08 -17.83 36.44
C LYS E 20 27.52 -19.22 36.52
N ARG E 21 28.11 -20.10 35.72
CA ARG E 21 27.74 -21.50 35.72
C ARG E 21 28.19 -22.19 36.98
N GLY E 22 29.40 -21.89 37.46
CA GLY E 22 29.96 -22.52 38.67
C GLY E 22 29.02 -22.31 39.85
N MET E 23 28.54 -21.08 39.99
CA MET E 23 27.55 -20.81 41.04
C MET E 23 26.40 -21.82 40.98
N ALA E 24 25.96 -22.21 39.77
CA ALA E 24 24.87 -23.18 39.68
C ALA E 24 25.36 -24.57 40.01
N GLU E 25 26.58 -24.88 39.63
CA GLU E 25 27.16 -26.19 39.91
C GLU E 25 27.25 -26.37 41.40
N MET E 26 27.46 -25.27 42.14
CA MET E 26 27.43 -25.32 43.61
C MET E 26 26.03 -25.52 44.23
N GLN E 27 24.97 -25.48 43.41
CA GLN E 27 23.62 -25.69 43.96
C GLN E 27 23.11 -27.12 43.82
N LYS E 28 23.84 -27.95 43.10
CA LYS E 28 23.37 -29.28 42.80
C LYS E 28 23.02 -30.10 44.03
N GLY E 29 22.10 -31.05 43.85
CA GLY E 29 21.73 -31.97 44.90
C GLY E 29 20.86 -31.37 45.97
N GLY E 30 20.42 -30.13 45.77
CA GLY E 30 19.64 -29.43 46.76
C GLY E 30 18.30 -28.88 46.27
N VAL E 31 17.65 -28.20 47.21
CA VAL E 31 16.33 -27.68 47.03
C VAL E 31 16.34 -26.18 47.15
N ILE E 32 15.68 -25.54 46.19
CA ILE E 32 15.52 -24.11 46.21
C ILE E 32 14.08 -23.81 46.45
N MET E 33 13.81 -22.94 47.43
CA MET E 33 12.44 -22.76 47.91
C MET E 33 11.86 -21.39 47.68
N ASP E 34 10.64 -21.34 47.17
CA ASP E 34 10.02 -20.04 47.00
C ASP E 34 9.62 -19.48 48.36
N VAL E 35 9.95 -18.22 48.59
CA VAL E 35 9.59 -17.52 49.83
C VAL E 35 9.06 -16.14 49.56
N VAL E 36 8.01 -15.79 50.28
CA VAL E 36 7.36 -14.49 50.15
C VAL E 36 7.78 -13.51 51.27
N ASN E 37 8.42 -14.05 52.31
CA ASN E 37 8.93 -13.24 53.43
C ASN E 37 10.12 -13.87 54.21
N ALA E 38 10.64 -13.13 55.19
CA ALA E 38 11.83 -13.54 55.93
C ALA E 38 11.62 -14.74 56.83
N GLU E 39 10.41 -14.83 57.37
CA GLU E 39 10.09 -15.96 58.22
C GLU E 39 10.27 -17.26 57.42
N GLN E 40 9.56 -17.32 56.30
CA GLN E 40 9.67 -18.43 55.36
C GLN E 40 11.15 -18.68 55.05
N ALA E 41 11.87 -17.63 54.65
CA ALA E 41 13.31 -17.77 54.30
C ALA E 41 14.11 -18.43 55.41
N LYS E 42 13.83 -18.03 56.63
CA LYS E 42 14.50 -18.66 57.78
C LYS E 42 14.12 -20.13 57.92
N ILE E 43 12.84 -20.43 57.69
CA ILE E 43 12.41 -21.83 57.74
C ILE E 43 13.15 -22.65 56.69
N ALA E 44 13.23 -22.10 55.48
CA ALA E 44 13.92 -22.74 54.37
C ALA E 44 15.40 -22.96 54.68
N GLU E 45 16.05 -21.91 55.19
CA GLU E 45 17.46 -22.09 55.58
C GLU E 45 17.62 -23.17 56.63
N ALA E 46 16.76 -23.08 57.65
CA ALA E 46 16.76 -24.07 58.74
C ALA E 46 16.55 -25.49 58.25
N ALA E 47 15.66 -25.64 57.25
CA ALA E 47 15.30 -26.97 56.70
C ALA E 47 16.41 -27.55 55.84
N GLY E 48 17.33 -26.70 55.39
CA GLY E 48 18.44 -27.15 54.55
C GLY E 48 18.40 -26.67 53.10
N ALA E 49 17.50 -25.75 52.79
CA ALA E 49 17.45 -25.25 51.42
C ALA E 49 18.82 -24.77 50.96
N VAL E 50 19.14 -24.95 49.68
CA VAL E 50 20.40 -24.43 49.17
C VAL E 50 20.28 -22.98 48.74
N ALA E 51 19.05 -22.48 48.62
CA ALA E 51 18.82 -21.10 48.25
C ALA E 51 17.39 -20.82 48.36
N VAL E 52 17.02 -19.57 48.21
CA VAL E 52 15.61 -19.21 48.26
C VAL E 52 15.24 -18.27 47.14
N MET E 53 14.05 -18.49 46.56
CA MET E 53 13.58 -17.68 45.45
C MET E 53 12.58 -16.73 46.05
N ALA E 54 12.84 -15.42 45.97
CA ALA E 54 11.97 -14.40 46.55
C ALA E 54 10.92 -13.88 45.56
N LEU E 55 9.65 -13.88 45.97
CA LEU E 55 8.55 -13.37 45.12
C LEU E 55 7.41 -12.76 45.94
N GLU E 56 6.49 -12.08 45.24
CA GLU E 56 5.33 -11.41 45.87
C GLU E 56 4.25 -12.40 46.26
N ARG E 57 3.96 -13.32 45.34
CA ARG E 57 2.98 -14.37 45.57
C ARG E 57 3.57 -15.69 45.12
N VAL E 58 3.22 -16.75 45.85
CA VAL E 58 3.60 -18.13 45.49
C VAL E 58 2.80 -18.50 44.21
N PRO E 59 3.39 -19.32 43.30
CA PRO E 59 2.79 -19.60 41.98
C PRO E 59 1.31 -20.04 42.01
N ALA E 60 0.96 -20.91 42.97
CA ALA E 60 -0.43 -21.35 43.17
C ALA E 60 -1.35 -20.14 43.41
N ASP E 61 -0.87 -19.19 44.20
CA ASP E 61 -1.58 -17.91 44.42
C ASP E 61 -1.55 -16.99 43.19
N ILE E 62 -0.42 -16.98 42.49
CA ILE E 62 -0.35 -16.22 41.22
C ILE E 62 -1.47 -16.70 40.29
N ARG E 63 -1.57 -18.02 40.13
CA ARG E 63 -2.67 -18.65 39.38
C ARG E 63 -4.05 -18.18 39.86
N ALA E 64 -4.31 -18.40 41.15
CA ALA E 64 -5.62 -18.16 41.76
C ALA E 64 -6.06 -16.69 41.72
N ALA E 65 -5.08 -15.79 41.87
CA ALA E 65 -5.34 -14.36 41.84
C ALA E 65 -5.42 -13.82 40.39
N GLY E 66 -4.60 -14.37 39.49
CA GLY E 66 -4.56 -13.88 38.11
C GLY E 66 -3.92 -12.50 38.09
N GLY E 67 -4.40 -11.63 37.20
CA GLY E 67 -3.85 -10.27 37.06
C GLY E 67 -2.46 -10.28 36.43
N VAL E 68 -1.72 -9.18 36.55
CA VAL E 68 -0.36 -9.10 36.01
C VAL E 68 0.72 -9.31 37.09
N ALA E 69 1.55 -10.33 36.91
CA ALA E 69 2.58 -10.63 37.89
C ALA E 69 3.89 -10.06 37.40
N ARG E 70 4.45 -9.21 38.25
CA ARG E 70 5.75 -8.53 38.00
C ARG E 70 6.82 -8.94 39.00
N MET E 71 7.98 -8.32 38.83
CA MET E 71 9.08 -8.39 39.78
C MET E 71 8.58 -8.03 41.15
N ALA E 72 9.14 -8.67 42.17
CA ALA E 72 8.82 -8.34 43.56
C ALA E 72 9.36 -6.99 43.95
N ASP E 73 8.65 -6.36 44.91
CA ASP E 73 9.12 -5.16 45.61
C ASP E 73 10.52 -5.39 46.21
N PRO E 74 11.49 -4.55 45.81
CA PRO E 74 12.86 -4.64 46.34
C PRO E 74 12.94 -4.77 47.86
N THR E 75 12.08 -4.04 48.56
CA THR E 75 11.95 -4.12 50.01
C THR E 75 11.89 -5.57 50.45
N VAL E 76 10.98 -6.32 49.83
CA VAL E 76 10.83 -7.74 50.18
C VAL E 76 12.14 -8.52 49.93
N ILE E 77 12.79 -8.19 48.82
CA ILE E 77 14.00 -8.91 48.44
C ILE E 77 15.08 -8.67 49.47
N GLU E 78 15.30 -7.38 49.81
CA GLU E 78 16.25 -6.96 50.86
C GLU E 78 15.93 -7.64 52.19
N GLU E 79 14.67 -7.54 52.56
CA GLU E 79 14.17 -8.25 53.73
C GLU E 79 14.66 -9.68 53.73
N VAL E 80 14.40 -10.39 52.62
CA VAL E 80 14.81 -11.80 52.55
C VAL E 80 16.33 -11.95 52.61
N MET E 81 17.05 -11.10 51.90
CA MET E 81 18.50 -11.17 51.90
C MET E 81 19.05 -11.07 53.30
N ASN E 82 18.48 -10.13 54.07
CA ASN E 82 18.95 -9.89 55.43
C ASN E 82 18.69 -11.07 56.36
N ALA E 83 17.63 -11.81 56.08
CA ALA E 83 17.23 -12.94 56.92
C ALA E 83 18.04 -14.23 56.77
N VAL E 84 18.85 -14.38 55.71
CA VAL E 84 19.52 -15.68 55.46
C VAL E 84 20.96 -15.58 54.96
N SER E 85 21.71 -16.67 55.14
CA SER E 85 23.10 -16.73 54.70
C SER E 85 23.29 -17.57 53.42
N ILE E 86 22.19 -18.15 52.96
CA ILE E 86 22.18 -18.84 51.67
C ILE E 86 21.84 -17.86 50.54
N PRO E 87 22.22 -18.18 49.29
CA PRO E 87 21.92 -17.34 48.15
C PRO E 87 20.44 -16.99 48.00
N VAL E 88 20.22 -15.82 47.44
CA VAL E 88 18.89 -15.36 47.22
C VAL E 88 18.70 -15.16 45.72
N MET E 89 17.70 -15.84 45.18
CA MET E 89 17.27 -15.71 43.80
C MET E 89 15.99 -14.92 43.73
N ALA E 90 15.69 -14.34 42.57
CA ALA E 90 14.40 -13.66 42.36
C ALA E 90 13.92 -13.70 40.90
N L5P E 91 12.68 -13.27 40.65
CA L5P E 91 12.18 -13.39 39.31
CB L5P E 91 10.81 -14.02 39.26
CG L5P E 91 11.01 -15.40 39.80
CD L5P E 91 9.71 -16.16 39.91
CE L5P E 91 10.12 -17.55 39.52
NZ L5P E 91 9.34 -18.63 40.08
C1 L5P E 91 12.01 -12.17 38.51
O L5P E 91 11.61 -11.13 39.01
O4 L5P E 91 10.66 -20.92 41.41
C3 L5P E 91 9.94 -21.02 40.44
C2 L5P E 91 9.76 -19.89 39.46
C5 L5P E 91 9.21 -22.28 40.14
O13 L5P E 91 8.43 -22.09 38.95
C6 L5P E 91 8.31 -22.62 41.29
O14 L5P E 91 9.13 -23.07 42.38
C7 L5P E 91 7.37 -23.73 40.88
O8 L5P E 91 6.78 -24.10 42.11
P9 L5P E 91 5.43 -24.88 42.15
O12 L5P E 91 5.88 -26.30 42.02
O11 L5P E 91 4.88 -24.40 43.43
O10 L5P E 91 4.60 -24.37 41.05
N VAL E 92 12.24 -12.32 37.22
CA VAL E 92 11.80 -11.25 36.36
C VAL E 92 10.91 -11.74 35.24
N ARG E 93 10.16 -10.78 34.73
CA ARG E 93 9.33 -11.02 33.59
C ARG E 93 10.19 -11.22 32.36
N ILE E 94 9.74 -12.15 31.52
CA ILE E 94 10.43 -12.45 30.29
C ILE E 94 10.60 -11.20 29.43
N GLY E 95 11.85 -10.99 29.04
CA GLY E 95 12.22 -9.83 28.29
C GLY E 95 12.49 -8.60 29.11
N HIS E 96 12.16 -8.59 30.41
CA HIS E 96 12.26 -7.33 31.17
C HIS E 96 13.69 -6.98 31.63
N TYR E 97 14.42 -6.34 30.73
CA TYR E 97 15.84 -6.06 30.91
C TYR E 97 16.14 -5.26 32.16
N VAL E 98 15.32 -4.22 32.34
CA VAL E 98 15.50 -3.29 33.46
C VAL E 98 15.20 -4.02 34.80
N GLU E 99 14.10 -4.74 34.90
CA GLU E 99 13.84 -5.52 36.11
C GLU E 99 15.07 -6.32 36.52
N ALA E 100 15.67 -6.95 35.55
CA ALA E 100 16.83 -7.78 35.77
C ALA E 100 17.98 -6.89 36.22
N ARG E 101 18.20 -5.76 35.53
CA ARG E 101 19.22 -4.85 35.98
C ARG E 101 19.03 -4.41 37.45
N VAL E 102 17.79 -4.21 37.82
CA VAL E 102 17.43 -3.82 39.18
C VAL E 102 17.78 -4.92 40.15
N LEU E 103 17.31 -6.13 39.85
CA LEU E 103 17.67 -7.24 40.73
C LEU E 103 19.16 -7.38 40.83
N GLU E 104 19.87 -7.18 39.73
CA GLU E 104 21.33 -7.25 39.74
C GLU E 104 21.89 -6.20 40.69
N ALA E 105 21.45 -4.95 40.51
CA ALA E 105 21.87 -3.85 41.37
C ALA E 105 21.60 -4.17 42.84
N LEU E 106 20.49 -4.84 43.13
CA LEU E 106 20.22 -5.25 44.53
C LEU E 106 21.17 -6.31 45.11
N GLY E 107 22.02 -6.92 44.29
CA GLY E 107 22.85 -8.03 44.79
C GLY E 107 22.27 -9.45 44.69
N VAL E 108 21.10 -9.58 44.09
CA VAL E 108 20.49 -10.92 43.87
C VAL E 108 21.53 -11.90 43.30
N ASP E 109 21.54 -13.13 43.76
CA ASP E 109 22.61 -14.04 43.37
C ASP E 109 22.39 -14.74 42.05
N TYR E 110 21.13 -14.95 41.70
CA TYR E 110 20.76 -15.62 40.43
C TYR E 110 19.40 -15.10 40.00
N ILE E 111 19.28 -14.64 38.77
CA ILE E 111 17.96 -14.18 38.31
C ILE E 111 17.18 -15.27 37.55
N ASP E 112 15.93 -15.45 37.92
CA ASP E 112 15.05 -16.32 37.16
C ASP E 112 14.16 -15.54 36.16
N GLU E 113 14.53 -15.59 34.88
CA GLU E 113 13.69 -15.01 33.83
C GLU E 113 12.51 -15.96 33.67
N SER E 114 11.36 -15.63 34.24
CA SER E 114 10.36 -16.65 34.52
C SER E 114 9.03 -16.53 33.75
N GLU E 115 8.59 -17.67 33.26
CA GLU E 115 7.29 -17.76 32.65
C GLU E 115 6.15 -17.72 33.66
N VAL E 116 6.38 -17.85 34.97
CA VAL E 116 5.25 -17.75 35.89
C VAL E 116 4.83 -16.29 36.04
N LEU E 117 5.76 -15.38 35.80
CA LEU E 117 5.44 -13.96 35.75
C LEU E 117 4.86 -13.59 34.41
N THR E 118 4.22 -12.44 34.35
CA THR E 118 3.59 -12.08 33.10
C THR E 118 4.61 -11.55 32.08
N PRO E 119 4.73 -12.21 30.89
CA PRO E 119 5.86 -11.85 30.03
C PRO E 119 5.80 -10.40 29.58
N ALA E 120 6.95 -9.76 29.52
CA ALA E 120 7.05 -8.35 29.10
C ALA E 120 7.43 -8.22 27.64
N ASP E 121 8.14 -9.22 27.13
CA ASP E 121 8.45 -9.30 25.70
C ASP E 121 8.09 -10.69 25.18
N GLU E 122 7.06 -10.75 24.33
CA GLU E 122 6.58 -12.04 23.80
C GLU E 122 7.38 -12.59 22.62
N GLU E 123 8.40 -11.86 22.18
CA GLU E 123 9.24 -12.27 21.05
C GLU E 123 10.75 -12.40 21.39
N PHE E 124 11.24 -11.58 22.29
CA PHE E 124 12.67 -11.57 22.62
C PHE E 124 12.98 -11.63 24.11
N HIS E 125 13.80 -12.61 24.48
CA HIS E 125 14.22 -12.74 25.86
C HIS E 125 15.31 -11.77 26.12
N ILE E 126 15.67 -11.64 27.39
CA ILE E 126 16.74 -10.76 27.84
C ILE E 126 18.06 -11.31 27.25
N ASP E 127 18.89 -10.38 26.81
CA ASP E 127 20.24 -10.72 26.41
C ASP E 127 21.13 -10.93 27.66
N LYS E 128 21.04 -12.13 28.19
CA LYS E 128 21.62 -12.42 29.51
C LYS E 128 23.15 -12.31 29.48
N ARG E 129 23.72 -12.41 28.29
CA ARG E 129 25.18 -12.27 28.12
C ARG E 129 25.68 -10.95 28.69
N GLN E 130 24.87 -9.90 28.60
CA GLN E 130 25.34 -8.55 28.96
C GLN E 130 25.41 -8.34 30.49
N PHE E 131 24.98 -9.32 31.28
CA PHE E 131 24.95 -9.16 32.72
C PHE E 131 26.14 -9.84 33.37
N THR E 132 26.37 -9.46 34.62
CA THR E 132 27.37 -10.06 35.46
C THR E 132 26.73 -11.16 36.29
N VAL E 133 25.54 -10.88 36.79
CA VAL E 133 24.80 -11.86 37.56
C VAL E 133 24.22 -12.92 36.62
N PRO E 134 24.22 -14.19 37.07
CA PRO E 134 23.73 -15.25 36.22
C PRO E 134 22.22 -15.38 36.20
N PHE E 135 21.75 -16.04 35.15
CA PHE E 135 20.34 -16.29 34.99
C PHE E 135 20.05 -17.79 34.90
N VAL E 136 18.91 -18.14 35.45
CA VAL E 136 18.31 -19.43 35.22
C VAL E 136 17.08 -19.24 34.32
N CYS E 137 16.92 -20.16 33.36
CA CYS E 137 15.72 -20.16 32.48
C CYS E 137 15.08 -21.52 32.38
N GLY E 138 13.78 -21.51 32.13
CA GLY E 138 12.99 -22.72 31.98
C GLY E 138 13.03 -23.26 30.57
N CYS E 139 12.85 -24.57 30.43
CA CYS E 139 12.78 -25.18 29.08
C CYS E 139 11.93 -26.47 29.05
N ARG E 140 11.39 -26.79 27.88
CA ARG E 140 10.58 -27.98 27.69
C ARG E 140 11.23 -28.99 26.80
N ASP E 141 12.27 -28.54 26.10
CA ASP E 141 13.01 -29.39 25.18
C ASP E 141 14.35 -28.76 24.87
N LEU E 142 15.20 -29.56 24.27
CA LEU E 142 16.58 -29.16 24.05
C LEU E 142 16.74 -27.96 23.15
N GLY E 143 15.81 -27.74 22.23
CA GLY E 143 15.87 -26.57 21.33
C GLY E 143 15.71 -25.31 22.17
N GLU E 144 14.64 -25.32 22.95
CA GLU E 144 14.34 -24.24 23.90
C GLU E 144 15.55 -24.05 24.79
N ALA E 145 16.08 -25.16 25.34
CA ALA E 145 17.26 -25.06 26.21
C ALA E 145 18.42 -24.37 25.53
N ALA E 146 18.74 -24.85 24.36
CA ALA E 146 19.85 -24.29 23.58
C ALA E 146 19.61 -22.82 23.24
N ARG E 147 18.39 -22.41 22.91
CA ARG E 147 18.18 -21.00 22.64
C ARG E 147 18.49 -20.12 23.87
N ARG E 148 17.98 -20.55 25.02
CA ARG E 148 18.26 -19.84 26.30
C ARG E 148 19.76 -19.83 26.58
N ILE E 149 20.42 -20.96 26.35
CA ILE E 149 21.85 -20.91 26.54
C ILE E 149 22.48 -19.90 25.58
N ALA E 150 22.05 -19.90 24.33
CA ALA E 150 22.67 -18.96 23.36
C ALA E 150 22.40 -17.52 23.74
N GLU E 151 21.27 -17.27 24.41
CA GLU E 151 21.00 -15.92 24.97
C GLU E 151 21.85 -15.54 26.19
N GLY E 152 22.58 -16.52 26.73
CA GLY E 152 23.42 -16.34 27.91
C GLY E 152 22.88 -16.95 29.22
N ALA E 153 21.83 -17.79 29.18
CA ALA E 153 21.39 -18.41 30.42
C ALA E 153 22.52 -19.30 31.01
N SER E 154 22.70 -19.31 32.34
CA SER E 154 23.80 -20.10 32.93
C SER E 154 23.32 -21.34 33.70
N MET E 155 22.00 -21.48 33.80
CA MET E 155 21.32 -22.54 34.50
C MET E 155 19.91 -22.73 33.89
N LEU E 156 19.45 -23.98 33.93
CA LEU E 156 18.14 -24.28 33.43
C LEU E 156 17.28 -25.04 34.43
N ARG E 157 15.98 -25.00 34.17
CA ARG E 157 15.00 -25.80 34.89
C ARG E 157 13.87 -26.22 33.97
N THR E 158 13.24 -27.32 34.32
CA THR E 158 12.00 -27.67 33.64
C THR E 158 11.01 -26.56 33.86
N LYS E 159 10.08 -26.39 32.95
CA LYS E 159 9.00 -25.45 33.16
C LYS E 159 7.92 -25.97 34.07
N GLY E 160 7.59 -27.24 33.91
CA GLY E 160 6.43 -27.84 34.56
C GLY E 160 5.12 -27.09 34.33
N GLU E 161 4.18 -27.33 35.25
CA GLU E 161 3.01 -26.48 35.39
C GLU E 161 2.97 -26.02 36.87
N PRO E 162 3.56 -24.85 37.16
CA PRO E 162 3.70 -24.33 38.51
C PRO E 162 2.38 -24.07 39.17
N GLY E 163 2.31 -24.28 40.48
CA GLY E 163 1.10 -24.07 41.24
C GLY E 163 -0.01 -25.13 41.08
N THR E 164 0.25 -26.16 40.28
CA THR E 164 -0.75 -27.23 40.10
C THR E 164 -0.56 -28.41 41.07
N GLY E 165 0.56 -28.48 41.76
CA GLY E 165 0.83 -29.68 42.53
C GLY E 165 0.97 -30.93 41.69
N ASN E 166 1.18 -30.77 40.40
CA ASN E 166 1.24 -31.93 39.48
C ASN E 166 2.57 -31.98 38.77
N ILE E 167 3.38 -33.01 39.07
CA ILE E 167 4.71 -33.17 38.43
C ILE E 167 4.72 -33.60 36.93
N VAL E 168 3.57 -34.03 36.40
CA VAL E 168 3.50 -34.63 35.09
C VAL E 168 4.28 -33.82 33.99
N GLU E 169 4.05 -32.52 33.93
CA GLU E 169 4.77 -31.66 33.02
C GLU E 169 6.28 -31.60 33.27
N ALA E 170 6.68 -31.49 34.54
CA ALA E 170 8.11 -31.47 34.85
C ALA E 170 8.79 -32.77 34.44
N VAL E 171 8.08 -33.86 34.68
CA VAL E 171 8.54 -35.16 34.22
C VAL E 171 8.66 -35.17 32.69
N ARG E 172 7.59 -34.78 32.00
CA ARG E 172 7.62 -34.73 30.55
C ARG E 172 8.86 -33.98 30.07
N HIS E 173 9.07 -32.80 30.66
CA HIS E 173 10.18 -31.92 30.23
C HIS E 173 11.56 -32.48 30.52
N MET E 174 11.74 -32.96 31.77
CA MET E 174 13.01 -33.57 32.13
C MET E 174 13.31 -34.78 31.19
N ARG E 175 12.29 -35.60 30.98
CA ARG E 175 12.44 -36.75 30.11
C ARG E 175 12.82 -36.36 28.69
N LYS E 176 12.07 -35.42 28.14
CA LYS E 176 12.35 -34.94 26.80
C LYS E 176 13.77 -34.44 26.69
N VAL E 177 14.12 -33.47 27.55
CA VAL E 177 15.46 -32.89 27.46
C VAL E 177 16.53 -33.97 27.63
N ASN E 178 16.37 -34.83 28.63
CA ASN E 178 17.41 -35.83 28.82
C ASN E 178 17.51 -36.77 27.64
N ALA E 179 16.37 -37.14 27.07
CA ALA E 179 16.40 -38.04 25.91
C ALA E 179 17.04 -37.38 24.73
N GLN E 180 16.77 -36.10 24.54
CA GLN E 180 17.39 -35.40 23.43
C GLN E 180 18.88 -35.22 23.68
N ILE E 181 19.29 -35.03 24.93
CA ILE E 181 20.74 -34.95 25.15
C ILE E 181 21.42 -36.26 24.73
N ARG E 182 20.84 -37.38 25.16
CA ARG E 182 21.42 -38.67 24.86
C ARG E 182 21.56 -38.92 23.39
N LYS E 183 20.55 -38.52 22.62
CA LYS E 183 20.58 -38.65 21.18
C LYS E 183 21.77 -37.85 20.60
N VAL E 184 21.87 -36.59 20.99
CA VAL E 184 22.91 -35.72 20.49
C VAL E 184 24.29 -36.24 20.87
N VAL E 185 24.42 -36.73 22.09
CA VAL E 185 25.74 -37.15 22.55
C VAL E 185 26.26 -38.24 21.63
N ASN E 186 25.38 -39.15 21.20
CA ASN E 186 25.85 -40.36 20.48
C ASN E 186 25.54 -40.29 18.99
N MET E 187 24.97 -39.18 18.57
CA MET E 187 24.61 -38.93 17.19
C MET E 187 25.84 -38.84 16.29
N SER E 188 25.68 -39.25 15.04
CA SER E 188 26.71 -39.09 14.03
C SER E 188 27.02 -37.63 13.74
N GLU E 189 28.29 -37.26 13.87
CA GLU E 189 28.71 -35.86 13.84
C GLU E 189 28.14 -35.08 12.66
N ASP E 190 28.12 -35.70 11.49
CA ASP E 190 27.63 -35.04 10.28
C ASP E 190 26.12 -34.77 10.25
N GLU E 191 25.38 -35.25 11.23
CA GLU E 191 23.92 -35.01 11.30
C GLU E 191 23.47 -33.81 12.22
N LEU E 192 24.42 -33.24 12.92
CA LEU E 192 24.10 -32.18 13.87
C LEU E 192 23.46 -30.94 13.25
N VAL E 193 24.01 -30.41 12.17
CA VAL E 193 23.49 -29.20 11.61
C VAL E 193 21.99 -29.42 11.27
N ALA E 194 21.70 -30.53 10.61
CA ALA E 194 20.30 -30.86 10.32
C ALA E 194 19.48 -31.09 11.59
N GLU E 195 20.05 -31.75 12.61
CA GLU E 195 19.35 -31.86 13.90
C GLU E 195 18.99 -30.48 14.50
N ALA E 196 19.98 -29.62 14.61
CA ALA E 196 19.81 -28.29 15.13
C ALA E 196 18.62 -27.64 14.49
N LYS E 197 18.55 -27.74 13.18
CA LYS E 197 17.47 -27.15 12.44
C LYS E 197 16.11 -27.76 12.81
N GLN E 198 16.08 -29.06 13.00
CA GLN E 198 14.83 -29.68 13.33
C GLN E 198 14.44 -29.18 14.71
N LEU E 199 15.39 -29.11 15.63
CA LEU E 199 15.11 -28.71 17.00
C LEU E 199 14.85 -27.23 17.16
N GLY E 200 15.22 -26.42 16.19
CA GLY E 200 15.19 -24.96 16.42
C GLY E 200 16.37 -24.53 17.30
N ALA E 201 17.38 -25.39 17.42
CA ALA E 201 18.55 -25.13 18.25
C ALA E 201 19.69 -24.42 17.52
N PRO E 202 20.50 -23.69 18.28
CA PRO E 202 21.82 -23.25 17.80
C PRO E 202 22.80 -24.41 17.74
N VAL E 203 23.41 -24.62 16.58
CA VAL E 203 24.20 -25.82 16.37
C VAL E 203 25.43 -25.82 17.27
N GLU E 204 26.01 -24.66 17.46
CA GLU E 204 27.19 -24.57 18.30
C GLU E 204 26.97 -25.17 19.67
N VAL E 205 25.77 -24.96 20.22
CA VAL E 205 25.42 -25.51 21.54
C VAL E 205 25.34 -27.03 21.49
N LEU E 206 24.77 -27.55 20.41
CA LEU E 206 24.67 -29.02 20.31
C LEU E 206 26.06 -29.60 20.16
N ARG E 207 26.91 -28.84 19.47
CA ARG E 207 28.29 -29.25 19.30
C ARG E 207 28.95 -29.27 20.64
N GLU E 208 28.75 -28.21 21.42
CA GLU E 208 29.33 -28.18 22.76
C GLU E 208 28.85 -29.36 23.59
N ILE E 209 27.55 -29.61 23.52
CA ILE E 209 26.98 -30.78 24.22
C ILE E 209 27.70 -32.05 23.80
N LYS E 210 27.80 -32.25 22.49
CA LYS E 210 28.41 -33.48 22.01
C LYS E 210 29.87 -33.59 22.42
N ARG E 211 30.61 -32.51 22.29
CA ARG E 211 32.02 -32.48 22.66
C ARG E 211 32.17 -32.83 24.13
N LEU E 212 31.33 -32.21 24.96
CA LEU E 212 31.43 -32.37 26.41
C LEU E 212 30.89 -33.71 26.91
N GLY E 213 29.95 -34.28 26.16
CA GLY E 213 29.28 -35.52 26.57
C GLY E 213 28.08 -35.31 27.48
N ARG E 214 27.74 -34.05 27.72
CA ARG E 214 26.61 -33.71 28.59
C ARG E 214 26.19 -32.27 28.36
N LEU E 215 25.10 -31.89 28.97
CA LEU E 215 24.66 -30.52 28.88
C LEU E 215 25.68 -29.72 29.64
N PRO E 216 26.09 -28.54 29.12
CA PRO E 216 27.13 -27.68 29.73
C PRO E 216 26.60 -26.76 30.84
N VAL E 217 25.32 -26.82 31.16
CA VAL E 217 24.79 -26.12 32.30
C VAL E 217 23.95 -27.06 33.17
N VAL E 218 23.78 -26.66 34.42
CA VAL E 218 22.98 -27.40 35.36
C VAL E 218 21.51 -27.31 34.95
N ASN E 219 20.83 -28.44 35.10
CA ASN E 219 19.40 -28.50 34.84
C ASN E 219 18.57 -29.07 36.01
N PHE E 220 17.67 -28.23 36.52
CA PHE E 220 16.88 -28.56 37.72
C PHE E 220 15.41 -28.89 37.38
N ALA E 221 14.77 -29.61 38.28
CA ALA E 221 13.35 -29.87 38.14
C ALA E 221 12.61 -28.80 38.84
N ALA E 222 11.50 -28.41 38.24
CA ALA E 222 10.66 -27.36 38.77
C ALA E 222 9.26 -27.51 38.19
N GLY E 223 8.29 -27.29 39.05
CA GLY E 223 6.88 -27.34 38.66
C GLY E 223 6.18 -28.57 39.22
N GLY E 224 5.39 -28.34 40.27
CA GLY E 224 4.46 -29.35 40.80
C GLY E 224 5.05 -30.33 41.80
N VAL E 225 6.32 -30.11 42.17
CA VAL E 225 6.99 -30.99 43.16
C VAL E 225 6.31 -30.79 44.50
N THR E 226 5.67 -31.85 44.95
CA THR E 226 4.75 -31.75 46.05
C THR E 226 5.12 -32.66 47.22
N THR E 227 5.76 -33.78 46.96
CA THR E 227 6.04 -34.78 47.97
C THR E 227 7.51 -35.27 47.89
N PRO E 228 8.01 -35.86 48.97
CA PRO E 228 9.36 -36.38 48.97
C PRO E 228 9.54 -37.36 47.84
N ALA E 229 8.51 -38.15 47.57
CA ALA E 229 8.55 -39.08 46.41
C ALA E 229 8.71 -38.31 45.11
N ASP E 230 7.94 -37.21 44.96
CA ASP E 230 8.10 -36.33 43.81
C ASP E 230 9.53 -35.86 43.69
N ALA E 231 10.04 -35.27 44.76
CA ALA E 231 11.43 -34.80 44.75
C ALA E 231 12.43 -35.91 44.40
N ALA E 232 12.33 -37.06 45.02
CA ALA E 232 13.29 -38.12 44.69
C ALA E 232 13.15 -38.61 43.24
N LEU E 233 11.90 -38.63 42.74
CA LEU E 233 11.64 -39.06 41.34
C LEU E 233 12.41 -38.19 40.34
N MET E 234 12.39 -36.86 40.51
CA MET E 234 13.06 -35.98 39.60
C MET E 234 14.55 -36.24 39.64
N MET E 235 15.09 -36.51 40.83
CA MET E 235 16.50 -36.86 40.87
C MET E 235 16.70 -38.15 40.13
N HIS E 236 15.79 -39.10 40.33
CA HIS E 236 15.90 -40.37 39.66
C HIS E 236 15.93 -40.21 38.15
N LEU E 237 15.07 -39.32 37.65
CA LEU E 237 15.02 -39.02 36.22
C LEU E 237 16.18 -38.13 35.78
N GLY E 238 17.18 -37.90 36.63
CA GLY E 238 18.34 -37.14 36.20
C GLY E 238 18.29 -35.63 36.36
N ALA E 239 17.40 -35.10 37.18
CA ALA E 239 17.52 -33.69 37.57
C ALA E 239 18.83 -33.45 38.38
N ASP E 240 19.33 -32.21 38.31
CA ASP E 240 20.47 -31.78 39.12
C ASP E 240 20.04 -31.22 40.48
N GLY E 241 18.75 -31.10 40.68
CA GLY E 241 18.22 -30.53 41.91
C GLY E 241 16.78 -30.11 41.70
N VAL E 242 16.17 -29.56 42.75
CA VAL E 242 14.78 -29.17 42.60
C VAL E 242 14.41 -27.80 43.13
N PHE E 243 13.46 -27.19 42.42
CA PHE E 243 12.83 -25.98 42.85
C PHE E 243 11.47 -26.38 43.42
N VAL E 244 11.13 -25.78 44.57
CA VAL E 244 9.84 -26.02 45.19
C VAL E 244 9.28 -24.70 45.67
N GLY E 245 8.05 -24.41 45.29
CA GLY E 245 7.40 -23.20 45.74
C GLY E 245 6.16 -23.46 46.53
N SER E 246 5.12 -23.79 45.80
CA SER E 246 3.79 -23.99 46.36
C SER E 246 3.74 -25.19 47.33
N GLY E 247 4.29 -26.33 46.92
CA GLY E 247 4.15 -27.59 47.67
C GLY E 247 4.57 -27.63 49.13
N ILE E 248 5.42 -26.66 49.53
CA ILE E 248 5.89 -26.51 50.90
C ILE E 248 5.08 -25.49 51.69
N PHE E 249 4.78 -24.35 51.11
CA PHE E 249 4.11 -23.31 51.89
C PHE E 249 2.60 -23.30 51.74
N LYS E 250 2.09 -24.07 50.79
CA LYS E 250 0.65 -24.39 50.72
C LYS E 250 0.32 -25.70 51.42
N SER E 251 1.33 -26.37 51.95
CA SER E 251 1.10 -27.59 52.71
C SER E 251 0.61 -27.31 54.14
N GLU E 252 0.15 -28.38 54.82
CA GLU E 252 -0.24 -28.26 56.24
C GLU E 252 0.89 -27.72 57.14
N ASN E 253 2.02 -28.45 57.21
CA ASN E 253 3.20 -27.96 57.92
C ASN E 253 4.44 -27.74 57.05
N PRO E 254 4.54 -26.50 56.52
CA PRO E 254 5.67 -26.15 55.68
C PRO E 254 6.98 -26.67 56.26
N GLU E 255 7.26 -26.30 57.50
CA GLU E 255 8.53 -26.65 58.12
C GLU E 255 8.84 -28.12 58.06
N LYS E 256 7.81 -28.94 58.14
CA LYS E 256 8.00 -30.37 58.11
C LYS E 256 8.16 -30.85 56.67
N TYR E 257 7.38 -30.26 55.77
CA TYR E 257 7.55 -30.59 54.35
C TYR E 257 8.99 -30.34 53.92
N ALA E 258 9.43 -29.10 54.21
CA ALA E 258 10.73 -28.59 53.81
C ALA E 258 11.86 -29.57 54.16
N ARG E 259 11.86 -30.09 55.36
CA ARG E 259 12.92 -31.01 55.78
C ARG E 259 12.85 -32.28 54.97
N ALA E 260 11.62 -32.74 54.77
CA ALA E 260 11.40 -34.00 54.07
C ALA E 260 11.85 -33.93 52.58
N ILE E 261 11.47 -32.84 51.90
CA ILE E 261 11.88 -32.66 50.51
C ILE E 261 13.43 -32.60 50.44
N VAL E 262 14.00 -31.78 51.29
CA VAL E 262 15.46 -31.65 51.32
C VAL E 262 16.10 -33.03 51.55
N GLU E 263 15.57 -33.76 52.50
CA GLU E 263 16.23 -35.03 52.82
C GLU E 263 16.03 -36.10 51.73
N ALA E 264 14.86 -36.09 51.10
CA ALA E 264 14.54 -37.03 50.00
C ALA E 264 15.35 -36.73 48.74
N THR E 265 15.45 -35.43 48.44
CA THR E 265 16.28 -34.95 47.37
C THR E 265 17.71 -35.46 47.52
N THR E 266 18.27 -35.30 48.71
CA THR E 266 19.60 -35.82 48.99
C THR E 266 19.66 -37.30 48.97
N HIS E 267 18.76 -37.99 49.65
CA HIS E 267 18.80 -39.47 49.68
C HIS E 267 17.77 -40.11 48.77
N TYR E 268 17.78 -39.67 47.53
CA TYR E 268 16.75 -40.10 46.56
C TYR E 268 16.70 -41.59 46.22
N GLU E 269 17.74 -42.35 46.56
CA GLU E 269 17.71 -43.81 46.34
C GLU E 269 17.46 -44.64 47.61
N ASP E 270 17.22 -43.98 48.74
CA ASP E 270 16.95 -44.68 49.97
C ASP E 270 15.47 -44.70 50.18
N TYR E 271 14.90 -45.79 49.72
CA TYR E 271 13.44 -45.88 49.70
C TYR E 271 12.83 -46.07 51.09
N GLU E 272 13.58 -46.71 51.98
CA GLU E 272 13.13 -46.95 53.37
C GLU E 272 13.02 -45.61 54.07
N LEU E 273 14.10 -44.85 53.91
CA LEU E 273 14.16 -43.51 54.44
C LEU E 273 13.07 -42.64 53.82
N ILE E 274 12.93 -42.67 52.50
CA ILE E 274 11.92 -41.82 51.87
C ILE E 274 10.56 -42.15 52.42
N ALA E 275 10.32 -43.45 52.53
CA ALA E 275 9.07 -43.96 53.09
C ALA E 275 8.86 -43.39 54.49
N HIS E 276 9.89 -43.50 55.32
CA HIS E 276 9.82 -42.89 56.65
C HIS E 276 9.48 -41.36 56.58
N LEU E 277 10.25 -40.63 55.80
CA LEU E 277 10.08 -39.19 55.66
C LEU E 277 8.70 -38.81 55.16
N SER E 278 8.10 -39.69 54.37
CA SER E 278 6.78 -39.41 53.82
C SER E 278 5.72 -39.61 54.87
N LYS E 279 6.07 -40.29 55.95
CA LYS E 279 5.08 -40.90 56.85
C LYS E 279 4.13 -39.87 57.46
N GLY E 280 4.63 -39.01 58.32
CA GLY E 280 3.73 -38.19 59.12
C GLY E 280 3.22 -36.94 58.44
N LEU E 281 3.58 -36.75 57.18
CA LEU E 281 3.48 -35.42 56.54
C LEU E 281 2.15 -34.71 56.73
N GLY E 282 1.06 -35.46 56.61
CA GLY E 282 -0.26 -34.85 56.62
C GLY E 282 -0.56 -34.17 55.29
N GLY E 283 -1.51 -33.26 55.32
CA GLY E 283 -2.07 -32.62 54.13
C GLY E 283 -1.13 -31.85 53.21
N ALA E 284 -1.14 -32.29 51.94
CA ALA E 284 -0.43 -31.66 50.84
C ALA E 284 -1.40 -30.76 50.08
N MET E 285 -0.88 -29.77 49.35
CA MET E 285 -1.72 -28.89 48.52
C MET E 285 -2.56 -29.72 47.53
N ARG E 286 -3.81 -29.30 47.34
CA ARG E 286 -4.77 -30.10 46.52
C ARG E 286 -4.31 -30.27 45.08
N GLY E 287 -3.84 -29.17 44.48
CA GLY E 287 -3.41 -29.18 43.10
C GLY E 287 -4.56 -29.13 42.10
N ILE E 288 -4.17 -29.09 40.82
CA ILE E 288 -5.10 -28.94 39.71
C ILE E 288 -4.77 -30.02 38.67
N ASP E 289 -5.79 -30.67 38.13
CA ASP E 289 -5.58 -31.72 37.12
C ASP E 289 -4.89 -31.13 35.89
N ILE E 290 -5.66 -30.34 35.13
CA ILE E 290 -5.28 -29.75 33.83
C ILE E 290 -6.57 -29.05 33.36
N ALA E 291 -6.86 -29.12 32.05
CA ALA E 291 -8.06 -28.52 31.49
C ALA E 291 -7.92 -27.01 31.64
N THR E 292 -6.68 -26.54 31.59
CA THR E 292 -6.34 -25.13 31.59
C THR E 292 -6.13 -24.73 30.11
N LEU E 293 -6.68 -23.56 29.76
CA LEU E 293 -6.75 -23.10 28.35
C LEU E 293 -5.43 -22.50 27.82
N LEU E 294 -4.81 -21.63 28.62
CA LEU E 294 -3.58 -20.91 28.25
C LEU E 294 -2.37 -20.92 29.24
N PRO E 295 -2.57 -21.10 30.57
CA PRO E 295 -1.46 -20.97 31.55
C PRO E 295 -0.10 -21.59 31.22
N GLU E 296 0.95 -20.78 31.46
CA GLU E 296 2.36 -21.21 31.45
C GLU E 296 2.86 -21.77 30.10
N HIS E 297 4.15 -22.08 30.02
CA HIS E 297 4.83 -22.42 28.76
C HIS E 297 4.83 -21.19 27.83
N ARG E 298 5.22 -20.05 28.40
CA ARG E 298 5.15 -18.73 27.73
C ARG E 298 6.45 -18.34 27.02
N MET E 299 7.54 -19.03 27.32
CA MET E 299 8.84 -18.77 26.66
C MET E 299 8.86 -19.08 25.15
N GLN E 300 9.94 -18.67 24.52
CA GLN E 300 10.09 -18.63 23.08
C GLN E 300 11.27 -19.55 22.70
N MET F 11 56.19 -23.60 11.11
CA MET F 11 55.09 -24.62 11.19
C MET F 11 54.02 -24.33 10.13
N ALA F 12 54.05 -25.11 9.03
CA ALA F 12 53.04 -24.96 7.98
C ALA F 12 51.77 -25.71 8.34
N LEU F 13 50.72 -24.92 8.50
CA LEU F 13 49.36 -25.37 8.75
C LEU F 13 48.56 -25.33 7.45
N THR F 14 47.98 -26.46 7.05
CA THR F 14 47.10 -26.48 5.92
C THR F 14 45.64 -26.60 6.37
N GLY F 15 44.71 -26.37 5.44
CA GLY F 15 43.27 -26.53 5.69
C GLY F 15 42.65 -25.60 6.72
N THR F 16 43.31 -24.49 7.06
CA THR F 16 42.73 -23.52 7.96
C THR F 16 41.65 -22.73 7.23
N ASP F 17 40.65 -22.30 8.01
CA ASP F 17 39.52 -21.53 7.47
C ASP F 17 40.05 -20.34 6.70
N ARG F 18 41.08 -19.72 7.24
CA ARG F 18 41.68 -18.58 6.60
C ARG F 18 42.20 -18.94 5.20
N VAL F 19 42.80 -20.11 5.07
CA VAL F 19 43.36 -20.57 3.80
C VAL F 19 42.23 -20.93 2.84
N LYS F 20 41.25 -21.67 3.34
CA LYS F 20 40.08 -22.08 2.53
C LYS F 20 39.26 -20.91 1.99
N ARG F 21 38.97 -19.99 2.89
CA ARG F 21 38.25 -18.77 2.52
C ARG F 21 39.11 -17.83 1.69
N GLY F 22 40.39 -17.70 2.04
CA GLY F 22 41.34 -16.83 1.29
C GLY F 22 41.39 -17.21 -0.19
N MET F 23 41.51 -18.48 -0.46
CA MET F 23 41.47 -18.92 -1.83
C MET F 23 40.26 -18.34 -2.54
N ALA F 24 39.11 -18.25 -1.85
CA ALA F 24 37.91 -17.70 -2.51
C ALA F 24 38.05 -16.18 -2.66
N GLU F 25 38.65 -15.53 -1.64
CA GLU F 25 38.84 -14.08 -1.69
C GLU F 25 39.71 -13.75 -2.90
N MET F 26 40.65 -14.65 -3.22
CA MET F 26 41.47 -14.47 -4.43
C MET F 26 40.72 -14.67 -5.76
N GLN F 27 39.48 -15.09 -5.73
CA GLN F 27 38.72 -15.27 -6.95
C GLN F 27 37.84 -14.08 -7.29
N LYS F 28 37.70 -13.14 -6.35
CA LYS F 28 36.75 -12.05 -6.53
C LYS F 28 36.97 -11.24 -7.80
N GLY F 29 35.88 -10.67 -8.31
CA GLY F 29 35.92 -9.79 -9.47
C GLY F 29 36.04 -10.52 -10.79
N GLY F 30 35.97 -11.84 -10.73
CA GLY F 30 36.19 -12.65 -11.93
C GLY F 30 35.09 -13.65 -12.24
N VAL F 31 35.31 -14.39 -13.31
CA VAL F 31 34.37 -15.29 -13.85
C VAL F 31 34.93 -16.67 -13.76
N ILE F 32 34.09 -17.60 -13.29
CA ILE F 32 34.43 -19.00 -13.29
C ILE F 32 33.54 -19.70 -14.29
N MET F 33 34.16 -20.51 -15.18
CA MET F 33 33.45 -21.07 -16.34
C MET F 33 33.31 -22.56 -16.29
N ASP F 34 32.13 -23.07 -16.62
CA ASP F 34 31.95 -24.50 -16.67
C ASP F 34 32.59 -25.02 -17.94
N VAL F 35 33.39 -26.08 -17.82
CA VAL F 35 34.03 -26.70 -18.96
C VAL F 35 33.86 -28.20 -18.89
N VAL F 36 33.62 -28.80 -20.06
CA VAL F 36 33.48 -30.26 -20.20
C VAL F 36 34.76 -30.95 -20.72
N ASN F 37 35.70 -30.15 -21.27
CA ASN F 37 36.98 -30.65 -21.80
C ASN F 37 38.11 -29.62 -21.79
N ALA F 38 39.30 -30.04 -22.20
CA ALA F 38 40.51 -29.18 -22.15
C ALA F 38 40.45 -28.03 -23.13
N GLU F 39 39.86 -28.27 -24.29
CA GLU F 39 39.77 -27.21 -25.27
C GLU F 39 39.07 -26.01 -24.61
N GLN F 40 37.85 -26.27 -24.17
CA GLN F 40 37.04 -25.30 -23.45
C GLN F 40 37.81 -24.63 -22.33
N ALA F 41 38.49 -25.44 -21.53
CA ALA F 41 39.33 -24.92 -20.45
C ALA F 41 40.37 -23.91 -20.94
N LYS F 42 41.02 -24.25 -22.05
CA LYS F 42 42.02 -23.33 -22.63
C LYS F 42 41.35 -22.05 -23.13
N ILE F 43 40.17 -22.20 -23.73
CA ILE F 43 39.44 -21.01 -24.17
C ILE F 43 39.10 -20.10 -23.00
N ALA F 44 38.65 -20.74 -21.93
CA ALA F 44 38.34 -20.02 -20.71
C ALA F 44 39.56 -19.33 -20.16
N GLU F 45 40.69 -20.06 -20.03
CA GLU F 45 41.91 -19.39 -19.51
C GLU F 45 42.29 -18.20 -20.41
N ALA F 46 42.24 -18.43 -21.72
CA ALA F 46 42.59 -17.40 -22.69
C ALA F 46 41.68 -16.19 -22.56
N ALA F 47 40.40 -16.44 -22.31
CA ALA F 47 39.42 -15.35 -22.20
C ALA F 47 39.57 -14.56 -20.93
N GLY F 48 40.29 -15.07 -19.96
CA GLY F 48 40.50 -14.38 -18.70
C GLY F 48 39.74 -14.93 -17.50
N ALA F 49 39.19 -16.16 -17.62
CA ALA F 49 38.47 -16.80 -16.51
C ALA F 49 39.42 -16.90 -15.32
N VAL F 50 38.87 -16.76 -14.10
CA VAL F 50 39.67 -16.90 -12.88
C VAL F 50 39.76 -18.35 -12.42
N ALA F 51 38.91 -19.20 -12.98
CA ALA F 51 38.95 -20.63 -12.71
C ALA F 51 38.02 -21.35 -13.65
N VAL F 52 38.07 -22.67 -13.61
CA VAL F 52 37.14 -23.46 -14.44
C VAL F 52 36.50 -24.53 -13.60
N MET F 53 35.21 -24.79 -13.84
CA MET F 53 34.44 -25.79 -13.13
C MET F 53 34.27 -26.95 -14.08
N ALA F 54 34.85 -28.09 -13.74
CA ALA F 54 34.84 -29.28 -14.59
C ALA F 54 33.60 -30.19 -14.34
N LEU F 55 32.91 -30.55 -15.43
CA LEU F 55 31.77 -31.45 -15.33
C LEU F 55 31.54 -32.27 -16.60
N GLU F 56 30.66 -33.28 -16.51
CA GLU F 56 30.40 -34.20 -17.64
C GLU F 56 29.51 -33.57 -18.67
N ARG F 57 28.48 -32.88 -18.19
CA ARG F 57 27.55 -32.17 -19.06
C ARG F 57 27.30 -30.77 -18.49
N VAL F 58 27.15 -29.81 -19.40
CA VAL F 58 26.84 -28.43 -19.04
C VAL F 58 25.37 -28.44 -18.51
N PRO F 59 25.04 -27.58 -17.53
CA PRO F 59 23.73 -27.63 -16.86
C PRO F 59 22.50 -27.67 -17.78
N ALA F 60 22.53 -26.86 -18.85
CA ALA F 60 21.47 -26.88 -19.87
C ALA F 60 21.26 -28.25 -20.49
N ASP F 61 22.38 -28.94 -20.73
CA ASP F 61 22.37 -30.34 -21.20
C ASP F 61 21.97 -31.32 -20.12
N ILE F 62 22.40 -31.06 -18.88
CA ILE F 62 21.95 -31.88 -17.73
C ILE F 62 20.42 -31.87 -17.69
N ARG F 63 19.86 -30.67 -17.73
CA ARG F 63 18.40 -30.50 -17.83
C ARG F 63 17.78 -31.32 -18.96
N ALA F 64 18.28 -31.08 -20.17
CA ALA F 64 17.71 -31.62 -21.41
C ALA F 64 17.81 -33.14 -21.46
N ALA F 65 18.90 -33.67 -20.92
CA ALA F 65 19.12 -35.10 -20.91
C ALA F 65 18.38 -35.79 -19.75
N GLY F 66 18.29 -35.11 -18.60
CA GLY F 66 17.68 -35.73 -17.42
C GLY F 66 18.60 -36.85 -16.93
N GLY F 67 18.01 -37.91 -16.38
CA GLY F 67 18.78 -39.02 -15.81
C GLY F 67 19.51 -38.60 -14.54
N VAL F 68 20.43 -39.42 -14.05
CA VAL F 68 21.13 -39.13 -12.79
C VAL F 68 22.45 -38.46 -13.11
N ALA F 69 22.68 -37.26 -12.58
CA ALA F 69 23.94 -36.55 -12.79
C ALA F 69 24.89 -36.72 -11.58
N ARG F 70 26.08 -37.26 -11.88
CA ARG F 70 27.11 -37.58 -10.88
C ARG F 70 28.36 -36.80 -11.06
N MET F 71 29.31 -37.04 -10.16
CA MET F 71 30.68 -36.52 -10.28
C MET F 71 31.22 -36.90 -11.61
N ALA F 72 32.02 -36.01 -12.17
CA ALA F 72 32.65 -36.26 -13.48
C ALA F 72 33.72 -37.34 -13.37
N ASP F 73 33.94 -38.03 -14.47
CA ASP F 73 35.07 -38.96 -14.64
C ASP F 73 36.40 -38.26 -14.32
N PRO F 74 37.16 -38.80 -13.34
CA PRO F 74 38.48 -38.24 -12.96
C PRO F 74 39.40 -37.97 -14.13
N THR F 75 39.37 -38.85 -15.13
CA THR F 75 40.11 -38.65 -16.36
C THR F 75 39.88 -37.23 -16.88
N VAL F 76 38.61 -36.85 -17.01
CA VAL F 76 38.25 -35.54 -17.57
C VAL F 76 38.84 -34.43 -16.68
N ILE F 77 38.76 -34.64 -15.38
CA ILE F 77 39.23 -33.64 -14.44
C ILE F 77 40.74 -33.47 -14.61
N GLU F 78 41.47 -34.57 -14.62
CA GLU F 78 42.93 -34.57 -14.87
C GLU F 78 43.28 -33.88 -16.18
N GLU F 79 42.58 -34.31 -17.23
CA GLU F 79 42.65 -33.67 -18.54
C GLU F 79 42.57 -32.14 -18.38
N VAL F 80 41.51 -31.68 -17.70
CA VAL F 80 41.32 -30.23 -17.54
C VAL F 80 42.42 -29.59 -16.70
N MET F 81 42.83 -30.26 -15.65
CA MET F 81 43.95 -29.77 -14.84
C MET F 81 45.23 -29.61 -15.64
N ASN F 82 45.52 -30.57 -16.50
CA ASN F 82 46.75 -30.49 -17.29
C ASN F 82 46.73 -29.38 -18.31
N ALA F 83 45.54 -29.03 -18.80
CA ALA F 83 45.38 -27.99 -19.81
C ALA F 83 45.49 -26.53 -19.35
N VAL F 84 45.46 -26.24 -18.03
CA VAL F 84 45.40 -24.82 -17.60
C VAL F 84 46.23 -24.55 -16.36
N SER F 85 46.56 -23.27 -16.14
CA SER F 85 47.30 -22.84 -14.95
C SER F 85 46.41 -22.11 -13.91
N ILE F 86 45.16 -21.92 -14.25
CA ILE F 86 44.20 -21.37 -13.30
C ILE F 86 43.55 -22.50 -12.53
N PRO F 87 42.94 -22.20 -11.36
CA PRO F 87 42.36 -23.21 -10.50
C PRO F 87 41.27 -24.00 -11.16
N VAL F 88 41.16 -25.25 -10.76
CA VAL F 88 40.19 -26.17 -11.30
C VAL F 88 39.25 -26.61 -10.19
N MET F 89 37.97 -26.30 -10.36
CA MET F 89 36.90 -26.69 -9.45
C MET F 89 36.17 -27.84 -10.09
N ALA F 90 35.47 -28.62 -9.28
CA ALA F 90 34.58 -29.64 -9.79
C ALA F 90 33.41 -29.88 -8.84
N L5P F 91 32.41 -30.54 -9.38
CA L5P F 91 31.17 -30.81 -8.71
CB L5P F 91 30.08 -30.66 -9.72
CG L5P F 91 30.00 -29.16 -9.95
CD L5P F 91 29.00 -28.83 -11.01
CE L5P F 91 28.34 -27.58 -10.48
NZ L5P F 91 27.96 -26.58 -11.48
C1 L5P F 91 30.99 -32.15 -8.11
O L5P F 91 31.43 -33.16 -8.68
O4 L5P F 91 28.49 -23.81 -11.43
C3 L5P F 91 27.35 -24.24 -11.35
C2 L5P F 91 27.10 -25.61 -10.81
C5 L5P F 91 26.17 -23.42 -11.78
O13 L5P F 91 24.96 -24.17 -11.64
C6 L5P F 91 26.34 -23.05 -13.22
O14 L5P F 91 27.35 -22.07 -13.32
C7 L5P F 91 25.06 -22.46 -13.73
O8 L5P F 91 25.44 -22.00 -14.99
P9 L5P F 91 24.33 -21.74 -16.06
O12 L5P F 91 25.14 -21.75 -17.29
O11 L5P F 91 23.81 -20.40 -15.64
O10 L5P F 91 23.35 -22.80 -16.02
N VAL F 92 30.34 -32.13 -6.94
CA VAL F 92 29.84 -33.37 -6.36
C VAL F 92 28.36 -33.27 -6.04
N ARG F 93 27.79 -34.47 -5.89
CA ARG F 93 26.42 -34.61 -5.46
C ARG F 93 26.34 -34.26 -4.00
N ILE F 94 25.24 -33.59 -3.66
CA ILE F 94 24.92 -33.27 -2.26
C ILE F 94 24.95 -34.49 -1.37
N GLY F 95 25.79 -34.34 -0.35
CA GLY F 95 26.04 -35.38 0.60
C GLY F 95 27.06 -36.38 0.17
N HIS F 96 27.54 -36.34 -1.05
CA HIS F 96 28.41 -37.45 -1.47
C HIS F 96 29.86 -37.30 -0.96
N TYR F 97 30.09 -37.78 0.26
CA TYR F 97 31.33 -37.60 0.97
C TYR F 97 32.50 -38.15 0.16
N VAL F 98 32.30 -39.34 -0.35
CA VAL F 98 33.38 -40.05 -1.03
C VAL F 98 33.77 -39.38 -2.38
N GLU F 99 32.80 -39.03 -3.19
CA GLU F 99 33.05 -38.22 -4.36
C GLU F 99 33.94 -37.00 -4.02
N ALA F 100 33.59 -36.31 -2.95
CA ALA F 100 34.37 -35.15 -2.52
C ALA F 100 35.77 -35.60 -2.13
N ARG F 101 35.89 -36.66 -1.32
CA ARG F 101 37.23 -37.16 -1.02
C ARG F 101 38.05 -37.44 -2.30
N VAL F 102 37.40 -38.02 -3.29
CA VAL F 102 38.04 -38.37 -4.53
C VAL F 102 38.52 -37.11 -5.21
N LEU F 103 37.61 -36.16 -5.38
CA LEU F 103 38.04 -34.89 -6.00
C LEU F 103 39.16 -34.27 -5.23
N GLU F 104 39.12 -34.35 -3.92
CA GLU F 104 40.25 -33.84 -3.10
C GLU F 104 41.55 -34.60 -3.43
N ALA F 105 41.50 -35.92 -3.41
CA ALA F 105 42.67 -36.76 -3.74
C ALA F 105 43.22 -36.39 -5.11
N LEU F 106 42.34 -36.09 -6.07
CA LEU F 106 42.81 -35.64 -7.39
C LEU F 106 43.49 -34.27 -7.42
N GLY F 107 43.44 -33.51 -6.34
CA GLY F 107 44.05 -32.17 -6.33
C GLY F 107 43.13 -31.03 -6.75
N VAL F 108 41.83 -31.31 -6.95
CA VAL F 108 40.84 -30.26 -7.26
C VAL F 108 40.95 -29.10 -6.28
N ASP F 109 40.92 -27.88 -6.78
CA ASP F 109 41.23 -26.71 -5.94
C ASP F 109 40.06 -26.23 -5.03
N TYR F 110 38.83 -26.47 -5.50
CA TYR F 110 37.63 -26.07 -4.79
C TYR F 110 36.56 -27.06 -5.18
N ILE F 111 35.83 -27.59 -4.20
CA ILE F 111 34.71 -28.49 -4.57
C ILE F 111 33.35 -27.79 -4.50
N ASP F 112 32.56 -27.98 -5.54
CA ASP F 112 31.18 -27.52 -5.51
C ASP F 112 30.20 -28.65 -5.19
N GLU F 113 29.72 -28.61 -3.94
CA GLU F 113 28.65 -29.50 -3.52
C GLU F 113 27.37 -28.97 -4.14
N SER F 114 26.94 -29.58 -5.25
CA SER F 114 26.02 -28.88 -6.15
C SER F 114 24.64 -29.47 -6.30
N GLU F 115 23.66 -28.60 -6.24
CA GLU F 115 22.29 -28.99 -6.51
C GLU F 115 21.98 -29.28 -7.99
N VAL F 116 22.89 -28.96 -8.93
CA VAL F 116 22.62 -29.28 -10.34
C VAL F 116 22.88 -30.76 -10.58
N LEU F 117 23.74 -31.36 -9.77
CA LEU F 117 23.88 -32.82 -9.79
C LEU F 117 22.75 -33.46 -9.00
N THR F 118 22.54 -34.75 -9.22
CA THR F 118 21.44 -35.43 -8.50
C THR F 118 21.83 -35.70 -7.04
N PRO F 119 21.07 -35.16 -6.07
CA PRO F 119 21.54 -35.28 -4.67
C PRO F 119 21.67 -36.72 -4.20
N ALA F 120 22.73 -36.99 -3.43
CA ALA F 120 22.96 -38.33 -2.91
C ALA F 120 22.34 -38.49 -1.51
N ASP F 121 22.38 -37.41 -0.73
CA ASP F 121 21.77 -37.35 0.60
C ASP F 121 20.76 -36.19 0.66
N GLU F 122 19.47 -36.53 0.71
CA GLU F 122 18.41 -35.51 0.75
C GLU F 122 18.18 -34.84 2.11
N GLU F 123 18.90 -35.28 3.14
CA GLU F 123 18.74 -34.74 4.49
C GLU F 123 20.02 -34.09 5.00
N PHE F 124 21.18 -34.68 4.69
CA PHE F 124 22.46 -34.22 5.27
C PHE F 124 23.46 -33.87 4.21
N HIS F 125 24.06 -32.68 4.34
CA HIS F 125 25.14 -32.28 3.46
C HIS F 125 26.44 -32.85 3.97
N ILE F 126 27.48 -32.74 3.16
CA ILE F 126 28.78 -33.21 3.52
C ILE F 126 29.28 -32.39 4.68
N ASP F 127 29.96 -33.04 5.60
CA ASP F 127 30.62 -32.32 6.67
C ASP F 127 31.91 -31.81 6.11
N LYS F 128 31.83 -30.61 5.53
CA LYS F 128 32.95 -29.99 4.83
C LYS F 128 34.14 -29.67 5.78
N ARG F 129 33.82 -29.43 7.04
CA ARG F 129 34.86 -29.11 8.02
C ARG F 129 35.97 -30.16 8.07
N GLN F 130 35.63 -31.41 7.74
CA GLN F 130 36.59 -32.49 7.82
C GLN F 130 37.59 -32.51 6.68
N PHE F 131 37.39 -31.64 5.66
CA PHE F 131 38.30 -31.65 4.50
C PHE F 131 39.39 -30.60 4.62
N THR F 132 40.43 -30.76 3.81
CA THR F 132 41.49 -29.75 3.59
C THR F 132 41.18 -28.82 2.40
N VAL F 133 40.65 -29.41 1.36
CA VAL F 133 40.20 -28.64 0.21
C VAL F 133 38.88 -27.92 0.53
N PRO F 134 38.77 -26.67 0.11
CA PRO F 134 37.55 -25.94 0.39
C PRO F 134 36.36 -26.31 -0.48
N PHE F 135 35.18 -25.93 -0.01
CA PHE F 135 33.95 -26.15 -0.75
C PHE F 135 33.24 -24.85 -0.96
N VAL F 136 32.52 -24.82 -2.08
CA VAL F 136 31.57 -23.76 -2.38
C VAL F 136 30.20 -24.37 -2.32
N CYS F 137 29.25 -23.65 -1.70
CA CYS F 137 27.82 -24.10 -1.75
C CYS F 137 26.86 -23.03 -2.23
N GLY F 138 25.75 -23.51 -2.75
CA GLY F 138 24.66 -22.64 -3.19
C GLY F 138 23.73 -22.25 -2.07
N CYS F 139 23.11 -21.07 -2.18
CA CYS F 139 22.08 -20.66 -1.21
C CYS F 139 21.04 -19.70 -1.81
N ARG F 140 19.85 -19.70 -1.22
CA ARG F 140 18.75 -18.83 -1.65
C ARG F 140 18.46 -17.74 -0.64
N ASP F 141 19.01 -17.89 0.55
CA ASP F 141 18.72 -16.98 1.65
C ASP F 141 19.74 -17.24 2.73
N LEU F 142 19.77 -16.30 3.65
CA LEU F 142 20.79 -16.24 4.67
C LEU F 142 20.78 -17.46 5.60
N GLY F 143 19.62 -18.05 5.81
CA GLY F 143 19.51 -19.20 6.68
C GLY F 143 20.25 -20.34 6.06
N GLU F 144 19.88 -20.59 4.82
CA GLU F 144 20.55 -21.58 3.98
C GLU F 144 22.05 -21.27 3.97
N ALA F 145 22.40 -20.02 3.71
CA ALA F 145 23.80 -19.67 3.71
C ALA F 145 24.52 -20.12 5.00
N ALA F 146 23.94 -19.66 6.10
CA ALA F 146 24.49 -19.88 7.41
C ALA F 146 24.58 -21.36 7.76
N ARG F 147 23.57 -22.14 7.38
CA ARG F 147 23.70 -23.60 7.56
C ARG F 147 24.93 -24.21 6.80
N ARG F 148 25.10 -23.79 5.54
CA ARG F 148 26.27 -24.27 4.74
C ARG F 148 27.57 -23.84 5.39
N ILE F 149 27.57 -22.59 5.86
CA ILE F 149 28.77 -22.12 6.55
C ILE F 149 29.02 -22.97 7.79
N ALA F 150 27.95 -23.25 8.55
CA ALA F 150 28.12 -24.05 9.75
C ALA F 150 28.60 -25.48 9.41
N GLU F 151 28.20 -26.00 8.26
CA GLU F 151 28.77 -27.29 7.80
C GLU F 151 30.25 -27.21 7.35
N GLY F 152 30.78 -25.99 7.21
CA GLY F 152 32.14 -25.82 6.77
C GLY F 152 32.34 -25.26 5.38
N ALA F 153 31.25 -24.84 4.70
CA ALA F 153 31.45 -24.26 3.36
C ALA F 153 32.34 -23.02 3.45
N SER F 154 33.23 -22.80 2.46
CA SER F 154 34.18 -21.65 2.52
C SER F 154 33.89 -20.57 1.51
N MET F 155 32.88 -20.84 0.68
CA MET F 155 32.45 -19.93 -0.34
C MET F 155 31.00 -20.23 -0.68
N LEU F 156 30.31 -19.21 -1.17
CA LEU F 156 28.92 -19.39 -1.56
C LEU F 156 28.55 -18.87 -2.95
N ARG F 157 27.46 -19.37 -3.48
CA ARG F 157 26.94 -18.83 -4.69
C ARG F 157 25.42 -18.83 -4.64
N THR F 158 24.80 -17.95 -5.41
CA THR F 158 23.36 -18.07 -5.61
C THR F 158 23.11 -19.43 -6.25
N LYS F 159 21.91 -19.95 -6.06
CA LYS F 159 21.51 -21.15 -6.75
C LYS F 159 21.03 -20.92 -8.16
N GLY F 160 20.29 -19.83 -8.33
CA GLY F 160 19.61 -19.52 -9.59
C GLY F 160 18.73 -20.64 -10.07
N GLU F 161 18.44 -20.64 -11.37
CA GLU F 161 17.92 -21.83 -12.09
C GLU F 161 18.86 -22.14 -13.26
N PRO F 162 19.87 -23.01 -13.03
CA PRO F 162 20.93 -23.30 -14.01
C PRO F 162 20.42 -23.89 -15.30
N GLY F 163 21.03 -23.52 -16.40
CA GLY F 163 20.66 -24.04 -17.70
C GLY F 163 19.40 -23.44 -18.29
N THR F 164 18.79 -22.47 -17.61
CA THR F 164 17.58 -21.79 -18.13
C THR F 164 17.90 -20.57 -18.93
N GLY F 165 19.13 -20.08 -18.88
CA GLY F 165 19.42 -18.77 -19.47
C GLY F 165 18.67 -17.61 -18.82
N ASN F 166 18.13 -17.82 -17.63
CA ASN F 166 17.29 -16.82 -16.99
C ASN F 166 17.88 -16.42 -15.64
N ILE F 167 18.31 -15.16 -15.52
CA ILE F 167 18.89 -14.65 -14.27
C ILE F 167 17.92 -14.41 -13.08
N VAL F 168 16.62 -14.43 -13.35
CA VAL F 168 15.61 -13.99 -12.39
C VAL F 168 15.80 -14.60 -11.00
N GLU F 169 16.01 -15.91 -10.96
CA GLU F 169 16.26 -16.59 -9.71
C GLU F 169 17.57 -16.10 -9.06
N ALA F 170 18.65 -16.03 -9.82
CA ALA F 170 19.91 -15.59 -9.22
C ALA F 170 19.76 -14.17 -8.63
N VAL F 171 18.99 -13.35 -9.34
CA VAL F 171 18.70 -12.01 -8.87
C VAL F 171 17.92 -12.09 -7.55
N ARG F 172 16.85 -12.90 -7.56
CA ARG F 172 16.06 -13.08 -6.34
C ARG F 172 16.97 -13.45 -5.16
N HIS F 173 17.82 -14.44 -5.39
CA HIS F 173 18.69 -14.95 -4.34
C HIS F 173 19.71 -13.95 -3.85
N MET F 174 20.41 -13.33 -4.81
CA MET F 174 21.39 -12.32 -4.43
C MET F 174 20.73 -11.17 -3.63
N ARG F 175 19.59 -10.69 -4.15
CA ARG F 175 18.84 -9.65 -3.46
C ARG F 175 18.43 -10.05 -2.03
N LYS F 176 17.86 -11.27 -1.92
CA LYS F 176 17.41 -11.78 -0.63
C LYS F 176 18.57 -11.83 0.35
N VAL F 177 19.64 -12.54 -0.05
CA VAL F 177 20.79 -12.69 0.85
C VAL F 177 21.37 -11.32 1.22
N ASN F 178 21.54 -10.45 0.22
CA ASN F 178 22.12 -9.18 0.55
C ASN F 178 21.24 -8.38 1.48
N ALA F 179 19.93 -8.42 1.26
CA ALA F 179 19.01 -7.70 2.13
C ALA F 179 19.06 -8.26 3.55
N GLN F 180 19.07 -9.59 3.66
CA GLN F 180 19.13 -10.17 4.98
C GLN F 180 20.48 -9.87 5.69
N ILE F 181 21.57 -9.80 4.94
CA ILE F 181 22.81 -9.38 5.59
C ILE F 181 22.67 -7.97 6.18
N ARG F 182 22.16 -7.04 5.37
CA ARG F 182 22.01 -5.65 5.81
C ARG F 182 21.18 -5.57 7.08
N LYS F 183 20.07 -6.31 7.12
CA LYS F 183 19.25 -6.32 8.30
C LYS F 183 20.10 -6.75 9.50
N VAL F 184 20.81 -7.86 9.36
CA VAL F 184 21.56 -8.42 10.48
C VAL F 184 22.68 -7.48 10.94
N VAL F 185 23.34 -6.86 10.01
CA VAL F 185 24.43 -5.99 10.35
C VAL F 185 23.95 -4.84 11.26
N ASN F 186 22.77 -4.30 10.99
CA ASN F 186 22.30 -3.10 11.71
C ASN F 186 21.24 -3.40 12.77
N MET F 187 20.86 -4.68 12.86
CA MET F 187 19.87 -5.19 13.80
C MET F 187 20.29 -4.99 15.26
N SER F 188 19.33 -4.78 16.14
CA SER F 188 19.60 -4.72 17.57
C SER F 188 20.14 -6.06 18.11
N GLU F 189 21.28 -6.00 18.80
CA GLU F 189 22.01 -7.18 19.22
C GLU F 189 21.11 -8.21 19.94
N ASP F 190 20.21 -7.72 20.78
CA ASP F 190 19.36 -8.63 21.58
C ASP F 190 18.32 -9.37 20.76
N GLU F 191 18.23 -9.05 19.46
CA GLU F 191 17.21 -9.70 18.59
C GLU F 191 17.75 -10.86 17.68
N LEU F 192 19.05 -11.09 17.75
CA LEU F 192 19.68 -12.11 16.91
C LEU F 192 19.28 -13.56 17.18
N VAL F 193 19.18 -13.92 18.45
CA VAL F 193 18.80 -15.32 18.71
C VAL F 193 17.44 -15.59 18.09
N ALA F 194 16.49 -14.70 18.30
CA ALA F 194 15.15 -14.88 17.72
C ALA F 194 15.20 -14.77 16.20
N GLU F 195 16.02 -13.86 15.65
CA GLU F 195 16.21 -13.83 14.18
C GLU F 195 16.68 -15.17 13.60
N ALA F 196 17.79 -15.67 14.15
CA ALA F 196 18.38 -16.96 13.77
C ALA F 196 17.32 -18.05 13.70
N LYS F 197 16.52 -18.14 14.75
CA LYS F 197 15.42 -19.09 14.76
C LYS F 197 14.42 -18.86 13.62
N GLN F 198 14.08 -17.61 13.34
CA GLN F 198 13.14 -17.36 12.26
C GLN F 198 13.76 -17.80 10.96
N LEU F 199 15.06 -17.52 10.79
CA LEU F 199 15.75 -17.85 9.55
C LEU F 199 16.13 -19.30 9.41
N GLY F 200 16.08 -20.06 10.49
CA GLY F 200 16.65 -21.39 10.45
C GLY F 200 18.18 -21.35 10.45
N ALA F 201 18.75 -20.24 10.91
CA ALA F 201 20.19 -20.03 10.91
C ALA F 201 20.83 -20.41 12.22
N PRO F 202 22.11 -20.81 12.18
CA PRO F 202 22.96 -20.87 13.36
C PRO F 202 23.32 -19.47 13.83
N VAL F 203 23.02 -19.17 15.09
CA VAL F 203 23.14 -17.81 15.59
C VAL F 203 24.60 -17.35 15.60
N GLU F 204 25.52 -18.27 15.84
CA GLU F 204 26.93 -17.90 15.88
C GLU F 204 27.40 -17.27 14.57
N VAL F 205 26.88 -17.78 13.46
CA VAL F 205 27.20 -17.21 12.15
C VAL F 205 26.63 -15.79 12.00
N LEU F 206 25.40 -15.60 12.47
CA LEU F 206 24.81 -14.28 12.37
C LEU F 206 25.58 -13.32 13.24
N ARG F 207 26.04 -13.83 14.37
CA ARG F 207 26.87 -13.02 15.27
C ARG F 207 28.20 -12.67 14.61
N GLU F 208 28.79 -13.64 13.92
CA GLU F 208 30.01 -13.33 13.15
C GLU F 208 29.77 -12.28 12.08
N ILE F 209 28.68 -12.45 11.33
CA ILE F 209 28.28 -11.46 10.34
C ILE F 209 28.18 -10.11 11.01
N LYS F 210 27.44 -10.02 12.10
CA LYS F 210 27.25 -8.71 12.72
C LYS F 210 28.56 -8.12 13.23
N ARG F 211 29.37 -8.96 13.85
CA ARG F 211 30.65 -8.49 14.35
C ARG F 211 31.51 -7.95 13.23
N LEU F 212 31.54 -8.68 12.13
CA LEU F 212 32.40 -8.35 11.01
C LEU F 212 31.84 -7.19 10.19
N GLY F 213 30.52 -7.03 10.16
CA GLY F 213 29.88 -6.01 9.32
C GLY F 213 29.61 -6.47 7.91
N ARG F 214 29.89 -7.74 7.65
CA ARG F 214 29.61 -8.32 6.33
C ARG F 214 29.62 -9.84 6.41
N LEU F 215 29.27 -10.49 5.31
CA LEU F 215 29.29 -11.92 5.24
C LEU F 215 30.75 -12.29 5.29
N PRO F 216 31.14 -13.32 6.08
CA PRO F 216 32.54 -13.74 6.30
C PRO F 216 33.09 -14.69 5.22
N VAL F 217 32.28 -14.99 4.21
CA VAL F 217 32.76 -15.71 3.04
C VAL F 217 32.36 -14.96 1.78
N VAL F 218 33.03 -15.29 0.69
CA VAL F 218 32.72 -14.79 -0.63
C VAL F 218 31.40 -15.35 -1.15
N ASN F 219 30.62 -14.51 -1.84
CA ASN F 219 29.36 -14.91 -2.42
C ASN F 219 29.21 -14.49 -3.88
N PHE F 220 29.11 -15.50 -4.74
CA PHE F 220 29.10 -15.33 -6.19
C PHE F 220 27.69 -15.47 -6.76
N ALA F 221 27.50 -14.88 -7.91
CA ALA F 221 26.28 -15.11 -8.65
C ALA F 221 26.47 -16.32 -9.53
N ALA F 222 25.38 -17.04 -9.74
CA ALA F 222 25.39 -18.25 -10.54
C ALA F 222 23.99 -18.62 -10.93
N GLY F 223 23.81 -19.02 -12.18
CA GLY F 223 22.49 -19.44 -12.64
C GLY F 223 21.83 -18.46 -13.59
N GLY F 224 21.93 -18.79 -14.87
CA GLY F 224 21.23 -18.08 -15.95
C GLY F 224 22.01 -16.95 -16.54
N VAL F 225 23.26 -16.74 -16.08
CA VAL F 225 24.05 -15.61 -16.57
C VAL F 225 24.37 -15.84 -18.03
N THR F 226 23.82 -14.99 -18.88
CA THR F 226 23.81 -15.25 -20.30
C THR F 226 24.46 -14.13 -21.13
N THR F 227 24.43 -12.89 -20.65
CA THR F 227 24.93 -11.75 -21.40
C THR F 227 25.85 -10.89 -20.53
N PRO F 228 26.71 -10.09 -21.19
CA PRO F 228 27.54 -9.15 -20.47
C PRO F 228 26.71 -8.30 -19.52
N ALA F 229 25.54 -7.85 -19.98
CA ALA F 229 24.59 -7.12 -19.10
C ALA F 229 24.15 -7.95 -17.89
N ASP F 230 23.82 -9.22 -18.13
CA ASP F 230 23.56 -10.11 -17.00
C ASP F 230 24.74 -10.13 -16.03
N ALA F 231 25.94 -10.35 -16.55
CA ALA F 231 27.12 -10.38 -15.68
C ALA F 231 27.30 -9.08 -14.91
N ALA F 232 27.22 -7.95 -15.58
CA ALA F 232 27.43 -6.69 -14.88
C ALA F 232 26.33 -6.37 -13.88
N LEU F 233 25.13 -6.87 -14.17
CA LEU F 233 24.01 -6.68 -13.25
C LEU F 233 24.32 -7.34 -11.92
N MET F 234 24.76 -8.59 -11.94
CA MET F 234 25.04 -9.28 -10.69
C MET F 234 26.08 -8.53 -9.86
N MET F 235 27.09 -8.01 -10.53
CA MET F 235 28.10 -7.23 -9.79
C MET F 235 27.42 -6.02 -9.19
N HIS F 236 26.53 -5.40 -9.97
CA HIS F 236 25.82 -4.20 -9.54
C HIS F 236 25.00 -4.47 -8.30
N LEU F 237 24.37 -5.66 -8.26
CA LEU F 237 23.62 -6.15 -7.10
C LEU F 237 24.51 -6.64 -5.99
N GLY F 238 25.83 -6.50 -6.09
CA GLY F 238 26.70 -6.89 -4.98
C GLY F 238 27.32 -8.28 -5.03
N ALA F 239 27.21 -9.00 -6.16
CA ALA F 239 27.96 -10.28 -6.26
C ALA F 239 29.46 -10.06 -6.15
N ASP F 240 30.18 -11.05 -5.63
CA ASP F 240 31.66 -10.96 -5.56
C ASP F 240 32.30 -11.48 -6.83
N GLY F 241 31.47 -11.96 -7.76
CA GLY F 241 31.94 -12.59 -8.99
C GLY F 241 30.86 -13.48 -9.59
N VAL F 242 31.14 -14.05 -10.75
CA VAL F 242 30.13 -14.86 -11.40
C VAL F 242 30.60 -16.23 -11.85
N PHE F 243 29.66 -17.17 -11.79
CA PHE F 243 29.80 -18.48 -12.37
C PHE F 243 29.00 -18.49 -13.65
N VAL F 244 29.59 -18.99 -14.73
CA VAL F 244 28.88 -19.13 -16.00
C VAL F 244 29.18 -20.49 -16.53
N GLY F 245 28.16 -21.17 -17.00
CA GLY F 245 28.31 -22.47 -17.64
C GLY F 245 27.70 -22.46 -19.03
N SER F 246 26.38 -22.61 -19.05
CA SER F 246 25.60 -22.78 -20.29
C SER F 246 25.70 -21.59 -21.24
N GLY F 247 25.58 -20.37 -20.70
CA GLY F 247 25.53 -19.15 -21.51
C GLY F 247 26.70 -18.82 -22.42
N ILE F 248 27.86 -19.42 -22.16
CA ILE F 248 29.06 -19.31 -23.01
C ILE F 248 29.21 -20.44 -24.01
N PHE F 249 29.03 -21.68 -23.58
CA PHE F 249 29.29 -22.79 -24.48
C PHE F 249 28.06 -23.29 -25.24
N LYS F 250 26.88 -22.80 -24.84
CA LYS F 250 25.66 -22.95 -25.65
C LYS F 250 25.41 -21.75 -26.56
N SER F 251 26.27 -20.74 -26.49
CA SER F 251 26.15 -19.58 -27.36
C SER F 251 26.71 -19.89 -28.75
N GLU F 252 26.44 -18.97 -29.68
CA GLU F 252 26.99 -19.04 -31.05
C GLU F 252 28.53 -19.08 -31.05
N ASN F 253 29.18 -18.05 -30.52
CA ASN F 253 30.64 -18.06 -30.38
C ASN F 253 31.12 -17.98 -28.92
N PRO F 254 31.29 -19.16 -28.30
CA PRO F 254 31.77 -19.25 -26.94
C PRO F 254 32.94 -18.32 -26.70
N GLU F 255 33.98 -18.44 -27.50
CA GLU F 255 35.19 -17.65 -27.31
C GLU F 255 34.91 -16.16 -27.23
N LYS F 256 33.93 -15.70 -28.00
CA LYS F 256 33.58 -14.29 -28.02
C LYS F 256 32.74 -13.93 -26.81
N TYR F 257 31.83 -14.84 -26.45
CA TYR F 257 31.04 -14.61 -25.23
C TYR F 257 31.93 -14.48 -23.99
N ALA F 258 32.79 -15.48 -23.86
CA ALA F 258 33.73 -15.57 -22.75
C ALA F 258 34.47 -14.27 -22.50
N ARG F 259 35.03 -13.67 -23.55
CA ARG F 259 35.78 -12.43 -23.36
C ARG F 259 34.86 -11.35 -22.84
N ALA F 260 33.69 -11.29 -23.42
CA ALA F 260 32.73 -10.22 -23.12
C ALA F 260 32.22 -10.31 -21.64
N ILE F 261 31.83 -11.51 -21.23
CA ILE F 261 31.41 -11.69 -19.85
C ILE F 261 32.54 -11.32 -18.88
N VAL F 262 33.75 -11.82 -19.13
CA VAL F 262 34.92 -11.47 -18.30
C VAL F 262 35.13 -9.93 -18.25
N GLU F 263 35.09 -9.31 -19.41
CA GLU F 263 35.36 -7.87 -19.45
C GLU F 263 34.24 -7.00 -18.81
N ALA F 264 32.99 -7.47 -18.97
CA ALA F 264 31.82 -6.81 -18.38
C ALA F 264 31.75 -6.99 -16.86
N THR F 265 32.08 -8.21 -16.44
CA THR F 265 32.23 -8.47 -15.01
C THR F 265 33.25 -7.53 -14.38
N THR F 266 34.42 -7.40 -14.96
CA THR F 266 35.43 -6.46 -14.46
C THR F 266 34.95 -5.00 -14.59
N HIS F 267 34.48 -4.57 -15.76
CA HIS F 267 34.10 -3.15 -15.90
C HIS F 267 32.61 -2.95 -15.82
N TYR F 268 32.04 -3.44 -14.73
CA TYR F 268 30.58 -3.53 -14.60
C TYR F 268 29.87 -2.19 -14.50
N GLU F 269 30.60 -1.11 -14.25
CA GLU F 269 29.98 0.21 -14.25
C GLU F 269 30.23 1.02 -15.54
N ASP F 270 30.96 0.46 -16.50
CA ASP F 270 31.25 1.19 -17.75
C ASP F 270 30.24 0.78 -18.82
N TYR F 271 29.16 1.54 -18.90
CA TYR F 271 28.03 1.16 -19.74
C TYR F 271 28.30 1.32 -21.24
N GLU F 272 29.18 2.26 -21.58
CA GLU F 272 29.59 2.47 -22.98
C GLU F 272 30.33 1.22 -23.43
N LEU F 273 31.29 0.82 -22.59
CA LEU F 273 32.06 -0.37 -22.86
C LEU F 273 31.14 -1.58 -22.92
N ILE F 274 30.29 -1.77 -21.90
CA ILE F 274 29.41 -2.94 -21.89
C ILE F 274 28.56 -2.96 -23.17
N ALA F 275 28.07 -1.79 -23.56
CA ALA F 275 27.30 -1.67 -24.80
C ALA F 275 28.11 -2.14 -25.98
N HIS F 276 29.37 -1.72 -26.03
CA HIS F 276 30.26 -2.16 -27.10
C HIS F 276 30.46 -3.70 -27.09
N LEU F 277 30.81 -4.23 -25.92
CA LEU F 277 31.03 -5.66 -25.71
C LEU F 277 29.80 -6.49 -26.03
N SER F 278 28.62 -5.91 -25.84
CA SER F 278 27.40 -6.60 -26.19
C SER F 278 27.14 -6.63 -27.69
N LYS F 279 27.87 -5.82 -28.45
CA LYS F 279 27.47 -5.49 -29.81
C LYS F 279 27.42 -6.70 -30.73
N GLY F 280 28.57 -7.25 -31.05
CA GLY F 280 28.60 -8.24 -32.12
C GLY F 280 28.20 -9.65 -31.70
N LEU F 281 27.78 -9.85 -30.45
CA LEU F 281 27.76 -11.18 -29.84
C LEU F 281 27.14 -12.27 -30.70
N GLY F 282 26.01 -11.94 -31.32
CA GLY F 282 25.22 -12.95 -32.01
C GLY F 282 24.48 -13.82 -31.01
N GLY F 283 24.00 -14.95 -31.49
CA GLY F 283 23.08 -15.82 -30.77
C GLY F 283 23.49 -16.31 -29.37
N ALA F 284 22.59 -16.04 -28.43
CA ALA F 284 22.68 -16.51 -27.04
C ALA F 284 21.79 -17.72 -26.91
N MET F 285 22.06 -18.58 -25.92
CA MET F 285 21.21 -19.75 -25.63
C MET F 285 19.73 -19.34 -25.43
N ARG F 286 18.80 -20.15 -25.94
CA ARG F 286 17.36 -19.78 -25.94
C ARG F 286 16.81 -19.61 -24.53
N GLY F 287 17.17 -20.54 -23.65
CA GLY F 287 16.67 -20.52 -22.29
C GLY F 287 15.25 -21.02 -22.13
N ILE F 288 14.80 -21.07 -20.88
CA ILE F 288 13.50 -21.60 -20.51
C ILE F 288 12.80 -20.59 -19.60
N ASP F 289 11.52 -20.35 -19.83
CA ASP F 289 10.76 -19.39 -19.02
C ASP F 289 10.74 -19.84 -17.55
N ILE F 290 9.95 -20.88 -17.30
CA ILE F 290 9.66 -21.44 -15.97
C ILE F 290 8.64 -22.54 -16.26
N ALA F 291 7.64 -22.69 -15.39
CA ALA F 291 6.60 -23.70 -15.54
C ALA F 291 7.26 -25.07 -15.40
N THR F 292 8.31 -25.10 -14.58
CA THR F 292 9.01 -26.33 -14.23
C THR F 292 8.43 -26.79 -12.88
N LEU F 293 8.17 -28.09 -12.78
CA LEU F 293 7.43 -28.69 -11.64
C LEU F 293 8.28 -28.89 -10.36
N LEU F 294 9.48 -29.44 -10.54
CA LEU F 294 10.42 -29.76 -9.45
C LEU F 294 11.91 -29.29 -9.53
N PRO F 295 12.47 -29.05 -10.75
CA PRO F 295 13.91 -28.73 -10.88
C PRO F 295 14.56 -27.74 -9.88
N GLU F 296 15.74 -28.14 -9.39
CA GLU F 296 16.65 -27.29 -8.61
C GLU F 296 16.05 -26.74 -7.30
N HIS F 297 16.89 -26.02 -6.52
CA HIS F 297 16.56 -25.59 -5.15
C HIS F 297 16.39 -26.85 -4.27
N ARG F 298 17.38 -27.75 -4.35
CA ARG F 298 17.33 -29.08 -3.70
C ARG F 298 17.99 -29.11 -2.32
N MET F 299 18.79 -28.10 -2.02
CA MET F 299 19.46 -27.99 -0.71
C MET F 299 18.49 -27.83 0.48
N GLN F 300 19.08 -27.93 1.66
CA GLN F 300 18.37 -28.06 2.91
C GLN F 300 18.79 -26.88 3.79
N MET G 33 -22.77 42.49 -8.54
CA MET G 33 -24.04 42.43 -7.73
C MET G 33 -24.08 41.27 -6.71
N LYS G 34 -24.23 41.65 -5.46
CA LYS G 34 -24.12 40.73 -4.35
C LYS G 34 -25.44 40.54 -3.57
N ILE G 35 -25.98 39.35 -3.68
CA ILE G 35 -27.22 38.99 -3.01
C ILE G 35 -27.00 38.02 -1.84
N GLY G 36 -27.46 38.45 -0.67
CA GLY G 36 -27.39 37.61 0.49
C GLY G 36 -28.53 36.60 0.51
N VAL G 37 -28.29 35.45 1.11
CA VAL G 37 -29.36 34.53 1.45
C VAL G 37 -29.24 34.26 2.92
N LEU G 38 -30.34 34.46 3.64
CA LEU G 38 -30.35 34.24 5.05
C LEU G 38 -30.20 32.74 5.27
N GLY G 39 -29.02 32.36 5.75
CA GLY G 39 -28.62 30.95 5.83
C GLY G 39 -28.77 30.25 7.16
N LEU G 40 -29.62 30.75 8.04
CA LEU G 40 -29.79 30.11 9.34
C LEU G 40 -30.38 28.69 9.24
N GLN G 41 -31.33 28.51 8.33
CA GLN G 41 -32.03 27.24 8.12
C GLN G 41 -32.77 27.33 6.84
N GLY G 42 -33.14 26.18 6.28
CA GLY G 42 -34.10 26.14 5.18
C GLY G 42 -33.51 25.92 3.80
N ALA G 43 -34.29 26.25 2.77
CA ALA G 43 -33.84 25.96 1.42
C ALA G 43 -32.87 27.02 0.86
N VAL G 44 -31.75 27.17 1.55
CA VAL G 44 -30.72 28.14 1.21
C VAL G 44 -30.11 27.85 -0.18
N ARG G 45 -29.56 26.64 -0.29
CA ARG G 45 -28.88 26.19 -1.49
C ARG G 45 -29.69 26.44 -2.76
N GLU G 46 -31.01 26.27 -2.67
CA GLU G 46 -31.87 26.45 -3.87
C GLU G 46 -31.85 27.87 -4.35
N HIS G 47 -31.81 28.82 -3.41
CA HIS G 47 -31.81 30.23 -3.81
C HIS G 47 -30.48 30.61 -4.45
N VAL G 48 -29.40 30.19 -3.79
CA VAL G 48 -28.04 30.38 -4.27
C VAL G 48 -27.98 29.97 -5.74
N ARG G 49 -28.51 28.80 -6.04
CA ARG G 49 -28.53 28.34 -7.42
C ARG G 49 -29.15 29.36 -8.34
N ALA G 50 -30.33 29.86 -7.99
CA ALA G 50 -31.06 30.80 -8.87
C ALA G 50 -30.31 32.11 -9.02
N ILE G 51 -29.84 32.60 -7.88
CA ILE G 51 -29.03 33.81 -7.86
C ILE G 51 -27.83 33.65 -8.80
N GLU G 52 -27.06 32.59 -8.62
CA GLU G 52 -25.88 32.40 -9.46
C GLU G 52 -26.26 32.20 -10.93
N ALA G 53 -27.32 31.42 -11.17
CA ALA G 53 -27.85 31.20 -12.52
C ALA G 53 -28.28 32.49 -13.20
N CYS G 54 -28.75 33.48 -12.43
CA CYS G 54 -29.02 34.81 -13.02
C CYS G 54 -27.79 35.72 -13.11
N GLY G 55 -26.60 35.17 -12.87
CA GLY G 55 -25.35 35.91 -13.02
C GLY G 55 -24.91 36.77 -11.85
N ALA G 56 -25.69 36.80 -10.78
CA ALA G 56 -25.28 37.55 -9.57
C ALA G 56 -24.38 36.72 -8.64
N GLU G 57 -23.88 37.34 -7.59
CA GLU G 57 -23.11 36.59 -6.58
C GLU G 57 -23.94 36.30 -5.34
N ALA G 58 -23.86 35.08 -4.84
CA ALA G 58 -24.64 34.66 -3.68
C ALA G 58 -23.82 34.64 -2.41
N VAL G 59 -24.37 35.13 -1.32
CA VAL G 59 -23.61 35.11 -0.08
C VAL G 59 -24.46 34.56 1.04
N ILE G 60 -24.00 33.52 1.69
CA ILE G 60 -24.76 32.92 2.76
C ILE G 60 -24.55 33.70 4.03
N VAL G 61 -25.66 34.11 4.64
CA VAL G 61 -25.61 35.00 5.79
C VAL G 61 -26.05 34.25 7.02
N LYS G 62 -25.10 33.94 7.90
CA LYS G 62 -25.38 33.37 9.18
C LYS G 62 -25.06 34.34 10.28
N LYS G 63 -24.43 35.46 9.95
CA LYS G 63 -24.00 36.46 10.94
C LYS G 63 -24.17 37.91 10.48
N SER G 64 -24.51 38.80 11.41
CA SER G 64 -24.70 40.25 11.13
C SER G 64 -23.63 40.84 10.25
N GLU G 65 -22.38 40.62 10.65
CA GLU G 65 -21.19 41.03 9.87
C GLU G 65 -21.36 40.77 8.38
N GLN G 66 -21.93 39.62 8.02
CA GLN G 66 -22.02 39.23 6.61
C GLN G 66 -22.99 40.07 5.79
N LEU G 67 -23.85 40.84 6.48
CA LEU G 67 -24.78 41.78 5.83
C LEU G 67 -24.07 42.92 5.14
N GLU G 68 -22.93 43.34 5.70
CA GLU G 68 -22.21 44.48 5.15
C GLU G 68 -21.81 44.27 3.68
N GLY G 69 -22.07 45.26 2.85
CA GLY G 69 -21.62 45.24 1.48
C GLY G 69 -22.55 44.55 0.53
N LEU G 70 -23.69 44.08 1.02
CA LEU G 70 -24.66 43.34 0.19
C LEU G 70 -25.65 44.28 -0.45
N ASP G 71 -26.04 43.98 -1.68
CA ASP G 71 -26.98 44.82 -2.45
C ASP G 71 -28.45 44.44 -2.24
N GLY G 72 -28.67 43.22 -1.77
CA GLY G 72 -30.04 42.73 -1.49
C GLY G 72 -30.04 41.46 -0.65
N LEU G 73 -31.19 41.13 -0.08
CA LEU G 73 -31.27 39.93 0.76
C LEU G 73 -32.48 39.05 0.46
N VAL G 74 -32.24 37.73 0.48
CA VAL G 74 -33.28 36.74 0.33
C VAL G 74 -33.50 35.97 1.63
N LEU G 75 -34.77 35.95 2.04
CA LEU G 75 -35.25 35.16 3.16
C LEU G 75 -35.94 33.93 2.62
N PRO G 76 -35.29 32.77 2.83
CA PRO G 76 -35.69 31.54 2.18
C PRO G 76 -36.88 30.86 2.82
N GLY G 77 -37.38 29.84 2.12
CA GLY G 77 -38.27 28.87 2.73
C GLY G 77 -37.60 28.07 3.82
N GLY G 78 -38.41 27.61 4.77
CA GLY G 78 -37.90 26.80 5.88
C GLY G 78 -38.87 26.76 7.02
N GLU G 79 -38.37 26.90 8.25
CA GLU G 79 -39.23 27.00 9.40
C GLU G 79 -39.08 28.36 10.13
N SER G 80 -40.11 29.20 9.93
CA SER G 80 -40.13 30.57 10.49
C SER G 80 -39.78 30.60 11.97
N THR G 81 -40.31 29.67 12.73
CA THR G 81 -40.03 29.64 14.17
C THR G 81 -38.55 29.44 14.40
N THR G 82 -37.97 28.52 13.64
CA THR G 82 -36.54 28.18 13.75
C THR G 82 -35.71 29.40 13.35
N MET G 83 -36.07 30.01 12.24
CA MET G 83 -35.32 31.20 11.82
C MET G 83 -35.44 32.30 12.92
N ARG G 84 -36.64 32.51 13.46
CA ARG G 84 -36.79 33.56 14.47
C ARG G 84 -35.94 33.25 15.69
N ARG G 85 -36.06 32.00 16.16
CA ARG G 85 -35.32 31.58 17.36
C ARG G 85 -33.83 31.82 17.23
N LEU G 86 -33.31 31.60 16.01
CA LEU G 86 -31.90 31.80 15.75
C LEU G 86 -31.51 33.26 15.57
N ILE G 87 -32.36 34.00 14.85
CA ILE G 87 -32.23 35.46 14.74
C ILE G 87 -32.15 36.14 16.11
N ASP G 88 -33.06 35.74 17.02
CA ASP G 88 -33.02 36.27 18.38
C ASP G 88 -31.68 35.99 18.99
N ARG G 89 -31.41 34.72 19.22
CA ARG G 89 -30.22 34.23 19.93
C ARG G 89 -28.87 34.81 19.49
N TYR G 90 -28.75 35.25 18.23
CA TYR G 90 -27.51 35.82 17.71
C TYR G 90 -27.63 37.31 17.34
N GLY G 91 -28.64 37.96 17.91
CA GLY G 91 -28.86 39.38 17.69
C GLY G 91 -28.86 39.80 16.24
N LEU G 92 -29.65 39.13 15.42
CA LEU G 92 -29.74 39.51 14.01
C LEU G 92 -30.90 40.48 13.68
N MET G 93 -31.83 40.59 14.64
CA MET G 93 -33.08 41.30 14.43
C MET G 93 -32.85 42.77 14.05
N GLU G 94 -32.12 43.47 14.92
CA GLU G 94 -31.87 44.88 14.70
C GLU G 94 -31.08 45.09 13.40
N PRO G 95 -29.91 44.44 13.26
CA PRO G 95 -29.15 44.54 12.00
C PRO G 95 -29.97 44.26 10.74
N LEU G 96 -30.89 43.29 10.80
CA LEU G 96 -31.75 43.08 9.61
C LEU G 96 -32.63 44.31 9.33
N LYS G 97 -33.20 44.85 10.40
CA LYS G 97 -34.03 46.05 10.26
C LYS G 97 -33.22 47.23 9.73
N GLN G 98 -32.02 47.44 10.28
CA GLN G 98 -31.10 48.43 9.73
C GLN G 98 -30.85 48.17 8.26
N PHE G 99 -30.61 46.91 7.90
CA PHE G 99 -30.43 46.54 6.49
C PHE G 99 -31.63 47.01 5.68
N ALA G 100 -32.83 46.81 6.22
CA ALA G 100 -34.05 47.25 5.52
C ALA G 100 -34.12 48.77 5.37
N ALA G 101 -33.90 49.46 6.49
CA ALA G 101 -33.85 50.92 6.57
C ALA G 101 -32.85 51.49 5.56
N ALA G 102 -31.69 50.84 5.40
CA ALA G 102 -30.75 51.27 4.36
C ALA G 102 -31.33 51.25 2.94
N GLY G 103 -32.56 50.76 2.79
CA GLY G 103 -33.23 50.70 1.47
C GLY G 103 -32.93 49.50 0.61
N LYS G 104 -32.29 48.47 1.20
CA LYS G 104 -31.85 47.29 0.47
C LYS G 104 -33.02 46.34 0.18
N PRO G 105 -33.22 45.95 -1.08
CA PRO G 105 -34.34 45.03 -1.38
C PRO G 105 -34.29 43.65 -0.68
N MET G 106 -35.47 43.21 -0.27
CA MET G 106 -35.60 41.97 0.47
C MET G 106 -36.67 41.08 -0.14
N PHE G 107 -36.32 39.83 -0.39
CA PHE G 107 -37.23 38.87 -1.03
C PHE G 107 -37.54 37.76 -0.07
N GLY G 108 -38.80 37.65 0.34
CA GLY G 108 -39.21 36.59 1.30
C GLY G 108 -40.05 35.50 0.67
N THR G 109 -39.53 34.26 0.68
CA THR G 109 -40.32 33.13 0.14
C THR G 109 -40.89 32.26 1.24
N CYG G 110 -42.21 32.06 1.26
CA CYG G 110 -42.92 31.28 2.32
C CYG G 110 -42.56 31.73 3.74
O CYG G 110 -42.98 32.81 4.17
CB CYG G 110 -42.68 29.81 1.94
SG CYG G 110 -43.61 28.66 2.91
N1 CYG G 110 -44.64 25.95 7.34
CA1 CYG G 110 -43.57 26.99 7.43
CB1 CYG G 110 -43.18 27.62 6.09
CG1 CYG G 110 -43.07 26.69 4.89
CD1 CYG G 110 -42.58 27.53 3.73
OE2 CYG G 110 -41.40 27.33 3.48
C1 CYG G 110 -43.95 28.09 8.40
O1 CYG G 110 -45.17 28.26 8.68
O2 CYG G 110 -43.03 28.82 8.86
N ALA G 111 -41.78 30.98 4.51
CA ALA G 111 -41.29 31.46 5.81
C ALA G 111 -40.71 32.84 5.68
N GLY G 112 -39.96 33.02 4.58
CA GLY G 112 -39.42 34.32 4.25
C GLY G 112 -40.48 35.42 4.32
N LEU G 113 -41.59 35.18 3.63
CA LEU G 113 -42.72 36.08 3.70
C LEU G 113 -43.15 36.28 5.13
N ILE G 114 -43.22 35.19 5.88
CA ILE G 114 -43.72 35.28 7.26
C ILE G 114 -42.80 36.15 8.11
N LEU G 115 -41.51 36.13 7.83
CA LEU G 115 -40.59 37.01 8.58
C LEU G 115 -40.82 38.52 8.30
N LEU G 116 -41.10 38.86 7.06
CA LEU G 116 -41.40 40.23 6.65
C LEU G 116 -42.75 40.81 7.18
N ALA G 117 -43.75 39.96 7.38
CA ALA G 117 -45.11 40.45 7.62
C ALA G 117 -45.22 41.28 8.87
N LYS G 118 -46.04 42.33 8.77
CA LYS G 118 -46.33 43.22 9.89
C LYS G 118 -47.20 42.53 10.91
N ARG G 119 -48.12 41.69 10.42
CA ARG G 119 -49.06 40.97 11.30
C ARG G 119 -49.19 39.51 10.97
N ILE G 120 -49.18 38.69 12.01
CA ILE G 120 -49.34 37.25 11.82
C ILE G 120 -50.49 36.75 12.64
N VAL G 121 -51.44 36.11 11.97
CA VAL G 121 -52.63 35.64 12.66
C VAL G 121 -52.17 34.80 13.87
N GLY G 122 -52.77 35.04 15.02
CA GLY G 122 -52.49 34.27 16.22
C GLY G 122 -51.27 34.78 16.96
N TYR G 123 -50.61 35.77 16.39
CA TYR G 123 -49.37 36.31 16.98
C TYR G 123 -49.54 37.73 17.50
N ASP G 124 -49.31 37.90 18.79
CA ASP G 124 -49.31 39.22 19.43
C ASP G 124 -48.26 40.15 18.82
N GLU G 125 -47.10 39.60 18.49
CA GLU G 125 -46.00 40.35 17.86
C GLU G 125 -45.47 39.62 16.63
N PRO G 126 -45.04 40.37 15.59
CA PRO G 126 -44.51 39.81 14.35
C PRO G 126 -42.99 39.59 14.44
N HIS G 127 -42.36 39.27 13.31
CA HIS G 127 -40.91 39.03 13.30
C HIS G 127 -40.22 40.32 12.90
N LEU G 128 -39.93 40.52 11.62
CA LEU G 128 -39.33 41.80 11.20
C LEU G 128 -40.36 42.92 11.19
N GLY G 129 -41.56 42.62 10.69
CA GLY G 129 -42.66 43.57 10.67
C GLY G 129 -42.42 44.72 9.71
N LEU G 130 -41.91 44.39 8.53
CA LEU G 130 -41.52 45.38 7.54
C LEU G 130 -42.50 45.50 6.41
N MET G 131 -43.43 44.56 6.29
CA MET G 131 -44.34 44.60 5.16
C MET G 131 -45.77 44.76 5.66
N ASP G 132 -46.52 45.70 5.07
CA ASP G 132 -47.87 46.07 5.52
C ASP G 132 -48.90 45.03 5.08
N ILE G 133 -48.72 43.84 5.63
CA ILE G 133 -49.56 42.67 5.30
C ILE G 133 -49.90 41.84 6.53
N THR G 134 -51.05 41.17 6.44
CA THR G 134 -51.41 40.20 7.46
C THR G 134 -51.27 38.83 6.84
N VAL G 135 -50.52 37.95 7.50
CA VAL G 135 -50.40 36.57 7.02
C VAL G 135 -50.93 35.54 8.02
N GLU G 136 -51.52 34.49 7.46
CA GLU G 136 -51.90 33.35 8.24
C GLU G 136 -51.02 32.15 7.88
N ARG G 137 -50.33 31.65 8.90
CA ARG G 137 -49.46 30.47 8.77
C ARG G 137 -50.24 29.17 8.53
N ASN G 138 -49.74 28.33 7.66
CA ASN G 138 -50.27 26.99 7.51
C ASN G 138 -51.78 27.01 7.20
N SER G 139 -52.18 27.91 6.30
CA SER G 139 -53.59 28.17 6.04
C SER G 139 -54.22 27.11 5.15
N PHE G 140 -53.41 26.42 4.34
CA PHE G 140 -53.94 25.42 3.40
C PHE G 140 -54.10 24.05 4.05
N GLY G 141 -53.59 23.91 5.26
CA GLY G 141 -53.60 22.63 6.00
C GLY G 141 -52.17 22.14 6.34
N ARG G 142 -51.96 20.84 6.19
CA ARG G 142 -50.64 20.27 6.46
C ARG G 142 -49.97 19.75 5.16
N GLN G 143 -48.87 19.02 5.30
CA GLN G 143 -48.05 18.67 4.15
C GLN G 143 -48.85 17.94 3.11
N ARG G 144 -49.73 17.04 3.55
CA ARG G 144 -50.62 16.32 2.61
C ARG G 144 -51.32 17.25 1.63
N GLU G 145 -51.63 18.47 2.05
CA GLU G 145 -52.32 19.44 1.21
C GLU G 145 -51.38 20.34 0.38
N SER G 146 -50.08 20.23 0.64
CA SER G 146 -49.11 20.95 -0.14
C SER G 146 -49.34 20.64 -1.62
N PHE G 147 -49.11 21.64 -2.48
CA PHE G 147 -49.54 21.49 -3.87
C PHE G 147 -48.82 22.41 -4.82
N GLU G 148 -48.96 22.13 -6.11
CA GLU G 148 -48.37 23.03 -7.10
C GLU G 148 -49.44 23.47 -8.06
N ALA G 149 -49.33 24.72 -8.49
CA ALA G 149 -50.34 25.30 -9.36
C ALA G 149 -49.75 26.40 -10.19
N GLU G 150 -50.19 26.50 -11.45
CA GLU G 150 -49.73 27.55 -12.36
C GLU G 150 -50.33 28.92 -12.04
N LEU G 151 -49.50 29.93 -12.14
CA LEU G 151 -49.85 31.25 -11.67
C LEU G 151 -49.61 32.31 -12.74
N SER G 152 -50.38 33.38 -12.58
CA SER G 152 -50.24 34.61 -13.33
C SER G 152 -49.69 35.70 -12.39
N ILE G 153 -48.43 36.07 -12.63
CA ILE G 153 -47.74 37.04 -11.79
C ILE G 153 -47.52 38.36 -12.52
N LYS G 154 -48.13 39.44 -11.98
CA LYS G 154 -48.31 40.71 -12.68
C LYS G 154 -47.06 41.18 -13.42
N GLY G 155 -46.02 41.51 -12.65
CA GLY G 155 -44.79 42.00 -13.26
C GLY G 155 -44.02 40.94 -14.05
N VAL G 156 -44.27 39.67 -13.74
CA VAL G 156 -43.37 38.59 -14.10
C VAL G 156 -43.90 37.79 -15.28
N ASP G 158 -46.58 34.67 -16.79
CA ASP G 158 -47.78 33.83 -16.82
C ASP G 158 -47.39 32.38 -16.86
N GLY G 159 -48.29 31.53 -16.35
CA GLY G 159 -48.01 30.10 -16.27
C GLY G 159 -46.78 29.79 -15.42
N PHE G 160 -46.60 30.54 -14.33
CA PHE G 160 -45.46 30.31 -13.44
C PHE G 160 -45.85 29.25 -12.42
N VAL G 161 -45.14 28.13 -12.40
CA VAL G 161 -45.50 27.05 -11.46
C VAL G 161 -45.18 27.40 -10.00
N GLY G 162 -46.23 27.66 -9.24
CA GLY G 162 -46.13 27.95 -7.82
C GLY G 162 -46.18 26.64 -7.03
N VAL G 163 -45.18 26.46 -6.18
CA VAL G 163 -45.07 25.30 -5.29
C VAL G 163 -45.31 25.75 -3.84
N PHE G 164 -46.37 25.19 -3.26
CA PHE G 164 -46.89 25.57 -1.95
C PHE G 164 -46.73 24.41 -0.97
N ILE G 165 -45.70 24.55 -0.14
CA ILE G 165 -45.30 23.55 0.81
C ILE G 165 -45.70 24.08 2.18
N ARG G 166 -46.69 23.49 2.80
CA ARG G 166 -47.17 23.99 4.08
C ARG G 166 -47.21 25.54 4.07
N ALA G 167 -47.80 26.10 3.02
CA ALA G 167 -47.73 27.53 2.79
C ALA G 167 -48.67 28.32 3.66
N PRO G 168 -48.29 29.57 3.97
CA PRO G 168 -49.18 30.51 4.60
C PRO G 168 -49.99 31.22 3.53
N HIS G 169 -50.93 32.08 3.93
CA HIS G 169 -51.47 33.00 2.93
C HIS G 169 -51.69 34.40 3.46
N ILE G 170 -51.69 35.34 2.51
CA ILE G 170 -51.85 36.75 2.84
C ILE G 170 -53.32 37.02 2.96
N VAL G 171 -53.74 37.30 4.18
CA VAL G 171 -55.13 37.56 4.51
C VAL G 171 -55.50 38.94 4.00
N GLU G 172 -54.67 39.92 4.35
CA GLU G 172 -54.94 41.33 4.11
C GLU G 172 -53.66 42.06 3.64
N ALA G 173 -53.84 42.94 2.68
CA ALA G 173 -52.76 43.76 2.15
C ALA G 173 -53.06 45.25 2.28
N GLY G 174 -52.09 46.00 2.80
CA GLY G 174 -52.21 47.46 2.91
C GLY G 174 -52.30 48.14 1.56
N ASP G 175 -52.52 49.45 1.60
CA ASP G 175 -52.73 50.27 0.40
C ASP G 175 -51.44 50.44 -0.40
N GLY G 176 -50.31 50.59 0.32
CA GLY G 176 -48.99 50.71 -0.29
C GLY G 176 -48.53 49.46 -1.04
N VAL G 177 -49.18 48.33 -0.73
CA VAL G 177 -48.79 47.02 -1.26
C VAL G 177 -49.46 46.77 -2.60
N ASP G 178 -48.68 46.34 -3.58
CA ASP G 178 -49.21 45.87 -4.86
C ASP G 178 -49.25 44.35 -4.93
N VAL G 179 -50.47 43.84 -5.09
CA VAL G 179 -50.75 42.43 -5.23
C VAL G 179 -50.25 41.98 -6.58
N LEU G 180 -49.37 40.98 -6.59
CA LEU G 180 -48.77 40.48 -7.81
C LEU G 180 -49.40 39.19 -8.31
N ALA G 181 -49.99 38.40 -7.41
CA ALA G 181 -50.64 37.14 -7.81
C ALA G 181 -51.63 36.62 -6.80
N THR G 182 -52.65 35.95 -7.31
CA THR G 182 -53.63 35.31 -6.46
C THR G 182 -53.85 33.87 -6.90
N TYR G 183 -54.23 33.05 -5.94
CA TYR G 183 -54.63 31.66 -6.20
C TYR G 183 -55.96 31.46 -5.49
N ASN G 184 -56.98 31.13 -6.29
CA ASN G 184 -58.33 30.93 -5.78
C ASN G 184 -58.72 32.04 -4.82
N ASP G 185 -58.59 33.28 -5.28
CA ASP G 185 -58.97 34.46 -4.48
C ASP G 185 -58.18 34.60 -3.19
N ARG G 186 -56.95 34.10 -3.18
CA ARG G 186 -56.05 34.33 -2.06
C ARG G 186 -54.85 35.03 -2.61
N ILE G 187 -54.36 36.02 -1.88
CA ILE G 187 -53.16 36.75 -2.31
C ILE G 187 -51.94 35.88 -2.02
N VAL G 188 -51.15 35.61 -3.06
CA VAL G 188 -49.98 34.74 -2.92
C VAL G 188 -48.61 35.36 -3.29
N ALA G 189 -48.63 36.53 -3.90
CA ALA G 189 -47.43 37.26 -4.18
C ALA G 189 -47.72 38.75 -4.07
N ALA G 190 -46.78 39.51 -3.51
CA ALA G 190 -46.97 40.94 -3.30
C ALA G 190 -45.65 41.71 -3.25
N ARG G 191 -45.72 42.95 -3.76
CA ARG G 191 -44.60 43.87 -3.67
C ARG G 191 -44.96 45.10 -2.88
N GLN G 192 -43.98 45.61 -2.13
CA GLN G 192 -44.08 46.88 -1.42
C GLN G 192 -42.74 47.61 -1.48
N GLY G 193 -42.58 48.38 -2.55
CA GLY G 193 -41.37 49.12 -2.81
C GLY G 193 -40.19 48.17 -2.94
N GLN G 194 -39.34 48.18 -1.91
CA GLN G 194 -38.15 47.34 -1.84
C GLN G 194 -38.51 45.92 -1.47
N PHE G 195 -39.64 45.72 -0.79
CA PHE G 195 -39.98 44.39 -0.26
C PHE G 195 -40.75 43.52 -1.23
N LEU G 196 -40.26 42.30 -1.46
CA LEU G 196 -40.97 41.33 -2.34
C LEU G 196 -41.35 40.07 -1.56
N GLY G 197 -42.57 39.58 -1.75
CA GLY G 197 -43.02 38.43 -0.97
C GLY G 197 -43.93 37.44 -1.70
N CYS G 198 -43.75 36.15 -1.39
CA CYS G 198 -44.70 35.16 -1.87
C CYS G 198 -44.90 33.99 -0.92
N SER G 199 -46.06 33.36 -1.09
CA SER G 199 -46.45 32.20 -0.29
C SER G 199 -45.74 30.93 -0.75
N PHE G 200 -45.46 30.89 -2.05
CA PHE G 200 -44.93 29.71 -2.69
C PHE G 200 -43.42 29.81 -2.71
N ASN G 201 -42.78 28.72 -3.17
CA ASN G 201 -41.31 28.65 -3.23
C ASN G 201 -40.86 28.52 -4.67
N PRO G 202 -40.56 29.66 -5.33
CA PRO G 202 -40.05 29.68 -6.70
C PRO G 202 -38.69 28.94 -6.87
N GLU G 203 -37.85 29.04 -5.84
CA GLU G 203 -36.55 28.37 -5.84
C GLU G 203 -36.57 26.82 -6.06
N LEU G 204 -37.73 26.21 -5.87
CA LEU G 204 -37.91 24.80 -6.18
C LEU G 204 -38.19 24.53 -7.65
N THR G 205 -38.40 25.57 -8.45
CA THR G 205 -38.63 25.36 -9.87
C THR G 205 -37.37 25.78 -10.61
N ASP G 206 -37.29 25.41 -11.88
CA ASP G 206 -36.19 25.82 -12.77
C ASP G 206 -36.43 27.18 -13.38
N ASP G 207 -37.65 27.68 -13.20
CA ASP G 207 -38.11 28.96 -13.71
C ASP G 207 -37.60 30.14 -12.85
N HIS G 208 -36.80 31.00 -13.46
CA HIS G 208 -36.10 32.07 -12.73
C HIS G 208 -36.69 33.47 -12.90
N ARG G 209 -37.73 33.60 -13.71
CA ARG G 209 -38.37 34.89 -13.99
C ARG G 209 -38.57 35.77 -12.76
N LEU G 210 -39.04 35.17 -11.67
CA LEU G 210 -39.27 35.92 -10.43
C LEU G 210 -37.96 36.36 -9.78
N MET G 211 -36.98 35.46 -9.79
CA MET G 211 -35.64 35.80 -9.30
C MET G 211 -35.11 36.99 -10.10
N GLN G 212 -35.21 36.90 -11.43
CA GLN G 212 -34.81 37.99 -12.32
C GLN G 212 -35.52 39.28 -11.91
N TYR G 213 -36.84 39.17 -11.78
CA TYR G 213 -37.66 40.30 -11.36
C TYR G 213 -37.11 40.92 -10.07
N PHE G 214 -36.73 40.07 -9.11
CA PHE G 214 -36.13 40.61 -7.86
C PHE G 214 -34.80 41.28 -8.13
N LEU G 215 -33.92 40.59 -8.84
CA LEU G 215 -32.62 41.15 -9.18
C LEU G 215 -32.77 42.54 -9.77
N ASN G 216 -33.70 42.68 -10.72
CA ASN G 216 -34.03 44.02 -11.24
C ASN G 216 -34.23 45.06 -10.15
N MET G 217 -35.09 44.73 -9.17
CA MET G 217 -35.37 45.63 -8.05
C MET G 217 -34.06 46.02 -7.35
N VAL G 218 -33.16 45.04 -7.24
CA VAL G 218 -31.85 45.29 -6.59
C VAL G 218 -31.05 46.27 -7.45
N LYS G 219 -31.04 46.02 -8.76
CA LYS G 219 -30.33 46.86 -9.71
C LYS G 219 -30.82 48.31 -9.60
N GLU G 220 -32.14 48.47 -9.72
CA GLU G 220 -32.73 49.81 -9.57
C GLU G 220 -32.34 50.40 -8.21
N ALA G 221 -32.45 49.63 -7.13
CA ALA G 221 -32.08 50.16 -5.82
C ALA G 221 -30.61 50.53 -5.79
N MET H 33 -68.76 -6.43 -37.21
CA MET H 33 -67.75 -6.02 -38.25
C MET H 33 -66.42 -6.78 -38.16
N LYS H 34 -66.07 -7.45 -39.25
CA LYS H 34 -64.92 -8.34 -39.28
C LYS H 34 -63.82 -7.91 -40.25
N ILE H 35 -62.69 -7.52 -39.68
CA ILE H 35 -61.54 -7.06 -40.46
C ILE H 35 -60.42 -8.09 -40.44
N GLY H 36 -59.98 -8.47 -41.64
CA GLY H 36 -58.85 -9.37 -41.79
C GLY H 36 -57.55 -8.62 -41.72
N VAL H 37 -56.51 -9.26 -41.20
CA VAL H 37 -55.16 -8.76 -41.33
C VAL H 37 -54.36 -9.85 -41.99
N LEU H 38 -53.71 -9.50 -43.08
CA LEU H 38 -52.91 -10.46 -43.79
C LEU H 38 -51.71 -10.85 -42.92
N GLY H 39 -51.77 -12.06 -42.36
CA GLY H 39 -50.83 -12.49 -41.33
C GLY H 39 -49.59 -13.25 -41.76
N LEU H 40 -49.22 -13.21 -43.02
CA LEU H 40 -48.08 -14.02 -43.46
C LEU H 40 -46.73 -13.62 -42.81
N GLN H 41 -46.57 -12.32 -42.61
CA GLN H 41 -45.38 -11.77 -41.97
C GLN H 41 -45.67 -10.33 -41.56
N GLY H 42 -44.84 -9.78 -40.67
CA GLY H 42 -44.84 -8.35 -40.41
C GLY H 42 -45.57 -7.90 -39.17
N ALA H 43 -45.92 -6.62 -39.12
CA ALA H 43 -46.48 -6.07 -37.86
C ALA H 43 -47.98 -6.32 -37.75
N VAL H 44 -48.33 -7.62 -37.75
CA VAL H 44 -49.71 -8.10 -37.71
C VAL H 44 -50.40 -7.69 -36.42
N ARG H 45 -49.78 -8.09 -35.31
CA ARG H 45 -50.30 -7.81 -33.97
C ARG H 45 -50.67 -6.33 -33.74
N GLU H 46 -49.88 -5.41 -34.30
CA GLU H 46 -50.14 -3.99 -34.09
C GLU H 46 -51.44 -3.57 -34.70
N HIS H 47 -51.76 -4.11 -35.88
CA HIS H 47 -53.01 -3.76 -36.54
C HIS H 47 -54.20 -4.32 -35.75
N VAL H 48 -54.08 -5.60 -35.41
CA VAL H 48 -55.09 -6.28 -34.59
C VAL H 48 -55.48 -5.38 -33.41
N ARG H 49 -54.47 -4.86 -32.73
CA ARG H 49 -54.70 -3.97 -31.60
C ARG H 49 -55.60 -2.80 -31.97
N ALA H 50 -55.28 -2.13 -33.08
CA ALA H 50 -56.01 -0.94 -33.50
C ALA H 50 -57.46 -1.29 -33.85
N ILE H 51 -57.56 -2.36 -34.65
CA ILE H 51 -58.84 -2.89 -35.06
C ILE H 51 -59.70 -3.18 -33.85
N GLU H 52 -59.17 -3.94 -32.89
CA GLU H 52 -59.95 -4.27 -31.69
C GLU H 52 -60.26 -3.02 -30.85
N ALA H 53 -59.27 -2.13 -30.73
CA ALA H 53 -59.45 -0.85 -30.03
C ALA H 53 -60.54 0.04 -30.64
N CYS H 54 -60.74 -0.05 -31.94
CA CYS H 54 -61.88 0.65 -32.56
C CYS H 54 -63.19 -0.16 -32.52
N GLY H 55 -63.23 -1.25 -31.75
CA GLY H 55 -64.45 -2.02 -31.53
C GLY H 55 -64.79 -3.09 -32.55
N ALA H 56 -63.99 -3.21 -33.61
CA ALA H 56 -64.24 -4.23 -34.65
C ALA H 56 -63.57 -5.57 -34.27
N GLU H 57 -63.85 -6.61 -35.04
CA GLU H 57 -63.21 -7.90 -34.80
C GLU H 57 -62.04 -8.07 -35.77
N ALA H 58 -60.92 -8.58 -35.24
CA ALA H 58 -59.72 -8.81 -36.04
C ALA H 58 -59.57 -10.28 -36.38
N VAL H 59 -59.19 -10.58 -37.61
CA VAL H 59 -58.98 -11.97 -38.01
C VAL H 59 -57.66 -12.10 -38.73
N ILE H 60 -56.79 -12.96 -38.25
CA ILE H 60 -55.51 -13.14 -38.90
C ILE H 60 -55.68 -14.08 -40.07
N VAL H 61 -55.20 -13.63 -41.24
CA VAL H 61 -55.37 -14.37 -42.47
C VAL H 61 -54.05 -14.93 -42.96
N LYS H 62 -53.87 -16.24 -42.82
CA LYS H 62 -52.72 -16.95 -43.40
C LYS H 62 -53.16 -17.86 -44.57
N LYS H 63 -54.47 -18.00 -44.75
CA LYS H 63 -55.02 -18.90 -45.76
C LYS H 63 -56.24 -18.34 -46.50
N SER H 64 -56.34 -18.63 -47.79
CA SER H 64 -57.48 -18.20 -48.61
C SER H 64 -58.82 -18.41 -47.92
N GLU H 65 -59.08 -19.62 -47.45
CA GLU H 65 -60.29 -19.94 -46.72
C GLU H 65 -60.67 -18.85 -45.72
N GLN H 66 -59.68 -18.28 -45.03
CA GLN H 66 -59.94 -17.30 -43.97
C GLN H 66 -60.53 -15.97 -44.48
N LEU H 67 -60.37 -15.70 -45.77
CA LEU H 67 -60.94 -14.51 -46.43
C LEU H 67 -62.45 -14.48 -46.40
N GLU H 68 -63.07 -15.66 -46.47
CA GLU H 68 -64.53 -15.77 -46.55
C GLU H 68 -65.16 -15.13 -45.32
N GLY H 69 -66.18 -14.32 -45.55
CA GLY H 69 -66.99 -13.75 -44.48
C GLY H 69 -66.44 -12.47 -43.88
N LEU H 70 -65.34 -11.97 -44.46
CA LEU H 70 -64.69 -10.76 -43.95
C LEU H 70 -65.23 -9.52 -44.63
N ASP H 71 -65.37 -8.45 -43.87
CA ASP H 71 -65.87 -7.18 -44.40
C ASP H 71 -64.79 -6.27 -45.01
N GLY H 72 -63.53 -6.48 -44.60
CA GLY H 72 -62.40 -5.69 -45.09
C GLY H 72 -61.06 -6.34 -44.78
N LEU H 73 -60.01 -5.88 -45.44
CA LEU H 73 -58.69 -6.47 -45.21
C LEU H 73 -57.60 -5.43 -45.07
N VAL H 74 -56.67 -5.73 -44.15
CA VAL H 74 -55.47 -4.93 -43.93
C VAL H 74 -54.24 -5.71 -44.34
N LEU H 75 -53.44 -5.06 -45.17
CA LEU H 75 -52.11 -5.49 -45.57
C LEU H 75 -51.06 -4.70 -44.78
N PRO H 76 -50.37 -5.40 -43.88
CA PRO H 76 -49.58 -4.77 -42.85
C PRO H 76 -48.20 -4.37 -43.36
N GLY H 77 -47.51 -3.59 -42.54
CA GLY H 77 -46.08 -3.42 -42.72
C GLY H 77 -45.32 -4.74 -42.52
N GLY H 78 -44.19 -4.82 -43.20
CA GLY H 78 -43.33 -5.98 -43.12
C GLY H 78 -42.36 -6.00 -44.30
N GLU H 79 -42.12 -7.17 -44.86
CA GLU H 79 -41.28 -7.28 -46.03
C GLU H 79 -42.07 -7.74 -47.25
N SER H 80 -42.32 -6.79 -48.15
CA SER H 80 -43.11 -7.04 -49.36
C SER H 80 -42.65 -8.28 -50.14
N THR H 81 -41.33 -8.46 -50.26
CA THR H 81 -40.79 -9.64 -50.97
C THR H 81 -41.21 -10.92 -50.28
N THR H 82 -41.15 -10.90 -48.95
CA THR H 82 -41.51 -12.05 -48.14
C THR H 82 -43.01 -12.31 -48.30
N MET H 83 -43.80 -11.26 -48.16
CA MET H 83 -45.23 -11.45 -48.32
C MET H 83 -45.56 -12.00 -49.73
N ARG H 84 -44.95 -11.45 -50.77
CA ARG H 84 -45.23 -11.94 -52.11
C ARG H 84 -44.82 -13.41 -52.26
N ARG H 85 -43.60 -13.71 -51.81
CA ARG H 85 -43.10 -15.10 -51.90
C ARG H 85 -44.10 -16.10 -51.26
N LEU H 86 -44.66 -15.71 -50.13
CA LEU H 86 -45.59 -16.57 -49.43
C LEU H 86 -46.94 -16.62 -50.13
N ILE H 87 -47.39 -15.45 -50.59
CA ILE H 87 -48.65 -15.35 -51.37
C ILE H 87 -48.63 -16.28 -52.58
N ASP H 88 -47.50 -16.26 -53.30
CA ASP H 88 -47.32 -17.15 -54.44
C ASP H 88 -47.48 -18.59 -54.04
N ARG H 89 -46.53 -19.05 -53.23
CA ARG H 89 -46.41 -20.44 -52.76
C ARG H 89 -47.68 -21.08 -52.24
N TYR H 90 -48.59 -20.29 -51.66
CA TYR H 90 -49.85 -20.82 -51.11
C TYR H 90 -51.08 -20.32 -51.86
N GLY H 91 -50.86 -19.93 -53.13
CA GLY H 91 -51.93 -19.52 -54.05
C GLY H 91 -52.91 -18.51 -53.45
N LEU H 92 -52.39 -17.45 -52.85
CA LEU H 92 -53.29 -16.44 -52.27
C LEU H 92 -53.62 -15.29 -53.26
N MET H 93 -52.83 -15.24 -54.34
CA MET H 93 -52.87 -14.13 -55.27
C MET H 93 -54.25 -13.95 -55.88
N GLU H 94 -54.76 -15.00 -56.49
CA GLU H 94 -56.05 -14.92 -57.14
C GLU H 94 -57.16 -14.62 -56.12
N PRO H 95 -57.29 -15.46 -55.07
CA PRO H 95 -58.30 -15.17 -54.03
C PRO H 95 -58.25 -13.73 -53.46
N LEU H 96 -57.04 -13.17 -53.32
CA LEU H 96 -56.98 -11.78 -52.87
C LEU H 96 -57.62 -10.85 -53.89
N LYS H 97 -57.29 -11.07 -55.15
CA LYS H 97 -57.88 -10.26 -56.21
C LYS H 97 -59.41 -10.43 -56.20
N GLN H 98 -59.89 -11.67 -56.12
CA GLN H 98 -61.34 -11.92 -56.01
C GLN H 98 -61.93 -11.15 -54.83
N PHE H 99 -61.22 -11.16 -53.71
CA PHE H 99 -61.65 -10.41 -52.54
C PHE H 99 -61.82 -8.94 -52.92
N ALA H 100 -60.88 -8.43 -53.72
CA ALA H 100 -60.92 -7.03 -54.14
C ALA H 100 -62.10 -6.75 -55.06
N ALA H 101 -62.24 -7.61 -56.07
CA ALA H 101 -63.35 -7.60 -57.02
C ALA H 101 -64.70 -7.60 -56.28
N ALA H 102 -64.82 -8.42 -55.24
CA ALA H 102 -66.04 -8.41 -54.41
C ALA H 102 -66.36 -7.05 -53.79
N GLY H 103 -65.50 -6.06 -54.01
CA GLY H 103 -65.69 -4.68 -53.50
C GLY H 103 -65.31 -4.44 -52.04
N LYS H 104 -64.55 -5.37 -51.47
CA LYS H 104 -64.17 -5.31 -50.04
C LYS H 104 -63.02 -4.31 -49.83
N PRO H 105 -63.19 -3.33 -48.91
CA PRO H 105 -62.10 -2.40 -48.66
C PRO H 105 -60.75 -2.99 -48.16
N MET H 106 -59.68 -2.46 -48.72
CA MET H 106 -58.36 -2.95 -48.43
C MET H 106 -57.48 -1.80 -48.05
N PHE H 107 -56.78 -1.98 -46.90
CA PHE H 107 -55.89 -0.97 -46.31
C PHE H 107 -54.45 -1.45 -46.35
N GLY H 108 -53.59 -0.78 -47.11
CA GLY H 108 -52.18 -1.19 -47.22
C GLY H 108 -51.23 -0.24 -46.53
N THR H 109 -50.49 -0.73 -45.53
CA THR H 109 -49.51 0.17 -44.83
C THR H 109 -48.11 -0.22 -45.20
N CYG H 110 -47.31 0.73 -45.71
CA CYG H 110 -45.91 0.48 -46.17
C CYG H 110 -45.79 -0.67 -47.16
O CYG H 110 -46.22 -0.55 -48.30
CB CYG H 110 -45.06 0.46 -44.89
SG CYG H 110 -43.31 0.51 -45.12
N1 CYG H 110 -38.80 -1.98 -46.69
CA1 CYG H 110 -40.08 -2.73 -46.88
CB1 CYG H 110 -41.34 -2.08 -46.27
CG1 CYG H 110 -41.20 -1.45 -44.88
CD1 CYG H 110 -42.56 -0.94 -44.46
OE2 CYG H 110 -43.05 -1.69 -43.60
C1 CYG H 110 -40.33 -3.02 -48.34
O1 CYG H 110 -41.08 -3.99 -48.67
O2 CYG H 110 -39.77 -2.31 -49.19
N ALA H 111 -45.25 -1.82 -46.77
CA ALA H 111 -45.30 -3.03 -47.63
C ALA H 111 -46.71 -3.27 -48.18
N GLY H 112 -47.67 -3.07 -47.30
CA GLY H 112 -49.07 -3.15 -47.65
C GLY H 112 -49.36 -2.33 -48.88
N LEU H 113 -48.91 -1.07 -48.86
CA LEU H 113 -49.04 -0.20 -50.01
C LEU H 113 -48.36 -0.80 -51.22
N ILE H 114 -47.18 -1.36 -51.02
CA ILE H 114 -46.42 -1.91 -52.13
C ILE H 114 -47.17 -3.06 -52.79
N LEU H 115 -47.88 -3.85 -51.98
CA LEU H 115 -48.63 -4.96 -52.55
C LEU H 115 -49.75 -4.47 -53.51
N LEU H 116 -50.47 -3.43 -53.08
CA LEU H 116 -51.57 -2.84 -53.83
C LEU H 116 -51.16 -2.15 -55.17
N ALA H 117 -49.95 -1.59 -55.20
CA ALA H 117 -49.58 -0.69 -56.30
C ALA H 117 -49.66 -1.39 -57.63
N LYS H 118 -50.05 -0.63 -58.65
CA LYS H 118 -50.11 -1.10 -60.03
C LYS H 118 -48.73 -1.20 -60.61
N ARG H 119 -47.85 -0.26 -60.23
CA ARG H 119 -46.48 -0.19 -60.77
C ARG H 119 -45.45 0.03 -59.66
N ILE H 120 -44.36 -0.71 -59.75
CA ILE H 120 -43.28 -0.57 -58.80
C ILE H 120 -42.04 -0.30 -59.55
N VAL H 121 -41.38 0.81 -59.19
CA VAL H 121 -40.14 1.21 -59.88
C VAL H 121 -39.15 0.07 -59.84
N GLY H 122 -38.55 -0.25 -60.98
CA GLY H 122 -37.57 -1.32 -61.09
C GLY H 122 -38.20 -2.69 -61.28
N TYR H 123 -39.54 -2.75 -61.25
CA TYR H 123 -40.26 -4.04 -61.36
C TYR H 123 -41.05 -4.15 -62.66
N ASP H 124 -40.73 -5.17 -63.43
CA ASP H 124 -41.46 -5.48 -64.64
C ASP H 124 -42.93 -5.76 -64.37
N GLU H 125 -43.18 -6.46 -63.26
CA GLU H 125 -44.54 -6.82 -62.86
C GLU H 125 -44.79 -6.47 -61.40
N PRO H 126 -46.01 -6.06 -61.06
CA PRO H 126 -46.38 -5.69 -59.68
C PRO H 126 -46.85 -6.90 -58.84
N HIS H 127 -47.42 -6.64 -57.67
CA HIS H 127 -47.95 -7.73 -56.84
C HIS H 127 -49.45 -7.84 -57.12
N LEU H 128 -50.31 -7.22 -56.31
CA LEU H 128 -51.74 -7.29 -56.59
C LEU H 128 -52.11 -6.43 -57.80
N GLY H 129 -51.57 -5.22 -57.87
CA GLY H 129 -51.80 -4.33 -59.00
C GLY H 129 -53.22 -3.79 -59.04
N LEU H 130 -53.71 -3.41 -57.87
CA LEU H 130 -55.09 -2.97 -57.69
C LEU H 130 -55.21 -1.47 -57.51
N MET H 131 -54.09 -0.76 -57.33
CA MET H 131 -54.19 0.67 -57.13
C MET H 131 -53.42 1.41 -58.22
N ASP H 132 -54.05 2.42 -58.82
CA ASP H 132 -53.49 3.12 -59.99
C ASP H 132 -52.39 4.11 -59.58
N ILE H 133 -51.33 3.55 -59.03
CA ILE H 133 -50.22 4.31 -58.48
C ILE H 133 -48.89 3.69 -58.86
N THR H 134 -47.87 4.52 -58.93
CA THR H 134 -46.51 4.02 -59.07
C THR H 134 -45.81 4.24 -57.75
N VAL H 135 -45.16 3.19 -57.24
CA VAL H 135 -44.37 3.33 -56.00
C VAL H 135 -42.92 2.98 -56.18
N GLU H 136 -42.10 3.73 -55.46
CA GLU H 136 -40.67 3.42 -55.35
C GLU H 136 -40.34 2.92 -53.95
N ARG H 137 -39.82 1.70 -53.93
CA ARG H 137 -39.40 1.05 -52.70
C ARG H 137 -38.18 1.73 -52.12
N ASN H 138 -38.13 1.84 -50.80
CA ASN H 138 -36.91 2.21 -50.10
C ASN H 138 -36.36 3.53 -50.60
N SER H 139 -37.26 4.48 -50.79
CA SER H 139 -36.94 5.74 -51.49
C SER H 139 -36.31 6.77 -50.58
N PHE H 140 -36.46 6.60 -49.26
CA PHE H 140 -35.83 7.52 -48.30
C PHE H 140 -34.44 7.11 -47.87
N GLY H 141 -34.04 5.90 -48.25
CA GLY H 141 -32.73 5.34 -47.89
C GLY H 141 -32.92 4.07 -47.08
N ARG H 142 -32.05 3.90 -46.10
CA ARG H 142 -32.04 2.69 -45.30
C ARG H 142 -32.55 3.01 -43.91
N GLN H 143 -32.50 2.04 -43.00
CA GLN H 143 -33.10 2.19 -41.67
C GLN H 143 -32.57 3.40 -40.90
N ARG H 144 -31.27 3.68 -41.05
CA ARG H 144 -30.71 4.91 -40.48
C ARG H 144 -31.56 6.14 -40.79
N GLU H 145 -32.14 6.18 -41.98
CA GLU H 145 -32.91 7.33 -42.41
C GLU H 145 -34.38 7.24 -42.00
N SER H 146 -34.78 6.09 -41.45
CA SER H 146 -36.15 5.96 -40.97
C SER H 146 -36.47 7.07 -39.99
N PHE H 147 -37.72 7.54 -40.00
CA PHE H 147 -38.00 8.80 -39.32
C PHE H 147 -39.48 8.92 -38.97
N GLU H 148 -39.78 9.87 -38.10
CA GLU H 148 -41.16 10.19 -37.81
C GLU H 148 -41.46 11.67 -37.99
N ALA H 149 -42.67 11.96 -38.48
CA ALA H 149 -42.99 13.33 -38.83
C ALA H 149 -44.46 13.55 -38.78
N GLU H 150 -44.86 14.72 -38.31
CA GLU H 150 -46.28 15.07 -38.21
C GLU H 150 -46.91 15.41 -39.55
N LEU H 151 -48.11 14.91 -39.77
CA LEU H 151 -48.75 14.95 -41.07
C LEU H 151 -50.14 15.55 -40.97
N SER H 152 -50.54 16.08 -42.12
CA SER H 152 -51.89 16.57 -42.39
C SER H 152 -52.55 15.61 -43.38
N ILE H 153 -53.54 14.88 -42.89
CA ILE H 153 -54.25 13.88 -43.70
C ILE H 153 -55.68 14.30 -44.00
N LYS H 154 -55.98 14.48 -45.28
CA LYS H 154 -57.19 15.19 -45.74
C LYS H 154 -58.48 14.77 -45.02
N GLY H 155 -58.88 13.53 -45.19
CA GLY H 155 -60.10 13.06 -44.56
C GLY H 155 -59.99 12.89 -43.05
N VAL H 156 -58.77 12.81 -42.52
CA VAL H 156 -58.53 12.29 -41.18
C VAL H 156 -58.29 13.37 -40.14
N GLY H 157 -57.50 14.37 -40.48
CA GLY H 157 -57.14 15.38 -39.52
C GLY H 157 -55.67 15.71 -39.58
N ASP H 158 -55.18 16.28 -38.51
CA ASP H 158 -53.96 17.06 -38.57
C ASP H 158 -53.03 16.66 -37.46
N GLY H 159 -51.74 16.91 -37.65
CA GLY H 159 -50.76 16.56 -36.64
C GLY H 159 -50.73 15.06 -36.37
N PHE H 160 -50.95 14.26 -37.40
CA PHE H 160 -50.89 12.80 -37.25
C PHE H 160 -49.45 12.35 -37.38
N VAL H 161 -48.92 11.72 -36.33
CA VAL H 161 -47.53 11.26 -36.38
C VAL H 161 -47.35 10.10 -37.37
N GLY H 162 -46.67 10.38 -38.47
CA GLY H 162 -46.30 9.37 -39.47
C GLY H 162 -44.94 8.78 -39.11
N VAL H 163 -44.88 7.46 -39.02
CA VAL H 163 -43.67 6.72 -38.78
C VAL H 163 -43.27 5.97 -40.05
N PHE H 164 -42.10 6.35 -40.56
CA PHE H 164 -41.57 5.86 -41.81
C PHE H 164 -40.33 5.02 -41.55
N ILE H 165 -40.53 3.71 -41.69
CA ILE H 165 -39.54 2.69 -41.45
C ILE H 165 -39.16 2.10 -42.79
N ARG H 166 -37.97 2.44 -43.30
CA ARG H 166 -37.56 1.98 -44.63
C ARG H 166 -38.75 2.09 -45.59
N ALA H 167 -39.38 3.27 -45.59
CA ALA H 167 -40.62 3.48 -46.35
C ALA H 167 -40.37 3.66 -47.85
N PRO H 168 -41.37 3.28 -48.64
CA PRO H 168 -41.39 3.59 -50.04
C PRO H 168 -42.07 4.94 -50.25
N HIS H 169 -42.11 5.43 -51.48
CA HIS H 169 -43.02 6.55 -51.71
C HIS H 169 -43.79 6.43 -53.01
N ILE H 170 -44.89 7.17 -53.07
CA ILE H 170 -45.72 7.20 -54.26
C ILE H 170 -45.21 8.23 -55.27
N VAL H 171 -44.65 7.73 -56.36
CA VAL H 171 -44.03 8.58 -57.38
C VAL H 171 -45.14 9.31 -58.15
N GLU H 172 -46.12 8.52 -58.58
CA GLU H 172 -47.17 8.99 -59.46
C GLU H 172 -48.51 8.40 -59.04
N ALA H 173 -49.54 9.24 -59.10
CA ALA H 173 -50.91 8.84 -58.79
C ALA H 173 -51.84 9.07 -59.97
N GLY H 174 -52.68 8.08 -60.27
CA GLY H 174 -53.70 8.21 -61.32
C GLY H 174 -54.84 9.16 -60.99
N ASP H 175 -55.66 9.41 -62.00
CA ASP H 175 -56.71 10.44 -61.89
C ASP H 175 -57.79 10.04 -60.92
N GLY H 176 -58.10 8.74 -60.90
CA GLY H 176 -59.07 8.19 -59.95
C GLY H 176 -58.65 8.25 -58.49
N VAL H 177 -57.34 8.46 -58.26
CA VAL H 177 -56.75 8.43 -56.91
C VAL H 177 -56.80 9.79 -56.25
N ASP H 178 -57.30 9.84 -55.01
CA ASP H 178 -57.26 11.05 -54.19
C ASP H 178 -56.09 11.01 -53.20
N VAL H 179 -55.19 11.97 -53.37
CA VAL H 179 -54.04 12.15 -52.50
C VAL H 179 -54.51 12.62 -51.16
N LEU H 180 -54.17 11.88 -50.11
CA LEU H 180 -54.62 12.25 -48.75
C LEU H 180 -53.57 12.98 -47.92
N ALA H 181 -52.30 12.76 -48.23
CA ALA H 181 -51.20 13.40 -47.49
C ALA H 181 -49.90 13.39 -48.25
N THR H 182 -49.14 14.44 -47.99
CA THR H 182 -47.80 14.56 -48.55
C THR H 182 -46.78 14.86 -47.46
N TYR H 183 -45.54 14.50 -47.74
CA TYR H 183 -44.42 14.85 -46.89
C TYR H 183 -43.34 15.41 -47.80
N ASN H 184 -42.97 16.67 -47.59
CA ASN H 184 -41.96 17.33 -48.43
C ASN H 184 -42.20 17.03 -49.90
N ASP H 185 -43.41 17.32 -50.36
CA ASP H 185 -43.74 17.15 -51.76
C ASP H 185 -43.61 15.72 -52.27
N ARG H 186 -43.80 14.77 -51.37
CA ARG H 186 -43.96 13.37 -51.77
C ARG H 186 -45.31 12.84 -51.30
N ILE H 187 -45.97 12.08 -52.15
CA ILE H 187 -47.30 11.56 -51.80
C ILE H 187 -47.08 10.41 -50.82
N VAL H 188 -47.71 10.48 -49.66
CA VAL H 188 -47.50 9.44 -48.62
C VAL H 188 -48.77 8.73 -48.15
N ALA H 189 -49.93 9.25 -48.56
CA ALA H 189 -51.21 8.61 -48.29
C ALA H 189 -52.14 8.86 -49.49
N ALA H 190 -52.91 7.84 -49.83
CA ALA H 190 -53.86 7.95 -50.94
C ALA H 190 -55.04 7.01 -50.83
N ARG H 191 -56.18 7.51 -51.34
CA ARG H 191 -57.39 6.68 -51.44
C ARG H 191 -57.81 6.48 -52.88
N GLN H 192 -58.34 5.31 -53.17
CA GLN H 192 -58.95 5.02 -54.46
C GLN H 192 -60.18 4.12 -54.23
N GLY H 193 -61.32 4.78 -54.01
CA GLY H 193 -62.57 4.09 -53.78
C GLY H 193 -62.49 3.22 -52.55
N GLN H 194 -62.41 1.91 -52.78
CA GLN H 194 -62.27 0.91 -51.71
C GLN H 194 -60.84 0.80 -51.19
N PHE H 195 -59.87 1.17 -52.00
CA PHE H 195 -58.46 1.00 -51.62
C PHE H 195 -57.88 2.16 -50.83
N LEU H 196 -57.25 1.88 -49.69
CA LEU H 196 -56.58 2.89 -48.87
C LEU H 196 -55.12 2.55 -48.71
N GLY H 197 -54.23 3.55 -48.89
CA GLY H 197 -52.78 3.27 -48.84
C GLY H 197 -51.94 4.35 -48.21
N CYS H 198 -50.90 3.94 -47.47
CA CYS H 198 -49.91 4.90 -46.98
C CYS H 198 -48.51 4.32 -46.85
N SER H 199 -47.54 5.23 -46.90
CA SER H 199 -46.12 4.91 -46.87
C SER H 199 -45.68 4.59 -45.46
N PHE H 200 -46.34 5.25 -44.52
CA PHE H 200 -45.97 5.21 -43.12
C PHE H 200 -46.79 4.13 -42.40
N ASN H 201 -46.44 3.88 -41.14
CA ASN H 201 -47.09 2.82 -40.37
C ASN H 201 -47.87 3.37 -39.18
N PRO H 202 -49.18 3.67 -39.40
CA PRO H 202 -50.02 4.24 -38.36
C PRO H 202 -50.17 3.31 -37.16
N GLU H 203 -50.18 2.00 -37.43
CA GLU H 203 -50.31 0.98 -36.38
C GLU H 203 -49.21 1.05 -35.27
N LEU H 204 -48.08 1.70 -35.54
CA LEU H 204 -47.05 1.96 -34.54
C LEU H 204 -47.37 3.13 -33.61
N THR H 205 -48.41 3.88 -33.90
CA THR H 205 -48.79 4.97 -33.00
C THR H 205 -50.02 4.56 -32.22
N ASP H 206 -50.33 5.34 -31.19
CA ASP H 206 -51.54 5.14 -30.39
C ASP H 206 -52.73 5.85 -31.02
N ASP H 207 -52.45 6.63 -32.05
CA ASP H 207 -53.45 7.42 -32.76
C ASP H 207 -54.20 6.61 -33.83
N HIS H 208 -55.50 6.44 -33.61
CA HIS H 208 -56.33 5.50 -34.38
C HIS H 208 -57.19 6.15 -35.46
N ARG H 209 -57.14 7.48 -35.55
CA ARG H 209 -57.97 8.25 -36.50
C ARG H 209 -58.02 7.64 -37.92
N LEU H 210 -56.87 7.21 -38.41
CA LEU H 210 -56.78 6.61 -39.74
C LEU H 210 -57.44 5.22 -39.78
N MET H 211 -57.23 4.45 -38.72
CA MET H 211 -57.89 3.16 -38.60
C MET H 211 -59.40 3.39 -38.63
N GLN H 212 -59.86 4.34 -37.83
CA GLN H 212 -61.29 4.71 -37.81
C GLN H 212 -61.76 5.07 -39.22
N TYR H 213 -61.01 5.96 -39.84
CA TYR H 213 -61.31 6.36 -41.20
C TYR H 213 -61.44 5.14 -42.14
N PHE H 214 -60.55 4.16 -41.99
CA PHE H 214 -60.69 2.92 -42.80
C PHE H 214 -61.96 2.16 -42.43
N LEU H 215 -62.17 1.95 -41.13
CA LEU H 215 -63.36 1.24 -40.68
C LEU H 215 -64.60 1.84 -41.31
N ASN H 216 -64.68 3.18 -41.28
CA ASN H 216 -65.79 3.85 -41.94
C ASN H 216 -66.01 3.37 -43.37
N MET H 217 -64.92 3.32 -44.14
CA MET H 217 -64.99 2.84 -45.53
C MET H 217 -65.61 1.43 -45.56
N VAL H 218 -65.23 0.62 -44.59
CA VAL H 218 -65.76 -0.74 -44.51
C VAL H 218 -67.26 -0.68 -44.25
N LYS H 219 -67.65 0.14 -43.28
CA LYS H 219 -69.05 0.29 -42.90
C LYS H 219 -69.87 0.71 -44.12
N GLU H 220 -69.43 1.78 -44.78
CA GLU H 220 -70.10 2.21 -46.01
C GLU H 220 -70.14 1.10 -47.04
N ALA H 221 -69.02 0.40 -47.24
CA ALA H 221 -69.01 -0.71 -48.24
C ALA H 221 -70.00 -1.83 -47.90
N LYS H 222 -70.17 -2.11 -46.61
CA LYS H 222 -71.12 -3.14 -46.20
C LYS H 222 -72.48 -2.82 -46.81
N MET H 223 -72.99 -1.64 -46.45
CA MET H 223 -74.34 -1.23 -46.83
C MET H 223 -74.49 -1.25 -48.35
N ALA H 224 -73.98 -0.24 -49.03
CA ALA H 224 -73.81 -0.28 -50.48
C ALA H 224 -74.47 -1.49 -51.15
N MET I 33 37.94 20.80 22.32
CA MET I 33 36.84 21.63 22.93
C MET I 33 35.60 20.80 23.30
N LYS I 34 35.23 20.87 24.58
CA LYS I 34 34.20 20.03 25.15
C LYS I 34 33.03 20.82 25.69
N ILE I 35 31.90 20.67 25.01
CA ILE I 35 30.65 21.36 25.37
C ILE I 35 29.63 20.40 25.99
N GLY I 36 29.19 20.74 27.19
CA GLY I 36 28.16 19.98 27.86
C GLY I 36 26.77 20.39 27.38
N VAL I 37 25.84 19.44 27.36
CA VAL I 37 24.43 19.75 27.18
C VAL I 37 23.71 19.19 28.38
N LEU I 38 22.94 20.04 29.03
CA LEU I 38 22.19 19.60 30.18
C LEU I 38 21.12 18.64 29.73
N GLY I 39 21.34 17.36 30.00
CA GLY I 39 20.51 16.28 29.44
C GLY I 39 19.36 15.75 30.28
N LEU I 40 18.88 16.52 31.23
CA LEU I 40 17.83 16.02 32.09
C LEU I 40 16.50 15.79 31.35
N GLN I 41 16.22 16.67 30.39
CA GLN I 41 15.01 16.61 29.59
C GLN I 41 15.15 17.55 28.42
N GLY I 42 14.34 17.36 27.38
CA GLY I 42 14.21 18.34 26.33
C GLY I 42 14.96 18.03 25.05
N ALA I 43 15.20 19.06 24.25
CA ALA I 43 15.79 18.84 22.92
C ALA I 43 17.31 18.76 22.98
N VAL I 44 17.78 17.78 23.71
CA VAL I 44 19.19 17.55 23.93
C VAL I 44 19.87 17.18 22.59
N ARG I 45 19.39 16.11 21.98
CA ARG I 45 19.95 15.60 20.74
C ARG I 45 20.18 16.69 19.69
N GLU I 46 19.28 17.67 19.60
CA GLU I 46 19.38 18.72 18.60
C GLU I 46 20.62 19.56 18.82
N HIS I 47 20.91 19.85 20.09
CA HIS I 47 22.08 20.66 20.39
C HIS I 47 23.36 19.86 20.07
N VAL I 48 23.39 18.63 20.54
CA VAL I 48 24.51 17.75 20.28
C VAL I 48 24.90 17.81 18.80
N ARG I 49 23.88 17.72 17.94
CA ARG I 49 24.10 17.78 16.48
C ARG I 49 24.82 19.04 16.05
N ALA I 50 24.38 20.19 16.56
CA ALA I 50 24.97 21.46 16.20
C ALA I 50 26.41 21.53 16.71
N ILE I 51 26.56 21.20 17.98
CA ILE I 51 27.87 21.18 18.59
C ILE I 51 28.81 20.33 17.78
N GLU I 52 28.41 19.12 17.44
CA GLU I 52 29.30 18.24 16.67
C GLU I 52 29.53 18.77 15.25
N ALA I 53 28.47 19.28 14.65
CA ALA I 53 28.56 19.91 13.32
C ALA I 53 29.54 21.08 13.28
N CYS I 54 29.66 21.85 14.36
CA CYS I 54 30.70 22.90 14.44
C CYS I 54 32.08 22.38 14.89
N GLY I 55 32.26 21.05 14.90
CA GLY I 55 33.57 20.45 15.18
C GLY I 55 33.95 20.24 16.64
N ALA I 56 33.12 20.69 17.57
CA ALA I 56 33.39 20.51 19.01
C ALA I 56 32.90 19.13 19.49
N GLU I 57 33.22 18.78 20.73
CA GLU I 57 32.73 17.52 21.31
C GLU I 57 31.53 17.81 22.22
N ALA I 58 30.51 16.96 22.10
CA ALA I 58 29.29 17.13 22.90
C ALA I 58 29.29 16.14 24.06
N VAL I 59 28.89 16.60 25.24
CA VAL I 59 28.78 15.72 26.40
C VAL I 59 27.43 15.87 27.10
N ILE I 60 26.68 14.78 27.19
CA ILE I 60 25.37 14.86 27.83
C ILE I 60 25.56 14.83 29.36
N VAL I 61 24.96 15.80 30.02
CA VAL I 61 25.15 15.98 31.43
C VAL I 61 23.87 15.68 32.14
N LYS I 62 23.82 14.54 32.80
CA LYS I 62 22.72 14.17 33.71
C LYS I 62 23.19 14.18 35.16
N LYS I 63 24.49 14.30 35.40
CA LYS I 63 25.06 14.24 36.74
C LYS I 63 26.17 15.27 36.97
N SER I 64 26.22 15.84 38.18
CA SER I 64 27.27 16.80 38.60
C SER I 64 28.66 16.37 38.16
N GLU I 65 29.05 15.16 38.50
CA GLU I 65 30.34 14.62 38.08
C GLU I 65 30.68 14.98 36.62
N GLN I 66 29.67 14.93 35.74
CA GLN I 66 29.89 15.09 34.30
C GLN I 66 30.27 16.52 33.90
N LEU I 67 30.04 17.47 34.81
CA LEU I 67 30.46 18.87 34.63
C LEU I 67 31.98 19.06 34.59
N GLU I 68 32.70 18.21 35.32
CA GLU I 68 34.14 18.33 35.42
C GLU I 68 34.79 18.17 34.05
N GLY I 69 35.68 19.11 33.72
CA GLY I 69 36.48 19.02 32.51
C GLY I 69 35.82 19.61 31.28
N LEU I 70 34.66 20.24 31.46
CA LEU I 70 33.94 20.84 30.34
C LEU I 70 34.29 22.31 30.15
N ASP I 71 34.38 22.73 28.90
CA ASP I 71 34.73 24.11 28.56
C ASP I 71 33.53 25.05 28.48
N GLY I 72 32.32 24.49 28.30
CA GLY I 72 31.09 25.29 28.26
C GLY I 72 29.84 24.44 28.42
N LEU I 73 28.71 25.08 28.72
CA LEU I 73 27.47 24.31 28.90
C LEU I 73 26.27 24.92 28.20
N VAL I 74 25.46 24.03 27.62
CA VAL I 74 24.20 24.38 26.98
C VAL I 74 22.99 23.87 27.78
N LEU I 75 22.09 24.79 28.06
CA LEU I 75 20.80 24.52 28.68
C LEU I 75 19.74 24.56 27.59
N PRO I 76 19.25 23.37 27.23
CA PRO I 76 18.41 23.17 26.07
C PRO I 76 16.96 23.59 26.27
N GLY I 77 16.25 23.65 25.15
CA GLY I 77 14.78 23.77 25.19
C GLY I 77 14.14 22.53 25.78
N GLY I 78 12.98 22.73 26.41
CA GLY I 78 12.27 21.66 27.07
C GLY I 78 11.23 22.20 28.04
N GLU I 79 11.10 21.58 29.20
CA GLU I 79 10.20 22.07 30.25
C GLU I 79 10.99 22.52 31.50
N SER I 80 11.09 23.84 31.67
CA SER I 80 11.83 24.45 32.77
C SER I 80 11.43 23.87 34.11
N THR I 81 10.12 23.68 34.33
CA THR I 81 9.65 23.06 35.60
C THR I 81 10.28 21.68 35.80
N THR I 82 10.28 20.89 34.72
CA THR I 82 10.81 19.54 34.75
C THR I 82 12.31 19.61 35.03
N MET I 83 12.99 20.49 34.32
CA MET I 83 14.44 20.59 34.51
C MET I 83 14.75 21.00 35.96
N ARG I 84 13.99 21.95 36.49
CA ARG I 84 14.24 22.41 37.85
C ARG I 84 13.98 21.26 38.84
N ARG I 85 12.83 20.61 38.67
CA ARG I 85 12.46 19.54 39.55
C ARG I 85 13.60 18.51 39.66
N LEU I 86 14.18 18.20 38.51
CA LEU I 86 15.24 17.20 38.44
C LEU I 86 16.55 17.75 38.99
N ILE I 87 16.84 19.01 38.69
CA ILE I 87 18.01 19.69 39.25
C ILE I 87 18.02 19.66 40.78
N ASP I 88 16.86 19.97 41.36
CA ASP I 88 16.73 19.91 42.79
C ASP I 88 17.06 18.51 43.25
N ARG I 89 16.20 17.56 42.88
CA ARG I 89 16.26 16.18 43.38
C ARG I 89 17.65 15.54 43.37
N TYR I 90 18.50 15.93 42.42
CA TYR I 90 19.82 15.30 42.26
C TYR I 90 20.97 16.25 42.59
N GLY I 91 20.63 17.30 43.35
CA GLY I 91 21.57 18.30 43.81
C GLY I 91 22.47 18.87 42.73
N LEU I 92 21.87 19.34 41.64
CA LEU I 92 22.68 19.90 40.56
C LEU I 92 22.83 21.42 40.65
N MET I 93 21.99 22.01 41.49
CA MET I 93 21.87 23.46 41.58
C MET I 93 23.19 24.13 41.93
N GLU I 94 23.77 23.71 43.05
CA GLU I 94 25.00 24.31 43.53
C GLU I 94 26.12 24.07 42.51
N PRO I 95 26.37 22.79 42.16
CA PRO I 95 27.42 22.51 41.16
C PRO I 95 27.27 23.28 39.84
N LEU I 96 26.04 23.51 39.39
CA LEU I 96 25.88 24.38 38.21
C LEU I 96 26.40 25.79 38.50
N LYS I 97 25.98 26.35 39.64
CA LYS I 97 26.41 27.68 40.03
C LYS I 97 27.93 27.76 40.15
N GLN I 98 28.54 26.75 40.76
CA GLN I 98 30.01 26.64 40.78
C GLN I 98 30.60 26.62 39.38
N PHE I 99 29.92 25.90 38.48
CA PHE I 99 30.35 25.85 37.08
C PHE I 99 30.33 27.27 36.51
N ALA I 100 29.30 28.04 36.85
CA ALA I 100 29.18 29.41 36.37
C ALA I 100 30.25 30.31 36.92
N ALA I 101 30.42 30.25 38.26
CA ALA I 101 31.49 30.95 38.99
C ALA I 101 32.87 30.65 38.40
N ALA I 102 33.14 29.39 38.05
CA ALA I 102 34.39 29.07 37.36
C ALA I 102 34.61 29.84 36.03
N GLY I 103 33.62 30.64 35.63
CA GLY I 103 33.72 31.46 34.40
C GLY I 103 33.43 30.74 33.11
N LYS I 104 32.82 29.56 33.19
CA LYS I 104 32.53 28.73 32.02
C LYS I 104 31.28 29.25 31.27
N PRO I 105 31.41 29.52 29.97
CA PRO I 105 30.24 30.02 29.24
C PRO I 105 29.01 29.07 29.22
N MET I 106 27.85 29.69 29.32
CA MET I 106 26.60 28.98 29.39
C MET I 106 25.59 29.56 28.40
N PHE I 107 25.02 28.65 27.59
CA PHE I 107 24.05 29.03 26.54
C PHE I 107 22.66 28.49 26.89
N GLY I 108 21.71 29.37 27.15
CA GLY I 108 20.33 28.95 27.49
C GLY I 108 19.34 29.18 26.34
N THR I 109 18.76 28.09 25.81
CA THR I 109 17.73 28.26 24.76
C THR I 109 16.31 28.01 25.31
N CYG I 110 15.40 29.00 25.15
CA CYG I 110 14.02 28.92 25.68
C CYG I 110 13.97 28.56 27.17
O CYG I 110 14.30 29.39 28.02
CB CYG I 110 13.25 28.05 24.70
SG CYG I 110 11.50 28.06 24.89
N1 CYG I 110 7.15 26.42 27.65
CA1 CYG I 110 8.48 26.06 28.23
CB1 CYG I 110 9.70 26.40 27.36
CG1 CYG I 110 9.62 26.09 25.87
CD1 CYG I 110 10.97 26.42 25.24
OE2 CYG I 110 11.63 25.39 25.05
C1 CYG I 110 8.68 26.72 29.58
O1 CYG I 110 7.93 27.70 29.89
O2 CYG I 110 9.58 26.23 30.31
N ALA I 111 13.58 27.34 27.54
CA ALA I 111 13.65 26.93 28.94
C ALA I 111 15.04 27.22 29.50
N GLY I 112 16.05 26.94 28.67
CA GLY I 112 17.43 27.24 29.02
C GLY I 112 17.57 28.67 29.51
N LEU I 113 17.00 29.61 28.74
CA LEU I 113 16.97 31.00 29.15
C LEU I 113 16.29 31.15 30.49
N ILE I 114 15.17 30.48 30.65
CA ILE I 114 14.40 30.60 31.87
C ILE I 114 15.21 30.15 33.07
N LEU I 115 16.04 29.12 32.90
CA LEU I 115 16.87 28.66 34.01
C LEU I 115 17.90 29.70 34.46
N LEU I 116 18.50 30.40 33.48
CA LEU I 116 19.50 31.47 33.73
C LEU I 116 18.95 32.75 34.40
N ALA I 117 17.69 33.08 34.12
CA ALA I 117 17.13 34.39 34.51
C ALA I 117 17.18 34.64 36.00
N LYS I 118 17.47 35.89 36.35
CA LYS I 118 17.49 36.34 37.74
C LYS I 118 16.08 36.45 38.28
N ARG I 119 15.16 36.87 37.42
CA ARG I 119 13.77 37.06 37.84
C ARG I 119 12.80 36.47 36.84
N ILE I 120 11.77 35.82 37.37
CA ILE I 120 10.74 35.24 36.53
C ILE I 120 9.39 35.76 36.97
N VAL I 121 8.67 36.36 36.03
CA VAL I 121 7.37 36.93 36.35
C VAL I 121 6.51 35.86 37.01
N GLY I 122 5.89 36.20 38.14
CA GLY I 122 5.02 35.27 38.87
C GLY I 122 5.77 34.37 39.83
N TYR I 123 7.09 34.46 39.84
CA TYR I 123 7.94 33.59 40.66
C TYR I 123 8.67 34.38 41.75
N ASP I 124 8.42 33.99 42.99
CA ASP I 124 9.10 34.55 44.17
C ASP I 124 10.60 34.33 44.11
N GLU I 125 11.00 33.15 43.62
CA GLU I 125 12.41 32.79 43.46
C GLU I 125 12.69 32.26 42.05
N PRO I 126 13.89 32.53 41.53
CA PRO I 126 14.31 32.05 40.21
C PRO I 126 14.95 30.66 40.25
N HIS I 127 15.56 30.23 39.15
CA HIS I 127 16.24 28.93 39.11
C HIS I 127 17.72 29.15 39.40
N LEU I 128 18.55 29.29 38.36
CA LEU I 128 19.95 29.56 38.60
C LEU I 128 20.16 31.01 39.06
N GLY I 129 19.48 31.94 38.42
CA GLY I 129 19.56 33.36 38.78
C GLY I 129 20.91 33.95 38.49
N LEU I 130 21.43 33.64 37.32
CA LEU I 130 22.77 34.06 36.90
C LEU I 130 22.74 35.15 35.87
N MET I 131 21.59 35.48 35.34
CA MET I 131 21.54 36.51 34.31
C MET I 131 20.64 37.65 34.74
N ASP I 132 21.14 38.88 34.62
CA ASP I 132 20.44 40.08 35.15
C ASP I 132 19.28 40.48 34.23
N ILE I 133 18.29 39.60 34.17
CA ILE I 133 17.15 39.76 33.27
C ILE I 133 15.89 39.32 33.98
N THR I 134 14.77 39.90 33.55
CA THR I 134 13.47 39.43 33.96
C THR I 134 12.84 38.74 32.77
N VAL I 135 12.34 37.52 33.00
CA VAL I 135 11.61 36.81 31.93
C VAL I 135 10.17 36.50 32.31
N GLU I 136 9.31 36.54 31.28
CA GLU I 136 7.95 36.05 31.38
C GLU I 136 7.74 34.78 30.56
N ARG I 137 7.37 33.72 31.28
CA ARG I 137 7.10 32.43 30.70
C ARG I 137 5.83 32.46 29.86
N ASN I 138 5.86 31.79 28.73
CA ASN I 138 4.66 31.54 27.95
C ASN I 138 3.94 32.85 27.59
N SER I 139 4.73 33.84 27.19
CA SER I 139 4.22 35.20 26.98
C SER I 139 3.48 35.37 25.65
N PHE I 140 3.75 34.51 24.68
CA PHE I 140 3.11 34.60 23.35
C PHE I 140 1.81 33.83 23.25
N GLY I 141 1.51 33.05 24.29
CA GLY I 141 0.29 32.27 24.35
C GLY I 141 0.61 30.79 24.49
N ARG I 142 -0.15 29.97 23.78
CA ARG I 142 0.03 28.54 23.82
C ARG I 142 0.61 28.05 22.51
N GLN I 143 0.68 26.72 22.35
CA GLN I 143 1.36 26.12 21.21
C GLN I 143 0.78 26.58 19.92
N ARG I 144 -0.54 26.73 19.87
CA ARG I 144 -1.20 27.29 18.69
C ARG I 144 -0.50 28.57 18.17
N GLU I 145 0.03 29.36 19.11
CA GLU I 145 0.66 30.63 18.76
C GLU I 145 2.15 30.52 18.48
N SER I 146 2.71 29.33 18.71
CA SER I 146 4.12 29.08 18.39
C SER I 146 4.38 29.39 16.93
N PHE I 147 5.54 29.95 16.66
CA PHE I 147 5.72 30.55 15.33
C PHE I 147 7.19 30.62 14.94
N GLU I 148 7.45 30.91 13.68
CA GLU I 148 8.81 31.16 13.26
C GLU I 148 8.89 32.50 12.58
N ALA I 149 10.03 33.16 12.76
CA ALA I 149 10.22 34.51 12.23
C ALA I 149 11.69 34.81 12.03
N GLU I 150 12.00 35.49 10.94
CA GLU I 150 13.39 35.86 10.62
C GLU I 150 13.87 36.98 11.52
N LEU I 151 15.12 36.87 11.94
CA LEU I 151 15.68 37.76 12.94
C LEU I 151 17.01 38.36 12.51
N SER I 152 17.26 39.54 13.10
CA SER I 152 18.52 40.24 13.02
C SER I 152 19.21 40.13 14.38
N ILE I 153 20.32 39.38 14.41
CA ILE I 153 21.07 39.11 15.64
C ILE I 153 22.45 39.80 15.62
N LYS I 154 22.64 40.73 16.54
CA LYS I 154 23.74 41.72 16.48
C LYS I 154 25.09 41.10 16.12
N GLY I 155 25.61 40.25 17.00
CA GLY I 155 26.91 39.64 16.77
C GLY I 155 26.91 38.61 15.68
N VAL I 156 25.74 38.11 15.30
CA VAL I 156 25.66 36.86 14.52
C VAL I 156 25.37 37.06 13.05
N GLY I 157 24.44 37.93 12.75
CA GLY I 157 24.06 38.14 11.37
C GLY I 157 22.59 38.38 11.26
N ASP I 158 22.07 38.07 10.09
CA ASP I 158 20.77 38.58 9.66
C ASP I 158 19.99 37.48 9.01
N GLY I 159 18.67 37.64 9.03
CA GLY I 159 17.79 36.65 8.44
C GLY I 159 17.92 35.30 9.11
N PHE I 160 18.14 35.32 10.42
CA PHE I 160 18.26 34.07 11.17
C PHE I 160 16.86 33.62 11.58
N VAL I 161 16.44 32.44 11.09
CA VAL I 161 15.11 31.93 11.40
C VAL I 161 14.97 31.53 12.88
N GLY I 162 14.22 32.36 13.62
CA GLY I 162 13.88 32.09 14.99
C GLY I 162 12.60 31.24 15.09
N VAL I 163 12.72 30.12 15.80
CA VAL I 163 11.61 29.23 16.08
C VAL I 163 11.20 29.33 17.52
N PHE I 164 9.98 29.81 17.73
CA PHE I 164 9.42 30.11 19.04
C PHE I 164 8.29 29.12 19.36
N ILE I 165 8.64 28.19 20.24
CA ILE I 165 7.77 27.12 20.68
C ILE I 165 7.36 27.37 22.11
N ARG I 166 6.12 27.79 22.33
CA ARG I 166 5.66 28.20 23.65
C ARG I 166 6.73 29.06 24.38
N ALA I 167 7.25 30.04 23.65
CA ALA I 167 8.42 30.78 24.11
C ALA I 167 8.07 31.78 25.23
N PRO I 168 9.06 32.06 26.09
CA PRO I 168 8.97 33.14 27.03
C PRO I 168 9.48 34.39 26.35
N HIS I 169 9.39 35.52 27.05
CA HIS I 169 10.15 36.69 26.58
C HIS I 169 10.83 37.47 27.69
N ILE I 170 11.86 38.21 27.29
CA ILE I 170 12.61 39.03 28.24
C ILE I 170 11.91 40.37 28.40
N VAL I 171 11.35 40.56 29.59
CA VAL I 171 10.62 41.77 29.92
C VAL I 171 11.60 42.92 30.10
N GLU I 172 12.64 42.68 30.91
CA GLU I 172 13.57 43.70 31.33
C GLU I 172 15.00 43.16 31.34
N ALA I 173 15.92 43.98 30.87
CA ALA I 173 17.34 43.64 30.83
C ALA I 173 18.17 44.64 31.64
N GLY I 174 19.10 44.11 32.45
CA GLY I 174 20.02 44.94 33.22
C GLY I 174 21.04 45.66 32.35
N ASP I 175 21.79 46.56 32.98
CA ASP I 175 22.75 47.42 32.27
C ASP I 175 23.94 46.64 31.72
N GLY I 176 24.38 45.63 32.46
CA GLY I 176 25.47 44.75 32.03
C GLY I 176 25.14 43.88 30.82
N VAL I 177 23.84 43.75 30.54
CA VAL I 177 23.34 42.87 29.49
C VAL I 177 23.29 43.58 28.14
N ASP I 178 23.85 42.94 27.11
CA ASP I 178 23.73 43.42 25.73
C ASP I 178 22.63 42.67 25.00
N VAL I 179 21.63 43.43 24.56
CA VAL I 179 20.53 42.94 23.74
C VAL I 179 21.02 42.57 22.34
N LEU I 180 20.81 41.32 21.93
CA LEU I 180 21.32 40.85 20.65
C LEU I 180 20.25 40.80 19.60
N ALA I 181 18.99 40.71 20.01
CA ALA I 181 17.89 40.67 19.04
C ALA I 181 16.54 40.96 19.67
N THR I 182 15.69 41.53 18.84
CA THR I 182 14.32 41.79 19.24
C THR I 182 13.34 41.30 18.17
N TYR I 183 12.14 40.98 18.62
CA TYR I 183 11.04 40.63 17.75
C TYR I 183 9.88 41.48 18.19
N ASN I 184 9.37 42.31 17.28
CA ASN I 184 8.24 43.19 17.57
C ASN I 184 8.40 43.85 18.92
N ASP I 185 9.52 44.56 19.09
CA ASP I 185 9.81 45.32 20.31
C ASP I 185 9.84 44.44 21.57
N ARG I 186 10.20 43.17 21.42
CA ARG I 186 10.44 42.30 22.56
C ARG I 186 11.86 41.79 22.47
N ILE I 187 12.56 41.75 23.59
CA ILE I 187 13.93 41.26 23.61
C ILE I 187 13.90 39.73 23.54
N VAL I 188 14.59 39.17 22.55
CA VAL I 188 14.54 37.72 22.35
C VAL I 188 15.90 37.03 22.41
N ALA I 189 16.97 37.81 22.39
CA ALA I 189 18.31 37.28 22.52
C ALA I 189 19.15 38.28 23.31
N ALA I 190 20.00 37.76 24.18
CA ALA I 190 20.85 38.61 24.99
C ALA I 190 22.15 37.93 25.40
N ARG I 191 23.19 38.76 25.53
CA ARG I 191 24.46 38.31 26.10
C ARG I 191 24.80 39.06 27.39
N GLN I 192 25.45 38.36 28.31
CA GLN I 192 26.02 38.96 29.52
C GLN I 192 27.34 38.25 29.86
N GLY I 193 28.40 38.76 29.25
CA GLY I 193 29.73 38.24 29.46
C GLY I 193 29.85 36.83 28.99
N GLN I 194 29.91 35.91 29.94
CA GLN I 194 29.91 34.46 29.68
C GLN I 194 28.51 33.92 29.32
N PHE I 195 27.45 34.58 29.78
CA PHE I 195 26.09 34.03 29.60
C PHE I 195 25.44 34.41 28.29
N LEU I 196 24.93 33.41 27.55
CA LEU I 196 24.20 33.69 26.31
C LEU I 196 22.78 33.15 26.38
N GLY I 197 21.80 33.95 25.96
CA GLY I 197 20.40 33.54 26.10
C GLY I 197 19.47 33.91 24.96
N CYS I 198 18.54 33.01 24.64
CA CYS I 198 17.49 33.37 23.70
C CYS I 198 16.14 32.70 23.98
N SER I 199 15.09 33.37 23.51
CA SER I 199 13.71 32.91 23.63
C SER I 199 13.41 31.76 22.67
N PHE I 200 14.03 31.82 21.51
CA PHE I 200 13.76 30.89 20.43
C PHE I 200 14.69 29.69 20.52
N ASN I 201 14.50 28.72 19.63
CA ASN I 201 15.30 27.50 19.63
C ASN I 201 16.06 27.36 18.34
N PRO I 202 17.31 27.88 18.29
CA PRO I 202 18.18 27.78 17.12
C PRO I 202 18.49 26.33 16.72
N GLU I 203 18.62 25.46 17.71
CA GLU I 203 18.90 24.03 17.49
C GLU I 203 17.88 23.28 16.60
N LEU I 204 16.69 23.85 16.44
CA LEU I 204 15.70 23.33 15.49
C LEU I 204 15.97 23.74 14.03
N THR I 205 16.89 24.67 13.79
CA THR I 205 17.21 25.04 12.40
C THR I 205 18.52 24.42 12.00
N ASP I 206 18.80 24.43 10.70
CA ASP I 206 20.08 23.94 10.16
C ASP I 206 21.17 25.00 10.24
N ASP I 207 20.76 26.21 10.60
CA ASP I 207 21.61 27.39 10.71
C ASP I 207 22.38 27.41 12.04
N HIS I 208 23.70 27.31 11.95
CA HIS I 208 24.57 27.15 13.11
C HIS I 208 25.30 28.42 13.57
N ARG I 209 25.10 29.53 12.86
CA ARG I 209 25.79 30.79 13.17
C ARG I 209 25.82 31.13 14.66
N LEU I 210 24.67 30.97 15.32
CA LEU I 210 24.57 31.29 16.75
C LEU I 210 25.37 30.30 17.59
N MET I 211 25.31 29.02 17.20
CA MET I 211 26.10 28.00 17.86
C MET I 211 27.58 28.37 17.74
N GLN I 212 28.00 28.69 16.52
CA GLN I 212 29.37 29.14 16.28
C GLN I 212 29.73 30.32 17.19
N TYR I 213 28.85 31.31 17.18
CA TYR I 213 29.03 32.47 18.03
C TYR I 213 29.24 32.05 19.47
N PHE I 214 28.45 31.08 19.95
CA PHE I 214 28.66 30.59 21.34
C PHE I 214 30.02 29.90 21.49
N LEU I 215 30.32 28.97 20.59
CA LEU I 215 31.60 28.29 20.62
C LEU I 215 32.73 29.30 20.73
N ASN I 216 32.70 30.34 19.90
CA ASN I 216 33.67 31.43 20.05
C ASN I 216 33.85 31.90 21.49
N MET I 217 32.74 32.23 22.14
CA MET I 217 32.78 32.67 23.53
C MET I 217 33.53 31.65 24.39
N VAL I 218 33.29 30.37 24.10
CA VAL I 218 33.94 29.29 24.84
C VAL I 218 35.44 29.33 24.57
N LYS I 219 35.81 29.49 23.29
CA LYS I 219 37.21 29.57 22.89
C LYS I 219 37.91 30.70 23.61
N GLU I 220 37.33 31.91 23.52
CA GLU I 220 37.87 33.06 24.25
C GLU I 220 37.98 32.76 25.74
N ALA I 221 36.92 32.21 26.34
CA ALA I 221 36.97 31.90 27.77
C ALA I 221 38.06 30.90 28.11
N LYS I 222 38.34 29.99 27.19
CA LYS I 222 39.28 28.89 27.39
C LYS I 222 40.70 29.38 27.24
N MET I 223 40.94 30.13 26.16
CA MET I 223 42.23 30.77 25.94
C MET I 223 42.52 31.69 27.13
N ALA I 224 41.52 32.49 27.53
CA ALA I 224 41.68 33.46 28.62
C ALA I 224 42.22 32.88 29.92
N SER I 225 41.73 31.71 30.33
CA SER I 225 42.23 31.06 31.55
C SER I 225 43.63 30.45 31.35
N SER I 226 44.33 30.93 30.32
CA SER I 226 45.71 30.53 29.97
C SER I 226 45.81 29.02 29.78
N MET J 33 -11.53 36.20 -31.02
CA MET J 33 -10.25 35.73 -31.65
C MET J 33 -10.08 34.20 -31.67
N LYS J 34 -9.93 33.65 -32.87
CA LYS J 34 -9.94 32.21 -33.09
C LYS J 34 -8.61 31.68 -33.63
N ILE J 35 -7.93 30.91 -32.79
CA ILE J 35 -6.64 30.33 -33.13
C ILE J 35 -6.74 28.83 -33.35
N GLY J 36 -6.30 28.40 -34.54
CA GLY J 36 -6.26 26.98 -34.85
C GLY J 36 -5.00 26.33 -34.29
N VAL J 37 -5.11 25.06 -33.95
CA VAL J 37 -3.95 24.24 -33.68
C VAL J 37 -4.02 23.06 -34.64
N LEU J 38 -2.95 22.84 -35.36
CA LEU J 38 -2.92 21.74 -36.27
C LEU J 38 -2.90 20.46 -35.44
N GLY J 39 -4.03 19.76 -35.45
CA GLY J 39 -4.26 18.63 -34.57
C GLY J 39 -4.00 17.24 -35.12
N LEU J 40 -3.17 17.11 -36.13
CA LEU J 40 -2.91 15.78 -36.68
C LEU J 40 -2.18 14.82 -35.71
N GLN J 41 -1.23 15.38 -34.97
CA GLN J 41 -0.43 14.64 -34.02
C GLN J 41 0.31 15.64 -33.16
N GLY J 42 0.79 15.19 -32.00
CA GLY J 42 1.72 15.98 -31.20
C GLY J 42 1.11 16.69 -29.98
N ALA J 43 1.83 17.68 -29.47
CA ALA J 43 1.43 18.29 -28.21
C ALA J 43 0.35 19.34 -28.43
N VAL J 44 -0.77 18.89 -28.99
CA VAL J 44 -1.88 19.75 -29.35
C VAL J 44 -2.44 20.41 -28.07
N ARG J 45 -2.91 19.57 -27.17
CA ARG J 45 -3.56 19.99 -25.94
C ARG J 45 -2.77 21.08 -25.19
N GLU J 46 -1.45 21.02 -25.24
CA GLU J 46 -0.63 22.01 -24.52
C GLU J 46 -0.83 23.39 -25.10
N HIS J 47 -0.88 23.47 -26.42
CA HIS J 47 -1.08 24.75 -27.05
C HIS J 47 -2.47 25.32 -26.72
N VAL J 48 -3.49 24.46 -26.86
CA VAL J 48 -4.87 24.80 -26.56
C VAL J 48 -4.96 25.49 -25.19
N ARG J 49 -4.26 24.89 -24.23
CA ARG J 49 -4.21 25.46 -22.89
C ARG J 49 -3.73 26.90 -22.88
N ALA J 50 -2.62 27.15 -23.58
CA ALA J 50 -2.00 28.46 -23.58
C ALA J 50 -2.93 29.44 -24.27
N ILE J 51 -3.42 29.03 -25.42
CA ILE J 51 -4.33 29.83 -26.19
C ILE J 51 -5.51 30.24 -25.31
N GLU J 52 -6.17 29.27 -24.70
CA GLU J 52 -7.32 29.58 -23.86
C GLU J 52 -6.93 30.43 -22.64
N ALA J 53 -5.79 30.12 -22.04
CA ALA J 53 -5.24 30.90 -20.92
C ALA J 53 -4.99 32.36 -21.28
N CYS J 54 -4.64 32.62 -22.53
CA CYS J 54 -4.52 34.02 -22.98
C CYS J 54 -5.84 34.61 -23.48
N GLY J 55 -6.96 33.93 -23.21
CA GLY J 55 -8.29 34.48 -23.49
C GLY J 55 -8.83 34.28 -24.90
N ALA J 56 -8.04 33.70 -25.79
CA ALA J 56 -8.49 33.44 -27.17
C ALA J 56 -9.25 32.12 -27.24
N GLU J 57 -9.82 31.81 -28.41
CA GLU J 57 -10.50 30.52 -28.61
C GLU J 57 -9.61 29.57 -29.39
N ALA J 58 -9.54 28.32 -28.94
CA ALA J 58 -8.72 27.32 -29.59
C ALA J 58 -9.53 26.38 -30.49
N VAL J 59 -9.04 26.08 -31.67
CA VAL J 59 -9.76 25.18 -32.54
C VAL J 59 -8.83 24.09 -33.05
N ILE J 60 -9.17 22.84 -32.84
CA ILE J 60 -8.32 21.77 -33.29
C ILE J 60 -8.63 21.52 -34.77
N VAL J 61 -7.57 21.51 -35.58
CA VAL J 61 -7.69 21.39 -37.00
C VAL J 61 -7.15 20.05 -37.46
N LYS J 62 -8.06 19.15 -37.82
CA LYS J 62 -7.68 17.88 -38.44
C LYS J 62 -8.10 17.84 -39.90
N LYS J 63 -8.84 18.85 -40.34
CA LYS J 63 -9.37 18.91 -41.71
C LYS J 63 -9.34 20.31 -42.33
N SER J 64 -9.08 20.37 -43.64
CA SER J 64 -9.09 21.65 -44.40
C SER J 64 -10.26 22.58 -44.05
N GLU J 65 -11.47 22.02 -44.13
CA GLU J 65 -12.70 22.75 -43.75
C GLU J 65 -12.54 23.56 -42.47
N GLN J 66 -11.82 22.99 -41.48
CA GLN J 66 -11.70 23.64 -40.17
C GLN J 66 -10.84 24.90 -40.19
N LEU J 67 -10.06 25.08 -41.25
CA LEU J 67 -9.25 26.30 -41.44
C LEU J 67 -10.10 27.55 -41.61
N GLU J 68 -11.26 27.39 -42.26
CA GLU J 68 -12.13 28.52 -42.57
C GLU J 68 -12.54 29.26 -41.28
N GLY J 69 -12.40 30.59 -41.32
CA GLY J 69 -12.87 31.47 -40.25
C GLY J 69 -11.88 31.66 -39.12
N LEU J 70 -10.67 31.12 -39.28
CA LEU J 70 -9.64 31.20 -38.24
C LEU J 70 -8.76 32.41 -38.45
N ASP J 71 -8.36 33.05 -37.35
CA ASP J 71 -7.53 34.25 -37.39
C ASP J 71 -6.03 33.95 -37.41
N GLY J 72 -5.64 32.77 -36.92
CA GLY J 72 -4.24 32.36 -36.90
C GLY J 72 -4.10 30.87 -36.71
N LEU J 73 -2.90 30.34 -37.01
CA LEU J 73 -2.69 28.89 -36.84
C LEU J 73 -1.37 28.55 -36.14
N VAL J 74 -1.45 27.53 -35.27
CA VAL J 74 -0.31 26.98 -34.55
C VAL J 74 0.01 25.57 -35.01
N LEU J 75 1.26 25.40 -35.41
CA LEU J 75 1.85 24.13 -35.76
C LEU J 75 2.67 23.62 -34.55
N PRO J 76 2.14 22.57 -33.90
CA PRO J 76 2.65 22.10 -32.63
C PRO J 76 3.90 21.26 -32.74
N GLY J 77 4.54 21.03 -31.59
CA GLY J 77 5.59 20.03 -31.45
C GLY J 77 5.03 18.63 -31.61
N GLY J 78 5.86 17.73 -32.12
CA GLY J 78 5.42 16.38 -32.43
C GLY J 78 6.41 15.75 -33.36
N GLU J 79 5.92 14.98 -34.33
CA GLU J 79 6.79 14.34 -35.33
C GLU J 79 6.53 14.87 -36.76
N SER J 80 7.45 15.71 -37.23
CA SER J 80 7.31 16.35 -38.53
C SER J 80 6.99 15.37 -39.64
N THR J 81 7.66 14.22 -39.63
CA THR J 81 7.38 13.20 -40.65
C THR J 81 5.92 12.75 -40.60
N THR J 82 5.44 12.51 -39.38
CA THR J 82 4.07 12.06 -39.17
C THR J 82 3.13 13.15 -39.65
N MET J 83 3.39 14.38 -39.23
CA MET J 83 2.51 15.47 -39.64
C MET J 83 2.50 15.60 -41.19
N ARG J 84 3.67 15.52 -41.81
CA ARG J 84 3.72 15.63 -43.25
C ARG J 84 2.92 14.48 -43.90
N ARG J 85 3.21 13.26 -43.48
CA ARG J 85 2.55 12.08 -44.03
C ARG J 85 1.04 12.23 -43.99
N LEU J 86 0.53 12.78 -42.89
CA LEU J 86 -0.91 13.00 -42.73
C LEU J 86 -1.42 14.16 -43.56
N ILE J 87 -0.63 15.24 -43.61
CA ILE J 87 -0.94 16.39 -44.46
C ILE J 87 -1.10 16.01 -45.92
N ASP J 88 -0.17 15.18 -46.39
CA ASP J 88 -0.25 14.66 -47.75
C ASP J 88 -1.56 13.92 -47.95
N ARG J 89 -1.67 12.80 -47.26
CA ARG J 89 -2.78 11.86 -47.41
C ARG J 89 -4.18 12.49 -47.41
N TYR J 90 -4.37 13.60 -46.71
CA TYR J 90 -5.69 14.26 -46.59
C TYR J 90 -5.71 15.63 -47.27
N GLY J 91 -4.79 15.82 -48.21
CA GLY J 91 -4.72 17.04 -49.01
C GLY J 91 -4.80 18.32 -48.20
N LEU J 92 -3.95 18.45 -47.19
CA LEU J 92 -3.96 19.68 -46.39
C LEU J 92 -2.92 20.72 -46.86
N MET J 93 -2.00 20.26 -47.69
CA MET J 93 -0.82 21.03 -48.10
C MET J 93 -1.21 22.33 -48.77
N GLU J 94 -2.00 22.21 -49.84
CA GLU J 94 -2.41 23.38 -50.59
C GLU J 94 -3.24 24.33 -49.71
N PRO J 95 -4.36 23.83 -49.13
CA PRO J 95 -5.13 24.68 -48.20
C PRO J 95 -4.31 25.40 -47.10
N LEU J 96 -3.28 24.72 -46.57
CA LEU J 96 -2.41 25.40 -45.59
C LEU J 96 -1.70 26.60 -46.23
N LYS J 97 -1.17 26.35 -47.44
CA LYS J 97 -0.48 27.40 -48.17
C LYS J 97 -1.43 28.55 -48.50
N GLN J 98 -2.63 28.23 -48.97
CA GLN J 98 -3.68 29.24 -49.15
C GLN J 98 -3.93 30.02 -47.87
N PHE J 99 -4.00 29.28 -46.75
CA PHE J 99 -4.17 29.91 -45.44
C PHE J 99 -3.02 30.90 -45.19
N ALA J 100 -1.80 30.52 -45.58
CA ALA J 100 -0.65 31.42 -45.42
C ALA J 100 -0.75 32.66 -46.32
N ALA J 101 -1.03 32.40 -47.59
CA ALA J 101 -1.27 33.44 -48.62
C ALA J 101 -2.32 34.45 -48.16
N ALA J 102 -3.41 33.97 -47.57
CA ALA J 102 -4.42 34.88 -47.00
C ALA J 102 -3.86 35.84 -45.92
N GLY J 103 -2.57 35.71 -45.60
CA GLY J 103 -1.90 36.59 -44.61
C GLY J 103 -2.14 36.26 -43.15
N LYS J 104 -2.60 35.04 -42.87
CA LYS J 104 -2.93 34.59 -41.51
C LYS J 104 -1.66 34.20 -40.76
N PRO J 105 -1.44 34.77 -39.56
CA PRO J 105 -0.23 34.39 -38.82
C PRO J 105 -0.13 32.91 -38.42
N MET J 106 1.08 32.40 -38.52
CA MET J 106 1.35 31.01 -38.26
C MET J 106 2.54 30.86 -37.31
N PHE J 107 2.31 30.08 -36.25
CA PHE J 107 3.32 29.86 -35.18
C PHE J 107 3.77 28.42 -35.19
N GLY J 108 5.05 28.18 -35.51
CA GLY J 108 5.60 26.80 -35.57
C GLY J 108 6.52 26.48 -34.40
N THR J 109 6.15 25.50 -33.57
CA THR J 109 7.05 25.09 -32.46
C THR J 109 7.73 23.74 -32.75
N CYG J 110 9.07 23.72 -32.72
CA CYG J 110 9.86 22.50 -33.02
C CYG J 110 9.48 21.87 -34.36
O CYG J 110 9.77 22.43 -35.40
CB CYG J 110 9.79 21.66 -31.75
SG CYG J 110 10.91 20.32 -31.68
N1 CYG J 110 12.27 15.38 -33.43
CA1 CYG J 110 11.08 15.99 -34.10
CB1 CYG J 110 10.59 17.32 -33.49
CG1 CYG J 110 10.57 17.45 -31.97
CD1 CYG J 110 10.00 18.83 -31.60
OE2 CYG J 110 8.83 18.78 -31.29
C1 CYG J 110 11.34 16.21 -35.57
O1 CYG J 110 10.39 16.32 -36.36
O2 CYG J 110 12.53 16.29 -35.95
N ALA J 111 8.81 20.72 -34.38
CA ALA J 111 8.30 20.17 -35.65
C ALA J 111 7.55 21.25 -36.45
N GLY J 112 6.79 22.05 -35.71
CA GLY J 112 6.08 23.18 -36.27
C GLY J 112 6.97 24.06 -37.10
N LEU J 113 8.14 24.40 -36.53
CA LEU J 113 9.19 25.13 -37.24
C LEU J 113 9.61 24.38 -38.49
N ILE J 114 9.82 23.09 -38.34
CA ILE J 114 10.33 22.29 -39.44
C ILE J 114 9.34 22.35 -40.61
N LEU J 115 8.04 22.36 -40.29
CA LEU J 115 7.05 22.40 -41.37
C LEU J 115 7.12 23.71 -42.19
N LEU J 116 7.36 24.81 -41.48
CA LEU J 116 7.48 26.15 -42.10
C LEU J 116 8.73 26.35 -42.98
N ALA J 117 9.82 25.70 -42.63
CA ALA J 117 11.12 26.01 -43.21
C ALA J 117 11.11 25.83 -44.71
N LYS J 118 11.84 26.71 -45.37
CA LYS J 118 12.04 26.66 -46.82
C LYS J 118 13.01 25.52 -47.17
N ARG J 119 14.00 25.31 -46.31
CA ARG J 119 15.04 24.30 -46.58
C ARG J 119 15.36 23.48 -45.34
N ILE J 120 15.47 22.18 -45.55
CA ILE J 120 15.77 21.26 -44.48
C ILE J 120 17.01 20.48 -44.88
N VAL J 121 18.03 20.54 -44.02
CA VAL J 121 19.26 19.83 -44.29
C VAL J 121 18.97 18.36 -44.56
N GLY J 122 19.52 17.82 -45.64
CA GLY J 122 19.33 16.41 -46.03
C GLY J 122 18.08 16.19 -46.85
N TYR J 123 17.26 17.24 -47.02
CA TYR J 123 15.97 17.13 -47.73
C TYR J 123 15.95 17.88 -49.09
N ASP J 124 15.73 17.11 -50.15
CA ASP J 124 15.59 17.67 -51.51
C ASP J 124 14.44 18.65 -51.60
N GLU J 125 13.36 18.36 -50.89
CA GLU J 125 12.18 19.22 -50.86
C GLU J 125 11.73 19.45 -49.41
N PRO J 126 11.23 20.65 -49.10
CA PRO J 126 10.70 21.01 -47.78
C PRO J 126 9.22 20.61 -47.59
N HIS J 127 8.62 21.08 -46.50
CA HIS J 127 7.20 20.80 -46.26
C HIS J 127 6.37 21.96 -46.77
N LEU J 128 6.04 22.94 -45.93
CA LEU J 128 5.29 24.10 -46.40
C LEU J 128 6.19 25.04 -47.20
N GLY J 129 7.41 25.24 -46.71
CA GLY J 129 8.38 26.08 -47.41
C GLY J 129 7.94 27.53 -47.45
N LEU J 130 7.49 28.02 -46.30
CA LEU J 130 6.96 29.39 -46.16
C LEU J 130 7.91 30.32 -45.43
N MET J 131 8.96 29.79 -44.82
CA MET J 131 9.86 30.64 -44.06
C MET J 131 11.27 30.56 -44.63
N ASP J 132 11.88 31.73 -44.88
CA ASP J 132 13.19 31.82 -45.57
C ASP J 132 14.35 31.45 -44.63
N ILE J 133 14.32 30.18 -44.22
CA ILE J 133 15.27 29.63 -43.27
C ILE J 133 15.72 28.24 -43.69
N THR J 134 16.93 27.89 -43.27
CA THR J 134 17.37 26.52 -43.38
C THR J 134 17.36 25.94 -41.97
N VAL J 135 16.77 24.75 -41.83
CA VAL J 135 16.80 24.03 -40.55
C VAL J 135 17.47 22.68 -40.66
N GLU J 136 18.16 22.31 -39.58
CA GLU J 136 18.69 20.96 -39.40
C GLU J 136 17.91 20.26 -38.28
N ARG J 137 17.31 19.13 -38.66
CA ARG J 137 16.57 18.28 -37.75
C ARG J 137 17.51 17.58 -36.78
N ASN J 138 17.08 17.46 -35.53
CA ASN J 138 17.75 16.61 -34.57
C ASN J 138 19.24 16.97 -34.46
N SER J 139 19.48 18.26 -34.41
CA SER J 139 20.83 18.78 -34.47
C SER J 139 21.57 18.71 -33.12
N PHE J 140 20.83 18.61 -32.01
CA PHE J 140 21.46 18.50 -30.68
C PHE J 140 21.74 17.07 -30.22
N GLY J 141 21.25 16.11 -31.00
CA GLY J 141 21.45 14.70 -30.71
C GLY J 141 20.11 14.03 -30.54
N ARG J 142 20.05 13.10 -29.60
CA ARG J 142 18.83 12.35 -29.37
C ARG J 142 18.21 12.79 -28.04
N GLN J 143 17.20 12.06 -27.58
CA GLN J 143 16.42 12.46 -26.39
C GLN J 143 17.26 12.64 -25.15
N ARG J 144 18.25 11.77 -24.95
CA ARG J 144 19.22 11.95 -23.85
C ARG J 144 19.79 13.36 -23.77
N GLU J 145 19.93 14.02 -24.93
CA GLU J 145 20.54 15.34 -24.96
C GLU J 145 19.49 16.43 -24.83
N SER J 146 18.21 16.06 -24.88
CA SER J 146 17.13 17.05 -24.74
C SER J 146 17.35 17.81 -23.46
N PHE J 147 17.04 19.10 -23.47
CA PHE J 147 17.48 19.94 -22.37
C PHE J 147 16.62 21.20 -22.22
N GLU J 148 16.80 21.87 -21.10
CA GLU J 148 16.11 23.13 -20.90
C GLU J 148 17.12 24.20 -20.55
N ALA J 149 16.85 25.41 -21.03
CA ALA J 149 17.80 26.50 -20.84
C ALA J 149 17.09 27.81 -20.91
N GLU J 150 17.50 28.76 -20.06
CA GLU J 150 16.93 30.11 -20.04
C GLU J 150 17.40 30.95 -21.23
N LEU J 151 16.46 31.71 -21.78
CA LEU J 151 16.65 32.41 -23.03
C LEU J 151 16.27 33.89 -22.92
N SER J 152 16.91 34.64 -23.81
CA SER J 152 16.63 36.04 -24.06
C SER J 152 15.97 36.17 -25.44
N ILE J 153 14.68 36.48 -25.44
CA ILE J 153 13.88 36.59 -26.64
C ILE J 153 13.51 38.05 -26.95
N LYS J 154 14.00 38.53 -28.11
CA LYS J 154 14.02 39.96 -28.42
C LYS J 154 12.71 40.67 -28.11
N GLY J 155 11.65 40.31 -28.81
CA GLY J 155 10.36 40.96 -28.62
C GLY J 155 9.70 40.61 -27.30
N VAL J 156 10.13 39.51 -26.67
CA VAL J 156 9.30 38.87 -25.65
C VAL J 156 9.76 39.11 -24.22
N GLY J 157 11.05 38.95 -23.99
CA GLY J 157 11.59 39.24 -22.69
C GLY J 157 12.75 38.33 -22.44
N ASP J 158 12.97 38.07 -21.17
CA ASP J 158 14.23 37.52 -20.71
C ASP J 158 13.99 36.42 -19.71
N GLY J 159 14.99 35.54 -19.59
CA GLY J 159 14.86 34.41 -18.69
C GLY J 159 13.71 33.50 -19.04
N PHE J 160 13.43 33.36 -20.33
CA PHE J 160 12.36 32.48 -20.77
C PHE J 160 12.90 31.06 -20.84
N VAL J 161 12.32 30.15 -20.08
CA VAL J 161 12.78 28.74 -20.09
C VAL J 161 12.44 28.02 -21.40
N GLY J 162 13.45 27.79 -22.20
CA GLY J 162 13.33 27.05 -23.44
C GLY J 162 13.53 25.55 -23.19
N VAL J 163 12.54 24.78 -23.63
CA VAL J 163 12.57 23.33 -23.54
C VAL J 163 12.77 22.71 -24.91
N PHE J 164 13.92 22.05 -25.04
CA PHE J 164 14.39 21.49 -26.30
C PHE J 164 14.37 19.99 -26.24
N ILE J 165 13.36 19.44 -26.90
CA ILE J 165 13.09 18.02 -26.94
C ILE J 165 13.41 17.52 -28.33
N ARG J 166 14.51 16.80 -28.48
CA ARG J 166 14.97 16.34 -29.81
C ARG J 166 14.80 17.50 -30.82
N ALA J 167 15.31 18.67 -30.45
CA ALA J 167 15.06 19.89 -31.21
C ALA J 167 15.92 19.95 -32.46
N PRO J 168 15.42 20.68 -33.47
CA PRO J 168 16.20 21.03 -34.63
C PRO J 168 16.89 22.36 -34.34
N HIS J 169 17.73 22.82 -35.27
CA HIS J 169 18.15 24.21 -35.19
C HIS J 169 18.17 24.91 -36.52
N ILE J 170 18.11 26.24 -36.45
CA ILE J 170 18.15 27.07 -37.65
C ILE J 170 19.60 27.33 -38.03
N VAL J 171 19.98 26.75 -39.17
CA VAL J 171 21.36 26.86 -39.66
C VAL J 171 21.58 28.24 -40.24
N GLU J 172 20.65 28.68 -41.08
CA GLU J 172 20.77 29.90 -41.84
C GLU J 172 19.44 30.61 -41.91
N ALA J 173 19.50 31.93 -41.78
CA ALA J 173 18.31 32.80 -41.84
C ALA J 173 18.45 33.83 -42.97
N GLY J 174 17.37 33.99 -43.74
CA GLY J 174 17.31 35.00 -44.80
C GLY J 174 17.30 36.43 -44.26
N ASP J 175 17.39 37.39 -45.17
CA ASP J 175 17.47 38.81 -44.84
C ASP J 175 16.15 39.35 -44.28
N GLY J 176 15.04 38.87 -44.83
CA GLY J 176 13.70 39.23 -44.33
C GLY J 176 13.40 38.75 -42.92
N VAL J 177 14.17 37.76 -42.45
CA VAL J 177 13.93 37.11 -41.16
C VAL J 177 14.62 37.84 -40.02
N ASP J 178 13.87 38.14 -38.96
CA ASP J 178 14.43 38.71 -37.73
C ASP J 178 14.65 37.60 -36.71
N VAL J 179 15.92 37.43 -36.33
CA VAL J 179 16.33 36.49 -35.29
C VAL J 179 15.85 36.99 -33.95
N LEU J 180 15.11 36.17 -33.21
CA LEU J 180 14.56 36.59 -31.92
C LEU J 180 15.35 36.04 -30.73
N ALA J 181 16.04 34.93 -30.94
CA ALA J 181 16.79 34.33 -29.86
C ALA J 181 17.82 33.33 -30.35
N THR J 182 18.90 33.25 -29.58
CA THR J 182 19.96 32.29 -29.85
C THR J 182 20.34 31.56 -28.60
N TYR J 183 20.82 30.34 -28.79
CA TYR J 183 21.36 29.52 -27.73
C TYR J 183 22.74 29.07 -28.19
N ASN J 184 23.77 29.44 -27.43
CA ASN J 184 25.13 29.07 -27.77
C ASN J 184 25.39 29.26 -29.26
N ASP J 185 25.14 30.49 -29.72
CA ASP J 185 25.42 30.86 -31.12
C ASP J 185 24.65 30.03 -32.13
N ARG J 186 23.47 29.54 -31.73
CA ARG J 186 22.56 28.90 -32.67
C ARG J 186 21.25 29.67 -32.63
N ILE J 187 20.67 29.88 -33.79
CA ILE J 187 19.39 30.59 -33.88
C ILE J 187 18.30 29.63 -33.44
N VAL J 188 17.50 30.05 -32.46
CA VAL J 188 16.45 29.17 -31.93
C VAL J 188 15.05 29.74 -31.99
N ALA J 189 14.94 31.03 -32.31
CA ALA J 189 13.65 31.68 -32.48
C ALA J 189 13.80 32.71 -33.57
N ALA J 190 12.76 32.81 -34.40
CA ALA J 190 12.76 33.77 -35.49
C ALA J 190 11.36 34.21 -35.91
N ARG J 191 11.28 35.46 -36.37
CA ARG J 191 10.07 35.99 -37.00
C ARG J 191 10.30 36.39 -38.44
N GLN J 192 9.27 36.21 -39.26
CA GLN J 192 9.24 36.69 -40.63
C GLN J 192 7.83 37.14 -40.96
N GLY J 193 7.56 38.40 -40.67
CA GLY J 193 6.28 39.02 -40.91
C GLY J 193 5.20 38.32 -40.11
N GLN J 194 4.38 37.56 -40.82
CA GLN J 194 3.30 36.75 -40.24
C GLN J 194 3.82 35.47 -39.59
N PHE J 195 4.97 34.97 -40.05
CA PHE J 195 5.46 33.68 -39.59
C PHE J 195 6.29 33.80 -38.31
N LEU J 196 5.96 32.98 -37.30
CA LEU J 196 6.76 32.90 -36.07
C LEU J 196 7.27 31.48 -35.84
N GLY J 197 8.53 31.36 -35.45
CA GLY J 197 9.12 30.01 -35.31
C GLY J 197 10.15 29.83 -34.21
N CYS J 198 10.13 28.67 -33.58
CA CYS J 198 11.17 28.36 -32.60
C CYS J 198 11.50 26.87 -32.51
N SER J 199 12.73 26.60 -32.06
CA SER J 199 13.27 25.25 -31.91
C SER J 199 12.68 24.54 -30.71
N PHE J 200 12.43 25.32 -29.68
CA PHE J 200 12.00 24.83 -28.37
C PHE J 200 10.48 24.76 -28.30
N ASN J 201 9.96 24.25 -27.20
CA ASN J 201 8.52 24.09 -27.02
C ASN J 201 8.03 24.91 -25.84
N PRO J 202 7.62 26.15 -26.08
CA PRO J 202 7.08 27.04 -25.04
C PRO J 202 5.83 26.51 -24.35
N GLU J 203 5.00 25.81 -25.12
CA GLU J 203 3.76 25.19 -24.61
C GLU J 203 3.95 24.19 -23.47
N LEU J 204 5.17 23.69 -23.27
CA LEU J 204 5.53 22.88 -22.10
C LEU J 204 5.84 23.68 -20.85
N THR J 205 5.92 25.01 -20.95
CA THR J 205 6.14 25.82 -19.74
C THR J 205 4.83 26.50 -19.38
N ASP J 206 4.79 27.07 -18.18
CA ASP J 206 3.64 27.87 -17.71
C ASP J 206 3.73 29.32 -18.15
N ASP J 207 4.87 29.67 -18.73
CA ASP J 207 5.17 30.99 -19.22
C ASP J 207 4.56 31.25 -20.60
N HIS J 208 3.65 32.20 -20.66
CA HIS J 208 2.84 32.44 -21.87
C HIS J 208 3.29 33.64 -22.74
N ARG J 209 4.31 34.37 -22.28
CA ARG J 209 4.80 35.56 -22.96
C ARG J 209 4.90 35.44 -24.48
N LEU J 210 5.46 34.31 -24.92
CA LEU J 210 5.61 34.07 -26.35
C LEU J 210 4.27 33.83 -27.06
N MET J 211 3.39 33.09 -26.39
CA MET J 211 2.03 32.89 -26.89
C MET J 211 1.35 34.25 -27.04
N GLN J 212 1.44 35.08 -25.99
CA GLN J 212 0.90 36.46 -26.03
C GLN J 212 1.46 37.23 -27.21
N TYR J 213 2.79 37.17 -27.32
CA TYR J 213 3.48 37.80 -28.45
C TYR J 213 2.91 37.35 -29.79
N PHE J 214 2.64 36.04 -29.92
CA PHE J 214 1.99 35.55 -31.15
C PHE J 214 0.57 36.11 -31.31
N LEU J 215 -0.23 35.99 -30.26
CA LEU J 215 -1.60 36.52 -30.30
C LEU J 215 -1.60 37.95 -30.80
N ASN J 216 -0.70 38.77 -30.24
CA ASN J 216 -0.54 40.15 -30.75
C ASN J 216 -0.44 40.20 -32.26
N MET J 217 0.45 39.39 -32.82
CA MET J 217 0.64 39.32 -34.28
C MET J 217 -0.70 39.05 -34.97
N VAL J 218 -1.47 38.16 -34.37
CA VAL J 218 -2.79 37.81 -34.92
C VAL J 218 -3.68 39.06 -34.88
N LYS J 219 -3.71 39.71 -33.71
CA LYS J 219 -4.53 40.90 -33.52
C LYS J 219 -4.19 41.95 -34.57
N GLU J 220 -2.91 42.26 -34.69
CA GLU J 220 -2.46 43.20 -35.73
C GLU J 220 -2.88 42.72 -37.11
N ALA J 221 -2.68 41.44 -37.41
CA ALA J 221 -3.06 40.94 -38.73
C ALA J 221 -4.55 41.06 -39.00
N LYS J 222 -5.38 40.99 -37.95
CA LYS J 222 -6.82 41.09 -38.15
C LYS J 222 -7.25 42.49 -38.63
N MET J 223 -6.59 43.52 -38.11
CA MET J 223 -6.86 44.89 -38.53
C MET J 223 -6.48 45.01 -40.00
N ALA J 224 -5.20 45.30 -40.29
CA ALA J 224 -4.75 45.37 -41.68
C ALA J 224 -4.63 43.96 -42.27
N MET K 33 43.83 -46.98 45.26
CA MET K 33 43.58 -45.74 46.06
C MET K 33 42.14 -45.22 45.97
N LYS K 34 41.49 -45.11 47.13
CA LYS K 34 40.07 -44.81 47.22
C LYS K 34 39.76 -43.51 47.95
N ILE K 35 39.26 -42.55 47.19
CA ILE K 35 38.93 -41.23 47.71
C ILE K 35 37.42 -40.99 47.81
N GLY K 36 36.97 -40.66 49.00
CA GLY K 36 35.57 -40.37 49.21
C GLY K 36 35.29 -38.94 48.82
N VAL K 37 34.07 -38.69 48.35
CA VAL K 37 33.56 -37.32 48.22
C VAL K 37 32.29 -37.25 49.02
N LEU K 38 32.23 -36.27 49.91
CA LEU K 38 31.05 -36.12 50.71
C LEU K 38 29.92 -35.72 49.78
N GLY K 39 29.02 -36.66 49.51
CA GLY K 39 27.97 -36.43 48.52
C GLY K 39 26.63 -35.88 49.00
N LEU K 40 26.55 -35.24 50.16
CA LEU K 40 25.24 -34.80 50.64
C LEU K 40 24.58 -33.74 49.77
N GLN K 41 25.41 -32.83 49.25
CA GLN K 41 24.98 -31.72 48.41
C GLN K 41 26.21 -31.12 47.75
N GLY K 42 26.00 -30.39 46.66
CA GLY K 42 27.05 -29.55 46.11
C GLY K 42 27.72 -30.11 44.89
N ALA K 43 28.92 -29.61 44.59
CA ALA K 43 29.62 -29.93 43.33
C ALA K 43 30.39 -31.25 43.44
N VAL K 44 29.63 -32.29 43.74
CA VAL K 44 30.17 -33.62 43.97
C VAL K 44 30.82 -34.11 42.71
N ARG K 45 30.01 -34.19 41.67
CA ARG K 45 30.43 -34.72 40.36
C ARG K 45 31.76 -34.13 39.88
N GLU K 46 31.99 -32.84 40.15
CA GLU K 46 33.20 -32.18 39.67
C GLU K 46 34.43 -32.78 40.29
N HIS K 47 34.33 -33.09 41.58
CA HIS K 47 35.49 -33.66 42.26
C HIS K 47 35.76 -35.08 41.74
N VAL K 48 34.69 -35.86 41.64
CA VAL K 48 34.76 -37.23 41.13
C VAL K 48 35.56 -37.26 39.83
N ARG K 49 35.24 -36.31 38.96
CA ARG K 49 35.96 -36.18 37.69
C ARG K 49 37.45 -36.04 37.88
N ALA K 50 37.86 -35.16 38.79
CA ALA K 50 39.26 -34.87 39.03
C ALA K 50 39.95 -36.10 39.60
N ILE K 51 39.31 -36.64 40.63
CA ILE K 51 39.82 -37.82 41.28
C ILE K 51 40.06 -38.90 40.22
N GLU K 52 39.04 -39.20 39.41
CA GLU K 52 39.20 -40.27 38.42
C GLU K 52 40.25 -39.90 37.36
N ALA K 53 40.26 -38.64 36.95
CA ALA K 53 41.26 -38.14 36.02
C ALA K 53 42.70 -38.29 36.54
N CYS K 54 42.90 -38.20 37.86
CA CYS K 54 44.22 -38.46 38.43
C CYS K 54 44.47 -39.95 38.71
N GLY K 55 43.60 -40.83 38.17
CA GLY K 55 43.79 -42.29 38.30
C GLY K 55 43.31 -42.98 39.57
N ALA K 56 42.81 -42.22 40.54
CA ALA K 56 42.27 -42.80 41.79
C ALA K 56 40.81 -43.25 41.62
N GLU K 57 40.26 -43.90 42.64
CA GLU K 57 38.85 -44.29 42.59
C GLU K 57 38.04 -43.33 43.44
N ALA K 58 36.90 -42.91 42.92
CA ALA K 58 36.02 -41.98 43.63
C ALA K 58 34.84 -42.70 44.27
N VAL K 59 34.50 -42.32 45.50
CA VAL K 59 33.36 -42.92 46.17
C VAL K 59 32.44 -41.87 46.75
N ILE K 60 31.19 -41.86 46.33
CA ILE K 60 30.27 -40.87 46.86
C ILE K 60 29.82 -41.33 48.24
N VAL K 61 29.91 -40.43 49.20
CA VAL K 61 29.59 -40.74 50.58
C VAL K 61 28.35 -39.99 51.02
N LYS K 62 27.25 -40.71 51.14
CA LYS K 62 26.01 -40.14 51.71
C LYS K 62 25.71 -40.73 53.10
N LYS K 63 26.48 -41.76 53.47
CA LYS K 63 26.26 -42.52 54.70
C LYS K 63 27.56 -42.95 55.40
N SER K 64 27.53 -42.92 56.74
CA SER K 64 28.66 -43.31 57.61
C SER K 64 29.34 -44.57 57.14
N GLU K 65 28.53 -45.60 56.94
CA GLU K 65 29.01 -46.90 56.42
C GLU K 65 30.00 -46.75 55.25
N GLN K 66 29.71 -45.80 54.36
CA GLN K 66 30.52 -45.63 53.15
C GLN K 66 31.94 -45.13 53.44
N LEU K 67 32.15 -44.55 54.63
CA LEU K 67 33.47 -44.09 55.06
C LEU K 67 34.48 -45.22 55.19
N GLU K 68 33.99 -46.40 55.58
CA GLU K 68 34.88 -47.53 55.83
C GLU K 68 35.66 -47.91 54.59
N GLY K 69 36.98 -48.08 54.76
CA GLY K 69 37.83 -48.57 53.67
C GLY K 69 38.36 -47.49 52.73
N LEU K 70 38.11 -46.23 53.07
CA LEU K 70 38.54 -45.09 52.25
C LEU K 70 39.88 -44.56 52.70
N ASP K 71 40.72 -44.17 51.74
CA ASP K 71 42.06 -43.65 52.03
C ASP K 71 42.10 -42.13 52.28
N GLY K 72 41.07 -41.41 51.82
CA GLY K 72 41.00 -39.97 52.00
C GLY K 72 39.62 -39.44 51.66
N LEU K 73 39.33 -38.21 52.10
CA LEU K 73 37.99 -37.66 51.88
C LEU K 73 38.03 -36.22 51.37
N VAL K 74 37.11 -35.93 50.47
CA VAL K 74 36.89 -34.58 49.95
C VAL K 74 35.52 -33.99 50.36
N LEU K 75 35.59 -32.81 50.92
CA LEU K 75 34.44 -32.04 51.26
C LEU K 75 34.30 -30.95 50.19
N PRO K 76 33.25 -31.09 49.36
CA PRO K 76 33.05 -30.30 48.17
C PRO K 76 32.49 -28.91 48.43
N GLY K 77 32.54 -28.09 47.40
CA GLY K 77 31.79 -26.86 47.39
C GLY K 77 30.27 -27.07 47.35
N GLY K 78 29.56 -26.14 47.95
CA GLY K 78 28.11 -26.24 48.04
C GLY K 78 27.52 -25.25 49.02
N GLU K 79 26.57 -25.72 49.82
CA GLU K 79 26.05 -24.91 50.92
C GLU K 79 26.35 -25.54 52.29
N SER K 80 27.31 -24.92 52.99
CA SER K 80 27.75 -25.40 54.31
C SER K 80 26.58 -25.64 55.28
N THR K 81 25.61 -24.72 55.33
CA THR K 81 24.43 -24.92 56.19
C THR K 81 23.67 -26.21 55.81
N THR K 82 23.53 -26.43 54.50
CA THR K 82 22.81 -27.60 54.01
C THR K 82 23.61 -28.82 54.41
N MET K 83 24.91 -28.79 54.16
CA MET K 83 25.73 -29.97 54.48
C MET K 83 25.67 -30.27 55.98
N ARG K 84 25.72 -29.22 56.80
CA ARG K 84 25.66 -29.42 58.25
C ARG K 84 24.32 -30.01 58.67
N ARG K 85 23.25 -29.38 58.18
CA ARG K 85 21.90 -29.83 58.52
C ARG K 85 21.72 -31.31 58.22
N LEU K 86 22.29 -31.77 57.12
CA LEU K 86 22.20 -33.17 56.71
C LEU K 86 23.14 -34.06 57.50
N ILE K 87 24.36 -33.58 57.76
CA ILE K 87 25.32 -34.27 58.65
C ILE K 87 24.73 -34.56 60.02
N ASP K 88 24.09 -33.54 60.62
CA ASP K 88 23.38 -33.72 61.89
C ASP K 88 22.35 -34.81 61.81
N ARG K 89 21.31 -34.56 61.01
CA ARG K 89 20.15 -35.44 60.85
C ARG K 89 20.45 -36.93 60.65
N TYR K 90 21.59 -37.26 60.04
CA TYR K 90 21.97 -38.66 59.75
C TYR K 90 23.20 -39.11 60.54
N GLY K 91 23.46 -38.41 61.63
CA GLY K 91 24.56 -38.74 62.53
C GLY K 91 25.87 -39.00 61.82
N LEU K 92 26.31 -38.05 61.00
CA LEU K 92 27.60 -38.22 60.31
C LEU K 92 28.76 -37.55 61.04
N MET K 93 28.41 -36.65 61.96
CA MET K 93 29.38 -35.78 62.65
C MET K 93 30.47 -36.57 63.36
N GLU K 94 30.06 -37.48 64.22
CA GLU K 94 31.02 -38.27 64.98
C GLU K 94 31.86 -39.13 64.05
N PRO K 95 31.20 -39.96 63.22
CA PRO K 95 31.98 -40.80 62.28
C PRO K 95 32.97 -40.00 61.43
N LEU K 96 32.60 -38.79 61.01
CA LEU K 96 33.56 -37.97 60.26
C LEU K 96 34.77 -37.67 61.11
N LYS K 97 34.53 -37.27 62.37
CA LYS K 97 35.61 -36.98 63.31
C LYS K 97 36.48 -38.20 63.51
N GLN K 98 35.86 -39.34 63.76
CA GLN K 98 36.59 -40.61 63.84
C GLN K 98 37.45 -40.85 62.61
N PHE K 99 36.88 -40.56 61.44
CA PHE K 99 37.62 -40.66 60.17
C PHE K 99 38.87 -39.79 60.22
N ALA K 100 38.72 -38.59 60.79
CA ALA K 100 39.84 -37.66 60.90
C ALA K 100 40.90 -38.19 61.86
N ALA K 101 40.43 -38.60 63.05
CA ALA K 101 41.26 -39.20 64.09
C ALA K 101 42.05 -40.38 63.51
N ALA K 102 41.42 -41.20 62.70
CA ALA K 102 42.16 -42.29 62.06
C ALA K 102 43.36 -41.83 61.20
N GLY K 103 43.57 -40.52 61.10
CA GLY K 103 44.67 -39.94 60.30
C GLY K 103 44.47 -39.89 58.77
N LYS K 104 43.21 -39.97 58.34
CA LYS K 104 42.88 -39.95 56.91
C LYS K 104 42.86 -38.49 56.38
N PRO K 105 43.63 -38.22 55.33
CA PRO K 105 43.59 -36.88 54.75
C PRO K 105 42.22 -36.39 54.26
N MET K 106 41.97 -35.11 54.52
CA MET K 106 40.71 -34.48 54.20
C MET K 106 40.93 -33.17 53.45
N PHE K 107 40.23 -33.03 52.32
CA PHE K 107 40.38 -31.87 51.43
C PHE K 107 39.09 -31.10 51.41
N GLY K 108 39.09 -29.87 51.90
CA GLY K 108 37.88 -29.04 51.94
C GLY K 108 37.90 -27.89 50.95
N THR K 109 36.97 -27.88 50.00
CA THR K 109 36.88 -26.75 49.04
C THR K 109 35.71 -25.84 49.33
N CYG K 110 35.96 -24.55 49.54
CA CYG K 110 34.92 -23.55 49.88
C CYG K 110 34.08 -23.97 51.08
O CYG K 110 34.57 -23.96 52.20
CB CYG K 110 34.21 -23.23 48.56
SG CYG K 110 33.09 -21.84 48.62
N1 CYG K 110 28.47 -19.64 50.10
CA1 CYG K 110 28.73 -21.03 50.59
CB1 CYG K 110 29.99 -21.69 50.03
CG1 CYG K 110 30.25 -21.48 48.55
CD1 CYG K 110 31.45 -22.31 48.20
OE2 CYG K 110 31.07 -23.33 47.61
C1 CYG K 110 28.83 -21.04 52.09
O1 CYG K 110 28.98 -19.98 52.72
O2 CYG K 110 28.74 -22.14 52.68
N ALA K 111 32.82 -24.35 50.89
CA ALA K 111 32.03 -24.92 52.00
C ALA K 111 32.83 -26.02 52.71
N GLY K 112 33.51 -26.81 51.92
CA GLY K 112 34.38 -27.83 52.45
C GLY K 112 35.35 -27.30 53.46
N LEU K 113 35.99 -26.18 53.13
CA LEU K 113 36.83 -25.46 54.08
C LEU K 113 36.04 -25.08 55.33
N ILE K 114 34.84 -24.53 55.13
CA ILE K 114 34.05 -24.04 56.24
C ILE K 114 33.73 -25.18 57.20
N LEU K 115 33.51 -26.38 56.66
CA LEU K 115 33.21 -27.51 57.53
C LEU K 115 34.41 -27.89 58.45
N LEU K 116 35.63 -27.84 57.89
CA LEU K 116 36.87 -28.10 58.63
C LEU K 116 37.24 -27.07 59.71
N ALA K 117 36.86 -25.81 59.52
CA ALA K 117 37.37 -24.73 60.36
C ALA K 117 37.02 -24.89 61.83
N LYS K 118 37.97 -24.51 62.69
CA LYS K 118 37.77 -24.53 64.13
C LYS K 118 36.86 -23.40 64.59
N ARG K 119 36.95 -22.25 63.91
CA ARG K 119 36.15 -21.08 64.27
C ARG K 119 35.55 -20.41 63.02
N ILE K 120 34.29 -20.02 63.15
CA ILE K 120 33.60 -19.35 62.07
C ILE K 120 33.07 -18.05 62.60
N VAL K 121 33.43 -16.96 61.92
CA VAL K 121 32.97 -15.64 62.36
C VAL K 121 31.45 -15.62 62.46
N GLY K 122 30.93 -15.13 63.58
CA GLY K 122 29.50 -15.05 63.83
C GLY K 122 28.91 -16.35 64.36
N TYR K 123 29.74 -17.39 64.49
CA TYR K 123 29.27 -18.71 64.95
C TYR K 123 29.84 -19.08 66.32
N ASP K 124 28.93 -19.29 67.28
CA ASP K 124 29.26 -19.75 68.63
C ASP K 124 29.98 -21.10 68.60
N GLU K 125 29.55 -21.96 67.68
CA GLU K 125 30.14 -23.29 67.51
C GLU K 125 30.42 -23.56 66.03
N PRO K 126 31.52 -24.28 65.74
CA PRO K 126 31.88 -24.67 64.38
C PRO K 126 31.20 -25.97 63.89
N HIS K 127 31.65 -26.50 62.76
CA HIS K 127 31.11 -27.74 62.24
C HIS K 127 32.02 -28.87 62.71
N LEU K 128 32.98 -29.30 61.91
CA LEU K 128 33.87 -30.38 62.33
C LEU K 128 34.89 -29.87 63.33
N GLY K 129 35.42 -28.68 63.09
CA GLY K 129 36.35 -28.04 64.01
C GLY K 129 37.69 -28.75 64.07
N LEU K 130 38.18 -29.16 62.91
CA LEU K 130 39.39 -29.95 62.81
C LEU K 130 40.60 -29.16 62.33
N MET K 131 40.38 -27.93 61.88
CA MET K 131 41.50 -27.15 61.37
C MET K 131 41.66 -25.87 62.18
N ASP K 132 42.90 -25.59 62.61
CA ASP K 132 43.18 -24.47 63.53
C ASP K 132 43.17 -23.11 62.81
N ILE K 133 41.99 -22.76 62.30
CA ILE K 133 41.78 -21.57 61.47
C ILE K 133 40.50 -20.87 61.82
N THR K 134 40.44 -19.59 61.56
CA THR K 134 39.18 -18.89 61.66
C THR K 134 38.77 -18.54 60.26
N VAL K 135 37.50 -18.81 59.93
CA VAL K 135 36.97 -18.41 58.61
C VAL K 135 35.78 -17.48 58.71
N GLU K 136 35.72 -16.58 57.74
CA GLU K 136 34.55 -15.71 57.54
C GLU K 136 33.83 -16.10 56.25
N ARG K 137 32.57 -16.49 56.44
CA ARG K 137 31.67 -16.86 55.35
C ARG K 137 31.28 -15.65 54.51
N ASN K 138 31.26 -15.83 53.18
CA ASN K 138 30.70 -14.83 52.29
C ASN K 138 31.41 -13.47 52.45
N SER K 139 32.73 -13.52 52.56
CA SER K 139 33.52 -12.35 52.92
C SER K 139 33.79 -11.40 51.72
N PHE K 140 33.65 -11.91 50.50
CA PHE K 140 33.83 -11.08 49.30
C PHE K 140 32.55 -10.41 48.80
N GLY K 141 31.43 -10.77 49.40
CA GLY K 141 30.14 -10.20 49.03
C GLY K 141 29.22 -11.31 48.55
N ARG K 142 28.41 -10.99 47.55
CA ARG K 142 27.45 -11.92 47.01
C ARG K 142 27.92 -12.45 45.65
N GLN K 143 27.05 -13.20 44.97
CA GLN K 143 27.41 -13.88 43.72
C GLN K 143 27.90 -12.89 42.67
N ARG K 144 27.29 -11.71 42.61
CA ARG K 144 27.79 -10.67 41.74
C ARG K 144 29.27 -10.45 41.85
N GLU K 145 29.82 -10.60 43.06
CA GLU K 145 31.25 -10.37 43.29
C GLU K 145 32.10 -11.63 43.08
N SER K 146 31.46 -12.76 42.87
CA SER K 146 32.19 -13.99 42.59
C SER K 146 33.16 -13.74 41.45
N PHE K 147 34.32 -14.36 41.51
CA PHE K 147 35.36 -13.98 40.57
C PHE K 147 36.37 -15.06 40.39
N GLU K 148 37.23 -14.90 39.37
CA GLU K 148 38.33 -15.82 39.15
C GLU K 148 39.63 -15.06 39.05
N ALA K 149 40.69 -15.70 39.55
CA ALA K 149 41.97 -15.02 39.65
C ALA K 149 43.09 -16.02 39.73
N GLU K 150 44.20 -15.72 39.06
CA GLU K 150 45.38 -16.60 39.02
C GLU K 150 46.17 -16.56 40.31
N LEU K 151 46.62 -17.71 40.75
CA LEU K 151 47.18 -17.84 42.08
C LEU K 151 48.55 -18.50 42.05
N SER K 152 49.29 -18.19 43.11
CA SER K 152 50.57 -18.83 43.42
C SER K 152 50.37 -19.68 44.66
N ILE K 153 50.43 -21.00 44.44
CA ILE K 153 50.21 -21.99 45.49
C ILE K 153 51.50 -22.73 45.84
N LYS K 154 51.94 -22.57 47.10
CA LYS K 154 53.29 -22.95 47.54
C LYS K 154 53.75 -24.32 47.08
N GLY K 155 53.08 -25.35 47.55
CA GLY K 155 53.47 -26.70 47.16
C GLY K 155 53.14 -27.05 45.73
N VAL K 156 52.24 -26.29 45.11
CA VAL K 156 51.57 -26.76 43.89
C VAL K 156 52.10 -26.16 42.60
N GLY K 157 52.31 -24.86 42.61
CA GLY K 157 52.81 -24.20 41.43
C GLY K 157 52.17 -22.84 41.31
N ASP K 158 52.12 -22.37 40.07
CA ASP K 158 51.90 -20.96 39.82
C ASP K 158 50.87 -20.80 38.72
N GLY K 159 50.25 -19.63 38.69
CA GLY K 159 49.24 -19.34 37.69
C GLY K 159 48.05 -20.28 37.77
N PHE K 160 47.71 -20.69 38.99
CA PHE K 160 46.59 -21.62 39.14
C PHE K 160 45.30 -20.80 39.23
N VAL K 161 44.40 -21.03 38.27
CA VAL K 161 43.16 -20.25 38.24
C VAL K 161 42.25 -20.62 39.43
N GLY K 162 42.15 -19.70 40.38
CA GLY K 162 41.25 -19.80 41.50
C GLY K 162 39.88 -19.21 41.16
N VAL K 163 38.85 -20.05 41.35
CA VAL K 163 37.44 -19.68 41.15
C VAL K 163 36.70 -19.53 42.49
N PHE K 164 36.30 -18.30 42.78
CA PHE K 164 35.74 -17.90 44.06
C PHE K 164 34.28 -17.54 43.86
N ILE K 165 33.43 -18.49 44.26
CA ILE K 165 31.99 -18.44 44.12
C ILE K 165 31.43 -18.19 45.51
N ARG K 166 30.92 -17.01 45.78
CA ARG K 166 30.44 -16.69 47.14
C ARG K 166 31.39 -17.28 48.19
N ALA K 167 32.68 -17.04 48.01
CA ALA K 167 33.72 -17.67 48.80
C ALA K 167 33.85 -17.03 50.18
N PRO K 168 34.29 -17.83 51.17
CA PRO K 168 34.66 -17.34 52.46
C PRO K 168 36.15 -16.97 52.44
N HIS K 169 36.65 -16.39 53.51
CA HIS K 169 38.11 -16.31 53.60
C HIS K 169 38.64 -16.67 54.97
N ILE K 170 39.92 -17.05 55.00
CA ILE K 170 40.58 -17.39 56.26
C ILE K 170 41.12 -16.13 56.92
N VAL K 171 40.49 -15.78 58.04
CA VAL K 171 40.82 -14.56 58.78
C VAL K 171 42.15 -14.75 59.51
N GLU K 172 42.28 -15.87 60.20
CA GLU K 172 43.40 -16.14 61.06
C GLU K 172 43.79 -17.60 60.92
N ALA K 173 45.09 -17.85 60.92
CA ALA K 173 45.65 -19.20 60.86
C ALA K 173 46.56 -19.49 62.06
N GLY K 174 46.38 -20.67 62.67
CA GLY K 174 47.23 -21.10 63.77
C GLY K 174 48.65 -21.44 63.33
N ASP K 175 49.49 -21.68 64.34
CA ASP K 175 50.93 -21.87 64.14
C ASP K 175 51.25 -23.17 63.42
N GLY K 176 50.47 -24.21 63.72
CA GLY K 176 50.60 -25.50 63.05
C GLY K 176 50.23 -25.48 61.57
N VAL K 177 49.52 -24.41 61.16
CA VAL K 177 48.98 -24.30 59.79
C VAL K 177 49.98 -23.64 58.83
N ASP K 178 50.23 -24.27 57.69
CA ASP K 178 51.03 -23.67 56.63
C ASP K 178 50.14 -23.03 55.58
N VAL K 179 50.29 -21.71 55.43
CA VAL K 179 49.62 -20.92 54.40
C VAL K 179 50.16 -21.30 53.03
N LEU K 180 49.30 -21.74 52.13
CA LEU K 180 49.74 -22.15 50.80
C LEU K 180 49.51 -21.08 49.73
N ALA K 181 48.56 -20.18 49.97
CA ALA K 181 48.24 -19.15 48.99
C ALA K 181 47.44 -18.01 49.57
N THR K 182 47.68 -16.84 49.00
CA THR K 182 46.96 -15.65 49.35
C THR K 182 46.43 -14.94 48.10
N TYR K 183 45.37 -14.18 48.31
CA TYR K 183 44.79 -13.32 47.30
C TYR K 183 44.59 -11.96 47.96
N ASN K 184 45.29 -10.95 47.45
CA ASN K 184 45.21 -9.59 47.99
C ASN K 184 45.31 -9.57 49.49
N ASP K 185 46.36 -10.20 50.01
CA ASP K 185 46.60 -10.24 51.45
C ASP K 185 45.49 -10.94 52.22
N ARG K 186 44.81 -11.90 51.58
CA ARG K 186 43.89 -12.78 52.30
C ARG K 186 44.35 -14.21 52.10
N ILE K 187 44.29 -15.01 53.17
CA ILE K 187 44.72 -16.43 53.10
C ILE K 187 43.62 -17.22 52.42
N VAL K 188 43.97 -17.90 51.33
CA VAL K 188 42.95 -18.61 50.55
C VAL K 188 43.19 -20.12 50.42
N ALA K 189 44.38 -20.56 50.79
CA ALA K 189 44.70 -21.97 50.78
C ALA K 189 45.62 -22.25 51.94
N ALA K 190 45.40 -23.40 52.58
CA ALA K 190 46.19 -23.77 53.75
C ALA K 190 46.26 -25.28 53.94
N ARG K 191 47.39 -25.71 54.48
CA ARG K 191 47.58 -27.10 54.91
C ARG K 191 47.84 -27.21 56.40
N GLN K 192 47.33 -28.27 57.01
CA GLN K 192 47.62 -28.62 58.40
C GLN K 192 47.74 -30.15 58.51
N GLY K 193 48.95 -30.63 58.27
CA GLY K 193 49.23 -32.05 58.30
C GLY K 193 48.39 -32.81 57.28
N GLN K 194 47.40 -33.53 57.79
CA GLN K 194 46.47 -34.30 56.95
C GLN K 194 45.39 -33.40 56.30
N PHE K 195 45.12 -32.23 56.91
CA PHE K 195 44.03 -31.38 56.43
C PHE K 195 44.46 -30.41 55.33
N LEU K 196 43.73 -30.38 54.22
CA LEU K 196 43.99 -29.42 53.15
C LEU K 196 42.76 -28.56 52.87
N GLY K 197 42.96 -27.25 52.71
CA GLY K 197 41.80 -26.35 52.58
C GLY K 197 41.99 -25.17 51.65
N CYS K 198 40.92 -24.78 50.96
CA CYS K 198 40.93 -23.57 50.16
C CYS K 198 39.58 -22.91 49.98
N SER K 199 39.63 -21.60 49.77
CA SER K 199 38.45 -20.75 49.63
C SER K 199 37.79 -20.96 48.28
N PHE K 200 38.61 -21.27 47.30
CA PHE K 200 38.20 -21.34 45.90
C PHE K 200 37.78 -22.77 45.55
N ASN K 201 37.29 -22.96 44.34
CA ASN K 201 36.88 -24.29 43.90
C ASN K 201 37.71 -24.80 42.74
N PRO K 202 38.80 -25.53 43.03
CA PRO K 202 39.70 -26.04 41.97
C PRO K 202 38.98 -26.97 40.99
N GLU K 203 38.05 -27.75 41.53
CA GLU K 203 37.25 -28.72 40.76
C GLU K 203 36.48 -28.11 39.54
N LEU K 204 36.23 -26.80 39.57
CA LEU K 204 35.65 -26.10 38.43
C LEU K 204 36.66 -25.81 37.30
N THR K 205 37.96 -26.06 37.51
CA THR K 205 38.94 -25.86 36.44
C THR K 205 39.39 -27.20 35.93
N ASP K 206 40.08 -27.18 34.79
CA ASP K 206 40.62 -28.40 34.19
C ASP K 206 42.00 -28.71 34.77
N ASP K 207 42.50 -27.79 35.57
CA ASP K 207 43.80 -27.89 36.19
C ASP K 207 43.77 -28.73 37.47
N HIS K 208 44.47 -29.86 37.44
CA HIS K 208 44.41 -30.89 38.49
C HIS K 208 45.57 -30.88 39.51
N ARG K 209 46.54 -30.00 39.31
CA ARG K 209 47.74 -29.92 40.16
C ARG K 209 47.46 -30.01 41.66
N LEU K 210 46.44 -29.29 42.12
CA LEU K 210 46.05 -29.30 43.53
C LEU K 210 45.45 -30.67 43.94
N MET K 211 44.63 -31.23 43.07
CA MET K 211 44.07 -32.55 43.30
C MET K 211 45.24 -33.51 43.48
N GLN K 212 46.17 -33.47 42.52
CA GLN K 212 47.38 -34.33 42.56
C GLN K 212 48.11 -34.15 43.87
N TYR K 213 48.31 -32.88 44.23
CA TYR K 213 48.93 -32.55 45.50
C TYR K 213 48.20 -33.23 46.68
N PHE K 214 46.88 -33.20 46.68
CA PHE K 214 46.12 -33.90 47.75
C PHE K 214 46.33 -35.42 47.71
N LEU K 215 46.17 -35.96 46.51
CA LEU K 215 46.37 -37.39 46.32
C LEU K 215 47.72 -37.81 46.90
N ASN K 216 48.76 -37.03 46.61
CA ASN K 216 50.06 -37.28 47.25
C ASN K 216 49.97 -37.43 48.77
N MET K 217 49.31 -36.46 49.40
CA MET K 217 49.11 -36.48 50.85
C MET K 217 48.43 -37.76 51.25
N VAL K 218 47.47 -38.20 50.43
CA VAL K 218 46.82 -39.51 50.73
C VAL K 218 47.86 -40.65 50.64
N LYS K 219 48.61 -40.67 49.55
CA LYS K 219 49.59 -41.72 49.31
C LYS K 219 50.54 -41.79 50.49
N GLU K 220 51.12 -40.66 50.86
CA GLU K 220 51.99 -40.61 52.02
C GLU K 220 51.28 -41.14 53.27
N ALA K 221 50.02 -40.72 53.48
CA ALA K 221 49.28 -41.17 54.68
C ALA K 221 48.99 -42.67 54.59
N MET L 33 47.94 11.35 1.10
CA MET L 33 48.60 10.16 0.46
C MET L 33 47.62 9.21 -0.26
N LYS L 34 47.86 9.03 -1.55
CA LYS L 34 46.95 8.29 -2.42
C LYS L 34 47.58 7.01 -3.00
N ILE L 35 47.04 5.87 -2.58
CA ILE L 35 47.51 4.58 -3.02
C ILE L 35 46.48 3.90 -3.92
N GLY L 36 46.94 3.56 -5.10
CA GLY L 36 46.12 2.81 -6.03
C GLY L 36 46.12 1.33 -5.70
N VAL L 37 45.03 0.65 -6.04
CA VAL L 37 45.02 -0.80 -6.07
C VAL L 37 44.56 -1.20 -7.45
N LEU L 38 45.32 -2.06 -8.07
CA LEU L 38 44.97 -2.51 -9.39
C LEU L 38 43.71 -3.39 -9.31
N GLY L 39 42.58 -2.84 -9.72
CA GLY L 39 41.27 -3.45 -9.49
C GLY L 39 40.69 -4.30 -10.60
N LEU L 40 41.49 -4.81 -11.49
CA LEU L 40 40.95 -5.61 -12.61
C LEU L 40 40.30 -6.90 -12.13
N GLN L 41 40.91 -7.53 -11.13
CA GLN L 41 40.45 -8.80 -10.54
C GLN L 41 41.17 -9.00 -9.21
N GLY L 42 40.64 -9.90 -8.39
CA GLY L 42 41.37 -10.42 -7.24
C GLY L 42 40.99 -9.76 -5.93
N ALA L 43 41.87 -9.89 -4.92
CA ALA L 43 41.51 -9.48 -3.55
C ALA L 43 41.71 -7.99 -3.32
N VAL L 44 41.00 -7.22 -4.12
CA VAL L 44 41.14 -5.75 -4.16
C VAL L 44 40.71 -5.17 -2.81
N ARG L 45 39.47 -5.45 -2.46
CA ARG L 45 38.84 -4.95 -1.24
C ARG L 45 39.75 -5.13 -0.01
N GLU L 46 40.49 -6.24 0.06
CA GLU L 46 41.32 -6.52 1.22
C GLU L 46 42.42 -5.49 1.35
N HIS L 47 43.00 -5.12 0.23
CA HIS L 47 44.10 -4.15 0.28
C HIS L 47 43.57 -2.79 0.66
N VAL L 48 42.47 -2.39 0.02
CA VAL L 48 41.81 -1.14 0.33
C VAL L 48 41.65 -1.02 1.84
N ARG L 49 41.17 -2.08 2.47
CA ARG L 49 40.99 -2.07 3.91
C ARG L 49 42.28 -1.68 4.64
N ALA L 50 43.38 -2.31 4.26
CA ALA L 50 44.63 -2.12 4.94
C ALA L 50 45.09 -0.69 4.73
N ILE L 51 45.04 -0.29 3.47
CA ILE L 51 45.43 1.06 3.08
C ILE L 51 44.67 2.06 3.91
N GLU L 52 43.34 1.95 3.94
CA GLU L 52 42.54 2.92 4.69
C GLU L 52 42.84 2.82 6.19
N ALA L 53 42.99 1.59 6.69
CA ALA L 53 43.34 1.35 8.11
C ALA L 53 44.69 1.97 8.51
N CYS L 54 45.62 2.08 7.58
CA CYS L 54 46.85 2.81 7.83
C CYS L 54 46.76 4.32 7.58
N GLY L 55 45.53 4.84 7.38
CA GLY L 55 45.28 6.28 7.24
C GLY L 55 45.47 6.90 5.85
N ALA L 56 45.88 6.11 4.86
CA ALA L 56 46.02 6.60 3.49
C ALA L 56 44.70 6.54 2.73
N GLU L 57 44.68 7.07 1.51
CA GLU L 57 43.48 6.97 0.66
C GLU L 57 43.66 5.88 -0.39
N ALA L 58 42.63 5.06 -0.56
CA ALA L 58 42.68 3.96 -1.53
C ALA L 58 41.97 4.34 -2.82
N VAL L 59 42.54 3.96 -3.95
CA VAL L 59 41.88 4.22 -5.22
C VAL L 59 41.90 2.99 -6.11
N ILE L 60 40.73 2.54 -6.50
CA ILE L 60 40.65 1.35 -7.34
C ILE L 60 40.95 1.73 -8.80
N VAL L 61 41.90 1.03 -9.39
CA VAL L 61 42.36 1.36 -10.70
C VAL L 61 41.94 0.29 -11.68
N LYS L 62 40.96 0.60 -12.51
CA LYS L 62 40.56 -0.27 -13.62
C LYS L 62 40.94 0.34 -14.98
N LYS L 63 41.41 1.59 -14.96
CA LYS L 63 41.75 2.33 -16.17
C LYS L 63 43.02 3.19 -16.02
N SER L 64 43.77 3.29 -17.13
CA SER L 64 44.99 4.11 -17.20
C SER L 64 44.81 5.45 -16.57
N GLU L 65 43.77 6.16 -17.00
CA GLU L 65 43.45 7.50 -16.46
C GLU L 65 43.57 7.55 -14.95
N GLN L 66 43.14 6.48 -14.29
CA GLN L 66 43.07 6.48 -12.83
C GLN L 66 44.44 6.46 -12.14
N LEU L 67 45.47 6.13 -12.91
CA LEU L 67 46.86 6.17 -12.44
C LEU L 67 47.35 7.58 -12.12
N GLU L 68 46.85 8.56 -12.85
CA GLU L 68 47.31 9.94 -12.68
C GLU L 68 47.05 10.42 -11.26
N GLY L 69 48.06 11.04 -10.65
CA GLY L 69 47.90 11.67 -9.35
C GLY L 69 48.06 10.74 -8.16
N LEU L 70 48.47 9.50 -8.43
CA LEU L 70 48.66 8.52 -7.37
C LEU L 70 50.11 8.49 -6.89
N ASP L 71 50.28 8.30 -5.59
CA ASP L 71 51.61 8.26 -4.99
C ASP L 71 52.26 6.87 -4.99
N GLY L 72 51.44 5.83 -5.10
CA GLY L 72 51.94 4.44 -5.13
C GLY L 72 50.88 3.47 -5.62
N LEU L 73 51.31 2.26 -5.99
CA LEU L 73 50.35 1.29 -6.51
C LEU L 73 50.52 -0.09 -5.88
N VAL L 74 49.38 -0.75 -5.65
CA VAL L 74 49.31 -2.13 -5.19
C VAL L 74 48.74 -3.08 -6.23
N LEU L 75 49.50 -4.12 -6.53
CA LEU L 75 49.11 -5.22 -7.39
C LEU L 75 48.71 -6.40 -6.50
N PRO L 76 47.39 -6.65 -6.44
CA PRO L 76 46.79 -7.57 -5.50
C PRO L 76 46.94 -9.04 -5.86
N GLY L 77 46.64 -9.91 -4.90
CA GLY L 77 46.47 -11.33 -5.17
C GLY L 77 45.27 -11.53 -6.05
N GLY L 78 45.33 -12.60 -6.86
CA GLY L 78 44.29 -12.94 -7.79
C GLY L 78 44.81 -13.88 -8.82
N GLU L 79 44.37 -13.75 -10.06
CA GLU L 79 44.86 -14.63 -11.13
C GLU L 79 45.70 -13.84 -12.15
N SER L 80 47.02 -14.05 -12.08
CA SER L 80 47.95 -13.34 -12.94
C SER L 80 47.56 -13.41 -14.41
N THR L 81 47.16 -14.57 -14.88
CA THR L 81 46.72 -14.69 -16.27
C THR L 81 45.57 -13.75 -16.58
N THR L 82 44.59 -13.71 -15.67
CA THR L 82 43.40 -12.87 -15.85
C THR L 82 43.83 -11.40 -15.87
N MET L 83 44.66 -11.06 -14.88
CA MET L 83 45.13 -9.67 -14.79
C MET L 83 45.86 -9.31 -16.11
N ARG L 84 46.74 -10.17 -16.59
CA ARG L 84 47.49 -9.87 -17.80
C ARG L 84 46.54 -9.72 -18.99
N ARG L 85 45.68 -10.71 -19.14
CA ARG L 85 44.69 -10.67 -20.22
C ARG L 85 43.91 -9.37 -20.22
N LEU L 86 43.55 -8.89 -19.04
CA LEU L 86 42.83 -7.60 -18.97
C LEU L 86 43.71 -6.37 -19.23
N ILE L 87 44.92 -6.41 -18.69
CA ILE L 87 45.94 -5.38 -18.93
C ILE L 87 46.19 -5.17 -20.43
N ASP L 88 46.35 -6.30 -21.14
CA ASP L 88 46.54 -6.22 -22.59
C ASP L 88 45.38 -5.53 -23.25
N ARG L 89 44.24 -6.17 -23.16
CA ARG L 89 43.00 -5.72 -23.83
C ARG L 89 42.64 -4.25 -23.65
N TYR L 90 43.05 -3.64 -22.53
CA TYR L 90 42.71 -2.23 -22.24
C TYR L 90 43.97 -1.34 -22.18
N GLY L 91 45.02 -1.82 -22.85
CA GLY L 91 46.27 -1.07 -22.99
C GLY L 91 46.79 -0.48 -21.70
N LEU L 92 46.90 -1.30 -20.66
CA LEU L 92 47.40 -0.78 -19.37
C LEU L 92 48.91 -0.99 -19.17
N MET L 93 49.48 -1.82 -20.03
CA MET L 93 50.85 -2.27 -19.92
C MET L 93 51.84 -1.12 -19.95
N GLU L 94 51.77 -0.33 -21.01
CA GLU L 94 52.68 0.79 -21.17
C GLU L 94 52.49 1.77 -20.02
N PRO L 95 51.25 2.30 -19.82
CA PRO L 95 50.99 3.24 -18.71
C PRO L 95 51.48 2.73 -17.34
N LEU L 96 51.36 1.42 -17.09
CA LEU L 96 51.91 0.90 -15.83
C LEU L 96 53.43 1.05 -15.76
N LYS L 97 54.08 0.70 -16.87
CA LYS L 97 55.53 0.88 -16.95
C LYS L 97 55.93 2.35 -16.80
N GLN L 98 55.24 3.25 -17.50
CA GLN L 98 55.44 4.69 -17.29
C GLN L 98 55.28 5.06 -15.82
N PHE L 99 54.22 4.51 -15.19
CA PHE L 99 54.00 4.73 -13.75
C PHE L 99 55.22 4.29 -12.94
N ALA L 100 55.81 3.16 -13.33
CA ALA L 100 57.03 2.67 -12.67
C ALA L 100 58.22 3.60 -12.89
N ALA L 101 58.45 3.94 -14.15
CA ALA L 101 59.49 4.87 -14.58
C ALA L 101 59.40 6.19 -13.81
N ALA L 102 58.19 6.70 -13.63
CA ALA L 102 58.01 7.92 -12.82
C ALA L 102 58.55 7.78 -11.38
N GLY L 103 59.02 6.59 -11.01
CA GLY L 103 59.57 6.33 -9.68
C GLY L 103 58.55 6.08 -8.55
N LYS L 104 57.33 5.74 -8.94
CA LYS L 104 56.25 5.49 -7.98
C LYS L 104 56.36 4.09 -7.38
N PRO L 105 56.38 3.95 -6.05
CA PRO L 105 56.46 2.62 -5.45
C PRO L 105 55.29 1.66 -5.76
N MET L 106 55.68 0.41 -5.97
CA MET L 106 54.74 -0.61 -6.37
C MET L 106 54.87 -1.84 -5.48
N PHE L 107 53.73 -2.29 -4.95
CA PHE L 107 53.67 -3.44 -4.04
C PHE L 107 52.93 -4.61 -4.67
N GLY L 108 53.61 -5.72 -4.92
CA GLY L 108 52.99 -6.87 -5.60
C GLY L 108 52.80 -8.06 -4.67
N THR L 109 51.54 -8.44 -4.40
CA THR L 109 51.29 -9.61 -3.52
C THR L 109 50.87 -10.82 -4.35
N CYG L 110 51.58 -11.94 -4.21
CA CYG L 110 51.33 -13.19 -4.98
C CYG L 110 51.30 -12.96 -6.52
O CYG L 110 52.36 -12.75 -7.17
CB CYG L 110 50.14 -13.87 -4.28
SG CYG L 110 49.81 -15.55 -4.75
N1 CYG L 110 47.85 -18.91 -8.42
CA1 CYG L 110 47.90 -17.47 -8.84
CB1 CYG L 110 48.27 -16.46 -7.74
CG1 CYG L 110 47.68 -16.69 -6.36
CD1 CYG L 110 48.17 -15.58 -5.44
OE2 CYG L 110 47.31 -14.70 -5.30
C1 CYG L 110 48.86 -17.26 -9.97
O1 CYG L 110 48.73 -16.25 -10.70
O2 CYG L 110 49.75 -18.10 -10.19
N ALA L 111 50.11 -13.00 -7.12
CA ALA L 111 49.94 -12.61 -8.53
C ALA L 111 50.59 -11.25 -8.79
N GLY L 112 50.43 -10.36 -7.82
CA GLY L 112 51.08 -9.07 -7.85
C GLY L 112 52.57 -9.20 -8.07
N LEU L 113 53.20 -10.07 -7.27
CA LEU L 113 54.61 -10.38 -7.45
C LEU L 113 54.87 -10.94 -8.83
N ILE L 114 54.00 -11.84 -9.28
CA ILE L 114 54.20 -12.42 -10.61
C ILE L 114 54.22 -11.35 -11.66
N LEU L 115 53.36 -10.34 -11.53
CA LEU L 115 53.31 -9.29 -12.56
C LEU L 115 54.61 -8.46 -12.67
N LEU L 116 55.20 -8.19 -11.52
CA LEU L 116 56.48 -7.48 -11.44
C LEU L 116 57.73 -8.24 -11.95
N ALA L 117 57.73 -9.56 -11.86
CA ALA L 117 58.93 -10.34 -12.10
C ALA L 117 59.45 -10.13 -13.50
N LYS L 118 60.78 -10.12 -13.60
CA LYS L 118 61.49 -10.04 -14.88
C LYS L 118 61.40 -11.37 -15.63
N ARG L 119 61.46 -12.47 -14.89
CA ARG L 119 61.44 -13.80 -15.49
C ARG L 119 60.48 -14.75 -14.79
N ILE L 120 59.73 -15.49 -15.60
CA ILE L 120 58.79 -16.45 -15.06
C ILE L 120 59.12 -17.81 -15.62
N VAL L 121 59.37 -18.76 -14.73
CA VAL L 121 59.70 -20.12 -15.19
C VAL L 121 58.63 -20.64 -16.14
N GLY L 122 59.04 -21.18 -17.28
CA GLY L 122 58.09 -21.68 -18.30
C GLY L 122 57.54 -20.60 -19.23
N TYR L 123 57.92 -19.34 -18.99
CA TYR L 123 57.43 -18.21 -19.78
C TYR L 123 58.55 -17.56 -20.55
N ASP L 124 58.38 -17.56 -21.88
CA ASP L 124 59.29 -16.89 -22.78
C ASP L 124 59.38 -15.39 -22.53
N GLU L 125 58.23 -14.79 -22.21
CA GLU L 125 58.13 -13.37 -21.87
C GLU L 125 57.39 -13.17 -20.52
N PRO L 126 57.82 -12.17 -19.75
CA PRO L 126 57.18 -11.82 -18.49
C PRO L 126 55.96 -10.88 -18.66
N HIS L 127 55.49 -10.31 -17.56
CA HIS L 127 54.40 -9.33 -17.63
C HIS L 127 55.03 -7.95 -17.61
N LEU L 128 55.10 -7.29 -16.45
CA LEU L 128 55.70 -5.95 -16.40
C LEU L 128 57.22 -6.04 -16.57
N GLY L 129 57.85 -7.00 -15.91
CA GLY L 129 59.28 -7.23 -16.04
C GLY L 129 60.08 -6.11 -15.40
N LEU L 130 59.65 -5.68 -14.23
CA LEU L 130 60.24 -4.53 -13.54
C LEU L 130 61.12 -4.93 -12.38
N MET L 131 61.07 -6.19 -11.97
CA MET L 131 61.85 -6.60 -10.81
C MET L 131 62.85 -7.67 -11.24
N ASP L 132 64.10 -7.51 -10.81
CA ASP L 132 65.19 -8.41 -11.24
C ASP L 132 65.16 -9.75 -10.50
N ILE L 133 64.09 -10.50 -10.75
CA ILE L 133 63.82 -11.76 -10.06
C ILE L 133 63.27 -12.79 -11.03
N THR L 134 63.52 -14.05 -10.71
CA THR L 134 62.87 -15.14 -11.41
C THR L 134 61.85 -15.74 -10.46
N VAL L 135 60.62 -15.89 -10.97
CA VAL L 135 59.58 -16.56 -10.18
C VAL L 135 59.03 -17.82 -10.84
N GLU L 136 58.69 -18.79 -9.98
CA GLU L 136 57.99 -20.00 -10.42
C GLU L 136 56.57 -20.00 -9.86
N ARG L 137 55.64 -20.03 -10.80
CA ARG L 137 54.22 -20.06 -10.48
C ARG L 137 53.81 -21.40 -9.87
N ASN L 138 52.93 -21.34 -8.87
CA ASN L 138 52.30 -22.53 -8.33
C ASN L 138 53.33 -23.57 -7.88
N SER L 139 54.39 -23.10 -7.21
CA SER L 139 55.53 -23.94 -6.90
C SER L 139 55.30 -24.85 -5.70
N PHE L 140 54.33 -24.54 -4.83
CA PHE L 140 54.02 -25.35 -3.64
C PHE L 140 52.99 -26.42 -3.93
N GLY L 141 52.40 -26.40 -5.11
CA GLY L 141 51.38 -27.40 -5.48
C GLY L 141 50.05 -26.75 -5.79
N ARG L 142 48.98 -27.39 -5.36
CA ARG L 142 47.65 -26.83 -5.60
C ARG L 142 47.00 -26.33 -4.33
N GLN L 143 45.71 -25.99 -4.39
CA GLN L 143 45.05 -25.31 -3.24
C GLN L 143 45.13 -26.10 -1.95
N ARG L 144 45.00 -27.44 -2.09
CA ARG L 144 45.22 -28.36 -0.98
C ARG L 144 46.50 -28.09 -0.20
N GLU L 145 47.55 -27.61 -0.88
CA GLU L 145 48.83 -27.36 -0.22
C GLU L 145 48.96 -25.90 0.28
N SER L 146 47.98 -25.08 -0.05
CA SER L 146 47.97 -23.72 0.45
C SER L 146 48.07 -23.72 1.95
N PHE L 147 48.79 -22.78 2.51
CA PHE L 147 49.13 -22.91 3.93
C PHE L 147 49.40 -21.58 4.56
N GLU L 148 49.49 -21.56 5.90
CA GLU L 148 49.96 -20.38 6.59
C GLU L 148 51.16 -20.69 7.48
N ALA L 149 52.06 -19.72 7.60
CA ALA L 149 53.27 -19.93 8.37
C ALA L 149 53.85 -18.62 8.85
N GLU L 150 54.34 -18.60 10.08
CA GLU L 150 54.90 -17.39 10.69
C GLU L 150 56.26 -17.09 10.09
N LEU L 151 56.50 -15.80 9.88
CA LEU L 151 57.66 -15.34 9.14
C LEU L 151 58.43 -14.27 9.89
N SER L 152 59.71 -14.22 9.54
CA SER L 152 60.64 -13.18 9.94
C SER L 152 60.96 -12.30 8.73
N ILE L 153 60.47 -11.06 8.77
CA ILE L 153 60.61 -10.10 7.67
C ILE L 153 61.56 -8.96 8.04
N LYS L 154 62.67 -8.87 7.32
CA LYS L 154 63.82 -8.06 7.72
C LYS L 154 63.45 -6.66 8.20
N GLY L 155 62.91 -5.85 7.30
CA GLY L 155 62.55 -4.48 7.64
C GLY L 155 61.36 -4.39 8.58
N VAL L 156 60.55 -5.45 8.63
CA VAL L 156 59.20 -5.36 9.19
C VAL L 156 59.10 -5.95 10.59
N ASP L 158 58.78 -9.65 12.98
CA ASP L 158 58.90 -11.06 13.32
C ASP L 158 57.54 -11.64 13.65
N GLY L 159 57.41 -12.95 13.44
CA GLY L 159 56.16 -13.64 13.70
C GLY L 159 55.02 -13.11 12.84
N PHE L 160 55.33 -12.73 11.61
CA PHE L 160 54.31 -12.23 10.71
C PHE L 160 53.66 -13.40 10.03
N VAL L 161 52.36 -13.58 10.22
CA VAL L 161 51.67 -14.72 9.60
C VAL L 161 51.56 -14.58 8.07
N GLY L 162 52.33 -15.39 7.37
CA GLY L 162 52.27 -15.46 5.92
C GLY L 162 51.25 -16.48 5.47
N VAL L 163 50.32 -16.02 4.63
CA VAL L 163 49.28 -16.84 4.03
C VAL L 163 49.59 -17.08 2.52
N PHE L 164 49.82 -18.34 2.20
CA PHE L 164 50.24 -18.78 0.88
C PHE L 164 49.13 -19.57 0.22
N ILE L 165 48.46 -18.89 -0.70
CA ILE L 165 47.32 -19.42 -1.42
C ILE L 165 47.77 -19.70 -2.85
N ARG L 166 47.90 -20.95 -3.24
CA ARG L 166 48.46 -21.28 -4.54
C ARG L 166 49.64 -20.34 -4.90
N ALA L 167 50.57 -20.22 -3.95
CA ALA L 167 51.59 -19.22 -4.06
C ALA L 167 52.68 -19.66 -5.04
N PRO L 168 53.35 -18.66 -5.66
CA PRO L 168 54.56 -18.89 -6.44
C PRO L 168 55.75 -18.80 -5.50
N HIS L 169 56.94 -19.05 -6.03
CA HIS L 169 58.11 -18.64 -5.24
C HIS L 169 59.21 -18.01 -6.09
N ILE L 170 60.07 -17.25 -5.40
CA ILE L 170 61.20 -16.60 -6.05
C ILE L 170 62.41 -17.56 -6.14
N VAL L 171 62.69 -17.99 -7.36
CA VAL L 171 63.75 -18.95 -7.60
C VAL L 171 65.08 -18.25 -7.41
N GLU L 172 65.22 -17.11 -8.06
CA GLU L 172 66.48 -16.40 -8.15
C GLU L 172 66.26 -14.90 -8.01
N ALA L 173 67.15 -14.26 -7.27
CA ALA L 173 67.11 -12.81 -7.04
C ALA L 173 68.40 -12.17 -7.55
N GLY L 174 68.26 -11.05 -8.25
CA GLY L 174 69.41 -10.25 -8.68
C GLY L 174 70.15 -9.56 -7.52
N ASP L 175 71.28 -8.95 -7.87
CA ASP L 175 72.16 -8.31 -6.87
C ASP L 175 71.54 -7.05 -6.24
N GLY L 176 70.81 -6.30 -7.08
CA GLY L 176 70.10 -5.09 -6.65
C GLY L 176 68.96 -5.36 -5.67
N VAL L 177 68.51 -6.61 -5.64
CA VAL L 177 67.37 -7.04 -4.83
C VAL L 177 67.78 -7.44 -3.41
N ASP L 178 67.11 -6.85 -2.41
CA ASP L 178 67.28 -7.27 -1.03
C ASP L 178 66.17 -8.25 -0.64
N VAL L 179 66.61 -9.45 -0.25
CA VAL L 179 65.75 -10.49 0.29
C VAL L 179 65.25 -10.09 1.67
N LEU L 180 63.92 -10.04 1.83
CA LEU L 180 63.31 -9.63 3.10
C LEU L 180 62.81 -10.80 3.95
N ALA L 181 62.52 -11.94 3.33
CA ALA L 181 62.07 -13.10 4.07
C ALA L 181 62.18 -14.37 3.28
N THR L 182 62.45 -15.45 4.01
CA THR L 182 62.49 -16.80 3.45
C THR L 182 61.58 -17.76 4.23
N TYR L 183 61.13 -18.78 3.51
CA TYR L 183 60.39 -19.87 4.12
C TYR L 183 61.04 -21.14 3.63
N ASN L 184 61.55 -21.94 4.57
CA ASN L 184 62.21 -23.20 4.24
C ASN L 184 63.16 -23.01 3.05
N ASP L 185 64.07 -22.05 3.20
CA ASP L 185 65.09 -21.79 2.19
C ASP L 185 64.54 -21.38 0.83
N ARG L 186 63.36 -20.78 0.83
CA ARG L 186 62.80 -20.20 -0.38
C ARG L 186 62.61 -18.71 -0.11
N ILE L 187 62.92 -17.89 -1.10
CA ILE L 187 62.72 -16.46 -0.97
C ILE L 187 61.21 -16.16 -1.14
N VAL L 188 60.63 -15.48 -0.16
CA VAL L 188 59.19 -15.21 -0.20
C VAL L 188 58.82 -13.73 -0.11
N ALA L 189 59.80 -12.88 0.21
CA ALA L 189 59.61 -11.45 0.22
C ALA L 189 60.89 -10.78 -0.22
N ALA L 190 60.74 -9.72 -1.01
CA ALA L 190 61.90 -9.00 -1.53
C ALA L 190 61.60 -7.53 -1.84
N ARG L 191 62.63 -6.72 -1.66
CA ARG L 191 62.59 -5.29 -2.08
C ARG L 191 63.64 -4.97 -3.14
N GLN L 192 63.26 -4.07 -4.04
CA GLN L 192 64.21 -3.51 -5.02
C GLN L 192 63.87 -2.05 -5.24
N GLY L 193 64.47 -1.24 -4.40
CA GLY L 193 64.29 0.19 -4.45
C GLY L 193 62.84 0.54 -4.21
N GLN L 194 62.16 0.95 -5.29
CA GLN L 194 60.73 1.31 -5.24
C GLN L 194 59.85 0.07 -5.18
N PHE L 195 60.34 -1.06 -5.71
CA PHE L 195 59.49 -2.25 -5.87
C PHE L 195 59.48 -3.13 -4.64
N LEU L 196 58.28 -3.51 -4.19
CA LEU L 196 58.14 -4.44 -3.06
C LEU L 196 57.34 -5.66 -3.47
N GLY L 197 57.82 -6.85 -3.07
CA GLY L 197 57.16 -8.10 -3.51
C GLY L 197 57.11 -9.23 -2.51
N CYS L 198 56.02 -9.97 -2.51
CA CYS L 198 55.94 -11.18 -1.71
C CYS L 198 55.06 -12.24 -2.31
N SER L 199 55.36 -13.48 -1.92
CA SER L 199 54.67 -14.68 -2.38
C SER L 199 53.32 -14.83 -1.70
N PHE L 200 53.27 -14.37 -0.45
CA PHE L 200 52.13 -14.56 0.42
C PHE L 200 51.15 -13.40 0.29
N ASN L 201 50.01 -13.49 0.94
CA ASN L 201 49.04 -12.41 0.90
C ASN L 201 48.82 -11.79 2.28
N PRO L 202 49.59 -10.74 2.61
CA PRO L 202 49.43 -10.03 3.88
C PRO L 202 48.03 -9.45 4.10
N GLU L 203 47.44 -8.96 3.03
CA GLU L 203 46.08 -8.39 3.07
C GLU L 203 44.97 -9.32 3.64
N LEU L 204 45.24 -10.63 3.71
CA LEU L 204 44.33 -11.59 4.36
C LEU L 204 44.49 -11.65 5.89
N THR L 205 45.50 -10.99 6.44
CA THR L 205 45.67 -10.96 7.90
C THR L 205 45.23 -9.59 8.40
N ASP L 206 45.10 -9.47 9.72
CA ASP L 206 44.81 -8.19 10.37
C ASP L 206 46.08 -7.39 10.66
N ASP L 207 47.22 -8.04 10.43
CA ASP L 207 48.53 -7.48 10.67
C ASP L 207 48.99 -6.57 9.52
N HIS L 208 49.16 -5.29 9.83
CA HIS L 208 49.39 -4.27 8.81
C HIS L 208 50.85 -3.81 8.66
N ARG L 209 51.74 -4.36 9.49
CA ARG L 209 53.15 -3.95 9.53
C ARG L 209 53.79 -3.81 8.15
N LEU L 210 53.52 -4.79 7.28
CA LEU L 210 54.06 -4.77 5.93
C LEU L 210 53.42 -3.64 5.07
N MET L 211 52.11 -3.46 5.22
CA MET L 211 51.43 -2.36 4.55
C MET L 211 52.08 -1.05 4.99
N GLN L 212 52.24 -0.87 6.31
CA GLN L 212 52.92 0.31 6.86
C GLN L 212 54.30 0.48 6.22
N TYR L 213 55.07 -0.60 6.25
CA TYR L 213 56.39 -0.58 5.64
C TYR L 213 56.34 -0.11 4.19
N PHE L 214 55.33 -0.56 3.43
CA PHE L 214 55.17 -0.06 2.05
C PHE L 214 54.82 1.43 2.03
N LEU L 215 53.82 1.81 2.82
CA LEU L 215 53.43 3.21 2.89
C LEU L 215 54.65 4.07 3.12
N ASN L 216 55.49 3.68 4.08
CA ASN L 216 56.75 4.40 4.29
C ASN L 216 57.50 4.65 2.98
N MET L 217 57.71 3.58 2.22
CA MET L 217 58.42 3.69 0.94
C MET L 217 57.77 4.78 0.09
N VAL L 218 56.45 4.82 0.11
CA VAL L 218 55.71 5.79 -0.67
C VAL L 218 56.03 7.18 -0.14
N LYS L 219 56.01 7.32 1.19
CA LYS L 219 56.27 8.61 1.83
C LYS L 219 57.64 9.12 1.44
N GLU L 220 58.65 8.27 1.60
CA GLU L 220 60.01 8.61 1.18
C GLU L 220 60.02 8.97 -0.30
N ALA L 221 59.39 8.16 -1.15
CA ALA L 221 59.37 8.45 -2.59
C ALA L 221 58.71 9.77 -2.97
N LYS L 222 57.61 10.15 -2.31
CA LYS L 222 56.88 11.36 -2.75
C LYS L 222 57.79 12.59 -2.73
N MET L 223 58.75 12.57 -1.79
CA MET L 223 59.65 13.69 -1.59
C MET L 223 60.53 13.94 -2.81
N ALA L 224 61.28 12.94 -3.27
CA ALA L 224 62.06 13.05 -4.52
C ALA L 224 61.17 13.34 -5.73
#